data_2KOY
#
_entry.id   2KOY
#
_entity_poly.entity_id   1
_entity_poly.type   'polypeptide(L)'
_entity_poly.pdbx_seq_one_letter_code
;AGHMVPRVMRVLLLGDVATLPLRKVLAVVGTAAASSEHPLGVAVTKYCKEELGTETLGYCTDFQAVPGCGIGCKVSNVEG
ILAAVPQTFSVLIGNREWLRRNGLTISSDVSDAMTDHEMKGQTAILVAIDGVLCGMIAIAD
;
_entity_poly.pdbx_strand_id   A
#
# COMPACT_ATOMS: atom_id res chain seq x y z
N ALA A 1 20.95 -4.71 -11.97
CA ALA A 1 21.36 -3.49 -12.64
C ALA A 1 20.44 -2.33 -12.28
N GLY A 2 21.02 -1.15 -12.06
CA GLY A 2 20.22 0.01 -11.71
C GLY A 2 19.66 0.72 -12.93
N HIS A 3 18.33 0.68 -13.07
CA HIS A 3 17.67 1.32 -14.20
C HIS A 3 16.37 1.97 -13.75
N MET A 4 15.86 2.88 -14.58
CA MET A 4 14.62 3.58 -14.28
C MET A 4 13.45 2.99 -15.07
N VAL A 5 13.53 1.69 -15.34
CA VAL A 5 12.48 1.00 -16.10
C VAL A 5 12.26 -0.40 -15.57
N PRO A 6 11.68 -0.50 -14.36
CA PRO A 6 11.41 -1.78 -13.71
C PRO A 6 10.28 -2.55 -14.41
N ARG A 7 9.98 -3.73 -13.89
CA ARG A 7 8.92 -4.57 -14.47
C ARG A 7 8.41 -5.58 -13.44
N VAL A 8 7.17 -5.38 -13.00
CA VAL A 8 6.56 -6.27 -12.02
C VAL A 8 6.65 -7.73 -12.47
N MET A 9 7.00 -8.61 -11.54
CA MET A 9 7.14 -10.03 -11.83
C MET A 9 5.94 -10.81 -11.28
N ARG A 10 5.64 -10.58 -10.00
CA ARG A 10 4.53 -11.26 -9.34
C ARG A 10 3.88 -10.37 -8.29
N VAL A 11 2.57 -10.48 -8.15
CA VAL A 11 1.83 -9.68 -7.18
C VAL A 11 0.81 -10.53 -6.43
N LEU A 12 0.81 -10.43 -5.11
CA LEU A 12 -0.12 -11.17 -4.27
C LEU A 12 -0.69 -10.30 -3.16
N LEU A 13 -1.83 -10.72 -2.62
CA LEU A 13 -2.48 -9.98 -1.55
C LEU A 13 -2.54 -10.80 -0.26
N LEU A 14 -2.19 -10.19 0.85
CA LEU A 14 -2.20 -10.86 2.15
C LEU A 14 -3.40 -10.41 2.99
N GLY A 15 -3.40 -9.13 3.35
CA GLY A 15 -4.49 -8.59 4.15
C GLY A 15 -5.85 -8.96 3.59
N ASP A 16 -6.59 -9.76 4.34
CA ASP A 16 -7.92 -10.18 3.91
C ASP A 16 -8.85 -8.98 3.75
N VAL A 17 -10.11 -9.26 3.43
CA VAL A 17 -11.10 -8.20 3.25
C VAL A 17 -12.31 -8.41 4.14
N ALA A 18 -12.28 -9.49 4.92
CA ALA A 18 -13.37 -9.81 5.83
C ALA A 18 -13.76 -8.60 6.66
N THR A 19 -12.79 -8.06 7.41
CA THR A 19 -13.03 -6.90 8.25
C THR A 19 -13.17 -5.63 7.43
N LEU A 20 -12.92 -5.74 6.13
CA LEU A 20 -13.02 -4.61 5.22
C LEU A 20 -14.14 -4.81 4.21
N PRO A 21 -15.38 -4.56 4.64
CA PRO A 21 -16.56 -4.70 3.79
C PRO A 21 -16.61 -3.65 2.68
N LEU A 22 -17.73 -3.60 1.97
CA LEU A 22 -17.91 -2.63 0.90
C LEU A 22 -17.59 -1.22 1.37
N ARG A 23 -18.06 -0.89 2.57
CA ARG A 23 -17.83 0.43 3.14
C ARG A 23 -16.34 0.70 3.32
N LYS A 24 -15.65 -0.24 3.95
CA LYS A 24 -14.22 -0.12 4.19
C LYS A 24 -13.46 -0.06 2.88
N VAL A 25 -13.64 -1.07 2.04
CA VAL A 25 -12.97 -1.12 0.74
C VAL A 25 -13.22 0.15 -0.06
N LEU A 26 -14.46 0.63 -0.03
CA LEU A 26 -14.84 1.83 -0.75
C LEU A 26 -14.01 3.03 -0.29
N ALA A 27 -14.12 3.34 1.00
CA ALA A 27 -13.38 4.46 1.57
C ALA A 27 -11.88 4.28 1.39
N VAL A 28 -11.36 3.14 1.85
CA VAL A 28 -9.94 2.85 1.73
C VAL A 28 -9.46 2.99 0.29
N VAL A 29 -9.90 2.07 -0.56
CA VAL A 29 -9.52 2.10 -1.97
C VAL A 29 -9.77 3.48 -2.58
N GLY A 30 -10.83 4.14 -2.14
CA GLY A 30 -11.15 5.46 -2.65
C GLY A 30 -10.02 6.45 -2.43
N THR A 31 -9.83 6.84 -1.18
CA THR A 31 -8.78 7.81 -0.84
C THR A 31 -7.39 7.26 -1.20
N ALA A 32 -7.12 6.03 -0.78
CA ALA A 32 -5.84 5.39 -1.05
C ALA A 32 -5.46 5.55 -2.51
N ALA A 33 -6.34 5.12 -3.41
CA ALA A 33 -6.09 5.21 -4.84
C ALA A 33 -5.97 6.66 -5.29
N ALA A 34 -6.84 7.51 -4.74
CA ALA A 34 -6.84 8.93 -5.08
C ALA A 34 -5.50 9.57 -4.74
N SER A 35 -4.78 8.96 -3.81
CA SER A 35 -3.47 9.47 -3.39
C SER A 35 -2.35 8.73 -4.09
N SER A 36 -2.69 8.02 -5.16
CA SER A 36 -1.70 7.26 -5.92
C SER A 36 -1.54 7.83 -7.32
N GLU A 37 -0.63 7.26 -8.09
CA GLU A 37 -0.36 7.71 -9.45
C GLU A 37 -0.43 6.55 -10.43
N HIS A 38 -0.82 5.38 -9.94
CA HIS A 38 -0.92 4.19 -10.78
C HIS A 38 -1.75 4.47 -12.03
N PRO A 39 -1.55 3.65 -13.07
CA PRO A 39 -2.26 3.80 -14.34
C PRO A 39 -3.74 3.44 -14.22
N LEU A 40 -4.13 2.92 -13.05
CA LEU A 40 -5.51 2.55 -12.81
C LEU A 40 -6.22 3.58 -11.95
N GLY A 41 -5.52 4.69 -11.66
CA GLY A 41 -6.10 5.73 -10.85
C GLY A 41 -7.45 6.19 -11.37
N VAL A 42 -7.50 6.59 -12.63
CA VAL A 42 -8.74 7.05 -13.24
C VAL A 42 -9.86 6.03 -13.04
N ALA A 43 -9.52 4.75 -13.19
CA ALA A 43 -10.50 3.69 -13.02
C ALA A 43 -11.05 3.66 -11.59
N VAL A 44 -10.17 3.36 -10.64
CA VAL A 44 -10.56 3.30 -9.23
C VAL A 44 -11.28 4.58 -8.81
N THR A 45 -10.79 5.72 -9.30
CA THR A 45 -11.38 7.00 -8.98
C THR A 45 -12.85 7.06 -9.38
N LYS A 46 -13.11 6.82 -10.67
CA LYS A 46 -14.47 6.84 -11.19
C LYS A 46 -15.34 5.81 -10.47
N TYR A 47 -14.76 4.65 -10.18
CA TYR A 47 -15.48 3.59 -9.51
C TYR A 47 -15.97 4.05 -8.14
N CYS A 48 -15.04 4.33 -7.24
CA CYS A 48 -15.38 4.79 -5.89
C CYS A 48 -16.21 6.08 -5.94
N LYS A 49 -15.99 6.88 -6.99
CA LYS A 49 -16.71 8.13 -7.15
C LYS A 49 -18.18 7.87 -7.45
N GLU A 50 -18.45 6.84 -8.24
CA GLU A 50 -19.83 6.49 -8.60
C GLU A 50 -20.46 5.63 -7.50
N GLU A 51 -19.63 4.96 -6.71
CA GLU A 51 -20.12 4.11 -5.64
C GLU A 51 -20.52 4.94 -4.42
N LEU A 52 -19.76 6.01 -4.18
CA LEU A 52 -20.03 6.90 -3.05
C LEU A 52 -20.91 8.07 -3.46
N GLY A 53 -20.71 8.53 -4.69
CA GLY A 53 -21.49 9.65 -5.20
C GLY A 53 -20.82 10.99 -4.93
N THR A 54 -19.55 10.95 -4.53
CA THR A 54 -18.81 12.16 -4.24
C THR A 54 -17.47 12.17 -4.98
N GLU A 55 -17.05 13.37 -5.39
CA GLU A 55 -15.79 13.52 -6.11
C GLU A 55 -14.67 13.93 -5.17
N THR A 56 -14.92 13.80 -3.87
CA THR A 56 -13.92 14.17 -2.86
C THR A 56 -13.16 12.94 -2.37
N LEU A 57 -11.86 12.90 -2.66
CA LEU A 57 -11.02 11.78 -2.25
C LEU A 57 -9.54 12.15 -2.38
N GLY A 58 -8.72 11.60 -1.48
CA GLY A 58 -7.30 11.88 -1.52
C GLY A 58 -6.86 12.82 -0.42
N TYR A 59 -7.45 12.66 0.76
CA TYR A 59 -7.11 13.51 1.91
C TYR A 59 -6.00 12.88 2.74
N CYS A 60 -4.97 13.67 3.03
CA CYS A 60 -3.84 13.19 3.82
C CYS A 60 -3.96 13.66 5.27
N THR A 61 -3.99 12.71 6.19
CA THR A 61 -4.10 13.02 7.61
C THR A 61 -2.77 12.81 8.33
N ASP A 62 -2.29 11.57 8.33
CA ASP A 62 -1.03 11.24 8.97
C ASP A 62 0.10 11.15 7.95
N PHE A 63 1.30 11.53 8.37
CA PHE A 63 2.46 11.50 7.49
C PHE A 63 3.66 10.87 8.20
N GLN A 64 4.30 9.90 7.53
CA GLN A 64 5.45 9.22 8.10
C GLN A 64 6.50 8.94 7.02
N ALA A 65 7.69 9.49 7.21
CA ALA A 65 8.78 9.29 6.25
C ALA A 65 9.82 8.32 6.80
N VAL A 66 10.40 7.52 5.90
CA VAL A 66 11.41 6.55 6.29
C VAL A 66 12.47 6.39 5.21
N PRO A 67 13.44 7.33 5.19
CA PRO A 67 14.52 7.31 4.21
C PRO A 67 15.51 6.17 4.44
N GLY A 68 15.18 5.00 3.89
CA GLY A 68 16.05 3.84 4.05
C GLY A 68 15.27 2.54 4.06
N CYS A 69 13.96 2.63 4.28
CA CYS A 69 13.11 1.45 4.32
C CYS A 69 11.89 1.64 3.42
N GLY A 70 11.34 2.84 3.43
CA GLY A 70 10.17 3.13 2.61
C GLY A 70 9.44 4.37 3.07
N ILE A 71 8.11 4.33 3.00
CA ILE A 71 7.29 5.46 3.42
C ILE A 71 5.90 5.00 3.88
N GLY A 72 5.21 5.86 4.63
CA GLY A 72 3.89 5.52 5.12
C GLY A 72 3.11 6.75 5.55
N CYS A 73 1.79 6.68 5.38
CA CYS A 73 0.93 7.81 5.76
C CYS A 73 -0.54 7.36 5.80
N LYS A 74 -1.35 8.13 6.51
CA LYS A 74 -2.78 7.82 6.63
C LYS A 74 -3.61 8.81 5.81
N VAL A 75 -4.38 8.28 4.87
CA VAL A 75 -5.24 9.11 4.03
C VAL A 75 -6.66 8.56 3.97
N SER A 76 -7.64 9.44 4.07
CA SER A 76 -9.05 9.05 4.03
C SER A 76 -9.95 10.27 3.93
N ASN A 77 -10.86 10.24 2.95
CA ASN A 77 -11.79 11.34 2.74
C ASN A 77 -13.12 11.08 3.46
N VAL A 78 -13.31 9.85 3.91
CA VAL A 78 -14.52 9.47 4.62
C VAL A 78 -14.87 10.48 5.70
N GLU A 79 -13.86 10.92 6.44
CA GLU A 79 -14.06 11.89 7.51
C GLU A 79 -14.62 13.20 6.96
N GLY A 80 -14.02 13.68 5.88
CA GLY A 80 -14.48 14.92 5.27
C GLY A 80 -15.87 14.81 4.69
N ILE A 81 -16.26 13.59 4.32
CA ILE A 81 -17.57 13.35 3.75
C ILE A 81 -18.61 13.10 4.84
N LEU A 82 -18.55 11.92 5.45
CA LEU A 82 -19.47 11.56 6.51
C LEU A 82 -19.43 12.58 7.65
N ALA A 83 -18.23 13.11 7.91
CA ALA A 83 -18.06 14.10 8.98
C ALA A 83 -18.68 13.62 10.28
N ALA A 84 -18.38 12.38 10.67
CA ALA A 84 -18.90 11.81 11.89
C ALA A 84 -18.10 10.59 12.33
N VAL A 85 -17.68 9.78 11.36
CA VAL A 85 -16.90 8.59 11.65
C VAL A 85 -15.59 8.59 10.86
N PRO A 86 -14.61 9.39 11.32
CA PRO A 86 -13.31 9.50 10.67
C PRO A 86 -12.47 8.23 10.83
N GLN A 87 -11.83 7.81 9.74
CA GLN A 87 -11.01 6.61 9.77
C GLN A 87 -9.73 6.81 8.94
N THR A 88 -8.62 7.05 9.63
CA THR A 88 -7.34 7.25 8.97
C THR A 88 -6.78 5.95 8.43
N PHE A 89 -6.87 5.77 7.12
CA PHE A 89 -6.37 4.56 6.48
C PHE A 89 -4.86 4.62 6.29
N SER A 90 -4.14 3.92 7.16
CA SER A 90 -2.68 3.91 7.10
C SER A 90 -2.20 3.08 5.91
N VAL A 91 -1.24 3.64 5.17
CA VAL A 91 -0.68 2.96 4.01
C VAL A 91 0.83 3.16 3.92
N LEU A 92 1.57 2.07 4.10
CA LEU A 92 3.03 2.11 4.04
C LEU A 92 3.56 1.19 2.96
N ILE A 93 4.68 1.55 2.36
CA ILE A 93 5.30 0.76 1.31
C ILE A 93 6.81 0.68 1.49
N GLY A 94 7.36 -0.53 1.35
CA GLY A 94 8.80 -0.71 1.49
C GLY A 94 9.24 -2.11 1.10
N ASN A 95 10.52 -2.38 1.27
CA ASN A 95 11.08 -3.69 0.93
C ASN A 95 11.25 -4.55 2.18
N ARG A 96 12.02 -5.62 2.06
CA ARG A 96 12.27 -6.52 3.18
C ARG A 96 12.64 -5.74 4.43
N GLU A 97 13.39 -4.66 4.24
CA GLU A 97 13.82 -3.82 5.37
C GLU A 97 12.63 -3.39 6.21
N TRP A 98 11.73 -2.62 5.61
CA TRP A 98 10.55 -2.14 6.30
C TRP A 98 9.67 -3.30 6.75
N LEU A 99 9.44 -4.24 5.85
CA LEU A 99 8.61 -5.40 6.15
C LEU A 99 9.05 -6.06 7.45
N ARG A 100 10.36 -6.19 7.63
CA ARG A 100 10.91 -6.79 8.84
C ARG A 100 10.93 -5.79 9.99
N ARG A 101 11.21 -4.53 9.67
CA ARG A 101 11.26 -3.48 10.68
C ARG A 101 9.97 -3.44 11.49
N ASN A 102 8.87 -3.80 10.85
CA ASN A 102 7.56 -3.80 11.51
C ASN A 102 7.01 -5.22 11.61
N GLY A 103 7.61 -6.14 10.86
CA GLY A 103 7.17 -7.52 10.88
C GLY A 103 7.68 -8.28 12.09
N LEU A 104 8.95 -8.03 12.43
CA LEU A 104 9.57 -8.71 13.57
C LEU A 104 10.92 -8.07 13.91
N THR A 105 11.70 -8.76 14.74
CA THR A 105 13.01 -8.27 15.13
C THR A 105 14.05 -8.54 14.05
N ILE A 106 14.51 -9.78 13.97
CA ILE A 106 15.51 -10.17 12.99
C ILE A 106 15.44 -11.68 12.71
N SER A 107 15.67 -12.04 11.46
CA SER A 107 15.64 -13.45 11.05
C SER A 107 16.69 -13.72 9.98
N SER A 108 17.68 -14.53 10.33
CA SER A 108 18.75 -14.88 9.40
C SER A 108 18.21 -15.65 8.22
N ASP A 109 17.10 -16.37 8.43
CA ASP A 109 16.48 -17.16 7.38
C ASP A 109 15.75 -16.25 6.39
N VAL A 110 15.03 -15.26 6.91
CA VAL A 110 14.29 -14.33 6.07
C VAL A 110 15.22 -13.43 5.28
N SER A 111 16.25 -12.93 5.95
CA SER A 111 17.23 -12.05 5.29
C SER A 111 18.03 -12.83 4.26
N ASP A 112 18.49 -14.01 4.64
CA ASP A 112 19.29 -14.84 3.74
C ASP A 112 18.49 -15.23 2.50
N ALA A 113 17.23 -15.63 2.72
CA ALA A 113 16.36 -16.03 1.63
C ALA A 113 16.11 -14.86 0.68
N MET A 114 15.77 -13.71 1.25
CA MET A 114 15.50 -12.51 0.45
C MET A 114 16.69 -12.18 -0.45
N THR A 115 17.88 -12.12 0.15
CA THR A 115 19.09 -11.80 -0.59
C THR A 115 19.47 -12.95 -1.53
N ASP A 116 19.07 -14.16 -1.17
CA ASP A 116 19.37 -15.33 -1.98
C ASP A 116 18.68 -15.26 -3.33
N HIS A 117 17.41 -14.86 -3.32
CA HIS A 117 16.63 -14.74 -4.55
C HIS A 117 16.89 -13.40 -5.23
N GLU A 118 17.25 -12.40 -4.43
CA GLU A 118 17.53 -11.07 -4.96
C GLU A 118 18.72 -11.10 -5.91
N MET A 119 19.49 -12.18 -5.84
CA MET A 119 20.67 -12.32 -6.70
C MET A 119 20.25 -12.47 -8.16
N LYS A 120 18.97 -12.67 -8.39
CA LYS A 120 18.44 -12.83 -9.74
C LYS A 120 18.02 -11.49 -10.32
N GLY A 121 18.13 -10.43 -9.50
CA GLY A 121 17.75 -9.11 -9.94
C GLY A 121 16.34 -8.75 -9.55
N GLN A 122 15.73 -9.57 -8.70
CA GLN A 122 14.37 -9.33 -8.25
C GLN A 122 14.34 -8.31 -7.11
N THR A 123 13.29 -7.49 -7.08
CA THR A 123 13.15 -6.46 -6.05
C THR A 123 11.91 -6.72 -5.20
N ALA A 124 12.08 -6.63 -3.89
CA ALA A 124 10.97 -6.84 -2.96
C ALA A 124 10.31 -5.53 -2.59
N ILE A 125 9.03 -5.41 -2.91
CA ILE A 125 8.28 -4.19 -2.60
C ILE A 125 6.84 -4.52 -2.22
N LEU A 126 6.54 -4.46 -0.94
CA LEU A 126 5.20 -4.76 -0.44
C LEU A 126 4.57 -3.51 0.18
N VAL A 127 3.26 -3.55 0.36
CA VAL A 127 2.53 -2.43 0.96
C VAL A 127 1.64 -2.90 2.10
N ALA A 128 1.75 -2.23 3.25
CA ALA A 128 0.95 -2.57 4.41
C ALA A 128 -0.18 -1.57 4.62
N ILE A 129 -1.33 -2.07 5.06
CA ILE A 129 -2.49 -1.22 5.29
C ILE A 129 -3.05 -1.42 6.70
N ASP A 130 -3.17 -0.33 7.44
CA ASP A 130 -3.70 -0.39 8.80
C ASP A 130 -2.78 -1.22 9.70
N GLY A 131 -1.48 -1.12 9.47
CA GLY A 131 -0.53 -1.88 10.25
C GLY A 131 -0.57 -3.36 9.96
N VAL A 132 -1.02 -3.71 8.75
CA VAL A 132 -1.11 -5.11 8.34
C VAL A 132 -0.84 -5.26 6.85
N LEU A 133 0.15 -6.07 6.51
CA LEU A 133 0.51 -6.31 5.11
C LEU A 133 -0.72 -6.62 4.28
N CYS A 134 -1.14 -5.65 3.47
CA CYS A 134 -2.31 -5.82 2.61
C CYS A 134 -1.94 -6.53 1.32
N GLY A 135 -0.78 -6.18 0.76
CA GLY A 135 -0.33 -6.79 -0.47
C GLY A 135 1.17 -6.73 -0.63
N MET A 136 1.71 -7.62 -1.46
CA MET A 136 3.15 -7.67 -1.70
C MET A 136 3.45 -7.78 -3.19
N ILE A 137 4.43 -7.01 -3.65
CA ILE A 137 4.82 -7.03 -5.06
C ILE A 137 6.27 -7.46 -5.23
N ALA A 138 6.54 -8.23 -6.28
CA ALA A 138 7.89 -8.71 -6.56
C ALA A 138 8.33 -8.33 -7.97
N ILE A 139 9.20 -7.34 -8.07
CA ILE A 139 9.70 -6.89 -9.35
C ILE A 139 10.85 -7.75 -9.84
N ALA A 140 11.02 -7.83 -11.16
CA ALA A 140 12.08 -8.64 -11.75
C ALA A 140 12.94 -7.79 -12.70
N ASP A 141 14.07 -7.32 -12.19
CA ASP A 141 14.98 -6.51 -12.98
C ASP A 141 16.14 -7.34 -13.51
N ALA A 1 21.15 -7.40 -18.41
CA ALA A 1 21.18 -5.96 -18.73
C ALA A 1 19.76 -5.39 -18.78
N GLY A 2 19.67 -4.06 -18.71
CA GLY A 2 18.37 -3.41 -18.74
C GLY A 2 17.88 -3.02 -17.36
N HIS A 3 17.85 -1.73 -17.08
CA HIS A 3 17.40 -1.23 -15.78
C HIS A 3 16.00 -0.62 -15.90
N MET A 4 15.66 -0.15 -17.09
CA MET A 4 14.37 0.46 -17.33
C MET A 4 13.40 -0.55 -17.94
N VAL A 5 13.58 -1.82 -17.61
CA VAL A 5 12.74 -2.88 -18.13
C VAL A 5 12.30 -3.83 -17.02
N PRO A 6 11.31 -3.39 -16.22
CA PRO A 6 10.78 -4.19 -15.11
C PRO A 6 9.99 -5.40 -15.59
N ARG A 7 9.81 -6.37 -14.70
CA ARG A 7 9.08 -7.59 -15.03
C ARG A 7 8.58 -8.28 -13.77
N VAL A 8 7.27 -8.27 -13.56
CA VAL A 8 6.68 -8.90 -12.39
C VAL A 8 7.06 -10.38 -12.31
N MET A 9 7.49 -10.81 -11.13
CA MET A 9 7.88 -12.20 -10.92
C MET A 9 6.78 -12.97 -10.22
N ARG A 10 6.27 -12.41 -9.13
CA ARG A 10 5.20 -13.05 -8.37
C ARG A 10 4.37 -12.02 -7.61
N VAL A 11 3.16 -12.41 -7.21
CA VAL A 11 2.27 -11.52 -6.49
C VAL A 11 1.24 -12.30 -5.69
N LEU A 12 0.92 -11.82 -4.50
CA LEU A 12 -0.06 -12.48 -3.64
C LEU A 12 -0.70 -11.47 -2.67
N LEU A 13 -1.87 -11.82 -2.15
CA LEU A 13 -2.58 -10.97 -1.22
C LEU A 13 -2.68 -11.61 0.15
N LEU A 14 -2.37 -10.84 1.19
CA LEU A 14 -2.43 -11.34 2.56
C LEU A 14 -3.75 -10.97 3.22
N GLY A 15 -3.89 -9.70 3.60
CA GLY A 15 -5.11 -9.24 4.23
C GLY A 15 -6.35 -9.64 3.46
N ASP A 16 -7.17 -10.51 4.05
CA ASP A 16 -8.39 -10.97 3.42
C ASP A 16 -9.46 -9.88 3.43
N VAL A 17 -10.65 -10.21 2.93
CA VAL A 17 -11.75 -9.26 2.89
C VAL A 17 -12.65 -9.41 4.11
N ALA A 18 -12.33 -10.38 4.96
CA ALA A 18 -13.12 -10.63 6.16
C ALA A 18 -13.29 -9.35 6.97
N THR A 19 -12.20 -8.63 7.20
CA THR A 19 -12.24 -7.39 7.95
C THR A 19 -12.31 -6.18 7.04
N LEU A 20 -12.61 -6.44 5.76
CA LEU A 20 -12.70 -5.37 4.77
C LEU A 20 -14.05 -5.39 4.07
N PRO A 21 -15.08 -4.85 4.74
CA PRO A 21 -16.44 -4.81 4.19
C PRO A 21 -16.56 -3.83 3.03
N LEU A 22 -17.70 -3.88 2.33
CA LEU A 22 -17.94 -3.01 1.19
C LEU A 22 -17.70 -1.54 1.58
N ARG A 23 -18.31 -1.14 2.69
CA ARG A 23 -18.17 0.24 3.17
C ARG A 23 -16.70 0.60 3.37
N LYS A 24 -15.99 -0.25 4.09
CA LYS A 24 -14.57 -0.02 4.35
C LYS A 24 -13.78 0.07 3.05
N VAL A 25 -13.83 -1.01 2.26
CA VAL A 25 -13.12 -1.06 0.99
C VAL A 25 -13.41 0.18 0.15
N LEU A 26 -14.68 0.57 0.12
CA LEU A 26 -15.08 1.75 -0.66
C LEU A 26 -14.35 2.99 -0.17
N ALA A 27 -14.61 3.38 1.07
CA ALA A 27 -13.97 4.55 1.65
C ALA A 27 -12.44 4.47 1.53
N VAL A 28 -11.87 3.39 2.03
CA VAL A 28 -10.43 3.18 1.99
C VAL A 28 -9.90 3.42 0.58
N VAL A 29 -10.21 2.50 -0.33
CA VAL A 29 -9.77 2.61 -1.72
C VAL A 29 -10.08 3.98 -2.29
N GLY A 30 -11.17 4.59 -1.82
CA GLY A 30 -11.55 5.90 -2.29
C GLY A 30 -10.49 6.94 -2.05
N THR A 31 -10.30 7.30 -0.78
CA THR A 31 -9.31 8.30 -0.41
C THR A 31 -7.90 7.81 -0.69
N ALA A 32 -7.63 6.56 -0.34
CA ALA A 32 -6.32 5.95 -0.57
C ALA A 32 -5.87 6.14 -2.01
N ALA A 33 -6.74 5.76 -2.95
CA ALA A 33 -6.42 5.89 -4.37
C ALA A 33 -6.47 7.35 -4.82
N ALA A 34 -7.35 8.13 -4.18
CA ALA A 34 -7.49 9.54 -4.51
C ALA A 34 -6.15 10.27 -4.41
N SER A 35 -5.24 9.71 -3.62
CA SER A 35 -3.93 10.31 -3.43
C SER A 35 -2.86 9.53 -4.21
N SER A 36 -3.23 8.34 -4.67
CA SER A 36 -2.31 7.50 -5.42
C SER A 36 -1.81 8.22 -6.67
N GLU A 37 -0.51 8.43 -6.75
CA GLU A 37 0.09 9.12 -7.89
C GLU A 37 0.35 8.13 -9.03
N HIS A 38 -0.04 6.87 -8.82
CA HIS A 38 0.16 5.84 -9.83
C HIS A 38 -0.40 6.28 -11.17
N PRO A 39 0.04 5.62 -12.26
CA PRO A 39 -0.41 5.92 -13.61
C PRO A 39 -1.86 5.53 -13.85
N LEU A 40 -2.45 4.85 -12.87
CA LEU A 40 -3.84 4.41 -12.97
C LEU A 40 -4.72 5.16 -11.97
N GLY A 41 -4.14 6.15 -11.32
CA GLY A 41 -4.88 6.94 -10.35
C GLY A 41 -6.19 7.47 -10.90
N VAL A 42 -6.13 8.04 -12.11
CA VAL A 42 -7.31 8.58 -12.76
C VAL A 42 -8.41 7.53 -12.88
N ALA A 43 -8.02 6.31 -13.25
CA ALA A 43 -8.97 5.22 -13.39
C ALA A 43 -9.58 4.84 -12.05
N VAL A 44 -8.75 4.36 -11.13
CA VAL A 44 -9.22 3.97 -9.81
C VAL A 44 -10.02 5.08 -9.16
N THR A 45 -9.53 6.31 -9.29
CA THR A 45 -10.21 7.46 -8.70
C THR A 45 -11.60 7.64 -9.30
N LYS A 46 -11.70 7.55 -10.62
CA LYS A 46 -12.97 7.69 -11.31
C LYS A 46 -13.98 6.67 -10.81
N TYR A 47 -13.60 5.39 -10.88
CA TYR A 47 -14.48 4.31 -10.45
C TYR A 47 -14.94 4.54 -9.00
N CYS A 48 -13.98 4.62 -8.09
CA CYS A 48 -14.29 4.83 -6.68
C CYS A 48 -15.14 6.08 -6.49
N LYS A 49 -14.86 7.11 -7.28
CA LYS A 49 -15.60 8.36 -7.20
C LYS A 49 -17.07 8.15 -7.54
N GLU A 50 -17.32 7.31 -8.53
CA GLU A 50 -18.69 7.01 -8.95
C GLU A 50 -19.37 6.06 -7.97
N GLU A 51 -18.57 5.23 -7.31
CA GLU A 51 -19.09 4.27 -6.34
C GLU A 51 -19.41 4.95 -5.02
N LEU A 52 -18.59 5.93 -4.65
CA LEU A 52 -18.77 6.67 -3.41
C LEU A 52 -19.84 7.75 -3.57
N GLY A 53 -19.86 8.38 -4.74
CA GLY A 53 -20.82 9.43 -4.99
C GLY A 53 -20.24 10.82 -4.84
N THR A 54 -19.05 10.90 -4.23
CA THR A 54 -18.39 12.17 -4.02
C THR A 54 -16.91 12.09 -4.39
N GLU A 55 -16.43 13.12 -5.09
CA GLU A 55 -15.04 13.16 -5.51
C GLU A 55 -14.19 13.99 -4.55
N THR A 56 -14.74 14.23 -3.35
CA THR A 56 -14.05 15.01 -2.34
C THR A 56 -13.03 14.16 -1.59
N LEU A 57 -12.87 12.91 -2.02
CA LEU A 57 -11.93 11.99 -1.39
C LEU A 57 -10.49 12.43 -1.63
N GLY A 58 -9.57 11.88 -0.84
CA GLY A 58 -8.17 12.23 -0.98
C GLY A 58 -7.68 13.14 0.13
N TYR A 59 -8.15 12.88 1.34
CA TYR A 59 -7.76 13.70 2.50
C TYR A 59 -6.56 13.06 3.22
N CYS A 60 -5.55 13.89 3.46
CA CYS A 60 -4.34 13.42 4.14
C CYS A 60 -4.39 13.77 5.63
N THR A 61 -4.14 12.77 6.47
CA THR A 61 -4.16 12.96 7.91
C THR A 61 -2.78 12.73 8.52
N ASP A 62 -2.32 11.48 8.46
CA ASP A 62 -1.01 11.13 8.99
C ASP A 62 0.03 11.02 7.88
N PHE A 63 1.29 11.26 8.22
CA PHE A 63 2.37 11.19 7.25
C PHE A 63 3.61 10.57 7.86
N GLN A 64 4.19 9.59 7.16
CA GLN A 64 5.38 8.91 7.64
C GLN A 64 6.35 8.63 6.50
N ALA A 65 7.54 9.20 6.58
CA ALA A 65 8.55 9.02 5.55
C ALA A 65 9.70 8.16 6.05
N VAL A 66 10.18 7.24 5.21
CA VAL A 66 11.27 6.36 5.57
C VAL A 66 12.18 6.07 4.37
N PRO A 67 13.11 6.99 4.10
CA PRO A 67 14.04 6.85 2.98
C PRO A 67 15.06 5.74 3.21
N GLY A 68 14.74 4.54 2.71
CA GLY A 68 15.65 3.42 2.88
C GLY A 68 14.91 2.14 3.25
N CYS A 69 13.62 2.25 3.51
CA CYS A 69 12.80 1.10 3.87
C CYS A 69 11.46 1.14 3.16
N GLY A 70 10.86 2.34 3.11
CA GLY A 70 9.57 2.49 2.46
C GLY A 70 8.88 3.79 2.84
N ILE A 71 7.55 3.80 2.75
CA ILE A 71 6.78 4.99 3.08
C ILE A 71 5.37 4.62 3.52
N GLY A 72 4.76 5.47 4.34
CA GLY A 72 3.42 5.21 4.81
C GLY A 72 2.72 6.47 5.29
N CYS A 73 1.39 6.48 5.22
CA CYS A 73 0.60 7.63 5.65
C CYS A 73 -0.87 7.27 5.79
N LYS A 74 -1.62 8.09 6.51
CA LYS A 74 -3.04 7.86 6.71
C LYS A 74 -3.87 8.89 5.96
N VAL A 75 -4.77 8.41 5.11
CA VAL A 75 -5.63 9.28 4.32
C VAL A 75 -7.07 8.75 4.30
N SER A 76 -8.02 9.64 4.54
CA SER A 76 -9.43 9.27 4.54
C SER A 76 -10.32 10.49 4.63
N ASN A 77 -11.29 10.60 3.72
CA ASN A 77 -12.20 11.73 3.68
C ASN A 77 -13.49 11.40 4.44
N VAL A 78 -13.57 10.18 4.95
CA VAL A 78 -14.74 9.74 5.70
C VAL A 78 -15.13 10.78 6.76
N GLU A 79 -14.13 11.30 7.46
CA GLU A 79 -14.37 12.28 8.50
C GLU A 79 -14.94 13.58 7.91
N GLY A 80 -14.37 14.01 6.79
CA GLY A 80 -14.83 15.22 6.14
C GLY A 80 -16.27 15.13 5.68
N ILE A 81 -16.69 13.92 5.30
CA ILE A 81 -18.05 13.70 4.84
C ILE A 81 -18.99 13.40 6.00
N LEU A 82 -18.84 12.22 6.58
CA LEU A 82 -19.67 11.80 7.71
C LEU A 82 -19.64 12.85 8.81
N ALA A 83 -18.46 13.44 9.04
CA ALA A 83 -18.30 14.46 10.06
C ALA A 83 -18.83 13.98 11.41
N ALA A 84 -18.50 12.75 11.78
CA ALA A 84 -18.95 12.17 13.04
C ALA A 84 -18.13 10.93 13.39
N VAL A 85 -17.84 10.11 12.38
CA VAL A 85 -17.06 8.90 12.60
C VAL A 85 -15.79 8.90 11.76
N PRO A 86 -14.77 9.64 12.24
CA PRO A 86 -13.48 9.74 11.56
C PRO A 86 -12.69 8.44 11.60
N GLN A 87 -12.11 8.07 10.46
CA GLN A 87 -11.33 6.83 10.37
C GLN A 87 -10.10 7.04 9.49
N THR A 88 -8.94 7.14 10.13
CA THR A 88 -7.69 7.34 9.41
C THR A 88 -7.18 6.03 8.80
N PHE A 89 -7.32 5.89 7.49
CA PHE A 89 -6.88 4.69 6.79
C PHE A 89 -5.37 4.73 6.54
N SER A 90 -4.63 3.95 7.34
CA SER A 90 -3.17 3.90 7.20
C SER A 90 -2.77 3.06 5.99
N VAL A 91 -1.79 3.56 5.24
CA VAL A 91 -1.32 2.86 4.05
C VAL A 91 0.20 2.97 3.92
N LEU A 92 0.90 1.86 4.15
CA LEU A 92 2.34 1.83 4.06
C LEU A 92 2.81 0.84 3.00
N ILE A 93 3.99 1.08 2.45
CA ILE A 93 4.55 0.20 1.43
C ILE A 93 6.07 0.11 1.56
N GLY A 94 6.58 -1.12 1.55
CA GLY A 94 8.01 -1.33 1.67
C GLY A 94 8.40 -2.79 1.51
N ASN A 95 9.67 -3.04 1.25
CA ASN A 95 10.17 -4.40 1.08
C ASN A 95 10.32 -5.11 2.42
N ARG A 96 10.91 -6.28 2.41
CA ARG A 96 11.12 -7.05 3.62
C ARG A 96 11.80 -6.21 4.70
N GLU A 97 12.66 -5.29 4.27
CA GLU A 97 13.37 -4.42 5.20
C GLU A 97 12.39 -3.70 6.13
N TRP A 98 11.49 -2.92 5.55
CA TRP A 98 10.50 -2.18 6.33
C TRP A 98 9.55 -3.15 7.04
N LEU A 99 9.02 -4.11 6.29
CA LEU A 99 8.10 -5.09 6.87
C LEU A 99 8.69 -5.73 8.11
N ARG A 100 10.00 -5.89 8.13
CA ARG A 100 10.69 -6.50 9.27
C ARG A 100 11.05 -5.44 10.31
N ARG A 101 11.37 -4.24 9.84
CA ARG A 101 11.74 -3.14 10.73
C ARG A 101 10.57 -2.77 11.64
N ASN A 102 9.36 -3.04 11.18
CA ASN A 102 8.16 -2.74 11.95
C ASN A 102 7.37 -4.01 12.26
N GLY A 103 7.68 -5.08 11.53
CA GLY A 103 7.00 -6.34 11.74
C GLY A 103 7.93 -7.53 11.63
N LEU A 104 9.12 -7.40 12.20
CA LEU A 104 10.10 -8.48 12.17
C LEU A 104 9.45 -9.82 12.47
N THR A 105 9.29 -10.65 11.43
CA THR A 105 8.68 -11.96 11.59
C THR A 105 9.48 -13.02 10.85
N ILE A 106 9.96 -12.67 9.65
CA ILE A 106 10.74 -13.60 8.84
C ILE A 106 12.15 -13.76 9.40
N SER A 107 12.61 -15.00 9.49
CA SER A 107 13.94 -15.29 10.02
C SER A 107 14.99 -14.45 9.30
N SER A 108 15.98 -13.99 10.05
CA SER A 108 17.05 -13.17 9.50
C SER A 108 17.72 -13.87 8.33
N ASP A 109 17.63 -15.20 8.31
CA ASP A 109 18.23 -15.99 7.25
C ASP A 109 17.51 -15.76 5.92
N VAL A 110 16.21 -16.02 5.90
CA VAL A 110 15.40 -15.84 4.71
C VAL A 110 15.41 -14.38 4.25
N SER A 111 15.31 -13.47 5.21
CA SER A 111 15.31 -12.05 4.90
C SER A 111 16.65 -11.61 4.33
N ASP A 112 17.73 -12.14 4.89
CA ASP A 112 19.08 -11.81 4.44
C ASP A 112 19.29 -12.24 3.00
N ALA A 113 18.87 -13.47 2.68
CA ALA A 113 19.00 -14.01 1.34
C ALA A 113 18.16 -13.22 0.34
N MET A 114 16.93 -12.92 0.74
CA MET A 114 16.01 -12.17 -0.12
C MET A 114 16.61 -10.82 -0.51
N THR A 115 17.07 -10.07 0.50
CA THR A 115 17.66 -8.76 0.26
C THR A 115 19.02 -8.89 -0.41
N ASP A 116 19.75 -9.96 -0.08
CA ASP A 116 21.07 -10.19 -0.65
C ASP A 116 20.97 -10.47 -2.14
N HIS A 117 19.86 -11.07 -2.55
CA HIS A 117 19.64 -11.41 -3.96
C HIS A 117 18.96 -10.25 -4.68
N GLU A 118 18.16 -9.49 -3.95
CA GLU A 118 17.45 -8.35 -4.54
C GLU A 118 18.43 -7.37 -5.16
N MET A 119 19.66 -7.36 -4.66
CA MET A 119 20.70 -6.46 -5.18
C MET A 119 21.07 -6.84 -6.61
N LYS A 120 20.61 -8.01 -7.06
CA LYS A 120 20.89 -8.48 -8.40
C LYS A 120 19.82 -8.01 -9.38
N GLY A 121 18.89 -7.20 -8.89
CA GLY A 121 17.81 -6.70 -9.74
C GLY A 121 16.44 -7.04 -9.19
N GLN A 122 16.37 -8.03 -8.32
CA GLN A 122 15.12 -8.46 -7.72
C GLN A 122 14.63 -7.44 -6.70
N THR A 123 13.31 -7.26 -6.62
CA THR A 123 12.72 -6.32 -5.68
C THR A 123 11.39 -6.83 -5.17
N ALA A 124 11.32 -7.14 -3.88
CA ALA A 124 10.09 -7.64 -3.27
C ALA A 124 9.48 -6.58 -2.34
N ILE A 125 8.36 -6.00 -2.76
CA ILE A 125 7.69 -4.99 -1.96
C ILE A 125 6.40 -5.53 -1.36
N LEU A 126 6.01 -4.99 -0.23
CA LEU A 126 4.79 -5.41 0.46
C LEU A 126 3.93 -4.21 0.83
N VAL A 127 2.62 -4.34 0.63
CA VAL A 127 1.69 -3.27 0.95
C VAL A 127 0.84 -3.63 2.17
N ALA A 128 0.82 -2.74 3.16
CA ALA A 128 0.04 -2.97 4.37
C ALA A 128 -0.93 -1.81 4.62
N ILE A 129 -2.09 -2.14 5.17
CA ILE A 129 -3.10 -1.13 5.46
C ILE A 129 -3.55 -1.20 6.92
N ASP A 130 -3.65 -0.04 7.56
CA ASP A 130 -4.07 0.02 8.95
C ASP A 130 -3.22 -0.90 9.83
N GLY A 131 -1.95 -1.05 9.45
CA GLY A 131 -1.05 -1.90 10.20
C GLY A 131 -1.29 -3.37 9.94
N VAL A 132 -1.85 -3.68 8.77
CA VAL A 132 -2.12 -5.06 8.40
C VAL A 132 -1.76 -5.31 6.94
N LEU A 133 -0.77 -6.17 6.71
CA LEU A 133 -0.33 -6.49 5.36
C LEU A 133 -1.52 -6.91 4.50
N CYS A 134 -1.75 -6.16 3.42
CA CYS A 134 -2.86 -6.44 2.51
C CYS A 134 -2.39 -7.32 1.36
N GLY A 135 -1.16 -7.09 0.89
CA GLY A 135 -0.62 -7.86 -0.20
C GLY A 135 0.88 -7.66 -0.37
N MET A 136 1.49 -8.47 -1.24
CA MET A 136 2.92 -8.37 -1.48
C MET A 136 3.25 -8.77 -2.92
N ILE A 137 4.12 -7.99 -3.55
CA ILE A 137 4.52 -8.26 -4.92
C ILE A 137 6.04 -8.36 -5.05
N ALA A 138 6.50 -9.18 -6.00
CA ALA A 138 7.93 -9.35 -6.22
C ALA A 138 8.28 -9.22 -7.69
N ILE A 139 9.21 -8.33 -7.99
CA ILE A 139 9.63 -8.11 -9.37
C ILE A 139 11.03 -8.66 -9.62
N ALA A 140 11.24 -9.24 -10.81
CA ALA A 140 12.53 -9.81 -11.16
C ALA A 140 13.06 -9.21 -12.46
N ASP A 141 14.09 -8.37 -12.34
CA ASP A 141 14.69 -7.73 -13.51
C ASP A 141 15.79 -8.60 -14.12
N ALA A 1 20.51 -5.55 -15.35
CA ALA A 1 20.73 -4.52 -16.36
C ALA A 1 19.54 -3.58 -16.44
N GLY A 2 19.82 -2.28 -16.41
CA GLY A 2 18.77 -1.29 -16.48
C GLY A 2 18.22 -0.91 -15.12
N HIS A 3 18.48 0.32 -14.70
CA HIS A 3 18.02 0.80 -13.40
C HIS A 3 16.79 1.70 -13.56
N MET A 4 16.75 2.43 -14.66
CA MET A 4 15.63 3.33 -14.93
C MET A 4 14.59 2.65 -15.82
N VAL A 5 14.55 1.33 -15.78
CA VAL A 5 13.60 0.56 -16.58
C VAL A 5 12.95 -0.53 -15.74
N PRO A 6 11.97 -0.14 -14.91
CA PRO A 6 11.25 -1.07 -14.05
C PRO A 6 10.32 -2.00 -14.84
N ARG A 7 10.06 -3.18 -14.28
CA ARG A 7 9.21 -4.15 -14.94
C ARG A 7 8.64 -5.15 -13.92
N VAL A 8 7.33 -5.07 -13.68
CA VAL A 8 6.67 -5.96 -12.74
C VAL A 8 6.93 -7.42 -13.08
N MET A 9 7.32 -8.20 -12.08
CA MET A 9 7.60 -9.61 -12.27
C MET A 9 6.43 -10.48 -11.78
N ARG A 10 5.98 -10.20 -10.57
CA ARG A 10 4.88 -10.95 -9.97
C ARG A 10 4.08 -10.07 -9.01
N VAL A 11 2.80 -10.42 -8.82
CA VAL A 11 1.94 -9.67 -7.93
C VAL A 11 0.91 -10.58 -7.26
N LEU A 12 0.70 -10.38 -5.96
CA LEU A 12 -0.26 -11.19 -5.21
C LEU A 12 -0.87 -10.37 -4.07
N LEU A 13 -2.04 -10.81 -3.61
CA LEU A 13 -2.72 -10.13 -2.52
C LEU A 13 -2.86 -11.03 -1.30
N LEU A 14 -2.54 -10.50 -0.13
CA LEU A 14 -2.62 -11.26 1.12
C LEU A 14 -3.87 -10.88 1.91
N GLY A 15 -3.81 -9.73 2.58
CA GLY A 15 -4.94 -9.28 3.37
C GLY A 15 -6.01 -8.61 2.52
N ASP A 16 -7.17 -9.24 2.45
CA ASP A 16 -8.29 -8.72 1.66
C ASP A 16 -9.17 -7.80 2.51
N VAL A 17 -10.24 -7.31 1.91
CA VAL A 17 -11.18 -6.42 2.61
C VAL A 17 -12.59 -6.99 2.59
N ALA A 18 -12.76 -8.11 1.89
CA ALA A 18 -14.07 -8.76 1.80
C ALA A 18 -14.68 -8.97 3.19
N THR A 19 -13.85 -9.41 4.13
CA THR A 19 -14.30 -9.65 5.49
C THR A 19 -14.82 -8.39 6.14
N LEU A 20 -14.30 -7.24 5.70
CA LEU A 20 -14.71 -5.95 6.24
C LEU A 20 -16.02 -5.49 5.59
N PRO A 21 -16.71 -4.55 6.26
CA PRO A 21 -17.97 -4.00 5.76
C PRO A 21 -17.79 -3.14 4.53
N LEU A 22 -18.89 -2.78 3.89
CA LEU A 22 -18.86 -1.94 2.70
C LEU A 22 -18.28 -0.56 3.01
N ARG A 23 -18.62 -0.04 4.18
CA ARG A 23 -18.14 1.27 4.60
C ARG A 23 -16.62 1.29 4.68
N LYS A 24 -16.05 0.30 5.36
CA LYS A 24 -14.60 0.21 5.51
C LYS A 24 -13.93 -0.03 4.16
N VAL A 25 -14.47 -0.98 3.39
CA VAL A 25 -13.93 -1.30 2.08
C VAL A 25 -13.95 -0.08 1.15
N LEU A 26 -15.15 0.46 0.94
CA LEU A 26 -15.31 1.63 0.08
C LEU A 26 -14.39 2.76 0.52
N ALA A 27 -14.38 3.04 1.82
CA ALA A 27 -13.54 4.10 2.37
C ALA A 27 -12.06 3.81 2.11
N VAL A 28 -11.56 2.72 2.70
CA VAL A 28 -10.17 2.34 2.54
C VAL A 28 -9.77 2.32 1.07
N VAL A 29 -10.32 1.37 0.33
CA VAL A 29 -10.02 1.25 -1.10
C VAL A 29 -10.25 2.57 -1.82
N GLY A 30 -11.20 3.35 -1.34
CA GLY A 30 -11.51 4.63 -1.96
C GLY A 30 -10.30 5.55 -1.98
N THR A 31 -9.90 6.04 -0.81
CA THR A 31 -8.76 6.94 -0.71
C THR A 31 -7.46 6.22 -1.05
N ALA A 32 -7.29 5.03 -0.50
CA ALA A 32 -6.09 4.23 -0.76
C ALA A 32 -5.81 4.14 -2.25
N ALA A 33 -6.76 3.60 -3.00
CA ALA A 33 -6.62 3.46 -4.44
C ALA A 33 -6.59 4.81 -5.13
N ALA A 34 -7.34 5.77 -4.59
CA ALA A 34 -7.40 7.11 -5.15
C ALA A 34 -6.01 7.72 -5.26
N SER A 35 -5.09 7.25 -4.42
CA SER A 35 -3.73 7.76 -4.41
C SER A 35 -2.78 6.76 -5.08
N SER A 36 -3.33 5.92 -5.95
CA SER A 36 -2.53 4.92 -6.65
C SER A 36 -2.12 5.43 -8.02
N GLU A 37 -0.82 5.38 -8.29
CA GLU A 37 -0.29 5.84 -9.57
C GLU A 37 -0.48 4.79 -10.65
N HIS A 38 -0.91 3.59 -10.23
CA HIS A 38 -1.13 2.49 -11.16
C HIS A 38 -2.03 2.94 -12.32
N PRO A 39 -1.98 2.18 -13.43
CA PRO A 39 -2.78 2.47 -14.62
C PRO A 39 -4.28 2.24 -14.39
N LEU A 40 -4.61 1.66 -13.24
CA LEU A 40 -6.00 1.38 -12.90
C LEU A 40 -6.54 2.41 -11.90
N GLY A 41 -5.69 3.36 -11.53
CA GLY A 41 -6.09 4.38 -10.59
C GLY A 41 -7.38 5.07 -10.99
N VAL A 42 -7.39 5.62 -12.21
CA VAL A 42 -8.57 6.31 -12.72
C VAL A 42 -9.80 5.43 -12.64
N ALA A 43 -9.61 4.13 -12.88
CA ALA A 43 -10.72 3.18 -12.83
C ALA A 43 -11.28 3.05 -11.43
N VAL A 44 -10.47 2.51 -10.52
CA VAL A 44 -10.89 2.33 -9.13
C VAL A 44 -11.38 3.65 -8.54
N THR A 45 -10.68 4.73 -8.85
CA THR A 45 -11.05 6.05 -8.34
C THR A 45 -12.44 6.44 -8.80
N LYS A 46 -12.70 6.30 -10.10
CA LYS A 46 -14.00 6.64 -10.66
C LYS A 46 -15.11 5.83 -9.99
N TYR A 47 -14.92 4.51 -9.92
CA TYR A 47 -15.90 3.63 -9.31
C TYR A 47 -16.22 4.07 -7.88
N CYS A 48 -15.20 4.03 -7.02
CA CYS A 48 -15.36 4.43 -5.63
C CYS A 48 -15.99 5.82 -5.53
N LYS A 49 -15.59 6.71 -6.41
CA LYS A 49 -16.11 8.07 -6.43
C LYS A 49 -17.61 8.08 -6.70
N GLU A 50 -18.05 7.20 -7.59
CA GLU A 50 -19.46 7.10 -7.94
C GLU A 50 -20.25 6.40 -6.83
N GLU A 51 -19.58 5.52 -6.10
CA GLU A 51 -20.22 4.78 -5.02
C GLU A 51 -20.34 5.66 -3.78
N LEU A 52 -19.35 6.53 -3.57
CA LEU A 52 -19.35 7.42 -2.41
C LEU A 52 -20.17 8.68 -2.69
N GLY A 53 -20.20 9.10 -3.95
CA GLY A 53 -20.95 10.27 -4.33
C GLY A 53 -20.16 11.56 -4.15
N THR A 54 -18.84 11.41 -3.99
CA THR A 54 -17.96 12.56 -3.81
C THR A 54 -16.72 12.45 -4.68
N GLU A 55 -16.31 13.57 -5.26
CA GLU A 55 -15.13 13.60 -6.13
C GLU A 55 -13.88 13.94 -5.33
N THR A 56 -14.01 13.93 -4.00
CA THR A 56 -12.89 14.25 -3.13
C THR A 56 -12.29 12.99 -2.52
N LEU A 57 -11.05 12.69 -2.91
CA LEU A 57 -10.35 11.50 -2.41
C LEU A 57 -8.85 11.71 -2.42
N GLY A 58 -8.12 10.75 -1.86
CA GLY A 58 -6.68 10.85 -1.81
C GLY A 58 -6.20 11.92 -0.84
N TYR A 59 -6.86 12.02 0.30
CA TYR A 59 -6.50 13.00 1.31
C TYR A 59 -5.31 12.52 2.14
N CYS A 60 -4.29 13.36 2.23
CA CYS A 60 -3.10 13.01 3.00
C CYS A 60 -3.23 13.47 4.45
N THR A 61 -3.05 12.53 5.38
CA THR A 61 -3.15 12.83 6.80
C THR A 61 -1.80 12.67 7.51
N ASP A 62 -1.34 11.43 7.58
CA ASP A 62 -0.06 11.14 8.22
C ASP A 62 1.04 10.93 7.19
N PHE A 63 2.24 11.41 7.49
CA PHE A 63 3.37 11.27 6.58
C PHE A 63 4.60 10.72 7.31
N GLN A 64 5.19 9.67 6.76
CA GLN A 64 6.36 9.04 7.35
C GLN A 64 7.31 8.52 6.28
N ALA A 65 8.56 8.94 6.35
CA ALA A 65 9.56 8.51 5.38
C ALA A 65 10.56 7.56 6.02
N VAL A 66 11.02 6.59 5.24
CA VAL A 66 11.99 5.60 5.72
C VAL A 66 12.96 5.19 4.62
N PRO A 67 14.00 6.00 4.42
CA PRO A 67 15.02 5.75 3.40
C PRO A 67 15.91 4.56 3.75
N GLY A 68 15.54 3.39 3.25
CA GLY A 68 16.30 2.18 3.52
C GLY A 68 15.42 0.99 3.83
N CYS A 69 14.12 1.24 3.99
CA CYS A 69 13.18 0.17 4.30
C CYS A 69 11.91 0.33 3.48
N GLY A 70 11.44 1.56 3.34
CA GLY A 70 10.22 1.83 2.58
C GLY A 70 9.61 3.18 2.92
N ILE A 71 8.29 3.24 2.86
CA ILE A 71 7.58 4.49 3.16
C ILE A 71 6.22 4.19 3.81
N GLY A 72 5.77 5.12 4.65
CA GLY A 72 4.49 4.95 5.31
C GLY A 72 3.75 6.25 5.50
N CYS A 73 2.43 6.21 5.36
CA CYS A 73 1.61 7.41 5.50
C CYS A 73 0.13 7.05 5.58
N LYS A 74 -0.65 7.89 6.25
CA LYS A 74 -2.08 7.65 6.41
C LYS A 74 -2.88 8.50 5.44
N VAL A 75 -3.71 7.86 4.62
CA VAL A 75 -4.53 8.56 3.64
C VAL A 75 -5.98 8.14 3.75
N SER A 76 -6.87 9.11 3.88
CA SER A 76 -8.30 8.85 3.99
C SER A 76 -9.11 10.12 3.82
N ASN A 77 -10.06 10.11 2.89
CA ASN A 77 -10.91 11.26 2.63
C ASN A 77 -12.24 11.14 3.36
N VAL A 78 -12.70 9.90 3.54
CA VAL A 78 -13.96 9.64 4.21
C VAL A 78 -14.08 10.48 5.49
N GLU A 79 -12.96 10.68 6.16
CA GLU A 79 -12.94 11.47 7.40
C GLU A 79 -13.52 12.86 7.16
N GLY A 80 -13.06 13.51 6.09
CA GLY A 80 -13.54 14.85 5.77
C GLY A 80 -14.87 14.82 5.05
N ILE A 81 -15.17 13.71 4.39
CA ILE A 81 -16.41 13.56 3.65
C ILE A 81 -17.59 13.35 4.60
N LEU A 82 -17.35 12.58 5.66
CA LEU A 82 -18.39 12.30 6.64
C LEU A 82 -18.37 13.33 7.78
N ALA A 83 -17.17 13.69 8.21
CA ALA A 83 -17.00 14.66 9.28
C ALA A 83 -17.69 14.19 10.56
N ALA A 84 -17.50 12.91 10.89
CA ALA A 84 -18.10 12.35 12.09
C ALA A 84 -17.28 11.17 12.61
N VAL A 85 -16.77 10.36 11.70
CA VAL A 85 -15.96 9.21 12.07
C VAL A 85 -14.72 9.11 11.20
N PRO A 86 -13.71 9.92 11.51
CA PRO A 86 -12.44 9.94 10.76
C PRO A 86 -11.62 8.68 10.99
N GLN A 87 -11.09 8.12 9.91
CA GLN A 87 -10.27 6.92 9.99
C GLN A 87 -9.03 7.04 9.13
N THR A 88 -7.88 7.29 9.76
CA THR A 88 -6.63 7.43 9.04
C THR A 88 -6.09 6.08 8.60
N PHE A 89 -6.38 5.71 7.35
CA PHE A 89 -5.93 4.44 6.81
C PHE A 89 -4.41 4.42 6.64
N SER A 90 -3.73 3.71 7.53
CA SER A 90 -2.27 3.61 7.48
C SER A 90 -1.82 2.81 6.26
N VAL A 91 -1.03 3.44 5.41
CA VAL A 91 -0.52 2.80 4.20
C VAL A 91 0.98 2.61 4.28
N LEU A 92 1.42 1.36 4.47
CA LEU A 92 2.83 1.05 4.56
C LEU A 92 3.29 0.24 3.35
N ILE A 93 4.46 0.57 2.83
CA ILE A 93 5.01 -0.11 1.66
C ILE A 93 6.52 -0.28 1.79
N GLY A 94 6.97 -1.52 1.89
CA GLY A 94 8.39 -1.79 2.00
C GLY A 94 8.74 -3.25 1.74
N ASN A 95 10.02 -3.51 1.50
CA ASN A 95 10.47 -4.87 1.24
C ASN A 95 10.40 -5.73 2.49
N ARG A 96 10.97 -6.93 2.41
CA ARG A 96 10.97 -7.85 3.54
C ARG A 96 11.49 -7.16 4.81
N GLU A 97 12.49 -6.30 4.64
CA GLU A 97 13.06 -5.58 5.76
C GLU A 97 11.99 -4.81 6.53
N TRP A 98 11.27 -3.95 5.83
CA TRP A 98 10.21 -3.16 6.44
C TRP A 98 9.12 -4.06 7.03
N LEU A 99 8.65 -5.00 6.23
CA LEU A 99 7.62 -5.93 6.67
C LEU A 99 7.98 -6.55 8.03
N ARG A 100 9.24 -6.96 8.16
CA ARG A 100 9.71 -7.57 9.41
C ARG A 100 9.97 -6.51 10.46
N ARG A 101 10.35 -5.31 10.02
CA ARG A 101 10.63 -4.21 10.92
C ARG A 101 9.35 -3.69 11.58
N ASN A 102 8.21 -4.02 10.96
CA ASN A 102 6.92 -3.59 11.47
C ASN A 102 6.10 -4.78 11.98
N GLY A 103 6.45 -5.97 11.49
CA GLY A 103 5.75 -7.17 11.89
C GLY A 103 6.44 -7.88 13.05
N LEU A 104 7.74 -7.67 13.18
CA LEU A 104 8.52 -8.29 14.25
C LEU A 104 9.72 -7.44 14.61
N THR A 105 10.62 -8.01 15.42
CA THR A 105 11.82 -7.31 15.84
C THR A 105 12.92 -7.43 14.78
N ILE A 106 13.55 -8.60 14.72
CA ILE A 106 14.62 -8.85 13.76
C ILE A 106 14.68 -10.32 13.37
N SER A 107 14.97 -10.58 12.10
CA SER A 107 15.05 -11.94 11.60
C SER A 107 16.22 -12.09 10.61
N SER A 108 17.23 -12.85 11.01
CA SER A 108 18.40 -13.07 10.18
C SER A 108 18.01 -13.74 8.86
N ASP A 109 16.92 -14.49 8.89
CA ASP A 109 16.44 -15.18 7.70
C ASP A 109 15.80 -14.20 6.72
N VAL A 110 14.95 -13.32 7.24
CA VAL A 110 14.28 -12.33 6.41
C VAL A 110 15.28 -11.37 5.77
N SER A 111 16.24 -10.91 6.57
CA SER A 111 17.25 -9.99 6.09
C SER A 111 18.20 -10.68 5.10
N ASP A 112 18.61 -11.89 5.43
CA ASP A 112 19.51 -12.66 4.58
C ASP A 112 18.87 -12.90 3.21
N ALA A 113 17.58 -13.21 3.21
CA ALA A 113 16.86 -13.46 1.96
C ALA A 113 16.64 -12.18 1.18
N MET A 114 16.28 -11.11 1.89
CA MET A 114 16.05 -9.81 1.26
C MET A 114 17.27 -9.37 0.45
N THR A 115 18.43 -9.39 1.09
CA THR A 115 19.67 -8.99 0.44
C THR A 115 20.12 -10.05 -0.57
N ASP A 116 19.90 -11.31 -0.23
CA ASP A 116 20.29 -12.42 -1.09
C ASP A 116 19.64 -12.29 -2.47
N HIS A 117 18.41 -11.77 -2.48
CA HIS A 117 17.68 -11.60 -3.73
C HIS A 117 17.93 -10.21 -4.32
N GLU A 118 18.14 -9.23 -3.44
CA GLU A 118 18.39 -7.87 -3.87
C GLU A 118 19.68 -7.78 -4.68
N MET A 119 20.60 -8.69 -4.42
CA MET A 119 21.88 -8.72 -5.12
C MET A 119 21.68 -9.08 -6.59
N LYS A 120 20.49 -9.57 -6.92
CA LYS A 120 20.17 -9.95 -8.29
C LYS A 120 19.51 -8.80 -9.03
N GLY A 121 19.27 -7.70 -8.32
CA GLY A 121 18.64 -6.54 -8.93
C GLY A 121 17.14 -6.54 -8.75
N GLN A 122 16.60 -7.64 -8.25
CA GLN A 122 15.16 -7.77 -8.03
C GLN A 122 14.70 -6.82 -6.92
N THR A 123 13.47 -6.33 -7.05
CA THR A 123 12.91 -5.42 -6.06
C THR A 123 11.60 -5.95 -5.50
N ALA A 124 11.69 -6.62 -4.35
CA ALA A 124 10.51 -7.18 -3.71
C ALA A 124 9.95 -6.22 -2.66
N ILE A 125 8.75 -5.71 -2.91
CA ILE A 125 8.10 -4.79 -1.99
C ILE A 125 6.70 -5.26 -1.62
N LEU A 126 6.35 -5.11 -0.35
CA LEU A 126 5.04 -5.51 0.14
C LEU A 126 4.22 -4.32 0.59
N VAL A 127 2.92 -4.38 0.38
CA VAL A 127 2.02 -3.29 0.77
C VAL A 127 1.08 -3.75 1.89
N ALA A 128 1.04 -2.97 2.97
CA ALA A 128 0.17 -3.28 4.10
C ALA A 128 -0.75 -2.11 4.43
N ILE A 129 -1.94 -2.42 4.91
CA ILE A 129 -2.91 -1.39 5.27
C ILE A 129 -3.38 -1.55 6.70
N ASP A 130 -3.29 -0.48 7.48
CA ASP A 130 -3.72 -0.51 8.88
C ASP A 130 -2.95 -1.56 9.65
N GLY A 131 -1.66 -1.71 9.34
CA GLY A 131 -0.84 -2.69 10.01
C GLY A 131 -1.17 -4.11 9.61
N VAL A 132 -1.73 -4.27 8.41
CA VAL A 132 -2.10 -5.58 7.91
C VAL A 132 -1.75 -5.73 6.44
N LEU A 133 -0.79 -6.59 6.13
CA LEU A 133 -0.37 -6.83 4.76
C LEU A 133 -1.57 -7.05 3.85
N CYS A 134 -1.64 -6.26 2.77
CA CYS A 134 -2.75 -6.37 1.82
C CYS A 134 -2.29 -7.11 0.56
N GLY A 135 -1.03 -6.94 0.21
CA GLY A 135 -0.51 -7.60 -0.98
C GLY A 135 1.00 -7.46 -1.10
N MET A 136 1.59 -8.21 -2.03
CA MET A 136 3.03 -8.16 -2.23
C MET A 136 3.37 -8.21 -3.72
N ILE A 137 4.28 -7.34 -4.14
CA ILE A 137 4.68 -7.28 -5.54
C ILE A 137 6.19 -7.44 -5.68
N ALA A 138 6.62 -8.11 -6.75
CA ALA A 138 8.04 -8.33 -6.99
C ALA A 138 8.43 -7.84 -8.39
N ILE A 139 9.35 -6.88 -8.43
CA ILE A 139 9.81 -6.32 -9.69
C ILE A 139 11.13 -6.96 -10.13
N ALA A 140 11.29 -7.16 -11.44
CA ALA A 140 12.50 -7.76 -11.97
C ALA A 140 12.96 -7.03 -13.24
N ASP A 141 14.12 -6.39 -13.15
CA ASP A 141 14.67 -5.65 -14.28
C ASP A 141 15.43 -6.59 -15.22
N ALA A 1 16.34 1.06 -8.33
CA ALA A 1 16.18 2.41 -8.87
C ALA A 1 17.18 2.66 -10.00
N GLY A 2 16.65 3.03 -11.17
CA GLY A 2 17.52 3.29 -12.32
C GLY A 2 17.17 2.41 -13.50
N HIS A 3 15.89 2.07 -13.64
CA HIS A 3 15.44 1.23 -14.74
C HIS A 3 14.04 1.65 -15.21
N MET A 4 13.93 2.01 -16.48
CA MET A 4 12.66 2.43 -17.05
C MET A 4 11.98 1.27 -17.77
N VAL A 5 12.31 0.05 -17.36
CA VAL A 5 11.73 -1.14 -17.97
C VAL A 5 11.50 -2.23 -16.93
N PRO A 6 10.51 -2.02 -16.06
CA PRO A 6 10.17 -2.98 -15.00
C PRO A 6 9.54 -4.26 -15.55
N ARG A 7 9.34 -5.24 -14.68
CA ARG A 7 8.75 -6.51 -15.08
C ARG A 7 8.16 -7.23 -13.87
N VAL A 8 6.83 -7.32 -13.83
CA VAL A 8 6.14 -8.00 -12.75
C VAL A 8 6.45 -9.49 -12.73
N MET A 9 6.94 -9.97 -11.59
CA MET A 9 7.29 -11.38 -11.44
C MET A 9 6.18 -12.13 -10.70
N ARG A 10 5.75 -11.58 -9.57
CA ARG A 10 4.69 -12.20 -8.78
C ARG A 10 3.88 -11.15 -8.03
N VAL A 11 2.60 -11.42 -7.84
CA VAL A 11 1.71 -10.50 -7.13
C VAL A 11 0.68 -11.25 -6.31
N LEU A 12 0.51 -10.85 -5.06
CA LEU A 12 -0.45 -11.48 -4.17
C LEU A 12 -1.07 -10.45 -3.22
N LEU A 13 -2.35 -10.63 -2.91
CA LEU A 13 -3.07 -9.74 -2.01
C LEU A 13 -3.53 -10.47 -0.76
N LEU A 14 -3.18 -9.92 0.40
CA LEU A 14 -3.57 -10.52 1.67
C LEU A 14 -4.78 -9.80 2.26
N GLY A 15 -4.55 -8.61 2.80
CA GLY A 15 -5.63 -7.84 3.39
C GLY A 15 -6.82 -7.70 2.46
N ASP A 16 -7.93 -8.30 2.84
CA ASP A 16 -9.15 -8.23 2.03
C ASP A 16 -10.18 -7.32 2.67
N VAL A 17 -11.09 -6.80 1.85
CA VAL A 17 -12.14 -5.91 2.34
C VAL A 17 -13.52 -6.50 2.12
N ALA A 18 -13.56 -7.65 1.45
CA ALA A 18 -14.82 -8.33 1.17
C ALA A 18 -15.61 -8.57 2.45
N THR A 19 -14.90 -8.67 3.57
CA THR A 19 -15.53 -8.90 4.86
C THR A 19 -16.08 -7.60 5.45
N LEU A 20 -15.47 -6.48 5.07
CA LEU A 20 -15.90 -5.17 5.55
C LEU A 20 -17.11 -4.67 4.77
N PRO A 21 -17.84 -3.71 5.35
CA PRO A 21 -19.02 -3.13 4.73
C PRO A 21 -18.68 -2.27 3.51
N LEU A 22 -19.69 -1.91 2.74
CA LEU A 22 -19.50 -1.07 1.55
C LEU A 22 -18.93 0.29 1.92
N ARG A 23 -19.44 0.86 3.00
CA ARG A 23 -18.98 2.16 3.46
C ARG A 23 -17.49 2.14 3.78
N LYS A 24 -17.07 1.14 4.54
CA LYS A 24 -15.67 0.98 4.92
C LYS A 24 -14.80 0.75 3.70
N VAL A 25 -15.27 -0.10 2.79
CA VAL A 25 -14.54 -0.41 1.57
C VAL A 25 -14.37 0.82 0.69
N LEU A 26 -15.49 1.48 0.39
CA LEU A 26 -15.46 2.67 -0.44
C LEU A 26 -14.56 3.74 0.16
N ALA A 27 -14.66 3.92 1.48
CA ALA A 27 -13.85 4.91 2.18
C ALA A 27 -12.38 4.51 2.17
N VAL A 28 -12.06 3.39 2.82
CA VAL A 28 -10.69 2.90 2.89
C VAL A 28 -10.07 2.82 1.49
N VAL A 29 -10.64 1.97 0.65
CA VAL A 29 -10.15 1.80 -0.71
C VAL A 29 -10.16 3.12 -1.47
N GLY A 30 -11.18 3.94 -1.22
CA GLY A 30 -11.29 5.21 -1.88
C GLY A 30 -10.04 6.07 -1.71
N THR A 31 -9.78 6.49 -0.49
CA THR A 31 -8.62 7.32 -0.20
C THR A 31 -7.32 6.56 -0.44
N ALA A 32 -7.25 5.34 0.09
CA ALA A 32 -6.07 4.50 -0.08
C ALA A 32 -5.64 4.43 -1.53
N ALA A 33 -6.61 4.15 -2.41
CA ALA A 33 -6.33 4.07 -3.84
C ALA A 33 -6.02 5.43 -4.44
N ALA A 34 -6.75 6.45 -4.00
CA ALA A 34 -6.56 7.80 -4.48
C ALA A 34 -5.13 8.27 -4.23
N SER A 35 -4.49 7.69 -3.23
CA SER A 35 -3.12 8.05 -2.89
C SER A 35 -2.15 6.93 -3.29
N SER A 36 -2.57 6.12 -4.25
CA SER A 36 -1.74 5.01 -4.73
C SER A 36 -1.10 5.36 -6.08
N GLU A 37 0.23 5.34 -6.12
CA GLU A 37 0.96 5.65 -7.34
C GLU A 37 0.99 4.44 -8.27
N HIS A 38 0.51 3.30 -7.78
CA HIS A 38 0.48 2.08 -8.57
C HIS A 38 -0.19 2.32 -9.91
N PRO A 39 0.06 1.41 -10.87
CA PRO A 39 -0.51 1.50 -12.22
C PRO A 39 -2.01 1.24 -12.23
N LEU A 40 -2.54 0.83 -11.08
CA LEU A 40 -3.97 0.54 -10.97
C LEU A 40 -4.68 1.64 -10.19
N GLY A 41 -3.93 2.67 -9.79
CA GLY A 41 -4.50 3.77 -9.04
C GLY A 41 -5.70 4.38 -9.75
N VAL A 42 -5.49 4.82 -10.98
CA VAL A 42 -6.57 5.43 -11.76
C VAL A 42 -7.78 4.51 -11.84
N ALA A 43 -7.53 3.22 -12.00
CA ALA A 43 -8.61 2.24 -12.08
C ALA A 43 -9.44 2.22 -10.81
N VAL A 44 -8.81 1.81 -9.71
CA VAL A 44 -9.50 1.75 -8.42
C VAL A 44 -10.15 3.09 -8.07
N THR A 45 -9.40 4.17 -8.27
CA THR A 45 -9.90 5.51 -8.00
C THR A 45 -11.23 5.76 -8.71
N LYS A 46 -11.24 5.55 -10.02
CA LYS A 46 -12.45 5.76 -10.81
C LYS A 46 -13.59 4.89 -10.29
N TYR A 47 -13.33 3.60 -10.15
CA TYR A 47 -14.35 2.67 -9.66
C TYR A 47 -14.97 3.17 -8.36
N CYS A 48 -14.12 3.45 -7.38
CA CYS A 48 -14.57 3.93 -6.09
C CYS A 48 -15.38 5.22 -6.25
N LYS A 49 -14.95 6.08 -7.16
CA LYS A 49 -15.63 7.34 -7.41
C LYS A 49 -17.05 7.11 -7.94
N GLU A 50 -17.20 6.08 -8.77
CA GLU A 50 -18.49 5.73 -9.35
C GLU A 50 -19.36 4.99 -8.35
N GLU A 51 -18.71 4.29 -7.42
CA GLU A 51 -19.43 3.52 -6.40
C GLU A 51 -19.90 4.44 -5.27
N LEU A 52 -19.10 5.46 -4.98
CA LEU A 52 -19.43 6.42 -3.92
C LEU A 52 -20.27 7.57 -4.46
N GLY A 53 -20.07 7.89 -5.73
CA GLY A 53 -20.83 8.97 -6.35
C GLY A 53 -20.22 10.33 -6.06
N THR A 54 -18.98 10.34 -5.60
CA THR A 54 -18.30 11.59 -5.28
C THR A 54 -16.86 11.56 -5.77
N GLU A 55 -16.37 12.71 -6.24
CA GLU A 55 -15.01 12.82 -6.74
C GLU A 55 -14.07 13.35 -5.66
N THR A 56 -14.55 13.34 -4.42
CA THR A 56 -13.76 13.83 -3.29
C THR A 56 -13.09 12.67 -2.55
N LEU A 57 -11.77 12.58 -2.68
CA LEU A 57 -11.01 11.52 -2.03
C LEU A 57 -9.51 11.71 -2.24
N GLY A 58 -8.72 11.18 -1.32
CA GLY A 58 -7.28 11.31 -1.42
C GLY A 58 -6.71 12.32 -0.44
N TYR A 59 -7.26 12.36 0.77
CA TYR A 59 -6.81 13.28 1.79
C TYR A 59 -5.68 12.67 2.63
N CYS A 60 -4.58 13.41 2.76
CA CYS A 60 -3.44 12.94 3.54
C CYS A 60 -3.42 13.58 4.92
N THR A 61 -3.61 12.76 5.95
CA THR A 61 -3.61 13.25 7.33
C THR A 61 -2.24 13.10 7.97
N ASP A 62 -1.77 11.86 8.08
CA ASP A 62 -0.47 11.59 8.68
C ASP A 62 0.58 11.33 7.60
N PHE A 63 1.85 11.37 7.99
CA PHE A 63 2.94 11.14 7.06
C PHE A 63 4.24 10.86 7.80
N GLN A 64 4.88 9.74 7.46
CA GLN A 64 6.13 9.35 8.10
C GLN A 64 7.05 8.65 7.10
N ALA A 65 8.13 9.33 6.72
CA ALA A 65 9.10 8.78 5.78
C ALA A 65 10.05 7.82 6.48
N VAL A 66 10.56 6.84 5.73
CA VAL A 66 11.49 5.87 6.28
C VAL A 66 12.51 5.43 5.23
N PRO A 67 13.59 6.21 5.09
CA PRO A 67 14.65 5.93 4.12
C PRO A 67 15.47 4.70 4.51
N GLY A 68 15.20 3.58 3.84
CA GLY A 68 15.93 2.36 4.12
C GLY A 68 15.00 1.18 4.38
N CYS A 69 13.70 1.43 4.30
CA CYS A 69 12.70 0.39 4.53
C CYS A 69 11.46 0.63 3.69
N GLY A 70 10.99 1.88 3.69
CA GLY A 70 9.81 2.22 2.92
C GLY A 70 9.18 3.53 3.38
N ILE A 71 7.86 3.59 3.34
CA ILE A 71 7.14 4.80 3.75
C ILE A 71 5.85 4.44 4.48
N GLY A 72 5.47 5.27 5.44
CA GLY A 72 4.25 5.04 6.20
C GLY A 72 3.50 6.31 6.51
N CYS A 73 2.28 6.42 6.00
CA CYS A 73 1.46 7.60 6.23
C CYS A 73 0.01 7.20 6.50
N LYS A 74 -0.88 8.20 6.51
CA LYS A 74 -2.29 7.96 6.76
C LYS A 74 -3.15 8.87 5.90
N VAL A 75 -4.04 8.28 5.10
CA VAL A 75 -4.93 9.04 4.23
C VAL A 75 -6.36 8.52 4.32
N SER A 76 -7.32 9.44 4.40
CA SER A 76 -8.72 9.07 4.49
C SER A 76 -9.61 10.28 4.26
N ASN A 77 -10.56 10.16 3.34
CA ASN A 77 -11.48 11.24 3.02
C ASN A 77 -12.78 11.11 3.81
N VAL A 78 -12.95 9.95 4.46
CA VAL A 78 -14.14 9.71 5.27
C VAL A 78 -14.42 10.87 6.21
N GLU A 79 -13.36 11.49 6.71
CA GLU A 79 -13.50 12.62 7.63
C GLU A 79 -13.84 13.90 6.87
N GLY A 80 -13.29 14.04 5.67
CA GLY A 80 -13.54 15.22 4.86
C GLY A 80 -14.89 15.16 4.17
N ILE A 81 -15.49 13.98 4.15
CA ILE A 81 -16.79 13.80 3.52
C ILE A 81 -17.91 13.72 4.56
N LEU A 82 -17.61 13.08 5.69
CA LEU A 82 -18.58 12.93 6.77
C LEU A 82 -18.42 14.03 7.81
N ALA A 83 -17.17 14.33 8.14
CA ALA A 83 -16.86 15.37 9.12
C ALA A 83 -17.48 15.03 10.48
N ALA A 84 -17.61 13.73 10.75
CA ALA A 84 -18.17 13.28 12.02
C ALA A 84 -17.31 12.19 12.64
N VAL A 85 -17.13 11.09 11.92
CA VAL A 85 -16.32 9.98 12.41
C VAL A 85 -15.06 9.81 11.57
N PRO A 86 -14.04 10.63 11.87
CA PRO A 86 -12.76 10.58 11.15
C PRO A 86 -11.97 9.32 11.46
N GLN A 87 -11.38 8.73 10.43
CA GLN A 87 -10.59 7.51 10.59
C GLN A 87 -9.34 7.54 9.70
N THR A 88 -8.20 7.80 10.32
CA THR A 88 -6.94 7.87 9.59
C THR A 88 -6.48 6.48 9.16
N PHE A 89 -6.70 6.15 7.90
CA PHE A 89 -6.30 4.85 7.36
C PHE A 89 -4.79 4.79 7.15
N SER A 90 -4.12 3.94 7.92
CA SER A 90 -2.67 3.78 7.81
C SER A 90 -2.30 3.10 6.49
N VAL A 91 -1.24 3.60 5.86
CA VAL A 91 -0.78 3.05 4.60
C VAL A 91 0.74 2.96 4.56
N LEU A 92 1.26 1.74 4.68
CA LEU A 92 2.70 1.51 4.67
C LEU A 92 3.13 0.80 3.39
N ILE A 93 4.34 1.10 2.92
CA ILE A 93 4.87 0.50 1.71
C ILE A 93 6.39 0.36 1.77
N GLY A 94 6.86 -0.88 1.95
CA GLY A 94 8.28 -1.12 2.03
C GLY A 94 8.65 -2.53 1.62
N ASN A 95 9.93 -2.75 1.33
CA ASN A 95 10.41 -4.06 0.92
C ASN A 95 10.64 -4.96 2.13
N ARG A 96 11.35 -6.06 1.93
CA ARG A 96 11.64 -7.01 3.01
C ARG A 96 12.16 -6.27 4.23
N GLU A 97 13.07 -5.33 4.01
CA GLU A 97 13.65 -4.55 5.11
C GLU A 97 12.56 -3.99 6.01
N TRP A 98 11.50 -3.48 5.39
CA TRP A 98 10.39 -2.89 6.14
C TRP A 98 9.56 -3.99 6.81
N LEU A 99 9.28 -5.05 6.07
CA LEU A 99 8.49 -6.16 6.59
C LEU A 99 9.09 -6.70 7.89
N ARG A 100 10.42 -6.69 7.96
CA ARG A 100 11.12 -7.17 9.14
C ARG A 100 11.31 -6.05 10.16
N ARG A 101 11.51 -4.84 9.67
CA ARG A 101 11.69 -3.67 10.54
C ARG A 101 10.45 -3.45 11.40
N ASN A 102 9.30 -3.85 10.89
CA ASN A 102 8.04 -3.68 11.61
C ASN A 102 7.40 -5.03 11.91
N GLY A 103 7.87 -6.08 11.23
CA GLY A 103 7.33 -7.40 11.45
C GLY A 103 8.41 -8.47 11.39
N LEU A 104 9.54 -8.21 12.01
CA LEU A 104 10.65 -9.15 12.03
C LEU A 104 10.16 -10.56 12.32
N THR A 105 10.15 -11.41 11.29
CA THR A 105 9.69 -12.78 11.43
C THR A 105 10.53 -13.72 10.56
N ILE A 106 10.83 -13.29 9.35
CA ILE A 106 11.62 -14.10 8.42
C ILE A 106 13.07 -14.17 8.88
N SER A 107 13.63 -15.39 8.86
CA SER A 107 15.01 -15.60 9.28
C SER A 107 15.95 -14.64 8.56
N SER A 108 16.92 -14.13 9.30
CA SER A 108 17.89 -13.18 8.74
C SER A 108 18.55 -13.77 7.49
N ASP A 109 18.56 -15.09 7.40
CA ASP A 109 19.17 -15.77 6.26
C ASP A 109 18.36 -15.53 4.99
N VAL A 110 17.08 -15.88 5.03
CA VAL A 110 16.20 -15.70 3.88
C VAL A 110 16.09 -14.23 3.51
N SER A 111 15.93 -13.38 4.51
CA SER A 111 15.81 -11.94 4.28
C SER A 111 17.08 -11.37 3.66
N ASP A 112 18.22 -11.81 4.17
CA ASP A 112 19.51 -11.36 3.66
C ASP A 112 19.67 -11.71 2.18
N ALA A 113 19.42 -12.97 1.85
CA ALA A 113 19.53 -13.45 0.48
C ALA A 113 18.60 -12.65 -0.45
N MET A 114 17.36 -12.48 -0.01
CA MET A 114 16.38 -11.75 -0.79
C MET A 114 16.88 -10.35 -1.14
N THR A 115 17.37 -9.64 -0.13
CA THR A 115 17.89 -8.29 -0.34
C THR A 115 19.20 -8.31 -1.11
N ASP A 116 19.97 -9.38 -0.93
CA ASP A 116 21.25 -9.52 -1.62
C ASP A 116 21.05 -9.73 -3.11
N HIS A 117 19.94 -10.37 -3.47
CA HIS A 117 19.62 -10.63 -4.87
C HIS A 117 18.85 -9.48 -5.48
N GLU A 118 18.09 -8.76 -4.65
CA GLU A 118 17.30 -7.63 -5.11
C GLU A 118 18.19 -6.59 -5.78
N MET A 119 19.44 -6.49 -5.32
CA MET A 119 20.38 -5.54 -5.89
C MET A 119 20.75 -5.92 -7.32
N LYS A 120 20.35 -7.11 -7.74
CA LYS A 120 20.64 -7.60 -9.08
C LYS A 120 19.53 -7.20 -10.05
N GLY A 121 18.56 -6.44 -9.55
CA GLY A 121 17.46 -5.99 -10.39
C GLY A 121 16.10 -6.35 -9.81
N GLN A 122 16.09 -7.33 -8.90
CA GLN A 122 14.85 -7.77 -8.27
C GLN A 122 14.36 -6.74 -7.26
N THR A 123 13.04 -6.60 -7.16
CA THR A 123 12.44 -5.65 -6.24
C THR A 123 11.16 -6.22 -5.62
N ALA A 124 11.22 -6.51 -4.33
CA ALA A 124 10.06 -7.06 -3.62
C ALA A 124 9.51 -6.05 -2.61
N ILE A 125 8.38 -5.44 -2.95
CA ILE A 125 7.76 -4.47 -2.06
C ILE A 125 6.46 -5.00 -1.46
N LEU A 126 6.12 -4.52 -0.27
CA LEU A 126 4.91 -4.96 0.41
C LEU A 126 4.09 -3.77 0.88
N VAL A 127 2.78 -3.84 0.67
CA VAL A 127 1.87 -2.77 1.08
C VAL A 127 1.03 -3.18 2.28
N ALA A 128 1.01 -2.35 3.31
CA ALA A 128 0.23 -2.63 4.51
C ALA A 128 -0.84 -1.57 4.73
N ILE A 129 -1.95 -1.98 5.32
CA ILE A 129 -3.05 -1.06 5.59
C ILE A 129 -3.61 -1.26 7.00
N ASP A 130 -3.49 -0.25 7.83
CA ASP A 130 -3.98 -0.31 9.20
C ASP A 130 -3.26 -1.40 9.99
N GLY A 131 -1.94 -1.46 9.83
CA GLY A 131 -1.16 -2.47 10.53
C GLY A 131 -1.47 -3.87 10.07
N VAL A 132 -1.95 -3.99 8.84
CA VAL A 132 -2.29 -5.30 8.26
C VAL A 132 -1.86 -5.38 6.81
N LEU A 133 -0.95 -6.30 6.52
CA LEU A 133 -0.46 -6.49 5.15
C LEU A 133 -1.62 -6.61 4.16
N CYS A 134 -1.74 -5.63 3.29
CA CYS A 134 -2.81 -5.63 2.29
C CYS A 134 -2.41 -6.46 1.07
N GLY A 135 -1.14 -6.37 0.68
CA GLY A 135 -0.67 -7.11 -0.47
C GLY A 135 0.84 -7.02 -0.63
N MET A 136 1.40 -7.90 -1.46
CA MET A 136 2.83 -7.92 -1.70
C MET A 136 3.14 -8.23 -3.16
N ILE A 137 4.06 -7.48 -3.74
CA ILE A 137 4.44 -7.67 -5.14
C ILE A 137 5.95 -7.69 -5.30
N ALA A 138 6.43 -8.52 -6.21
CA ALA A 138 7.86 -8.63 -6.47
C ALA A 138 8.16 -8.67 -7.97
N ILE A 139 9.02 -7.76 -8.40
CA ILE A 139 9.38 -7.68 -9.82
C ILE A 139 10.79 -8.21 -10.05
N ALA A 140 11.08 -8.58 -11.30
CA ALA A 140 12.39 -9.11 -11.65
C ALA A 140 12.87 -8.53 -12.99
N ASP A 141 13.82 -7.61 -12.91
CA ASP A 141 14.36 -6.98 -14.12
C ASP A 141 15.12 -7.99 -14.96
N ALA A 1 24.92 4.30 -17.95
CA ALA A 1 24.11 5.51 -18.02
C ALA A 1 22.63 5.20 -17.86
N GLY A 2 22.23 4.01 -18.28
CA GLY A 2 20.84 3.60 -18.17
C GLY A 2 20.68 2.11 -18.02
N HIS A 3 21.18 1.57 -16.91
CA HIS A 3 21.09 0.13 -16.66
C HIS A 3 19.89 -0.19 -15.78
N MET A 4 18.88 0.68 -15.83
CA MET A 4 17.67 0.49 -15.03
C MET A 4 16.47 0.19 -15.93
N VAL A 5 16.26 -1.10 -16.21
CA VAL A 5 15.15 -1.51 -17.05
C VAL A 5 14.29 -2.55 -16.34
N PRO A 6 13.55 -2.09 -15.32
CA PRO A 6 12.65 -2.96 -14.53
C PRO A 6 11.45 -3.42 -15.33
N ARG A 7 10.77 -4.44 -14.83
CA ARG A 7 9.59 -4.98 -15.50
C ARG A 7 8.75 -5.82 -14.54
N VAL A 8 7.53 -5.37 -14.27
CA VAL A 8 6.63 -6.08 -13.37
C VAL A 8 6.57 -7.57 -13.71
N MET A 9 6.87 -8.39 -12.72
CA MET A 9 6.85 -9.84 -12.91
C MET A 9 5.48 -10.42 -12.58
N ARG A 10 4.95 -10.05 -11.41
CA ARG A 10 3.64 -10.53 -10.98
C ARG A 10 3.17 -9.76 -9.75
N VAL A 11 1.85 -9.71 -9.56
CA VAL A 11 1.27 -9.02 -8.43
C VAL A 11 0.27 -9.91 -7.69
N LEU A 12 0.34 -9.89 -6.36
CA LEU A 12 -0.56 -10.70 -5.54
C LEU A 12 -1.11 -9.87 -4.38
N LEU A 13 -2.24 -10.31 -3.85
CA LEU A 13 -2.88 -9.63 -2.73
C LEU A 13 -2.94 -10.52 -1.50
N LEU A 14 -2.78 -9.91 -0.32
CA LEU A 14 -2.81 -10.65 0.93
C LEU A 14 -3.97 -10.18 1.81
N GLY A 15 -3.79 -9.04 2.46
CA GLY A 15 -4.82 -8.49 3.32
C GLY A 15 -6.06 -8.06 2.54
N ASP A 16 -7.16 -8.75 2.76
CA ASP A 16 -8.41 -8.43 2.07
C ASP A 16 -9.27 -7.49 2.91
N VAL A 17 -10.43 -7.13 2.39
CA VAL A 17 -11.34 -6.24 3.09
C VAL A 17 -12.73 -6.85 3.22
N ALA A 18 -12.89 -8.04 2.65
CA ALA A 18 -14.18 -8.74 2.71
C ALA A 18 -14.69 -8.83 4.14
N THR A 19 -13.80 -9.19 5.06
CA THR A 19 -14.17 -9.32 6.46
C THR A 19 -14.74 -8.02 7.00
N LEU A 20 -14.34 -6.90 6.40
CA LEU A 20 -14.82 -5.59 6.81
C LEU A 20 -16.11 -5.22 6.09
N PRO A 21 -16.86 -4.28 6.67
CA PRO A 21 -18.13 -3.81 6.09
C PRO A 21 -17.92 -3.00 4.82
N LEU A 22 -19.01 -2.73 4.11
CA LEU A 22 -18.94 -1.96 2.87
C LEU A 22 -18.43 -0.54 3.13
N ARG A 23 -18.87 0.04 4.24
CA ARG A 23 -18.47 1.39 4.61
C ARG A 23 -16.95 1.48 4.75
N LYS A 24 -16.37 0.54 5.50
CA LYS A 24 -14.93 0.51 5.71
C LYS A 24 -14.19 0.26 4.40
N VAL A 25 -14.68 -0.71 3.64
CA VAL A 25 -14.07 -1.05 2.35
C VAL A 25 -14.06 0.15 1.41
N LEU A 26 -15.24 0.74 1.21
CA LEU A 26 -15.37 1.89 0.34
C LEU A 26 -14.46 3.02 0.78
N ALA A 27 -14.51 3.35 2.07
CA ALA A 27 -13.67 4.41 2.62
C ALA A 27 -12.19 4.10 2.44
N VAL A 28 -11.75 3.00 3.06
CA VAL A 28 -10.35 2.59 2.98
C VAL A 28 -9.89 2.53 1.53
N VAL A 29 -10.43 1.57 0.78
CA VAL A 29 -10.07 1.41 -0.63
C VAL A 29 -10.18 2.73 -1.38
N GLY A 30 -11.16 3.54 -0.99
CA GLY A 30 -11.36 4.83 -1.65
C GLY A 30 -10.14 5.73 -1.54
N THR A 31 -9.89 6.23 -0.34
CA THR A 31 -8.75 7.11 -0.10
C THR A 31 -7.44 6.41 -0.40
N ALA A 32 -7.28 5.21 0.15
CA ALA A 32 -6.07 4.43 -0.06
C ALA A 32 -5.70 4.37 -1.54
N ALA A 33 -6.62 3.87 -2.36
CA ALA A 33 -6.39 3.76 -3.79
C ALA A 33 -6.30 5.14 -4.44
N ALA A 34 -7.05 6.09 -3.88
CA ALA A 34 -7.06 7.45 -4.40
C ALA A 34 -5.67 8.07 -4.35
N SER A 35 -4.84 7.58 -3.43
CA SER A 35 -3.49 8.08 -3.27
C SER A 35 -2.47 7.11 -3.87
N SER A 36 -2.93 6.29 -4.80
CA SER A 36 -2.06 5.31 -5.44
C SER A 36 -1.57 5.82 -6.79
N GLU A 37 -0.25 5.78 -7.00
CA GLU A 37 0.34 6.24 -8.25
C GLU A 37 0.42 5.11 -9.26
N HIS A 38 -0.22 3.99 -8.95
CA HIS A 38 -0.22 2.82 -9.83
C HIS A 38 -0.98 3.13 -11.13
N PRO A 39 -0.72 2.32 -12.16
CA PRO A 39 -1.37 2.47 -13.47
C PRO A 39 -2.85 2.11 -13.43
N LEU A 40 -3.29 1.58 -12.30
CA LEU A 40 -4.69 1.19 -12.14
C LEU A 40 -5.42 2.17 -11.24
N GLY A 41 -4.72 3.21 -10.79
CA GLY A 41 -5.31 4.21 -9.93
C GLY A 41 -6.61 4.77 -10.50
N VAL A 42 -6.55 5.23 -11.74
CA VAL A 42 -7.73 5.79 -12.40
C VAL A 42 -8.89 4.80 -12.38
N ALA A 43 -8.58 3.52 -12.53
CA ALA A 43 -9.59 2.47 -12.53
C ALA A 43 -10.24 2.35 -11.15
N VAL A 44 -9.45 1.93 -10.17
CA VAL A 44 -9.95 1.77 -8.80
C VAL A 44 -10.64 3.03 -8.32
N THR A 45 -10.03 4.18 -8.63
CA THR A 45 -10.58 5.47 -8.21
C THR A 45 -11.97 5.68 -8.81
N LYS A 46 -12.08 5.54 -10.12
CA LYS A 46 -13.35 5.71 -10.81
C LYS A 46 -14.43 4.83 -10.21
N TYR A 47 -14.12 3.55 -10.04
CA TYR A 47 -15.07 2.60 -9.48
C TYR A 47 -15.55 3.07 -8.11
N CYS A 48 -14.61 3.22 -7.18
CA CYS A 48 -14.94 3.66 -5.82
C CYS A 48 -15.72 4.96 -5.86
N LYS A 49 -15.35 5.85 -6.77
CA LYS A 49 -16.02 7.15 -6.90
C LYS A 49 -17.48 6.96 -7.33
N GLU A 50 -17.71 5.98 -8.19
CA GLU A 50 -19.06 5.70 -8.66
C GLU A 50 -19.88 4.97 -7.60
N GLU A 51 -19.20 4.22 -6.75
CA GLU A 51 -19.86 3.46 -5.68
C GLU A 51 -20.18 4.37 -4.50
N LEU A 52 -19.32 5.36 -4.27
CA LEU A 52 -19.51 6.29 -3.17
C LEU A 52 -20.39 7.47 -3.61
N GLY A 53 -20.33 7.81 -4.89
CA GLY A 53 -21.12 8.90 -5.41
C GLY A 53 -20.41 10.24 -5.27
N THR A 54 -19.12 10.19 -4.98
CA THR A 54 -18.33 11.40 -4.82
C THR A 54 -16.92 11.22 -5.39
N GLU A 55 -16.43 12.25 -6.08
CA GLU A 55 -15.10 12.20 -6.67
C GLU A 55 -14.07 12.85 -5.75
N THR A 56 -14.46 13.05 -4.49
CA THR A 56 -13.57 13.67 -3.51
C THR A 56 -12.94 12.61 -2.60
N LEU A 57 -11.67 12.31 -2.83
CA LEU A 57 -10.96 11.32 -2.03
C LEU A 57 -9.45 11.43 -2.26
N GLY A 58 -8.69 10.89 -1.31
CA GLY A 58 -7.24 10.93 -1.43
C GLY A 58 -6.62 11.97 -0.50
N TYR A 59 -7.15 12.09 0.70
CA TYR A 59 -6.65 13.05 1.67
C TYR A 59 -5.66 12.40 2.63
N CYS A 60 -4.50 13.02 2.78
CA CYS A 60 -3.46 12.50 3.66
C CYS A 60 -3.37 13.33 4.94
N THR A 61 -3.42 12.65 6.08
CA THR A 61 -3.34 13.32 7.37
C THR A 61 -2.04 12.97 8.10
N ASP A 62 -1.70 11.69 8.11
CA ASP A 62 -0.49 11.23 8.76
C ASP A 62 0.63 11.00 7.75
N PHE A 63 1.82 11.50 8.06
CA PHE A 63 2.97 11.35 7.18
C PHE A 63 4.15 10.74 7.92
N GLN A 64 4.74 9.71 7.32
CA GLN A 64 5.88 9.03 7.93
C GLN A 64 6.89 8.62 6.87
N ALA A 65 8.15 8.98 7.09
CA ALA A 65 9.22 8.64 6.16
C ALA A 65 10.17 7.61 6.75
N VAL A 66 10.70 6.73 5.91
CA VAL A 66 11.63 5.69 6.35
C VAL A 66 12.65 5.37 5.27
N PRO A 67 13.70 6.20 5.19
CA PRO A 67 14.77 6.02 4.20
C PRO A 67 15.63 4.79 4.49
N GLY A 68 15.34 3.69 3.80
CA GLY A 68 16.10 2.47 4.00
C GLY A 68 15.21 1.25 4.14
N CYS A 69 13.89 1.49 4.23
CA CYS A 69 12.93 0.40 4.38
C CYS A 69 11.70 0.65 3.52
N GLY A 70 11.22 1.89 3.54
CA GLY A 70 10.04 2.23 2.77
C GLY A 70 9.41 3.54 3.21
N ILE A 71 8.08 3.62 3.10
CA ILE A 71 7.36 4.82 3.50
C ILE A 71 5.99 4.48 4.09
N GLY A 72 5.49 5.35 4.96
CA GLY A 72 4.20 5.11 5.58
C GLY A 72 3.42 6.40 5.79
N CYS A 73 2.10 6.29 5.77
CA CYS A 73 1.24 7.45 5.95
C CYS A 73 -0.23 7.03 6.05
N LYS A 74 -1.05 7.89 6.65
CA LYS A 74 -2.48 7.61 6.80
C LYS A 74 -3.31 8.58 5.97
N VAL A 75 -4.16 8.02 5.11
CA VAL A 75 -5.01 8.83 4.25
C VAL A 75 -6.46 8.35 4.32
N SER A 76 -7.38 9.29 4.48
CA SER A 76 -8.81 8.96 4.56
C SER A 76 -9.66 10.19 4.28
N ASN A 77 -10.60 10.05 3.35
CA ASN A 77 -11.49 11.15 2.98
C ASN A 77 -12.79 11.09 3.78
N VAL A 78 -13.01 9.97 4.46
CA VAL A 78 -14.21 9.78 5.25
C VAL A 78 -14.46 10.99 6.16
N GLU A 79 -13.38 11.57 6.67
CA GLU A 79 -13.48 12.72 7.55
C GLU A 79 -13.74 14.00 6.75
N GLY A 80 -13.16 14.07 5.56
CA GLY A 80 -13.33 15.23 4.72
C GLY A 80 -14.66 15.24 4.00
N ILE A 81 -15.35 14.09 4.02
CA ILE A 81 -16.65 13.97 3.37
C ILE A 81 -17.78 13.88 4.39
N LEU A 82 -17.51 13.18 5.50
CA LEU A 82 -18.51 13.02 6.55
C LEU A 82 -18.31 14.08 7.65
N ALA A 83 -17.06 14.42 7.90
CA ALA A 83 -16.75 15.43 8.91
C ALA A 83 -17.41 15.09 10.24
N ALA A 84 -17.61 13.80 10.49
CA ALA A 84 -18.25 13.35 11.73
C ALA A 84 -17.60 12.06 12.23
N VAL A 85 -17.42 11.11 11.33
CA VAL A 85 -16.81 9.83 11.68
C VAL A 85 -15.47 9.65 10.98
N PRO A 86 -14.44 10.36 11.48
CA PRO A 86 -13.09 10.29 10.92
C PRO A 86 -12.41 8.95 11.20
N GLN A 87 -11.78 8.39 10.17
CA GLN A 87 -11.10 7.11 10.31
C GLN A 87 -9.79 7.11 9.52
N THR A 88 -8.69 7.30 10.24
CA THR A 88 -7.36 7.32 9.63
C THR A 88 -6.97 5.94 9.11
N PHE A 89 -6.85 5.81 7.80
CA PHE A 89 -6.47 4.54 7.18
C PHE A 89 -4.96 4.47 6.95
N SER A 90 -4.30 3.59 7.70
CA SER A 90 -2.85 3.42 7.59
C SER A 90 -2.49 2.83 6.23
N VAL A 91 -1.43 3.36 5.63
CA VAL A 91 -0.97 2.88 4.33
C VAL A 91 0.54 3.05 4.18
N LEU A 92 1.26 1.93 4.11
CA LEU A 92 2.71 1.97 3.97
C LEU A 92 3.17 1.01 2.88
N ILE A 93 4.36 1.25 2.34
CA ILE A 93 4.91 0.42 1.28
C ILE A 93 6.41 0.20 1.49
N GLY A 94 6.86 -1.02 1.23
CA GLY A 94 8.27 -1.35 1.38
C GLY A 94 8.61 -2.73 0.86
N ASN A 95 9.76 -3.24 1.27
CA ASN A 95 10.20 -4.56 0.84
C ASN A 95 10.28 -5.53 2.02
N ARG A 96 10.94 -6.66 1.81
CA ARG A 96 11.09 -7.66 2.86
C ARG A 96 11.51 -7.02 4.17
N GLU A 97 12.38 -6.01 4.08
CA GLU A 97 12.87 -5.32 5.26
C GLU A 97 11.72 -4.66 6.03
N TRP A 98 10.94 -3.84 5.32
CA TRP A 98 9.81 -3.16 5.93
C TRP A 98 8.76 -4.15 6.41
N LEU A 99 8.42 -5.10 5.55
CA LEU A 99 7.43 -6.12 5.89
C LEU A 99 7.77 -6.80 7.22
N ARG A 100 9.04 -7.15 7.37
CA ARG A 100 9.49 -7.81 8.60
C ARG A 100 9.70 -6.79 9.72
N ARG A 101 9.94 -5.53 9.34
CA ARG A 101 10.14 -4.47 10.31
C ARG A 101 8.84 -4.13 11.02
N ASN A 102 7.73 -4.30 10.32
CA ASN A 102 6.42 -4.00 10.88
C ASN A 102 5.66 -5.28 11.21
N GLY A 103 6.08 -6.38 10.60
CA GLY A 103 5.43 -7.66 10.85
C GLY A 103 6.05 -8.41 12.01
N LEU A 104 7.34 -8.17 12.25
CA LEU A 104 8.04 -8.84 13.34
C LEU A 104 9.23 -7.99 13.81
N THR A 105 10.08 -8.60 14.64
CA THR A 105 11.24 -7.90 15.16
C THR A 105 12.40 -7.91 14.16
N ILE A 106 13.06 -9.07 14.05
CA ILE A 106 14.17 -9.22 13.13
C ILE A 106 14.36 -10.68 12.73
N SER A 107 14.75 -10.90 11.48
CA SER A 107 14.96 -12.24 10.97
C SER A 107 16.12 -12.28 9.99
N SER A 108 17.21 -12.94 10.39
CA SER A 108 18.40 -13.05 9.54
C SER A 108 18.08 -13.75 8.23
N ASP A 109 17.06 -14.61 8.27
CA ASP A 109 16.64 -15.35 7.08
C ASP A 109 15.91 -14.44 6.10
N VAL A 110 15.00 -13.64 6.61
CA VAL A 110 14.23 -12.71 5.78
C VAL A 110 15.13 -11.66 5.15
N SER A 111 16.03 -11.09 5.95
CA SER A 111 16.95 -10.07 5.48
C SER A 111 17.94 -10.65 4.48
N ASP A 112 18.50 -11.81 4.82
CA ASP A 112 19.47 -12.48 3.96
C ASP A 112 18.85 -12.78 2.58
N ALA A 113 17.62 -13.29 2.60
CA ALA A 113 16.93 -13.62 1.36
C ALA A 113 16.62 -12.37 0.55
N MET A 114 16.13 -11.33 1.24
CA MET A 114 15.80 -10.08 0.58
C MET A 114 16.99 -9.54 -0.21
N THR A 115 18.13 -9.42 0.45
CA THR A 115 19.34 -8.91 -0.19
C THR A 115 19.90 -9.94 -1.17
N ASP A 116 19.65 -11.21 -0.90
CA ASP A 116 20.13 -12.29 -1.76
C ASP A 116 19.56 -12.15 -3.17
N HIS A 117 18.25 -11.90 -3.25
CA HIS A 117 17.58 -11.76 -4.53
C HIS A 117 17.74 -10.35 -5.07
N GLU A 118 17.78 -9.38 -4.16
CA GLU A 118 17.92 -7.97 -4.55
C GLU A 118 19.25 -7.74 -5.27
N MET A 119 20.26 -8.53 -4.90
CA MET A 119 21.58 -8.40 -5.51
C MET A 119 21.53 -8.81 -6.98
N LYS A 120 20.45 -9.46 -7.39
CA LYS A 120 20.28 -9.89 -8.77
C LYS A 120 19.48 -8.88 -9.57
N GLY A 121 18.98 -7.86 -8.88
CA GLY A 121 18.20 -6.83 -9.55
C GLY A 121 16.72 -6.91 -9.21
N GLN A 122 16.31 -8.05 -8.68
CA GLN A 122 14.91 -8.25 -8.32
C GLN A 122 14.40 -7.11 -7.45
N THR A 123 13.13 -6.75 -7.63
CA THR A 123 12.52 -5.68 -6.86
C THR A 123 11.24 -6.15 -6.18
N ALA A 124 11.38 -6.64 -4.94
CA ALA A 124 10.23 -7.12 -4.18
C ALA A 124 9.69 -6.03 -3.26
N ILE A 125 8.47 -5.57 -3.55
CA ILE A 125 7.85 -4.53 -2.74
C ILE A 125 6.37 -4.83 -2.51
N LEU A 126 5.93 -4.70 -1.26
CA LEU A 126 4.54 -4.97 -0.91
C LEU A 126 3.92 -3.74 -0.23
N VAL A 127 2.60 -3.75 -0.13
CA VAL A 127 1.88 -2.64 0.51
C VAL A 127 1.03 -3.14 1.67
N ALA A 128 1.12 -2.44 2.80
CA ALA A 128 0.36 -2.81 3.98
C ALA A 128 -0.64 -1.72 4.35
N ILE A 129 -1.78 -2.13 4.90
CA ILE A 129 -2.82 -1.20 5.30
C ILE A 129 -3.31 -1.48 6.72
N ASP A 130 -3.35 -0.43 7.53
CA ASP A 130 -3.80 -0.57 8.91
C ASP A 130 -2.90 -1.52 9.70
N GLY A 131 -1.61 -1.52 9.35
CA GLY A 131 -0.67 -2.39 10.03
C GLY A 131 -0.81 -3.84 9.61
N VAL A 132 -1.34 -4.07 8.42
CA VAL A 132 -1.54 -5.42 7.91
C VAL A 132 -1.32 -5.47 6.40
N LEU A 133 -0.37 -6.29 5.98
CA LEU A 133 -0.05 -6.45 4.56
C LEU A 133 -1.33 -6.62 3.74
N CYS A 134 -1.50 -5.79 2.72
CA CYS A 134 -2.67 -5.85 1.86
C CYS A 134 -2.34 -6.56 0.55
N GLY A 135 -1.11 -6.39 0.09
CA GLY A 135 -0.69 -7.01 -1.15
C GLY A 135 0.82 -6.97 -1.35
N MET A 136 1.32 -7.80 -2.26
CA MET A 136 2.75 -7.85 -2.54
C MET A 136 3.01 -7.86 -4.04
N ILE A 137 3.93 -7.01 -4.48
CA ILE A 137 4.27 -6.93 -5.89
C ILE A 137 5.71 -7.38 -6.14
N ALA A 138 5.92 -8.08 -7.25
CA ALA A 138 7.25 -8.56 -7.60
C ALA A 138 7.67 -8.06 -8.98
N ILE A 139 8.79 -7.34 -9.02
CA ILE A 139 9.30 -6.80 -10.28
C ILE A 139 10.69 -7.34 -10.59
N ALA A 140 10.97 -7.55 -11.87
CA ALA A 140 12.26 -8.07 -12.30
C ALA A 140 12.53 -9.44 -11.70
N ASP A 141 11.47 -10.11 -11.26
CA ASP A 141 11.59 -11.43 -10.67
C ASP A 141 11.88 -12.48 -11.75
N ALA A 1 20.05 -3.02 -10.44
CA ALA A 1 20.98 -1.90 -10.37
C ALA A 1 20.49 -0.73 -11.22
N GLY A 2 19.74 -1.05 -12.27
CA GLY A 2 19.22 -0.01 -13.15
C GLY A 2 18.96 -0.52 -14.56
N HIS A 3 17.92 -1.31 -14.72
CA HIS A 3 17.57 -1.87 -16.02
C HIS A 3 16.38 -1.12 -16.63
N MET A 4 16.41 -0.96 -17.95
CA MET A 4 15.34 -0.26 -18.65
C MET A 4 14.35 -1.26 -19.26
N VAL A 5 14.19 -2.40 -18.60
CA VAL A 5 13.27 -3.44 -19.08
C VAL A 5 12.47 -4.03 -17.93
N PRO A 6 11.52 -3.23 -17.41
CA PRO A 6 10.66 -3.65 -16.30
C PRO A 6 9.66 -4.74 -16.72
N ARG A 7 9.46 -5.72 -15.85
CA ARG A 7 8.54 -6.82 -16.14
C ARG A 7 8.11 -7.51 -14.84
N VAL A 8 6.85 -7.35 -14.48
CA VAL A 8 6.32 -7.96 -13.27
C VAL A 8 6.57 -9.46 -13.25
N MET A 9 7.17 -9.94 -12.17
CA MET A 9 7.48 -11.36 -12.03
C MET A 9 6.33 -12.09 -11.34
N ARG A 10 5.87 -11.55 -10.22
CA ARG A 10 4.78 -12.15 -9.46
C ARG A 10 4.00 -11.09 -8.69
N VAL A 11 2.75 -11.40 -8.37
CA VAL A 11 1.90 -10.47 -7.64
C VAL A 11 0.75 -11.21 -6.94
N LEU A 12 0.43 -10.77 -5.73
CA LEU A 12 -0.65 -11.38 -4.96
C LEU A 12 -1.25 -10.39 -3.97
N LEU A 13 -2.54 -10.53 -3.71
CA LEU A 13 -3.24 -9.65 -2.78
C LEU A 13 -3.73 -10.41 -1.56
N LEU A 14 -3.37 -9.92 -0.37
CA LEU A 14 -3.77 -10.56 0.87
C LEU A 14 -4.98 -9.85 1.48
N GLY A 15 -4.73 -8.69 2.09
CA GLY A 15 -5.82 -7.94 2.69
C GLY A 15 -6.98 -7.71 1.74
N ASP A 16 -8.12 -8.31 2.06
CA ASP A 16 -9.31 -8.17 1.23
C ASP A 16 -10.35 -7.28 1.91
N VAL A 17 -11.25 -6.73 1.12
CA VAL A 17 -12.31 -5.86 1.65
C VAL A 17 -13.69 -6.37 1.25
N ALA A 18 -13.71 -7.42 0.45
CA ALA A 18 -14.97 -8.01 0.00
C ALA A 18 -15.87 -8.36 1.18
N THR A 19 -15.24 -8.69 2.31
CA THR A 19 -15.99 -9.05 3.52
C THR A 19 -16.58 -7.81 4.18
N LEU A 20 -15.93 -6.66 3.98
CA LEU A 20 -16.39 -5.41 4.56
C LEU A 20 -17.61 -4.88 3.82
N PRO A 21 -18.38 -4.02 4.49
CA PRO A 21 -19.59 -3.41 3.92
C PRO A 21 -19.27 -2.42 2.81
N LEU A 22 -20.31 -1.96 2.12
CA LEU A 22 -20.14 -1.00 1.04
C LEU A 22 -19.54 0.31 1.54
N ARG A 23 -20.07 0.79 2.67
CA ARG A 23 -19.59 2.03 3.27
C ARG A 23 -18.09 1.93 3.58
N LYS A 24 -17.71 0.88 4.28
CA LYS A 24 -16.32 0.67 4.64
C LYS A 24 -15.43 0.59 3.40
N VAL A 25 -15.70 -0.38 2.55
CA VAL A 25 -14.93 -0.55 1.32
C VAL A 25 -14.87 0.74 0.52
N LEU A 26 -15.97 1.47 0.50
CA LEU A 26 -16.04 2.74 -0.22
C LEU A 26 -15.01 3.72 0.31
N ALA A 27 -15.13 4.09 1.58
CA ALA A 27 -14.20 5.02 2.21
C ALA A 27 -12.78 4.50 2.13
N VAL A 28 -12.56 3.29 2.63
CA VAL A 28 -11.24 2.68 2.61
C VAL A 28 -10.61 2.75 1.23
N VAL A 29 -11.17 1.98 0.29
CA VAL A 29 -10.67 1.96 -1.07
C VAL A 29 -10.59 3.36 -1.66
N GLY A 30 -11.49 4.23 -1.22
CA GLY A 30 -11.51 5.59 -1.71
C GLY A 30 -10.20 6.32 -1.45
N THR A 31 -9.92 6.57 -0.16
CA THR A 31 -8.70 7.27 0.22
C THR A 31 -7.47 6.40 -0.05
N ALA A 32 -7.54 5.13 0.35
CA ALA A 32 -6.44 4.20 0.16
C ALA A 32 -5.94 4.24 -1.28
N ALA A 33 -6.86 4.06 -2.23
CA ALA A 33 -6.51 4.06 -3.64
C ALA A 33 -6.20 5.49 -4.12
N ALA A 34 -6.90 6.46 -3.55
CA ALA A 34 -6.69 7.85 -3.91
C ALA A 34 -5.24 8.26 -3.74
N SER A 35 -4.54 7.58 -2.85
CA SER A 35 -3.13 7.87 -2.59
C SER A 35 -2.23 6.85 -3.26
N SER A 36 -2.75 6.20 -4.30
CA SER A 36 -1.99 5.19 -5.03
C SER A 36 -1.20 5.81 -6.17
N GLU A 37 0.12 5.64 -6.13
CA GLU A 37 0.99 6.19 -7.15
C GLU A 37 1.09 5.25 -8.35
N HIS A 38 0.62 4.02 -8.17
CA HIS A 38 0.66 3.02 -9.23
C HIS A 38 0.02 3.57 -10.51
N PRO A 39 0.34 2.93 -11.65
CA PRO A 39 -0.20 3.34 -12.95
C PRO A 39 -1.68 3.05 -13.09
N LEU A 40 -2.25 2.36 -12.10
CA LEU A 40 -3.66 2.03 -12.12
C LEU A 40 -4.43 2.90 -11.13
N GLY A 41 -3.72 3.81 -10.48
CA GLY A 41 -4.37 4.70 -9.52
C GLY A 41 -5.58 5.41 -10.10
N VAL A 42 -5.40 6.02 -11.27
CA VAL A 42 -6.49 6.72 -11.93
C VAL A 42 -7.70 5.81 -12.14
N ALA A 43 -7.43 4.55 -12.46
CA ALA A 43 -8.49 3.58 -12.68
C ALA A 43 -9.25 3.29 -11.38
N VAL A 44 -8.56 2.71 -10.42
CA VAL A 44 -9.16 2.38 -9.14
C VAL A 44 -9.84 3.60 -8.52
N THR A 45 -9.17 4.75 -8.60
CA THR A 45 -9.71 5.99 -8.05
C THR A 45 -11.04 6.36 -8.71
N LYS A 46 -11.02 6.43 -10.05
CA LYS A 46 -12.22 6.77 -10.80
C LYS A 46 -13.38 5.87 -10.42
N TYR A 47 -13.15 4.56 -10.47
CA TYR A 47 -14.19 3.59 -10.12
C TYR A 47 -14.76 3.87 -8.74
N CYS A 48 -13.89 3.89 -7.73
CA CYS A 48 -14.31 4.15 -6.36
C CYS A 48 -15.09 5.45 -6.26
N LYS A 49 -14.64 6.45 -7.01
CA LYS A 49 -15.30 7.75 -7.01
C LYS A 49 -16.72 7.65 -7.59
N GLU A 50 -16.87 6.80 -8.59
CA GLU A 50 -18.17 6.61 -9.23
C GLU A 50 -19.09 5.78 -8.34
N GLU A 51 -18.50 4.91 -7.53
CA GLU A 51 -19.27 4.05 -6.64
C GLU A 51 -19.73 4.83 -5.40
N LEU A 52 -18.89 5.75 -4.96
CA LEU A 52 -19.19 6.57 -3.78
C LEU A 52 -20.06 7.77 -4.16
N GLY A 53 -19.88 8.25 -5.38
CA GLY A 53 -20.65 9.39 -5.85
C GLY A 53 -20.14 10.71 -5.28
N THR A 54 -18.91 10.70 -4.80
CA THR A 54 -18.31 11.90 -4.21
C THR A 54 -16.86 12.05 -4.64
N GLU A 55 -16.47 13.26 -5.03
CA GLU A 55 -15.11 13.52 -5.46
C GLU A 55 -14.20 13.77 -4.26
N THR A 56 -14.78 13.73 -3.07
CA THR A 56 -14.03 13.94 -1.84
C THR A 56 -13.33 12.67 -1.39
N LEU A 57 -12.03 12.61 -1.62
CA LEU A 57 -11.24 11.44 -1.24
C LEU A 57 -9.75 11.67 -1.48
N GLY A 58 -8.91 11.10 -0.62
CA GLY A 58 -7.48 11.27 -0.76
C GLY A 58 -6.90 12.22 0.27
N TYR A 59 -7.41 12.16 1.49
CA TYR A 59 -6.94 13.03 2.57
C TYR A 59 -5.90 12.31 3.43
N CYS A 60 -4.78 12.98 3.65
CA CYS A 60 -3.70 12.42 4.44
C CYS A 60 -3.59 13.13 5.79
N THR A 61 -3.89 12.41 6.86
CA THR A 61 -3.83 12.97 8.21
C THR A 61 -2.45 12.80 8.82
N ASP A 62 -1.97 11.56 8.85
CA ASP A 62 -0.66 11.25 9.41
C ASP A 62 0.37 11.05 8.29
N PHE A 63 1.63 11.29 8.61
CA PHE A 63 2.71 11.15 7.64
C PHE A 63 4.00 10.71 8.33
N GLN A 64 4.61 9.65 7.80
CA GLN A 64 5.85 9.13 8.36
C GLN A 64 6.76 8.58 7.26
N ALA A 65 8.03 8.97 7.30
CA ALA A 65 9.00 8.53 6.31
C ALA A 65 9.90 7.42 6.88
N VAL A 66 10.39 6.56 5.99
CA VAL A 66 11.25 5.46 6.40
C VAL A 66 12.30 5.16 5.33
N PRO A 67 13.37 5.96 5.32
CA PRO A 67 14.47 5.80 4.37
C PRO A 67 15.29 4.54 4.63
N GLY A 68 14.99 3.48 3.87
CA GLY A 68 15.72 2.23 4.04
C GLY A 68 14.79 1.04 4.09
N CYS A 69 13.49 1.29 4.08
CA CYS A 69 12.49 0.23 4.14
C CYS A 69 11.26 0.59 3.31
N GLY A 70 10.82 1.83 3.43
CA GLY A 70 9.66 2.28 2.68
C GLY A 70 9.07 3.56 3.24
N ILE A 71 7.75 3.59 3.37
CA ILE A 71 7.06 4.77 3.89
C ILE A 71 5.73 4.39 4.54
N GLY A 72 5.30 5.18 5.51
CA GLY A 72 4.04 4.92 6.19
C GLY A 72 3.30 6.19 6.56
N CYS A 73 1.98 6.17 6.36
CA CYS A 73 1.16 7.33 6.67
C CYS A 73 -0.29 6.91 6.90
N LYS A 74 -1.13 7.88 7.25
CA LYS A 74 -2.55 7.62 7.49
C LYS A 74 -3.43 8.54 6.63
N VAL A 75 -4.24 7.93 5.76
CA VAL A 75 -5.13 8.68 4.89
C VAL A 75 -6.54 8.10 4.92
N SER A 76 -7.53 8.99 5.01
CA SER A 76 -8.93 8.56 5.06
C SER A 76 -9.86 9.76 4.92
N ASN A 77 -10.81 9.66 3.99
CA ASN A 77 -11.76 10.74 3.77
C ASN A 77 -13.03 10.52 4.58
N VAL A 78 -13.13 9.36 5.20
CA VAL A 78 -14.30 9.03 6.03
C VAL A 78 -14.62 10.15 7.01
N GLU A 79 -13.57 10.84 7.48
CA GLU A 79 -13.74 11.93 8.43
C GLU A 79 -14.20 13.19 7.71
N GLY A 80 -13.72 13.39 6.49
CA GLY A 80 -14.08 14.56 5.72
C GLY A 80 -15.46 14.44 5.11
N ILE A 81 -15.97 13.22 5.04
CA ILE A 81 -17.28 12.97 4.46
C ILE A 81 -18.33 12.81 5.55
N LEU A 82 -17.93 12.24 6.68
CA LEU A 82 -18.85 12.03 7.79
C LEU A 82 -18.77 13.19 8.79
N ALA A 83 -17.55 13.58 9.14
CA ALA A 83 -17.33 14.68 10.07
C ALA A 83 -17.89 14.35 11.45
N ALA A 84 -17.99 13.05 11.74
CA ALA A 84 -18.50 12.60 13.03
C ALA A 84 -17.69 11.43 13.56
N VAL A 85 -17.43 10.46 12.70
CA VAL A 85 -16.67 9.27 13.08
C VAL A 85 -15.41 9.12 12.22
N PRO A 86 -14.38 9.92 12.53
CA PRO A 86 -13.11 9.89 11.80
C PRO A 86 -12.32 8.61 12.05
N GLN A 87 -11.74 8.07 10.98
CA GLN A 87 -10.96 6.84 11.07
C GLN A 87 -9.71 6.92 10.20
N THR A 88 -8.57 7.16 10.83
CA THR A 88 -7.30 7.25 10.11
C THR A 88 -6.84 5.89 9.62
N PHE A 89 -6.91 5.67 8.32
CA PHE A 89 -6.50 4.40 7.74
C PHE A 89 -4.99 4.35 7.55
N SER A 90 -4.34 3.41 8.21
CA SER A 90 -2.89 3.26 8.12
C SER A 90 -2.49 2.65 6.77
N VAL A 91 -1.43 3.20 6.19
CA VAL A 91 -0.95 2.71 4.90
C VAL A 91 0.58 2.74 4.84
N LEU A 92 1.19 1.57 4.88
CA LEU A 92 2.64 1.45 4.82
C LEU A 92 3.08 0.58 3.65
N ILE A 93 3.95 1.12 2.81
CA ILE A 93 4.44 0.40 1.65
C ILE A 93 5.96 0.28 1.69
N GLY A 94 6.46 -0.94 1.54
CA GLY A 94 7.89 -1.17 1.56
C GLY A 94 8.27 -2.54 1.03
N ASN A 95 9.58 -2.80 0.95
CA ASN A 95 10.07 -4.09 0.47
C ASN A 95 10.34 -5.04 1.62
N ARG A 96 11.05 -6.13 1.32
CA ARG A 96 11.38 -7.12 2.34
C ARG A 96 11.89 -6.45 3.62
N GLU A 97 12.77 -5.47 3.47
CA GLU A 97 13.32 -4.74 4.60
C GLU A 97 12.21 -4.21 5.50
N TRP A 98 11.18 -3.64 4.88
CA TRP A 98 10.05 -3.09 5.63
C TRP A 98 9.26 -4.20 6.30
N LEU A 99 9.03 -5.29 5.58
CA LEU A 99 8.28 -6.41 6.11
C LEU A 99 8.88 -6.89 7.44
N ARG A 100 10.20 -7.01 7.48
CA ARG A 100 10.89 -7.46 8.68
C ARG A 100 11.09 -6.29 9.65
N ARG A 101 11.18 -5.08 9.11
CA ARG A 101 11.37 -3.89 9.93
C ARG A 101 10.11 -3.58 10.73
N ASN A 102 8.97 -4.06 10.25
CA ASN A 102 7.69 -3.83 10.91
C ASN A 102 7.12 -5.13 11.46
N GLY A 103 7.59 -6.25 10.92
CA GLY A 103 7.12 -7.55 11.37
C GLY A 103 7.92 -8.09 12.53
N LEU A 104 9.20 -7.73 12.60
CA LEU A 104 10.07 -8.18 13.67
C LEU A 104 11.21 -7.18 13.91
N THR A 105 12.19 -7.59 14.68
CA THR A 105 13.33 -6.74 15.00
C THR A 105 14.41 -6.85 13.93
N ILE A 106 15.14 -7.96 13.95
CA ILE A 106 16.20 -8.20 12.98
C ILE A 106 16.43 -9.69 12.75
N SER A 107 16.71 -10.06 11.52
CA SER A 107 16.94 -11.46 11.17
C SER A 107 18.02 -11.58 10.10
N SER A 108 19.16 -12.15 10.47
CA SER A 108 20.27 -12.32 9.54
C SER A 108 19.83 -13.13 8.32
N ASP A 109 18.86 -14.00 8.51
CA ASP A 109 18.35 -14.83 7.42
C ASP A 109 17.51 -14.01 6.45
N VAL A 110 16.57 -13.25 6.99
CA VAL A 110 15.70 -12.41 6.18
C VAL A 110 16.49 -11.33 5.46
N SER A 111 17.41 -10.70 6.19
CA SER A 111 18.24 -9.64 5.63
C SER A 111 19.17 -10.19 4.54
N ASP A 112 19.79 -11.32 4.84
CA ASP A 112 20.70 -11.97 3.89
C ASP A 112 19.98 -12.30 2.59
N ALA A 113 18.80 -12.91 2.70
CA ALA A 113 18.02 -13.27 1.53
C ALA A 113 17.50 -12.04 0.80
N MET A 114 17.03 -11.07 1.57
CA MET A 114 16.50 -9.83 1.00
C MET A 114 17.51 -9.19 0.06
N THR A 115 18.72 -8.93 0.58
CA THR A 115 19.77 -8.32 -0.22
C THR A 115 20.30 -9.29 -1.27
N ASP A 116 20.23 -10.58 -0.97
CA ASP A 116 20.71 -11.61 -1.89
C ASP A 116 19.98 -11.52 -3.22
N HIS A 117 18.66 -11.42 -3.17
CA HIS A 117 17.84 -11.33 -4.37
C HIS A 117 17.82 -9.90 -4.91
N GLU A 118 17.89 -8.93 -4.00
CA GLU A 118 17.88 -7.52 -4.38
C GLU A 118 19.11 -7.18 -5.21
N MET A 119 20.18 -7.95 -5.03
CA MET A 119 21.41 -7.72 -5.77
C MET A 119 21.23 -8.02 -7.25
N LYS A 120 20.11 -8.66 -7.59
CA LYS A 120 19.81 -9.00 -8.97
C LYS A 120 19.00 -7.90 -9.65
N GLY A 121 18.64 -6.88 -8.88
CA GLY A 121 17.88 -5.77 -9.41
C GLY A 121 16.39 -5.93 -9.18
N GLN A 122 15.98 -7.10 -8.71
CA GLN A 122 14.57 -7.37 -8.45
C GLN A 122 13.96 -6.29 -7.58
N THR A 123 12.69 -5.98 -7.83
CA THR A 123 11.99 -4.94 -7.07
C THR A 123 10.74 -5.52 -6.41
N ALA A 124 10.87 -5.89 -5.14
CA ALA A 124 9.76 -6.46 -4.39
C ALA A 124 9.13 -5.40 -3.48
N ILE A 125 7.95 -4.92 -3.86
CA ILE A 125 7.25 -3.91 -3.07
C ILE A 125 5.87 -4.41 -2.65
N LEU A 126 5.55 -4.23 -1.37
CA LEU A 126 4.26 -4.67 -0.84
C LEU A 126 3.60 -3.54 -0.04
N VAL A 127 2.28 -3.47 -0.11
CA VAL A 127 1.52 -2.44 0.61
C VAL A 127 0.68 -3.06 1.71
N ALA A 128 0.71 -2.45 2.88
CA ALA A 128 -0.06 -2.93 4.02
C ALA A 128 -1.02 -1.85 4.53
N ILE A 129 -2.19 -2.29 5.01
CA ILE A 129 -3.20 -1.37 5.52
C ILE A 129 -3.51 -1.67 6.98
N ASP A 130 -3.57 -0.62 7.79
CA ASP A 130 -3.88 -0.77 9.21
C ASP A 130 -3.01 -1.86 9.84
N GLY A 131 -1.77 -1.97 9.38
CA GLY A 131 -0.86 -2.97 9.90
C GLY A 131 -1.18 -4.35 9.40
N VAL A 132 -1.80 -4.42 8.23
CA VAL A 132 -2.17 -5.71 7.63
C VAL A 132 -1.85 -5.73 6.14
N LEU A 133 -0.90 -6.58 5.75
CA LEU A 133 -0.51 -6.69 4.35
C LEU A 133 -1.73 -6.80 3.45
N CYS A 134 -1.86 -5.85 2.53
CA CYS A 134 -2.99 -5.84 1.60
C CYS A 134 -2.60 -6.47 0.27
N GLY A 135 -1.37 -6.24 -0.16
CA GLY A 135 -0.89 -6.79 -1.41
C GLY A 135 0.62 -6.73 -1.55
N MET A 136 1.18 -7.69 -2.27
CA MET A 136 2.63 -7.75 -2.46
C MET A 136 2.95 -8.10 -3.92
N ILE A 137 3.79 -7.28 -4.54
CA ILE A 137 4.20 -7.50 -5.92
C ILE A 137 5.71 -7.51 -6.06
N ALA A 138 6.22 -8.34 -6.96
CA ALA A 138 7.65 -8.44 -7.19
C ALA A 138 7.98 -8.36 -8.68
N ILE A 139 8.81 -7.40 -9.05
CA ILE A 139 9.20 -7.21 -10.44
C ILE A 139 10.59 -7.78 -10.70
N ALA A 140 10.77 -8.33 -11.90
CA ALA A 140 12.06 -8.90 -12.28
C ALA A 140 12.49 -8.43 -13.66
N ASP A 141 13.70 -7.88 -13.75
CA ASP A 141 14.22 -7.38 -15.01
C ASP A 141 14.94 -8.49 -15.78
N ALA A 1 21.04 -4.08 -19.25
CA ALA A 1 22.29 -3.34 -19.17
C ALA A 1 22.07 -1.96 -18.55
N GLY A 2 20.91 -1.37 -18.83
CA GLY A 2 20.60 -0.06 -18.29
C GLY A 2 19.25 -0.02 -17.60
N HIS A 3 18.80 -1.18 -17.13
CA HIS A 3 17.52 -1.28 -16.44
C HIS A 3 16.40 -0.71 -17.30
N MET A 4 16.56 -0.82 -18.62
CA MET A 4 15.55 -0.32 -19.55
C MET A 4 14.64 -1.45 -20.02
N VAL A 5 14.46 -2.46 -19.17
CA VAL A 5 13.62 -3.59 -19.50
C VAL A 5 12.95 -4.15 -18.24
N PRO A 6 11.95 -3.43 -17.73
CA PRO A 6 11.22 -3.84 -16.52
C PRO A 6 10.33 -5.06 -16.78
N ARG A 7 10.26 -5.95 -15.79
CA ARG A 7 9.46 -7.15 -15.90
C ARG A 7 9.14 -7.72 -14.52
N VAL A 8 7.86 -7.64 -14.13
CA VAL A 8 7.42 -8.15 -12.84
C VAL A 8 7.80 -9.62 -12.66
N MET A 9 8.13 -10.00 -11.43
CA MET A 9 8.51 -11.37 -11.13
C MET A 9 7.33 -12.15 -10.57
N ARG A 10 6.62 -11.55 -9.62
CA ARG A 10 5.48 -12.18 -8.99
C ARG A 10 4.72 -11.19 -8.11
N VAL A 11 3.45 -11.49 -7.85
CA VAL A 11 2.61 -10.62 -7.02
C VAL A 11 1.44 -11.40 -6.43
N LEU A 12 1.15 -11.13 -5.16
CA LEU A 12 0.05 -11.80 -4.48
C LEU A 12 -0.58 -10.89 -3.43
N LEU A 13 -1.91 -10.87 -3.38
CA LEU A 13 -2.63 -10.05 -2.42
C LEU A 13 -3.23 -10.90 -1.31
N LEU A 14 -2.97 -10.49 -0.06
CA LEU A 14 -3.48 -11.22 1.09
C LEU A 14 -4.60 -10.44 1.77
N GLY A 15 -4.23 -9.38 2.47
CA GLY A 15 -5.21 -8.56 3.16
C GLY A 15 -6.29 -8.03 2.22
N ASP A 16 -7.51 -8.50 2.43
CA ASP A 16 -8.64 -8.08 1.59
C ASP A 16 -9.62 -7.22 2.39
N VAL A 17 -10.72 -6.83 1.75
CA VAL A 17 -11.73 -6.01 2.40
C VAL A 17 -13.11 -6.63 2.28
N ALA A 18 -13.17 -7.79 1.61
CA ALA A 18 -14.43 -8.49 1.42
C ALA A 18 -15.17 -8.68 2.74
N THR A 19 -14.42 -9.04 3.78
CA THR A 19 -15.00 -9.26 5.10
C THR A 19 -15.68 -7.99 5.62
N LEU A 20 -15.22 -6.84 5.13
CA LEU A 20 -15.78 -5.55 5.55
C LEU A 20 -17.00 -5.20 4.70
N PRO A 21 -17.84 -4.30 5.23
CA PRO A 21 -19.05 -3.85 4.54
C PRO A 21 -18.73 -2.99 3.32
N LEU A 22 -19.75 -2.72 2.51
CA LEU A 22 -19.59 -1.89 1.32
C LEU A 22 -19.07 -0.50 1.68
N ARG A 23 -19.66 0.09 2.70
CA ARG A 23 -19.26 1.42 3.15
C ARG A 23 -17.76 1.46 3.43
N LYS A 24 -17.29 0.51 4.23
CA LYS A 24 -15.87 0.44 4.57
C LYS A 24 -15.01 0.24 3.33
N VAL A 25 -15.43 -0.68 2.46
CA VAL A 25 -14.69 -0.96 1.24
C VAL A 25 -14.56 0.29 0.37
N LEU A 26 -15.69 0.91 0.06
CA LEU A 26 -15.70 2.12 -0.76
C LEU A 26 -14.80 3.19 -0.15
N ALA A 27 -14.97 3.43 1.14
CA ALA A 27 -14.17 4.43 1.85
C ALA A 27 -12.69 4.08 1.80
N VAL A 28 -12.33 2.95 2.40
CA VAL A 28 -10.95 2.50 2.42
C VAL A 28 -10.33 2.53 1.03
N VAL A 29 -10.81 1.65 0.16
CA VAL A 29 -10.31 1.57 -1.20
C VAL A 29 -10.38 2.94 -1.89
N GLY A 30 -11.35 3.75 -1.50
CA GLY A 30 -11.50 5.07 -2.07
C GLY A 30 -10.27 5.94 -1.87
N THR A 31 -10.03 6.32 -0.62
CA THR A 31 -8.87 7.16 -0.29
C THR A 31 -7.57 6.41 -0.50
N ALA A 32 -7.54 5.15 -0.08
CA ALA A 32 -6.35 4.31 -0.22
C ALA A 32 -5.85 4.31 -1.66
N ALA A 33 -6.74 3.98 -2.59
CA ALA A 33 -6.39 3.95 -4.00
C ALA A 33 -6.08 5.34 -4.53
N ALA A 34 -6.89 6.32 -4.13
CA ALA A 34 -6.70 7.70 -4.55
C ALA A 34 -5.33 8.21 -4.13
N SER A 35 -4.76 7.61 -3.10
CA SER A 35 -3.45 8.01 -2.60
C SER A 35 -2.33 7.31 -3.36
N SER A 36 -2.71 6.52 -4.37
CA SER A 36 -1.75 5.79 -5.17
C SER A 36 -1.64 6.38 -6.57
N GLU A 37 -0.42 6.43 -7.10
CA GLU A 37 -0.18 6.98 -8.42
C GLU A 37 -0.24 5.88 -9.49
N HIS A 38 -0.76 4.72 -9.10
CA HIS A 38 -0.87 3.59 -10.01
C HIS A 38 -1.55 4.01 -11.31
N PRO A 39 -1.32 3.23 -12.38
CA PRO A 39 -1.88 3.50 -13.70
C PRO A 39 -3.39 3.27 -13.74
N LEU A 40 -3.93 2.74 -12.66
CA LEU A 40 -5.36 2.48 -12.57
C LEU A 40 -6.06 3.52 -11.70
N GLY A 41 -5.31 4.54 -11.30
CA GLY A 41 -5.87 5.59 -10.47
C GLY A 41 -7.16 6.14 -11.04
N VAL A 42 -7.13 6.52 -12.31
CA VAL A 42 -8.31 7.06 -12.97
C VAL A 42 -9.50 6.13 -12.84
N ALA A 43 -9.25 4.83 -12.96
CA ALA A 43 -10.30 3.83 -12.85
C ALA A 43 -10.90 3.81 -11.45
N VAL A 44 -10.07 3.51 -10.46
CA VAL A 44 -10.52 3.46 -9.08
C VAL A 44 -11.16 4.78 -8.66
N THR A 45 -10.58 5.88 -9.11
CA THR A 45 -11.10 7.20 -8.78
C THR A 45 -12.53 7.38 -9.27
N LYS A 46 -12.73 7.23 -10.59
CA LYS A 46 -14.05 7.36 -11.18
C LYS A 46 -15.04 6.41 -10.51
N TYR A 47 -14.58 5.20 -10.22
CA TYR A 47 -15.43 4.20 -9.57
C TYR A 47 -15.95 4.69 -8.23
N CYS A 48 -15.05 4.83 -7.27
CA CYS A 48 -15.40 5.29 -5.94
C CYS A 48 -16.10 6.64 -6.00
N LYS A 49 -15.76 7.43 -7.02
CA LYS A 49 -16.35 8.75 -7.20
C LYS A 49 -17.84 8.65 -7.55
N GLU A 50 -18.17 7.66 -8.37
CA GLU A 50 -19.55 7.45 -8.78
C GLU A 50 -20.31 6.63 -7.74
N GLU A 51 -19.57 5.90 -6.92
CA GLU A 51 -20.18 5.08 -5.88
C GLU A 51 -20.54 5.92 -4.67
N LEU A 52 -19.71 6.92 -4.37
CA LEU A 52 -19.94 7.80 -3.24
C LEU A 52 -20.69 9.05 -3.67
N GLY A 53 -20.41 9.52 -4.88
CA GLY A 53 -21.07 10.70 -5.39
C GLY A 53 -20.32 11.97 -5.05
N THR A 54 -19.07 11.83 -4.61
CA THR A 54 -18.24 12.97 -4.25
C THR A 54 -16.86 12.86 -4.86
N GLU A 55 -16.32 13.99 -5.30
CA GLU A 55 -15.00 14.02 -5.91
C GLU A 55 -13.93 14.39 -4.88
N THR A 56 -14.30 14.30 -3.60
CA THR A 56 -13.37 14.63 -2.53
C THR A 56 -12.78 13.36 -1.91
N LEU A 57 -11.48 13.19 -2.05
CA LEU A 57 -10.80 12.02 -1.50
C LEU A 57 -9.28 12.20 -1.55
N GLY A 58 -8.56 11.20 -1.06
CA GLY A 58 -7.11 11.27 -1.07
C GLY A 58 -6.56 12.21 -0.02
N TYR A 59 -7.17 12.19 1.16
CA TYR A 59 -6.75 13.06 2.25
C TYR A 59 -5.69 12.37 3.12
N CYS A 60 -4.58 13.06 3.34
CA CYS A 60 -3.49 12.53 4.15
C CYS A 60 -3.55 13.06 5.57
N THR A 61 -3.71 12.16 6.53
CA THR A 61 -3.79 12.55 7.93
C THR A 61 -2.45 12.32 8.64
N ASP A 62 -1.98 11.08 8.62
CA ASP A 62 -0.72 10.73 9.26
C ASP A 62 0.39 10.62 8.22
N PHE A 63 1.61 11.00 8.62
CA PHE A 63 2.76 10.95 7.73
C PHE A 63 3.99 10.42 8.46
N GLN A 64 4.65 9.44 7.86
CA GLN A 64 5.84 8.85 8.46
C GLN A 64 6.80 8.34 7.38
N ALA A 65 8.07 8.69 7.53
CA ALA A 65 9.09 8.27 6.56
C ALA A 65 9.98 7.18 7.15
N VAL A 66 10.47 6.30 6.28
CA VAL A 66 11.35 5.21 6.71
C VAL A 66 12.40 4.90 5.66
N PRO A 67 13.46 5.74 5.61
CA PRO A 67 14.55 5.58 4.66
C PRO A 67 15.41 4.35 4.96
N GLY A 68 15.08 3.22 4.33
CA GLY A 68 15.83 2.01 4.56
C GLY A 68 14.94 0.78 4.65
N CYS A 69 13.64 1.02 4.72
CA CYS A 69 12.67 -0.08 4.83
C CYS A 69 11.45 0.20 3.95
N GLY A 70 10.98 1.45 3.97
CA GLY A 70 9.82 1.82 3.19
C GLY A 70 9.22 3.14 3.63
N ILE A 71 7.90 3.17 3.75
CA ILE A 71 7.20 4.39 4.17
C ILE A 71 5.88 4.05 4.83
N GLY A 72 5.33 5.01 5.57
CA GLY A 72 4.06 4.80 6.25
C GLY A 72 3.28 6.10 6.43
N CYS A 73 1.96 5.99 6.37
CA CYS A 73 1.10 7.16 6.53
C CYS A 73 -0.37 6.75 6.54
N LYS A 74 -1.22 7.62 7.08
CA LYS A 74 -2.65 7.35 7.16
C LYS A 74 -3.42 8.25 6.19
N VAL A 75 -4.19 7.63 5.30
CA VAL A 75 -4.98 8.38 4.33
C VAL A 75 -6.43 7.91 4.33
N SER A 76 -7.34 8.85 4.51
CA SER A 76 -8.77 8.54 4.53
C SER A 76 -9.61 9.82 4.50
N ASN A 77 -10.55 9.86 3.57
CA ASN A 77 -11.42 11.02 3.42
C ASN A 77 -12.72 10.83 4.19
N VAL A 78 -12.88 9.65 4.79
CA VAL A 78 -14.08 9.34 5.56
C VAL A 78 -14.42 10.46 6.53
N GLU A 79 -13.40 10.96 7.23
CA GLU A 79 -13.57 12.03 8.19
C GLU A 79 -14.10 13.29 7.52
N GLY A 80 -13.54 13.60 6.35
CA GLY A 80 -13.97 14.78 5.62
C GLY A 80 -15.42 14.72 5.19
N ILE A 81 -15.86 13.51 4.84
CA ILE A 81 -17.24 13.30 4.40
C ILE A 81 -18.18 13.25 5.59
N LEU A 82 -18.15 12.15 6.34
CA LEU A 82 -19.00 11.98 7.51
C LEU A 82 -18.90 13.19 8.44
N ALA A 83 -17.69 13.70 8.61
CA ALA A 83 -17.45 14.86 9.46
C ALA A 83 -17.98 14.60 10.88
N ALA A 84 -17.99 13.34 11.27
CA ALA A 84 -18.47 12.97 12.60
C ALA A 84 -17.72 11.75 13.13
N VAL A 85 -17.46 10.79 12.26
CA VAL A 85 -16.75 9.57 12.63
C VAL A 85 -15.49 9.39 11.79
N PRO A 86 -14.42 10.10 12.15
CA PRO A 86 -13.13 10.04 11.45
C PRO A 86 -12.43 8.69 11.65
N GLN A 87 -11.89 8.16 10.57
CA GLN A 87 -11.18 6.88 10.62
C GLN A 87 -9.94 6.90 9.75
N THR A 88 -8.78 7.07 10.39
CA THR A 88 -7.51 7.11 9.66
C THR A 88 -7.08 5.70 9.23
N PHE A 89 -7.00 5.50 7.91
CA PHE A 89 -6.60 4.21 7.37
C PHE A 89 -5.08 4.12 7.23
N SER A 90 -4.47 3.23 8.00
CA SER A 90 -3.02 3.05 7.97
C SER A 90 -2.57 2.51 6.60
N VAL A 91 -1.48 3.05 6.09
CA VAL A 91 -0.94 2.62 4.80
C VAL A 91 0.59 2.55 4.84
N LEU A 92 1.11 1.34 4.84
CA LEU A 92 2.56 1.13 4.86
C LEU A 92 3.04 0.42 3.61
N ILE A 93 4.25 0.75 3.17
CA ILE A 93 4.82 0.13 1.97
C ILE A 93 6.33 0.03 2.07
N GLY A 94 6.84 -1.19 2.16
CA GLY A 94 8.28 -1.39 2.26
C GLY A 94 8.70 -2.76 1.76
N ASN A 95 10.01 -2.93 1.57
CA ASN A 95 10.54 -4.20 1.08
C ASN A 95 10.70 -5.19 2.24
N ARG A 96 11.44 -6.27 1.99
CA ARG A 96 11.67 -7.29 3.00
C ARG A 96 12.11 -6.66 4.32
N GLU A 97 13.03 -5.70 4.24
CA GLU A 97 13.54 -5.01 5.42
C GLU A 97 12.39 -4.51 6.28
N TRP A 98 11.40 -3.89 5.63
CA TRP A 98 10.24 -3.36 6.34
C TRP A 98 9.38 -4.48 6.91
N LEU A 99 9.17 -5.52 6.12
CA LEU A 99 8.36 -6.67 6.54
C LEU A 99 8.88 -7.23 7.86
N ARG A 100 10.19 -7.41 7.94
CA ARG A 100 10.82 -7.94 9.15
C ARG A 100 10.97 -6.86 10.21
N ARG A 101 11.07 -5.62 9.77
CA ARG A 101 11.23 -4.49 10.68
C ARG A 101 9.91 -4.19 11.40
N ASN A 102 8.81 -4.62 10.80
CA ASN A 102 7.49 -4.40 11.38
C ASN A 102 6.88 -5.71 11.87
N GLY A 103 7.37 -6.81 11.33
CA GLY A 103 6.86 -8.12 11.72
C GLY A 103 7.67 -8.74 12.84
N LEU A 104 8.94 -8.35 12.94
CA LEU A 104 9.82 -8.88 13.98
C LEU A 104 10.90 -7.87 14.33
N THR A 105 11.89 -8.31 15.09
CA THR A 105 12.99 -7.44 15.51
C THR A 105 14.03 -7.31 14.40
N ILE A 106 14.86 -8.34 14.24
CA ILE A 106 15.90 -8.34 13.21
C ILE A 106 16.29 -9.76 12.82
N SER A 107 16.58 -9.95 11.54
CA SER A 107 16.97 -11.26 11.03
C SER A 107 18.05 -11.14 9.96
N SER A 108 19.26 -11.59 10.30
CA SER A 108 20.38 -11.52 9.37
C SER A 108 20.10 -12.37 8.12
N ASP A 109 19.27 -13.39 8.27
CA ASP A 109 18.92 -14.26 7.16
C ASP A 109 17.95 -13.58 6.22
N VAL A 110 16.95 -12.90 6.79
CA VAL A 110 15.95 -12.21 5.99
C VAL A 110 16.57 -11.04 5.23
N SER A 111 17.40 -10.26 5.91
CA SER A 111 18.05 -9.12 5.30
C SER A 111 19.06 -9.57 4.25
N ASP A 112 19.87 -10.55 4.60
CA ASP A 112 20.87 -11.07 3.68
C ASP A 112 20.23 -11.63 2.41
N ALA A 113 19.11 -12.33 2.58
CA ALA A 113 18.39 -12.91 1.46
C ALA A 113 17.81 -11.82 0.57
N MET A 114 17.18 -10.84 1.19
CA MET A 114 16.57 -9.73 0.45
C MET A 114 17.60 -9.04 -0.44
N THR A 115 18.69 -8.59 0.16
CA THR A 115 19.74 -7.91 -0.58
C THR A 115 20.45 -8.87 -1.53
N ASP A 116 20.50 -10.15 -1.15
CA ASP A 116 21.14 -11.17 -1.98
C ASP A 116 20.47 -11.26 -3.34
N HIS A 117 19.14 -11.28 -3.33
CA HIS A 117 18.37 -11.37 -4.58
C HIS A 117 18.29 -10.02 -5.27
N GLU A 118 18.25 -8.96 -4.47
CA GLU A 118 18.17 -7.60 -5.01
C GLU A 118 19.39 -7.28 -5.86
N MET A 119 20.45 -8.07 -5.67
CA MET A 119 21.69 -7.86 -6.42
C MET A 119 21.49 -8.13 -7.90
N LYS A 120 20.36 -8.76 -8.24
CA LYS A 120 20.05 -9.09 -9.62
C LYS A 120 19.20 -7.99 -10.26
N GLY A 121 18.84 -6.99 -9.46
CA GLY A 121 18.03 -5.89 -9.96
C GLY A 121 16.59 -5.95 -9.48
N GLN A 122 16.16 -7.13 -9.06
CA GLN A 122 14.80 -7.33 -8.58
C GLN A 122 14.45 -6.29 -7.51
N THR A 123 13.16 -6.18 -7.21
CA THR A 123 12.69 -5.23 -6.21
C THR A 123 11.42 -5.71 -5.54
N ALA A 124 11.54 -6.24 -4.33
CA ALA A 124 10.40 -6.75 -3.59
C ALA A 124 9.78 -5.65 -2.73
N ILE A 125 8.51 -5.36 -2.97
CA ILE A 125 7.79 -4.33 -2.22
C ILE A 125 6.47 -4.86 -1.68
N LEU A 126 6.29 -4.77 -0.37
CA LEU A 126 5.06 -5.24 0.27
C LEU A 126 4.21 -4.06 0.74
N VAL A 127 2.90 -4.18 0.58
CA VAL A 127 1.97 -3.13 0.99
C VAL A 127 1.03 -3.62 2.07
N ALA A 128 0.93 -2.87 3.16
CA ALA A 128 0.05 -3.23 4.26
C ALA A 128 -0.90 -2.09 4.60
N ILE A 129 -2.12 -2.45 5.02
CA ILE A 129 -3.12 -1.46 5.38
C ILE A 129 -3.68 -1.72 6.77
N ASP A 130 -3.88 -0.65 7.54
CA ASP A 130 -4.41 -0.76 8.89
C ASP A 130 -3.62 -1.78 9.70
N GLY A 131 -2.32 -1.84 9.46
CA GLY A 131 -1.47 -2.77 10.18
C GLY A 131 -1.67 -4.20 9.73
N VAL A 132 -2.13 -4.38 8.49
CA VAL A 132 -2.38 -5.71 7.95
C VAL A 132 -1.96 -5.79 6.50
N LEU A 133 -0.98 -6.63 6.20
CA LEU A 133 -0.48 -6.80 4.84
C LEU A 133 -1.64 -7.01 3.87
N CYS A 134 -1.68 -6.18 2.83
CA CYS A 134 -2.73 -6.27 1.82
C CYS A 134 -2.25 -7.04 0.60
N GLY A 135 -0.97 -6.89 0.28
CA GLY A 135 -0.40 -7.59 -0.86
C GLY A 135 1.08 -7.35 -1.02
N MET A 136 1.79 -8.35 -1.54
CA MET A 136 3.23 -8.23 -1.74
C MET A 136 3.61 -8.54 -3.17
N ILE A 137 4.32 -7.61 -3.81
CA ILE A 137 4.74 -7.78 -5.19
C ILE A 137 6.26 -7.64 -5.33
N ALA A 138 6.84 -8.42 -6.22
CA ALA A 138 8.29 -8.37 -6.45
C ALA A 138 8.60 -8.33 -7.94
N ILE A 139 9.39 -7.35 -8.34
CA ILE A 139 9.78 -7.20 -9.75
C ILE A 139 11.10 -7.90 -10.03
N ALA A 140 11.23 -8.42 -11.25
CA ALA A 140 12.44 -9.12 -11.65
C ALA A 140 13.58 -8.13 -11.91
N ASP A 141 13.25 -6.84 -11.88
CA ASP A 141 14.25 -5.81 -12.11
C ASP A 141 13.79 -4.48 -11.52
N ALA A 1 20.64 -2.04 -9.15
CA ALA A 1 20.57 -0.77 -9.85
C ALA A 1 19.35 0.04 -9.42
N GLY A 2 19.43 1.36 -9.56
CA GLY A 2 18.33 2.22 -9.18
C GLY A 2 17.69 2.90 -10.37
N HIS A 3 17.46 2.13 -11.44
CA HIS A 3 16.84 2.66 -12.65
C HIS A 3 15.38 3.05 -12.39
N MET A 4 14.86 3.94 -13.23
CA MET A 4 13.48 4.39 -13.10
C MET A 4 12.56 3.62 -14.04
N VAL A 5 12.92 2.38 -14.34
CA VAL A 5 12.13 1.54 -15.23
C VAL A 5 12.16 0.08 -14.78
N PRO A 6 11.45 -0.21 -13.67
CA PRO A 6 11.38 -1.57 -13.12
C PRO A 6 10.57 -2.51 -14.00
N ARG A 7 10.29 -3.70 -13.49
CA ARG A 7 9.52 -4.70 -14.23
C ARG A 7 8.85 -5.68 -13.28
N VAL A 8 7.52 -5.60 -13.19
CA VAL A 8 6.75 -6.49 -12.33
C VAL A 8 6.86 -7.94 -12.79
N MET A 9 7.17 -8.83 -11.86
CA MET A 9 7.30 -10.25 -12.16
C MET A 9 6.15 -11.05 -11.55
N ARG A 10 5.78 -10.68 -10.33
CA ARG A 10 4.70 -11.36 -9.63
C ARG A 10 3.98 -10.41 -8.67
N VAL A 11 2.73 -10.72 -8.37
CA VAL A 11 1.93 -9.88 -7.48
C VAL A 11 0.78 -10.69 -6.87
N LEU A 12 0.52 -10.44 -5.59
CA LEU A 12 -0.56 -11.14 -4.89
C LEU A 12 -1.15 -10.27 -3.78
N LEU A 13 -2.38 -10.56 -3.39
CA LEU A 13 -3.05 -9.80 -2.34
C LEU A 13 -3.20 -10.64 -1.07
N LEU A 14 -2.81 -10.07 0.07
CA LEU A 14 -2.91 -10.76 1.34
C LEU A 14 -4.13 -10.31 2.12
N GLY A 15 -4.04 -9.13 2.73
CA GLY A 15 -5.16 -8.60 3.50
C GLY A 15 -6.45 -8.58 2.71
N ASP A 16 -7.42 -9.39 3.14
CA ASP A 16 -8.71 -9.47 2.46
C ASP A 16 -9.63 -8.35 2.94
N VAL A 17 -10.87 -8.36 2.44
CA VAL A 17 -11.85 -7.34 2.81
C VAL A 17 -13.10 -7.98 3.41
N ALA A 18 -13.15 -9.31 3.38
CA ALA A 18 -14.29 -10.04 3.92
C ALA A 18 -14.42 -9.81 5.42
N THR A 19 -13.37 -9.30 6.04
CA THR A 19 -13.38 -9.03 7.47
C THR A 19 -13.95 -7.66 7.77
N LEU A 20 -13.99 -6.80 6.76
CA LEU A 20 -14.52 -5.45 6.91
C LEU A 20 -15.75 -5.24 6.03
N PRO A 21 -16.60 -4.28 6.43
CA PRO A 21 -17.83 -3.97 5.68
C PRO A 21 -17.53 -3.29 4.36
N LEU A 22 -18.54 -3.22 3.50
CA LEU A 22 -18.40 -2.59 2.19
C LEU A 22 -18.03 -1.12 2.32
N ARG A 23 -18.75 -0.41 3.17
CA ARG A 23 -18.50 1.01 3.40
C ARG A 23 -17.02 1.26 3.72
N LYS A 24 -16.50 0.49 4.68
CA LYS A 24 -15.11 0.62 5.08
C LYS A 24 -14.17 0.36 3.90
N VAL A 25 -14.41 -0.75 3.20
CA VAL A 25 -13.59 -1.12 2.05
C VAL A 25 -13.58 -0.01 1.00
N LEU A 26 -14.77 0.40 0.58
CA LEU A 26 -14.90 1.46 -0.42
C LEU A 26 -14.11 2.69 -0.02
N ALA A 27 -14.31 3.15 1.21
CA ALA A 27 -13.60 4.31 1.72
C ALA A 27 -12.09 4.10 1.71
N VAL A 28 -11.65 3.06 2.42
CA VAL A 28 -10.23 2.75 2.49
C VAL A 28 -9.61 2.69 1.10
N VAL A 29 -9.95 1.65 0.34
CA VAL A 29 -9.42 1.48 -1.01
C VAL A 29 -9.64 2.74 -1.83
N GLY A 30 -10.71 3.46 -1.54
CA GLY A 30 -11.00 4.68 -2.27
C GLY A 30 -9.89 5.69 -2.19
N THR A 31 -9.74 6.31 -1.01
CA THR A 31 -8.71 7.31 -0.80
C THR A 31 -7.32 6.69 -0.91
N ALA A 32 -7.14 5.53 -0.30
CA ALA A 32 -5.86 4.84 -0.33
C ALA A 32 -5.34 4.71 -1.75
N ALA A 33 -6.10 4.03 -2.60
CA ALA A 33 -5.72 3.84 -3.99
C ALA A 33 -5.58 5.18 -4.71
N ALA A 34 -6.59 6.04 -4.55
CA ALA A 34 -6.59 7.35 -5.18
C ALA A 34 -5.35 8.14 -4.79
N SER A 35 -4.77 7.80 -3.64
CA SER A 35 -3.58 8.49 -3.15
C SER A 35 -2.34 7.60 -3.30
N SER A 36 -2.41 6.66 -4.22
CA SER A 36 -1.30 5.74 -4.47
C SER A 36 -1.11 5.51 -5.96
N GLU A 37 0.03 4.89 -6.32
CA GLU A 37 0.32 4.61 -7.71
C GLU A 37 -0.07 3.17 -8.06
N HIS A 38 -1.10 2.67 -7.40
CA HIS A 38 -1.57 1.32 -7.64
C HIS A 38 -2.01 1.14 -9.09
N PRO A 39 -2.08 -0.12 -9.55
CA PRO A 39 -2.48 -0.44 -10.92
C PRO A 39 -3.96 -0.16 -11.18
N LEU A 40 -4.23 0.64 -12.21
CA LEU A 40 -5.59 0.99 -12.56
C LEU A 40 -6.23 1.85 -11.48
N GLY A 41 -5.40 2.42 -10.61
CA GLY A 41 -5.90 3.26 -9.54
C GLY A 41 -6.90 4.28 -10.03
N VAL A 42 -6.63 4.87 -11.20
CA VAL A 42 -7.53 5.86 -11.78
C VAL A 42 -8.94 5.31 -11.94
N ALA A 43 -9.07 4.26 -12.74
CA ALA A 43 -10.38 3.65 -12.97
C ALA A 43 -11.06 3.30 -11.65
N VAL A 44 -10.30 2.74 -10.72
CA VAL A 44 -10.83 2.36 -9.42
C VAL A 44 -11.36 3.58 -8.66
N THR A 45 -10.57 4.64 -8.64
CA THR A 45 -10.94 5.86 -7.95
C THR A 45 -12.28 6.39 -8.47
N LYS A 46 -12.41 6.48 -9.79
CA LYS A 46 -13.63 6.96 -10.42
C LYS A 46 -14.81 6.03 -10.11
N TYR A 47 -14.54 4.73 -10.09
CA TYR A 47 -15.57 3.74 -9.81
C TYR A 47 -16.15 3.94 -8.42
N CYS A 48 -15.33 3.73 -7.39
CA CYS A 48 -15.76 3.89 -6.01
C CYS A 48 -16.34 5.28 -5.79
N LYS A 49 -15.77 6.27 -6.46
CA LYS A 49 -16.23 7.65 -6.33
C LYS A 49 -17.67 7.79 -6.81
N GLU A 50 -17.98 7.13 -7.93
CA GLU A 50 -19.33 7.19 -8.49
C GLU A 50 -20.31 6.38 -7.64
N GLU A 51 -19.80 5.30 -7.04
CA GLU A 51 -20.64 4.45 -6.20
C GLU A 51 -20.93 5.12 -4.85
N LEU A 52 -19.96 5.86 -4.34
CA LEU A 52 -20.12 6.56 -3.07
C LEU A 52 -20.99 7.80 -3.23
N GLY A 53 -20.84 8.47 -4.37
CA GLY A 53 -21.63 9.67 -4.62
C GLY A 53 -20.91 10.94 -4.22
N THR A 54 -19.62 10.81 -3.92
CA THR A 54 -18.81 11.95 -3.51
C THR A 54 -17.55 12.07 -4.36
N GLU A 55 -17.30 13.26 -4.89
CA GLU A 55 -16.13 13.50 -5.72
C GLU A 55 -14.89 13.77 -4.86
N THR A 56 -15.07 13.72 -3.55
CA THR A 56 -13.99 13.96 -2.61
C THR A 56 -13.27 12.67 -2.26
N LEU A 57 -12.07 12.49 -2.83
CA LEU A 57 -11.28 11.29 -2.58
C LEU A 57 -9.80 11.54 -2.88
N GLY A 58 -8.94 11.07 -1.99
CA GLY A 58 -7.51 11.25 -2.18
C GLY A 58 -6.93 12.32 -1.26
N TYR A 59 -7.40 12.35 -0.02
CA TYR A 59 -6.93 13.31 0.95
C TYR A 59 -5.78 12.74 1.78
N CYS A 60 -4.70 13.50 1.88
CA CYS A 60 -3.53 13.08 2.64
C CYS A 60 -3.49 13.75 4.01
N THR A 61 -3.45 12.92 5.06
CA THR A 61 -3.42 13.43 6.42
C THR A 61 -2.05 13.24 7.05
N ASP A 62 -1.62 11.98 7.14
CA ASP A 62 -0.32 11.67 7.73
C ASP A 62 0.71 11.39 6.64
N PHE A 63 1.94 11.84 6.87
CA PHE A 63 3.01 11.65 5.90
C PHE A 63 4.27 11.11 6.59
N GLN A 64 4.83 10.05 6.03
CA GLN A 64 6.04 9.44 6.58
C GLN A 64 6.93 8.89 5.47
N ALA A 65 8.11 9.50 5.33
CA ALA A 65 9.06 9.07 4.31
C ALA A 65 10.29 8.42 4.94
N VAL A 66 10.58 7.19 4.52
CA VAL A 66 11.73 6.46 5.04
C VAL A 66 12.40 5.64 3.95
N PRO A 67 13.35 6.27 3.23
CA PRO A 67 14.08 5.61 2.14
C PRO A 67 15.05 4.56 2.66
N GLY A 68 15.12 3.44 1.95
CA GLY A 68 16.01 2.36 2.35
C GLY A 68 15.26 1.16 2.89
N CYS A 69 13.97 1.32 3.12
CA CYS A 69 13.13 0.25 3.65
C CYS A 69 11.71 0.34 3.11
N GLY A 70 11.14 1.54 3.17
CA GLY A 70 9.79 1.75 2.68
C GLY A 70 9.19 3.05 3.18
N ILE A 71 8.09 3.46 2.57
CA ILE A 71 7.41 4.70 2.94
C ILE A 71 6.06 4.41 3.58
N GLY A 72 5.39 5.47 4.02
CA GLY A 72 4.08 5.31 4.65
C GLY A 72 3.37 6.63 4.83
N CYS A 73 2.04 6.58 4.87
CA CYS A 73 1.24 7.78 5.04
C CYS A 73 -0.24 7.43 5.19
N LYS A 74 -0.99 8.32 5.86
CA LYS A 74 -2.42 8.10 6.08
C LYS A 74 -3.24 9.01 5.18
N VAL A 75 -4.15 8.40 4.41
CA VAL A 75 -5.01 9.15 3.51
C VAL A 75 -6.45 8.69 3.62
N SER A 76 -7.38 9.64 3.70
CA SER A 76 -8.80 9.34 3.80
C SER A 76 -9.64 10.60 3.63
N ASN A 77 -10.62 10.53 2.72
CA ASN A 77 -11.49 11.66 2.46
C ASN A 77 -12.77 11.56 3.28
N VAL A 78 -13.07 10.35 3.77
CA VAL A 78 -14.27 10.12 4.57
C VAL A 78 -14.38 11.15 5.69
N GLU A 79 -13.26 11.45 6.33
CA GLU A 79 -13.22 12.43 7.42
C GLU A 79 -13.74 13.78 6.95
N GLY A 80 -13.24 14.22 5.80
CA GLY A 80 -13.66 15.50 5.25
C GLY A 80 -15.14 15.53 4.88
N ILE A 81 -15.64 14.40 4.40
CA ILE A 81 -17.03 14.28 4.00
C ILE A 81 -17.94 14.18 5.23
N LEU A 82 -17.93 13.02 5.87
CA LEU A 82 -18.75 12.79 7.06
C LEU A 82 -18.51 13.87 8.10
N ALA A 83 -17.25 14.23 8.29
CA ALA A 83 -16.89 15.26 9.26
C ALA A 83 -17.40 14.91 10.65
N ALA A 84 -17.60 13.62 10.89
CA ALA A 84 -18.08 13.15 12.18
C ALA A 84 -17.27 11.95 12.67
N VAL A 85 -16.91 11.08 11.74
CA VAL A 85 -16.13 9.88 12.07
C VAL A 85 -14.89 9.78 11.18
N PRO A 86 -13.88 10.62 11.46
CA PRO A 86 -12.63 10.63 10.71
C PRO A 86 -11.78 9.38 10.95
N GLN A 87 -11.24 8.82 9.88
CA GLN A 87 -10.41 7.63 9.98
C GLN A 87 -9.21 7.71 9.04
N THR A 88 -8.04 8.02 9.59
CA THR A 88 -6.82 8.13 8.80
C THR A 88 -6.32 6.75 8.36
N PHE A 89 -6.78 6.31 7.19
CA PHE A 89 -6.38 5.01 6.66
C PHE A 89 -4.87 4.96 6.42
N SER A 90 -4.17 4.19 7.24
CA SER A 90 -2.72 4.06 7.12
C SER A 90 -2.35 3.29 5.85
N VAL A 91 -1.31 3.76 5.17
CA VAL A 91 -0.85 3.11 3.95
C VAL A 91 0.67 3.08 3.88
N LEU A 92 1.24 1.92 4.16
CA LEU A 92 2.69 1.76 4.14
C LEU A 92 3.11 0.78 3.05
N ILE A 93 4.28 1.02 2.47
CA ILE A 93 4.79 0.15 1.41
C ILE A 93 6.31 0.08 1.45
N GLY A 94 6.84 -1.13 1.63
CA GLY A 94 8.29 -1.32 1.68
C GLY A 94 8.69 -2.75 1.46
N ASN A 95 9.99 -2.96 1.22
CA ASN A 95 10.51 -4.30 0.99
C ASN A 95 10.69 -5.05 2.31
N ARG A 96 11.42 -6.17 2.25
CA ARG A 96 11.68 -6.96 3.44
C ARG A 96 12.14 -6.10 4.61
N GLU A 97 13.04 -5.17 4.31
CA GLU A 97 13.57 -4.26 5.34
C GLU A 97 12.43 -3.61 6.11
N TRP A 98 11.39 -3.21 5.40
CA TRP A 98 10.24 -2.56 6.01
C TRP A 98 9.39 -3.56 6.78
N LEU A 99 9.16 -4.72 6.15
CA LEU A 99 8.35 -5.77 6.77
C LEU A 99 8.92 -6.15 8.14
N ARG A 100 10.24 -6.14 8.25
CA ARG A 100 10.90 -6.48 9.52
C ARG A 100 11.05 -5.25 10.40
N ARG A 101 11.29 -4.10 9.77
CA ARG A 101 11.44 -2.85 10.51
C ARG A 101 10.18 -2.51 11.30
N ASN A 102 9.05 -3.00 10.82
CA ASN A 102 7.77 -2.75 11.48
C ASN A 102 7.12 -4.06 11.91
N GLY A 103 7.62 -5.17 11.37
CA GLY A 103 7.07 -6.48 11.70
C GLY A 103 8.14 -7.54 11.77
N LEU A 104 9.25 -7.23 12.41
CA LEU A 104 10.36 -8.18 12.53
C LEU A 104 9.84 -9.56 12.93
N THR A 105 9.86 -10.48 11.97
CA THR A 105 9.39 -11.84 12.22
C THR A 105 10.07 -12.83 11.29
N ILE A 106 10.26 -12.43 10.04
CA ILE A 106 10.91 -13.29 9.05
C ILE A 106 12.20 -13.88 9.61
N SER A 107 12.40 -15.18 9.37
CA SER A 107 13.59 -15.87 9.86
C SER A 107 14.84 -15.32 9.18
N SER A 108 15.99 -15.50 9.82
CA SER A 108 17.26 -15.04 9.28
C SER A 108 17.59 -15.75 7.97
N ASP A 109 17.12 -16.98 7.84
CA ASP A 109 17.37 -17.77 6.64
C ASP A 109 16.61 -17.20 5.46
N VAL A 110 15.30 -17.07 5.61
CA VAL A 110 14.45 -16.54 4.54
C VAL A 110 14.87 -15.13 4.15
N SER A 111 15.15 -14.31 5.16
CA SER A 111 15.56 -12.92 4.93
C SER A 111 16.91 -12.87 4.23
N ASP A 112 17.83 -13.72 4.68
CA ASP A 112 19.17 -13.77 4.10
C ASP A 112 19.10 -14.11 2.62
N ALA A 113 18.29 -15.09 2.27
CA ALA A 113 18.14 -15.50 0.88
C ALA A 113 17.46 -14.41 0.05
N MET A 114 16.44 -13.79 0.62
CA MET A 114 15.72 -12.73 -0.07
C MET A 114 16.67 -11.62 -0.50
N THR A 115 17.48 -11.14 0.45
CA THR A 115 18.43 -10.08 0.17
C THR A 115 19.61 -10.59 -0.65
N ASP A 116 20.02 -11.82 -0.38
CA ASP A 116 21.13 -12.44 -1.10
C ASP A 116 20.83 -12.55 -2.58
N HIS A 117 19.55 -12.68 -2.91
CA HIS A 117 19.13 -12.80 -4.31
C HIS A 117 18.71 -11.44 -4.86
N GLU A 118 18.21 -10.57 -3.99
CA GLU A 118 17.78 -9.24 -4.38
C GLU A 118 18.95 -8.43 -4.95
N MET A 119 20.16 -8.85 -4.61
CA MET A 119 21.36 -8.17 -5.07
C MET A 119 21.52 -8.31 -6.59
N LYS A 120 20.72 -9.20 -7.17
CA LYS A 120 20.78 -9.44 -8.61
C LYS A 120 19.83 -8.50 -9.35
N GLY A 121 19.12 -7.66 -8.60
CA GLY A 121 18.21 -6.72 -9.19
C GLY A 121 16.77 -6.95 -8.74
N GLN A 122 16.49 -8.14 -8.24
CA GLN A 122 15.16 -8.49 -7.77
C GLN A 122 14.73 -7.56 -6.64
N THR A 123 13.44 -7.26 -6.58
CA THR A 123 12.91 -6.38 -5.54
C THR A 123 11.50 -6.79 -5.15
N ALA A 124 11.34 -7.25 -3.91
CA ALA A 124 10.04 -7.67 -3.41
C ALA A 124 9.49 -6.66 -2.41
N ILE A 125 8.49 -5.89 -2.85
CA ILE A 125 7.87 -4.88 -1.99
C ILE A 125 6.53 -5.37 -1.46
N LEU A 126 6.18 -4.91 -0.26
CA LEU A 126 4.92 -5.30 0.36
C LEU A 126 4.10 -4.07 0.78
N VAL A 127 2.81 -4.09 0.47
CA VAL A 127 1.94 -2.98 0.81
C VAL A 127 0.96 -3.37 1.92
N ALA A 128 0.92 -2.57 2.97
CA ALA A 128 0.03 -2.83 4.09
C ALA A 128 -0.87 -1.62 4.38
N ILE A 129 -2.08 -1.89 4.85
CA ILE A 129 -3.02 -0.83 5.15
C ILE A 129 -3.49 -0.92 6.60
N ASP A 130 -3.52 0.23 7.28
CA ASP A 130 -3.95 0.28 8.68
C ASP A 130 -3.16 -0.70 9.53
N GLY A 131 -1.91 -0.94 9.14
CA GLY A 131 -1.07 -1.87 9.88
C GLY A 131 -1.38 -3.31 9.56
N VAL A 132 -1.95 -3.55 8.38
CA VAL A 132 -2.30 -4.90 7.95
C VAL A 132 -1.96 -5.11 6.49
N LEU A 133 -1.01 -6.01 6.23
CA LEU A 133 -0.60 -6.31 4.87
C LEU A 133 -1.81 -6.54 3.96
N CYS A 134 -1.84 -5.82 2.84
CA CYS A 134 -2.94 -5.94 1.90
C CYS A 134 -2.50 -6.68 0.64
N GLY A 135 -1.22 -6.53 0.29
CA GLY A 135 -0.70 -7.19 -0.89
C GLY A 135 0.82 -7.12 -0.97
N MET A 136 1.40 -7.91 -1.86
CA MET A 136 2.85 -7.93 -2.04
C MET A 136 3.22 -8.12 -3.51
N ILE A 137 4.17 -7.32 -3.98
CA ILE A 137 4.62 -7.42 -5.37
C ILE A 137 6.10 -7.73 -5.44
N ALA A 138 6.49 -8.49 -6.45
CA ALA A 138 7.89 -8.86 -6.64
C ALA A 138 8.35 -8.57 -8.07
N ILE A 139 9.25 -7.60 -8.20
CA ILE A 139 9.77 -7.22 -9.51
C ILE A 139 11.11 -7.89 -9.79
N ALA A 140 11.45 -8.02 -11.07
CA ALA A 140 12.70 -8.64 -11.47
C ALA A 140 13.33 -7.91 -12.65
N ASP A 141 14.35 -7.11 -12.38
CA ASP A 141 15.03 -6.37 -13.43
C ASP A 141 16.37 -7.02 -13.79
N ALA A 1 20.80 -3.94 -15.36
CA ALA A 1 21.22 -2.59 -15.71
C ALA A 1 20.03 -1.72 -16.10
N GLY A 2 18.86 -2.05 -15.55
CA GLY A 2 17.65 -1.29 -15.85
C GLY A 2 17.53 -0.05 -15.00
N HIS A 3 17.86 1.11 -15.59
CA HIS A 3 17.78 2.38 -14.88
C HIS A 3 16.32 2.74 -14.58
N MET A 4 15.58 3.08 -15.63
CA MET A 4 14.17 3.45 -15.49
C MET A 4 13.27 2.45 -16.20
N VAL A 5 13.76 1.22 -16.35
CA VAL A 5 12.99 0.18 -17.02
C VAL A 5 13.01 -1.11 -16.20
N PRO A 6 12.19 -1.16 -15.14
CA PRO A 6 12.09 -2.32 -14.26
C PRO A 6 11.41 -3.51 -14.94
N ARG A 7 11.11 -4.55 -14.16
CA ARG A 7 10.47 -5.74 -14.69
C ARG A 7 9.75 -6.51 -13.59
N VAL A 8 8.42 -6.51 -13.64
CA VAL A 8 7.62 -7.20 -12.65
C VAL A 8 7.74 -8.71 -12.81
N MET A 9 8.13 -9.39 -11.74
CA MET A 9 8.28 -10.84 -11.76
C MET A 9 7.04 -11.53 -11.22
N ARG A 10 6.55 -11.04 -10.08
CA ARG A 10 5.36 -11.61 -9.45
C ARG A 10 4.62 -10.56 -8.63
N VAL A 11 3.34 -10.77 -8.42
CA VAL A 11 2.52 -9.84 -7.65
C VAL A 11 1.28 -10.54 -7.08
N LEU A 12 0.94 -10.19 -5.84
CA LEU A 12 -0.22 -10.78 -5.19
C LEU A 12 -0.78 -9.84 -4.13
N LEU A 13 -2.00 -10.11 -3.69
CA LEU A 13 -2.66 -9.29 -2.68
C LEU A 13 -2.94 -10.08 -1.41
N LEU A 14 -2.64 -9.50 -0.26
CA LEU A 14 -2.85 -10.16 1.02
C LEU A 14 -4.10 -9.62 1.71
N GLY A 15 -3.98 -8.42 2.29
CA GLY A 15 -5.12 -7.82 2.96
C GLY A 15 -6.36 -7.77 2.09
N ASP A 16 -7.39 -8.52 2.50
CA ASP A 16 -8.63 -8.57 1.75
C ASP A 16 -9.70 -7.72 2.42
N VAL A 17 -10.57 -7.12 1.62
CA VAL A 17 -11.64 -6.28 2.15
C VAL A 17 -13.01 -6.86 1.84
N ALA A 18 -13.01 -7.97 1.08
CA ALA A 18 -14.25 -8.64 0.72
C ALA A 18 -15.07 -8.99 1.96
N THR A 19 -14.39 -9.16 3.09
CA THR A 19 -15.05 -9.50 4.34
C THR A 19 -15.63 -8.26 5.01
N LEU A 20 -15.03 -7.11 4.73
CA LEU A 20 -15.50 -5.85 5.30
C LEU A 20 -16.79 -5.39 4.64
N PRO A 21 -17.53 -4.52 5.34
CA PRO A 21 -18.80 -3.99 4.84
C PRO A 21 -18.61 -3.03 3.67
N LEU A 22 -19.71 -2.66 3.01
CA LEU A 22 -19.65 -1.74 1.88
C LEU A 22 -19.09 -0.39 2.29
N ARG A 23 -19.50 0.10 3.46
CA ARG A 23 -19.03 1.37 3.97
C ARG A 23 -17.52 1.35 4.19
N LYS A 24 -17.05 0.34 4.91
CA LYS A 24 -15.63 0.19 5.20
C LYS A 24 -14.82 0.12 3.91
N VAL A 25 -15.09 -0.91 3.10
CA VAL A 25 -14.38 -1.09 1.83
C VAL A 25 -14.42 0.18 1.00
N LEU A 26 -15.57 0.85 0.99
CA LEU A 26 -15.74 2.08 0.23
C LEU A 26 -14.72 3.13 0.66
N ALA A 27 -14.70 3.43 1.95
CA ALA A 27 -13.76 4.41 2.49
C ALA A 27 -12.32 3.95 2.32
N VAL A 28 -12.03 2.73 2.77
CA VAL A 28 -10.69 2.16 2.66
C VAL A 28 -10.15 2.30 1.23
N VAL A 29 -10.73 1.53 0.32
CA VAL A 29 -10.32 1.55 -1.08
C VAL A 29 -10.47 2.94 -1.67
N GLY A 30 -11.43 3.70 -1.14
CA GLY A 30 -11.67 5.04 -1.63
C GLY A 30 -10.44 5.92 -1.57
N THR A 31 -10.01 6.22 -0.35
CA THR A 31 -8.83 7.08 -0.14
C THR A 31 -7.55 6.33 -0.52
N ALA A 32 -7.44 5.09 -0.06
CA ALA A 32 -6.28 4.27 -0.35
C ALA A 32 -5.94 4.30 -1.84
N ALA A 33 -6.93 4.03 -2.67
CA ALA A 33 -6.74 4.02 -4.12
C ALA A 33 -6.62 5.44 -4.65
N ALA A 34 -7.45 6.34 -4.14
CA ALA A 34 -7.43 7.74 -4.57
C ALA A 34 -6.05 8.35 -4.36
N SER A 35 -5.29 7.79 -3.43
CA SER A 35 -3.94 8.29 -3.13
C SER A 35 -2.89 7.47 -3.85
N SER A 36 -3.32 6.70 -4.85
CA SER A 36 -2.41 5.85 -5.62
C SER A 36 -1.99 6.55 -6.91
N GLU A 37 -0.69 6.77 -7.07
CA GLU A 37 -0.15 7.42 -8.26
C GLU A 37 -0.09 6.45 -9.43
N HIS A 38 -0.44 5.19 -9.17
CA HIS A 38 -0.42 4.17 -10.20
C HIS A 38 -1.21 4.61 -11.43
N PRO A 39 -0.95 3.97 -12.58
CA PRO A 39 -1.62 4.28 -13.83
C PRO A 39 -3.10 3.88 -13.82
N LEU A 40 -3.50 3.17 -12.76
CA LEU A 40 -4.88 2.73 -12.63
C LEU A 40 -5.65 3.60 -11.65
N GLY A 41 -4.98 4.64 -11.14
CA GLY A 41 -5.62 5.53 -10.20
C GLY A 41 -6.96 6.04 -10.69
N VAL A 42 -6.99 6.54 -11.91
CA VAL A 42 -8.22 7.07 -12.50
C VAL A 42 -9.33 6.01 -12.48
N ALA A 43 -8.95 4.76 -12.75
CA ALA A 43 -9.91 3.67 -12.76
C ALA A 43 -10.50 3.44 -11.38
N VAL A 44 -9.64 3.12 -10.41
CA VAL A 44 -10.07 2.88 -9.04
C VAL A 44 -10.82 4.07 -8.49
N THR A 45 -10.37 5.27 -8.84
CA THR A 45 -11.00 6.51 -8.38
C THR A 45 -12.45 6.58 -8.84
N LYS A 46 -12.65 6.43 -10.15
CA LYS A 46 -13.99 6.50 -10.73
C LYS A 46 -14.88 5.40 -10.14
N TYR A 47 -14.31 4.22 -9.94
CA TYR A 47 -15.05 3.09 -9.40
C TYR A 47 -15.58 3.42 -8.00
N CYS A 48 -14.67 3.60 -7.06
CA CYS A 48 -15.04 3.92 -5.68
C CYS A 48 -15.90 5.19 -5.64
N LYS A 49 -15.68 6.08 -6.59
CA LYS A 49 -16.43 7.33 -6.65
C LYS A 49 -17.90 7.07 -7.02
N GLU A 50 -18.11 6.12 -7.91
CA GLU A 50 -19.46 5.77 -8.34
C GLU A 50 -20.13 4.83 -7.34
N GLU A 51 -19.32 4.09 -6.60
CA GLU A 51 -19.83 3.16 -5.60
C GLU A 51 -20.24 3.90 -4.33
N LEU A 52 -19.48 4.94 -3.98
CA LEU A 52 -19.76 5.72 -2.79
C LEU A 52 -20.70 6.88 -3.10
N GLY A 53 -20.56 7.44 -4.29
CA GLY A 53 -21.40 8.55 -4.70
C GLY A 53 -20.85 9.89 -4.28
N THR A 54 -19.58 9.90 -3.88
CA THR A 54 -18.93 11.13 -3.43
C THR A 54 -17.64 11.38 -4.20
N GLU A 55 -17.43 12.62 -4.63
CA GLU A 55 -16.23 12.98 -5.37
C GLU A 55 -15.16 13.52 -4.45
N THR A 56 -15.32 13.28 -3.15
CA THR A 56 -14.37 13.74 -2.15
C THR A 56 -13.59 12.58 -1.54
N LEU A 57 -12.41 12.30 -2.08
CA LEU A 57 -11.57 11.21 -1.59
C LEU A 57 -10.12 11.43 -1.96
N GLY A 58 -9.22 10.71 -1.29
CA GLY A 58 -7.81 10.84 -1.57
C GLY A 58 -7.13 11.87 -0.69
N TYR A 59 -7.53 11.92 0.58
CA TYR A 59 -6.96 12.88 1.52
C TYR A 59 -5.80 12.27 2.28
N CYS A 60 -4.68 12.98 2.31
CA CYS A 60 -3.49 12.51 3.00
C CYS A 60 -3.21 13.35 4.25
N THR A 61 -3.33 12.71 5.41
CA THR A 61 -3.10 13.41 6.68
C THR A 61 -1.65 13.31 7.11
N ASP A 62 -1.13 12.08 7.16
CA ASP A 62 0.25 11.85 7.55
C ASP A 62 1.12 11.59 6.33
N PHE A 63 2.34 12.13 6.34
CA PHE A 63 3.27 11.95 5.24
C PHE A 63 4.66 11.59 5.74
N GLN A 64 5.23 10.51 5.20
CA GLN A 64 6.56 10.06 5.60
C GLN A 64 7.30 9.48 4.41
N ALA A 65 8.38 10.14 4.01
CA ALA A 65 9.20 9.68 2.90
C ALA A 65 10.56 9.17 3.37
N VAL A 66 10.80 7.88 3.15
CA VAL A 66 12.06 7.27 3.56
C VAL A 66 12.31 5.97 2.78
N PRO A 67 12.94 6.10 1.61
CA PRO A 67 13.25 4.95 0.76
C PRO A 67 14.34 4.07 1.34
N GLY A 68 14.95 4.54 2.42
CA GLY A 68 16.00 3.77 3.08
C GLY A 68 15.49 2.52 3.74
N CYS A 69 14.16 2.40 3.83
CA CYS A 69 13.55 1.24 4.46
C CYS A 69 12.14 1.02 3.91
N GLY A 70 11.39 2.10 3.74
CA GLY A 70 10.04 2.01 3.22
C GLY A 70 9.24 3.27 3.44
N ILE A 71 8.45 3.66 2.44
CA ILE A 71 7.63 4.86 2.53
C ILE A 71 6.42 4.64 3.43
N GLY A 72 5.94 5.71 4.04
CA GLY A 72 4.80 5.62 4.93
C GLY A 72 3.96 6.88 4.93
N CYS A 73 2.67 6.73 5.18
CA CYS A 73 1.76 7.87 5.22
C CYS A 73 0.34 7.42 5.52
N LYS A 74 -0.48 8.35 6.02
CA LYS A 74 -1.87 8.05 6.35
C LYS A 74 -2.82 8.86 5.48
N VAL A 75 -3.76 8.17 4.84
CA VAL A 75 -4.74 8.82 3.98
C VAL A 75 -6.13 8.25 4.20
N SER A 76 -7.11 9.14 4.35
CA SER A 76 -8.49 8.72 4.57
C SER A 76 -9.44 9.91 4.49
N ASN A 77 -10.48 9.78 3.66
CA ASN A 77 -11.45 10.85 3.49
C ASN A 77 -12.65 10.65 4.42
N VAL A 78 -12.59 9.58 5.22
CA VAL A 78 -13.67 9.27 6.16
C VAL A 78 -14.06 10.50 6.97
N GLU A 79 -13.07 11.29 7.36
CA GLU A 79 -13.30 12.49 8.14
C GLU A 79 -13.96 13.58 7.29
N GLY A 80 -13.56 13.64 6.02
CA GLY A 80 -14.11 14.63 5.12
C GLY A 80 -15.49 14.26 4.62
N ILE A 81 -15.85 12.98 4.77
CA ILE A 81 -17.15 12.49 4.33
C ILE A 81 -18.14 12.45 5.48
N LEU A 82 -17.66 12.03 6.65
CA LEU A 82 -18.51 11.94 7.84
C LEU A 82 -18.42 13.23 8.66
N ALA A 83 -17.20 13.73 8.85
CA ALA A 83 -16.99 14.95 9.62
C ALA A 83 -17.42 14.77 11.07
N ALA A 84 -17.11 13.62 11.65
CA ALA A 84 -17.46 13.32 13.03
C ALA A 84 -16.57 12.23 13.61
N VAL A 85 -16.28 11.21 12.80
CA VAL A 85 -15.44 10.11 13.23
C VAL A 85 -14.24 9.94 12.30
N PRO A 86 -13.22 10.80 12.48
CA PRO A 86 -12.00 10.76 11.68
C PRO A 86 -11.15 9.54 11.97
N GLN A 87 -10.67 8.89 10.92
CA GLN A 87 -9.84 7.70 11.07
C GLN A 87 -8.72 7.68 10.02
N THR A 88 -7.52 8.08 10.43
CA THR A 88 -6.38 8.11 9.54
C THR A 88 -5.89 6.70 9.21
N PHE A 89 -6.19 6.25 7.99
CA PHE A 89 -5.80 4.92 7.56
C PHE A 89 -4.30 4.87 7.26
N SER A 90 -3.59 3.99 7.97
CA SER A 90 -2.15 3.86 7.79
C SER A 90 -1.83 3.18 6.46
N VAL A 91 -0.82 3.70 5.77
CA VAL A 91 -0.41 3.15 4.49
C VAL A 91 1.10 3.31 4.27
N LEU A 92 1.82 2.20 4.34
CA LEU A 92 3.26 2.21 4.15
C LEU A 92 3.70 1.08 3.24
N ILE A 93 4.71 1.34 2.41
CA ILE A 93 5.23 0.34 1.50
C ILE A 93 6.75 0.25 1.58
N GLY A 94 7.27 -0.96 1.66
CA GLY A 94 8.71 -1.16 1.73
C GLY A 94 9.10 -2.62 1.65
N ASN A 95 10.40 -2.88 1.59
CA ASN A 95 10.90 -4.25 1.50
C ASN A 95 10.76 -4.96 2.84
N ARG A 96 11.38 -6.12 2.95
CA ARG A 96 11.32 -6.92 4.18
C ARG A 96 11.64 -6.06 5.40
N GLU A 97 12.50 -5.07 5.20
CA GLU A 97 12.89 -4.17 6.28
C GLU A 97 11.67 -3.54 6.95
N TRP A 98 10.95 -2.70 6.19
CA TRP A 98 9.76 -2.05 6.71
C TRP A 98 8.69 -3.07 7.08
N LEU A 99 8.44 -4.02 6.20
CA LEU A 99 7.45 -5.07 6.44
C LEU A 99 7.68 -5.74 7.79
N ARG A 100 8.95 -5.84 8.18
CA ARG A 100 9.31 -6.46 9.45
C ARG A 100 9.29 -5.44 10.58
N ARG A 101 9.67 -4.21 10.25
CA ARG A 101 9.70 -3.13 11.24
C ARG A 101 8.31 -2.85 11.79
N ASN A 102 7.29 -3.14 10.98
CA ASN A 102 5.91 -2.91 11.38
C ASN A 102 5.13 -4.23 11.40
N GLY A 103 5.69 -5.26 10.77
CA GLY A 103 5.04 -6.55 10.74
C GLY A 103 6.01 -7.70 10.88
N LEU A 104 6.98 -7.53 11.78
CA LEU A 104 7.99 -8.57 12.01
C LEU A 104 7.34 -9.95 12.08
N THR A 105 7.53 -10.74 11.02
CA THR A 105 6.97 -12.08 10.97
C THR A 105 7.88 -13.02 10.17
N ILE A 106 8.42 -12.51 9.06
CA ILE A 106 9.29 -13.31 8.21
C ILE A 106 10.49 -13.85 9.01
N SER A 107 10.80 -15.12 8.79
CA SER A 107 11.91 -15.77 9.48
C SER A 107 13.24 -15.20 9.02
N SER A 108 14.28 -15.39 9.84
CA SER A 108 15.61 -14.90 9.51
C SER A 108 16.16 -15.59 8.27
N ASP A 109 15.75 -16.84 8.06
CA ASP A 109 16.20 -17.62 6.91
C ASP A 109 15.62 -17.06 5.62
N VAL A 110 14.30 -16.92 5.58
CA VAL A 110 13.61 -16.40 4.40
C VAL A 110 14.07 -14.97 4.09
N SER A 111 14.16 -14.16 5.14
CA SER A 111 14.58 -12.77 4.98
C SER A 111 16.03 -12.68 4.50
N ASP A 112 16.88 -13.52 5.08
CA ASP A 112 18.29 -13.54 4.70
C ASP A 112 18.46 -13.89 3.23
N ALA A 113 17.74 -14.91 2.78
CA ALA A 113 17.81 -15.36 1.40
C ALA A 113 17.28 -14.28 0.46
N MET A 114 16.15 -13.69 0.84
CA MET A 114 15.53 -12.64 0.02
C MET A 114 16.50 -11.49 -0.23
N THR A 115 17.12 -11.00 0.84
CA THR A 115 18.07 -9.90 0.75
C THR A 115 19.38 -10.36 0.13
N ASP A 116 19.75 -11.62 0.39
CA ASP A 116 20.97 -12.19 -0.15
C ASP A 116 20.90 -12.31 -1.67
N HIS A 117 19.70 -12.54 -2.18
CA HIS A 117 19.49 -12.69 -3.61
C HIS A 117 19.17 -11.33 -4.25
N GLU A 118 18.54 -10.45 -3.48
CA GLU A 118 18.19 -9.13 -3.97
C GLU A 118 19.43 -8.36 -4.42
N MET A 119 20.59 -8.76 -3.91
CA MET A 119 21.84 -8.12 -4.26
C MET A 119 22.18 -8.34 -5.73
N LYS A 120 21.46 -9.26 -6.37
CA LYS A 120 21.68 -9.56 -7.77
C LYS A 120 20.81 -8.70 -8.67
N GLY A 121 20.06 -7.79 -8.05
CA GLY A 121 19.19 -6.91 -8.82
C GLY A 121 17.73 -7.10 -8.46
N GLN A 122 17.40 -8.26 -7.90
CA GLN A 122 16.03 -8.55 -7.52
C GLN A 122 15.56 -7.63 -6.40
N THR A 123 14.27 -7.27 -6.43
CA THR A 123 13.70 -6.38 -5.42
C THR A 123 12.30 -6.83 -5.04
N ALA A 124 11.98 -6.75 -3.75
CA ALA A 124 10.67 -7.14 -3.26
C ALA A 124 10.02 -6.02 -2.46
N ILE A 125 8.91 -5.50 -2.98
CA ILE A 125 8.19 -4.41 -2.31
C ILE A 125 6.84 -4.89 -1.79
N LEU A 126 6.63 -4.72 -0.48
CA LEU A 126 5.39 -5.13 0.16
C LEU A 126 4.65 -3.93 0.73
N VAL A 127 3.37 -3.80 0.40
CA VAL A 127 2.56 -2.69 0.89
C VAL A 127 1.62 -3.15 1.99
N ALA A 128 1.59 -2.41 3.09
CA ALA A 128 0.74 -2.74 4.23
C ALA A 128 -0.12 -1.54 4.64
N ILE A 129 -1.34 -1.81 5.07
CA ILE A 129 -2.25 -0.75 5.49
C ILE A 129 -2.77 -1.02 6.91
N ASP A 130 -2.82 0.04 7.72
CA ASP A 130 -3.29 -0.07 9.09
C ASP A 130 -2.54 -1.17 9.83
N GLY A 131 -1.27 -1.36 9.48
CA GLY A 131 -0.47 -2.38 10.13
C GLY A 131 -0.81 -3.78 9.65
N VAL A 132 -1.35 -3.87 8.44
CA VAL A 132 -1.72 -5.16 7.85
C VAL A 132 -1.37 -5.22 6.37
N LEU A 133 -0.47 -6.13 6.03
CA LEU A 133 -0.05 -6.29 4.64
C LEU A 133 -1.25 -6.38 3.70
N CYS A 134 -1.31 -5.49 2.72
CA CYS A 134 -2.40 -5.46 1.77
C CYS A 134 -2.00 -6.14 0.47
N GLY A 135 -0.72 -6.02 0.11
CA GLY A 135 -0.23 -6.63 -1.11
C GLY A 135 1.28 -6.71 -1.15
N MET A 136 1.80 -7.59 -2.00
CA MET A 136 3.24 -7.77 -2.13
C MET A 136 3.63 -8.02 -3.58
N ILE A 137 4.68 -7.33 -4.03
CA ILE A 137 5.15 -7.47 -5.40
C ILE A 137 6.65 -7.74 -5.44
N ALA A 138 7.08 -8.57 -6.39
CA ALA A 138 8.49 -8.90 -6.53
C ALA A 138 8.97 -8.65 -7.96
N ILE A 139 9.98 -7.81 -8.10
CA ILE A 139 10.53 -7.49 -9.42
C ILE A 139 11.94 -8.08 -9.59
N ALA A 140 12.37 -8.20 -10.83
CA ALA A 140 13.69 -8.75 -11.13
C ALA A 140 14.65 -7.65 -11.57
N ASP A 141 14.39 -6.42 -11.12
CA ASP A 141 15.23 -5.29 -11.46
C ASP A 141 15.41 -4.35 -10.27
N ALA A 1 22.04 -3.99 -18.51
CA ALA A 1 22.53 -3.37 -19.75
C ALA A 1 21.54 -2.34 -20.26
N GLY A 2 20.77 -1.75 -19.36
CA GLY A 2 19.78 -0.76 -19.75
C GLY A 2 19.82 0.47 -18.87
N HIS A 3 18.90 1.40 -19.10
CA HIS A 3 18.83 2.63 -18.32
C HIS A 3 17.39 2.94 -17.92
N MET A 4 17.12 2.89 -16.62
CA MET A 4 15.78 3.18 -16.10
C MET A 4 14.74 2.27 -16.77
N VAL A 5 15.15 1.05 -17.09
CA VAL A 5 14.26 0.09 -17.74
C VAL A 5 14.05 -1.14 -16.86
N PRO A 6 13.27 -0.97 -15.79
CA PRO A 6 12.96 -2.05 -14.84
C PRO A 6 12.06 -3.12 -15.46
N ARG A 7 11.74 -4.14 -14.67
CA ARG A 7 10.88 -5.21 -15.14
C ARG A 7 10.24 -5.94 -13.96
N VAL A 8 8.93 -5.78 -13.82
CA VAL A 8 8.19 -6.44 -12.73
C VAL A 8 8.40 -7.95 -12.75
N MET A 9 8.64 -8.52 -11.58
CA MET A 9 8.86 -9.95 -11.45
C MET A 9 7.55 -10.67 -11.14
N ARG A 10 6.82 -10.17 -10.15
CA ARG A 10 5.55 -10.76 -9.76
C ARG A 10 4.82 -9.87 -8.77
N VAL A 11 3.51 -10.10 -8.62
CA VAL A 11 2.71 -9.31 -7.70
C VAL A 11 1.60 -10.16 -7.08
N LEU A 12 1.27 -9.87 -5.83
CA LEU A 12 0.24 -10.60 -5.11
C LEU A 12 -0.36 -9.76 -3.99
N LEU A 13 -1.52 -10.18 -3.49
CA LEU A 13 -2.20 -9.47 -2.42
C LEU A 13 -2.25 -10.30 -1.15
N LEU A 14 -2.08 -9.65 -0.01
CA LEU A 14 -2.12 -10.34 1.28
C LEU A 14 -3.33 -9.92 2.09
N GLY A 15 -3.25 -8.74 2.72
CA GLY A 15 -4.35 -8.24 3.52
C GLY A 15 -5.64 -8.15 2.73
N ASP A 16 -6.62 -8.96 3.11
CA ASP A 16 -7.92 -8.97 2.44
C ASP A 16 -8.90 -8.04 3.15
N VAL A 17 -9.84 -7.49 2.38
CA VAL A 17 -10.84 -6.59 2.92
C VAL A 17 -12.25 -7.10 2.64
N ALA A 18 -12.34 -8.17 1.86
CA ALA A 18 -13.63 -8.76 1.52
C ALA A 18 -14.45 -9.06 2.77
N THR A 19 -13.76 -9.39 3.86
CA THR A 19 -14.43 -9.70 5.12
C THR A 19 -15.10 -8.47 5.71
N LEU A 20 -14.56 -7.29 5.37
CA LEU A 20 -15.11 -6.04 5.87
C LEU A 20 -16.38 -5.65 5.11
N PRO A 21 -17.18 -4.77 5.71
CA PRO A 21 -18.43 -4.29 5.10
C PRO A 21 -18.18 -3.40 3.89
N LEU A 22 -19.25 -3.10 3.16
CA LEU A 22 -19.16 -2.26 1.96
C LEU A 22 -18.66 -0.87 2.33
N ARG A 23 -19.23 -0.28 3.37
CA ARG A 23 -18.85 1.05 3.82
C ARG A 23 -17.35 1.11 4.10
N LYS A 24 -16.86 0.12 4.84
CA LYS A 24 -15.44 0.06 5.18
C LYS A 24 -14.58 -0.06 3.93
N VAL A 25 -14.81 -1.12 3.15
CA VAL A 25 -14.07 -1.34 1.92
C VAL A 25 -14.09 -0.11 1.02
N LEU A 26 -15.27 0.51 0.91
CA LEU A 26 -15.43 1.70 0.08
C LEU A 26 -14.49 2.82 0.54
N ALA A 27 -14.57 3.15 1.83
CA ALA A 27 -13.73 4.19 2.40
C ALA A 27 -12.25 3.82 2.32
N VAL A 28 -11.91 2.68 2.92
CA VAL A 28 -10.52 2.21 2.91
C VAL A 28 -9.95 2.19 1.50
N VAL A 29 -10.47 1.30 0.67
CA VAL A 29 -10.01 1.18 -0.71
C VAL A 29 -10.15 2.51 -1.45
N GLY A 30 -11.14 3.31 -1.05
CA GLY A 30 -11.35 4.60 -1.69
C GLY A 30 -10.13 5.50 -1.59
N THR A 31 -9.83 5.95 -0.37
CA THR A 31 -8.69 6.82 -0.15
C THR A 31 -7.37 6.10 -0.41
N ALA A 32 -7.25 4.89 0.14
CA ALA A 32 -6.05 4.08 -0.04
C ALA A 32 -5.64 4.03 -1.51
N ALA A 33 -6.57 3.63 -2.36
CA ALA A 33 -6.32 3.54 -3.79
C ALA A 33 -6.21 4.92 -4.43
N ALA A 34 -6.99 5.86 -3.93
CA ALA A 34 -6.98 7.22 -4.45
C ALA A 34 -5.61 7.86 -4.26
N SER A 35 -4.86 7.37 -3.29
CA SER A 35 -3.53 7.91 -3.01
C SER A 35 -2.45 7.04 -3.66
N SER A 36 -2.87 6.20 -4.60
CA SER A 36 -1.94 5.32 -5.29
C SER A 36 -1.46 5.95 -6.61
N GLU A 37 -0.15 6.13 -6.72
CA GLU A 37 0.42 6.73 -7.92
C GLU A 37 0.42 5.74 -9.09
N HIS A 38 0.06 4.50 -8.79
CA HIS A 38 0.02 3.45 -9.80
C HIS A 38 -0.82 3.90 -11.00
N PRO A 39 -0.62 3.23 -12.14
CA PRO A 39 -1.34 3.54 -13.39
C PRO A 39 -2.81 3.16 -13.30
N LEU A 40 -3.19 2.48 -12.22
CA LEU A 40 -4.57 2.05 -12.03
C LEU A 40 -5.28 2.97 -11.04
N GLY A 41 -4.56 3.97 -10.54
CA GLY A 41 -5.14 4.90 -9.59
C GLY A 41 -6.45 5.50 -10.09
N VAL A 42 -6.37 6.18 -11.22
CA VAL A 42 -7.56 6.81 -11.81
C VAL A 42 -8.70 5.81 -11.94
N ALA A 43 -8.38 4.59 -12.35
CA ALA A 43 -9.38 3.55 -12.51
C ALA A 43 -10.11 3.28 -11.20
N VAL A 44 -9.37 2.76 -10.22
CA VAL A 44 -9.94 2.45 -8.91
C VAL A 44 -10.67 3.67 -8.33
N THR A 45 -10.07 4.84 -8.49
CA THR A 45 -10.64 6.08 -7.98
C THR A 45 -12.07 6.28 -8.51
N LYS A 46 -12.20 6.27 -9.84
CA LYS A 46 -13.50 6.44 -10.47
C LYS A 46 -14.48 5.37 -10.00
N TYR A 47 -14.02 4.13 -9.99
CA TYR A 47 -14.87 3.01 -9.57
C TYR A 47 -15.44 3.26 -8.18
N CYS A 48 -14.56 3.46 -7.20
CA CYS A 48 -14.97 3.71 -5.83
C CYS A 48 -15.90 4.91 -5.75
N LYS A 49 -15.62 5.92 -6.56
CA LYS A 49 -16.43 7.14 -6.58
C LYS A 49 -17.84 6.83 -7.04
N GLU A 50 -17.98 5.93 -8.01
CA GLU A 50 -19.28 5.55 -8.53
C GLU A 50 -19.98 4.59 -7.58
N GLU A 51 -19.21 3.83 -6.82
CA GLU A 51 -19.76 2.87 -5.88
C GLU A 51 -20.21 3.57 -4.60
N LEU A 52 -19.50 4.62 -4.22
CA LEU A 52 -19.82 5.37 -3.01
C LEU A 52 -20.84 6.47 -3.31
N GLY A 53 -20.79 6.99 -4.53
CA GLY A 53 -21.72 8.03 -4.93
C GLY A 53 -21.17 9.43 -4.67
N THR A 54 -19.96 9.49 -4.13
CA THR A 54 -19.32 10.76 -3.82
C THR A 54 -17.97 10.89 -4.54
N GLU A 55 -17.69 12.08 -5.05
CA GLU A 55 -16.44 12.33 -5.75
C GLU A 55 -15.40 12.92 -4.81
N THR A 56 -15.65 12.83 -3.51
CA THR A 56 -14.74 13.35 -2.51
C THR A 56 -13.96 12.24 -1.83
N LEU A 57 -12.71 12.05 -2.25
CA LEU A 57 -11.86 11.01 -1.69
C LEU A 57 -10.41 11.21 -2.12
N GLY A 58 -9.48 10.72 -1.30
CA GLY A 58 -8.07 10.85 -1.63
C GLY A 58 -7.38 11.91 -0.79
N TYR A 59 -7.75 11.99 0.49
CA TYR A 59 -7.16 12.97 1.40
C TYR A 59 -6.00 12.36 2.17
N CYS A 60 -4.87 13.08 2.18
CA CYS A 60 -3.67 12.61 2.88
C CYS A 60 -3.39 13.48 4.09
N THR A 61 -3.61 12.94 5.28
CA THR A 61 -3.37 13.67 6.52
C THR A 61 -1.91 13.58 6.94
N ASP A 62 -1.40 12.35 7.00
CA ASP A 62 -0.01 12.14 7.40
C ASP A 62 0.87 11.88 6.17
N PHE A 63 2.11 12.36 6.23
CA PHE A 63 3.04 12.18 5.12
C PHE A 63 4.45 11.90 5.64
N GLN A 64 5.07 10.85 5.11
CA GLN A 64 6.42 10.47 5.51
C GLN A 64 7.19 9.85 4.35
N ALA A 65 8.37 10.38 4.07
CA ALA A 65 9.19 9.87 2.99
C ALA A 65 10.48 9.25 3.53
N VAL A 66 10.64 7.94 3.29
CA VAL A 66 11.82 7.22 3.74
C VAL A 66 12.09 5.99 2.88
N PRO A 67 12.76 6.20 1.75
CA PRO A 67 13.08 5.11 0.82
C PRO A 67 14.13 4.16 1.38
N GLY A 68 14.74 4.55 2.50
CA GLY A 68 15.75 3.72 3.13
C GLY A 68 15.18 2.48 3.76
N CYS A 69 13.87 2.47 3.94
CA CYS A 69 13.18 1.34 4.56
C CYS A 69 11.80 1.14 3.95
N GLY A 70 11.09 2.24 3.72
CA GLY A 70 9.76 2.17 3.15
C GLY A 70 8.95 3.43 3.40
N ILE A 71 8.32 3.93 2.34
CA ILE A 71 7.50 5.14 2.45
C ILE A 71 6.34 4.93 3.40
N GLY A 72 5.81 6.03 3.95
CA GLY A 72 4.69 5.95 4.86
C GLY A 72 3.84 7.20 4.85
N CYS A 73 2.55 7.04 5.14
CA CYS A 73 1.63 8.16 5.16
C CYS A 73 0.21 7.71 5.51
N LYS A 74 -0.62 8.65 5.94
CA LYS A 74 -1.99 8.34 6.31
C LYS A 74 -2.97 9.10 5.42
N VAL A 75 -3.89 8.36 4.80
CA VAL A 75 -4.89 8.94 3.92
C VAL A 75 -6.26 8.32 4.15
N SER A 76 -7.28 9.16 4.27
CA SER A 76 -8.65 8.69 4.49
C SER A 76 -9.64 9.84 4.37
N ASN A 77 -10.67 9.64 3.57
CA ASN A 77 -11.70 10.65 3.37
C ASN A 77 -12.87 10.44 4.32
N VAL A 78 -12.79 9.39 5.13
CA VAL A 78 -13.84 9.07 6.09
C VAL A 78 -14.16 10.28 6.97
N GLU A 79 -13.15 11.12 7.20
CA GLU A 79 -13.33 12.31 8.02
C GLU A 79 -14.09 13.38 7.27
N GLY A 80 -13.92 13.41 5.95
CA GLY A 80 -14.61 14.40 5.13
C GLY A 80 -16.05 14.02 4.85
N ILE A 81 -16.32 12.72 4.80
CA ILE A 81 -17.66 12.22 4.54
C ILE A 81 -18.50 12.20 5.82
N LEU A 82 -17.85 11.87 6.93
CA LEU A 82 -18.53 11.82 8.22
C LEU A 82 -18.42 13.15 8.96
N ALA A 83 -17.20 13.67 9.04
CA ALA A 83 -16.97 14.94 9.72
C ALA A 83 -17.31 14.85 11.20
N ALA A 84 -17.46 13.62 11.69
CA ALA A 84 -17.78 13.40 13.10
C ALA A 84 -16.85 12.36 13.72
N VAL A 85 -16.45 11.38 12.93
CA VAL A 85 -15.56 10.32 13.40
C VAL A 85 -14.39 10.14 12.45
N PRO A 86 -13.39 11.03 12.55
CA PRO A 86 -12.19 10.97 11.72
C PRO A 86 -11.30 9.79 12.05
N GLN A 87 -10.82 9.10 11.02
CA GLN A 87 -9.95 7.94 11.20
C GLN A 87 -8.85 7.91 10.15
N THR A 88 -7.66 8.35 10.54
CA THR A 88 -6.52 8.37 9.63
C THR A 88 -6.04 6.96 9.32
N PHE A 89 -6.28 6.52 8.08
CA PHE A 89 -5.87 5.19 7.64
C PHE A 89 -4.38 5.15 7.33
N SER A 90 -3.66 4.27 8.01
CA SER A 90 -2.23 4.14 7.81
C SER A 90 -1.92 3.45 6.49
N VAL A 91 -0.92 3.96 5.77
CA VAL A 91 -0.53 3.40 4.49
C VAL A 91 0.96 3.60 4.22
N LEU A 92 1.71 2.51 4.14
CA LEU A 92 3.14 2.58 3.90
C LEU A 92 3.56 1.51 2.89
N ILE A 93 4.70 1.74 2.25
CA ILE A 93 5.22 0.80 1.26
C ILE A 93 6.73 0.63 1.40
N GLY A 94 7.16 -0.60 1.67
CA GLY A 94 8.58 -0.88 1.82
C GLY A 94 8.88 -2.36 1.82
N ASN A 95 10.16 -2.70 1.80
CA ASN A 95 10.59 -4.09 1.78
C ASN A 95 10.34 -4.75 3.14
N ARG A 96 10.89 -5.94 3.32
CA ARG A 96 10.72 -6.68 4.58
C ARG A 96 11.05 -5.78 5.77
N GLU A 97 11.98 -4.86 5.58
CA GLU A 97 12.39 -3.95 6.65
C GLU A 97 11.18 -3.24 7.24
N TRP A 98 10.47 -2.49 6.40
CA TRP A 98 9.30 -1.76 6.83
C TRP A 98 8.17 -2.70 7.24
N LEU A 99 7.88 -3.67 6.37
CA LEU A 99 6.83 -4.64 6.63
C LEU A 99 7.02 -5.29 8.00
N ARG A 100 8.27 -5.49 8.39
CA ARG A 100 8.59 -6.10 9.67
C ARG A 100 8.65 -5.04 10.77
N ARG A 101 9.11 -3.85 10.43
CA ARG A 101 9.22 -2.75 11.38
C ARG A 101 7.85 -2.39 11.96
N ASN A 102 6.80 -2.66 11.19
CA ASN A 102 5.44 -2.36 11.61
C ASN A 102 4.60 -3.64 11.64
N GLY A 103 5.11 -4.70 11.03
CA GLY A 103 4.38 -5.96 10.99
C GLY A 103 5.32 -7.15 11.09
N LEU A 104 6.30 -7.08 11.97
CA LEU A 104 7.25 -8.16 12.15
C LEU A 104 6.55 -9.52 12.17
N THR A 105 6.68 -10.27 11.09
CA THR A 105 6.06 -11.58 10.99
C THR A 105 6.92 -12.55 10.18
N ILE A 106 7.52 -12.03 9.11
CA ILE A 106 8.37 -12.84 8.25
C ILE A 106 9.40 -13.62 9.07
N SER A 107 9.61 -14.87 8.70
CA SER A 107 10.57 -15.73 9.41
C SER A 107 12.00 -15.46 8.93
N SER A 108 12.97 -16.00 9.65
CA SER A 108 14.37 -15.82 9.31
C SER A 108 14.69 -16.50 7.98
N ASP A 109 13.98 -17.59 7.70
CA ASP A 109 14.19 -18.34 6.46
C ASP A 109 13.74 -17.53 5.25
N VAL A 110 12.48 -17.10 5.27
CA VAL A 110 11.93 -16.31 4.18
C VAL A 110 12.69 -15.01 3.99
N SER A 111 13.00 -14.34 5.10
CA SER A 111 13.71 -13.08 5.06
C SER A 111 15.12 -13.28 4.51
N ASP A 112 15.78 -14.35 4.93
CA ASP A 112 17.13 -14.66 4.48
C ASP A 112 17.17 -14.85 2.97
N ALA A 113 16.25 -15.66 2.46
CA ALA A 113 16.17 -15.92 1.02
C ALA A 113 15.89 -14.64 0.25
N MET A 114 14.94 -13.86 0.72
CA MET A 114 14.57 -12.61 0.08
C MET A 114 15.80 -11.70 -0.09
N THR A 115 16.53 -11.51 1.00
CA THR A 115 17.73 -10.67 0.97
C THR A 115 18.86 -11.35 0.22
N ASP A 116 18.84 -12.68 0.20
CA ASP A 116 19.87 -13.44 -0.50
C ASP A 116 19.83 -13.17 -2.00
N HIS A 117 18.63 -13.16 -2.56
CA HIS A 117 18.45 -12.91 -3.99
C HIS A 117 18.44 -11.41 -4.28
N GLU A 118 17.98 -10.63 -3.30
CA GLU A 118 17.92 -9.18 -3.45
C GLU A 118 19.31 -8.59 -3.68
N MET A 119 20.34 -9.36 -3.33
CA MET A 119 21.71 -8.92 -3.48
C MET A 119 22.08 -8.79 -4.95
N LYS A 120 21.22 -9.30 -5.83
CA LYS A 120 21.45 -9.25 -7.26
C LYS A 120 20.91 -7.96 -7.85
N GLY A 121 20.23 -7.16 -7.02
CA GLY A 121 19.67 -5.91 -7.48
C GLY A 121 18.16 -5.92 -7.49
N GLN A 122 17.57 -7.08 -7.29
CA GLN A 122 16.11 -7.22 -7.28
C GLN A 122 15.48 -6.19 -6.34
N THR A 123 14.30 -5.70 -6.72
CA THR A 123 13.60 -4.71 -5.91
C THR A 123 12.31 -5.30 -5.34
N ALA A 124 12.39 -5.76 -4.09
CA ALA A 124 11.22 -6.34 -3.43
C ALA A 124 10.60 -5.34 -2.46
N ILE A 125 9.34 -4.98 -2.73
CA ILE A 125 8.63 -4.03 -1.89
C ILE A 125 7.22 -4.52 -1.58
N LEU A 126 6.71 -4.15 -0.41
CA LEU A 126 5.37 -4.56 0.00
C LEU A 126 4.60 -3.38 0.61
N VAL A 127 3.30 -3.33 0.35
CA VAL A 127 2.47 -2.26 0.88
C VAL A 127 1.58 -2.76 2.00
N ALA A 128 1.55 -2.02 3.11
CA ALA A 128 0.74 -2.40 4.26
C ALA A 128 -0.16 -1.24 4.68
N ILE A 129 -1.34 -1.58 5.19
CA ILE A 129 -2.30 -0.58 5.64
C ILE A 129 -2.66 -0.77 7.11
N ASP A 130 -2.80 0.33 7.83
CA ASP A 130 -3.14 0.28 9.25
C ASP A 130 -2.27 -0.74 9.99
N GLY A 131 -1.03 -0.88 9.53
CA GLY A 131 -0.12 -1.82 10.16
C GLY A 131 -0.41 -3.25 9.77
N VAL A 132 -1.00 -3.44 8.60
CA VAL A 132 -1.33 -4.77 8.11
C VAL A 132 -1.07 -4.90 6.62
N LEU A 133 -0.11 -5.75 6.26
CA LEU A 133 0.24 -5.96 4.85
C LEU A 133 -1.00 -6.23 4.01
N CYS A 134 -1.14 -5.48 2.93
CA CYS A 134 -2.29 -5.63 2.04
C CYS A 134 -1.86 -6.19 0.68
N GLY A 135 -0.62 -5.88 0.29
CA GLY A 135 -0.12 -6.36 -0.98
C GLY A 135 1.39 -6.40 -1.02
N MET A 136 1.95 -7.21 -1.91
CA MET A 136 3.40 -7.33 -2.04
C MET A 136 3.80 -7.49 -3.51
N ILE A 137 4.82 -6.75 -3.92
CA ILE A 137 5.30 -6.81 -5.29
C ILE A 137 6.82 -6.99 -5.34
N ALA A 138 7.29 -7.76 -6.31
CA ALA A 138 8.71 -8.01 -6.47
C ALA A 138 9.18 -7.68 -7.88
N ILE A 139 10.23 -6.89 -8.00
CA ILE A 139 10.78 -6.51 -9.30
C ILE A 139 12.11 -7.20 -9.55
N ALA A 140 12.32 -7.59 -10.81
CA ALA A 140 13.56 -8.25 -11.20
C ALA A 140 14.00 -7.82 -12.60
N ASP A 141 15.24 -7.35 -12.70
CA ASP A 141 15.79 -6.90 -13.97
C ASP A 141 14.86 -5.88 -14.63
N ALA A 1 25.45 -5.22 -13.95
CA ALA A 1 24.99 -3.91 -14.41
C ALA A 1 23.48 -3.89 -14.61
N GLY A 2 22.95 -2.73 -14.98
CA GLY A 2 21.52 -2.60 -15.19
C GLY A 2 20.79 -2.13 -13.96
N HIS A 3 20.58 -0.82 -13.86
CA HIS A 3 19.89 -0.23 -12.71
C HIS A 3 18.78 0.72 -13.17
N MET A 4 17.90 1.06 -12.25
CA MET A 4 16.80 1.97 -12.56
C MET A 4 15.94 1.43 -13.70
N VAL A 5 15.64 0.13 -13.64
CA VAL A 5 14.84 -0.51 -14.67
C VAL A 5 13.78 -1.42 -14.05
N PRO A 6 12.74 -0.81 -13.49
CA PRO A 6 11.64 -1.56 -12.85
C PRO A 6 10.78 -2.29 -13.86
N ARG A 7 10.34 -3.50 -13.49
CA ARG A 7 9.50 -4.31 -14.37
C ARG A 7 8.74 -5.37 -13.57
N VAL A 8 7.43 -5.21 -13.50
CA VAL A 8 6.58 -6.14 -12.77
C VAL A 8 6.74 -7.56 -13.31
N MET A 9 7.07 -8.49 -12.43
CA MET A 9 7.25 -9.89 -12.82
C MET A 9 6.25 -10.79 -12.10
N ARG A 10 6.01 -10.50 -10.82
CA ARG A 10 5.08 -11.28 -10.03
C ARG A 10 4.25 -10.38 -9.11
N VAL A 11 3.03 -10.81 -8.81
CA VAL A 11 2.15 -10.04 -7.94
C VAL A 11 1.21 -10.96 -7.17
N LEU A 12 0.99 -10.65 -5.89
CA LEU A 12 0.12 -11.43 -5.05
C LEU A 12 -0.67 -10.55 -4.09
N LEU A 13 -1.92 -10.92 -3.82
CA LEU A 13 -2.78 -10.16 -2.92
C LEU A 13 -3.05 -10.94 -1.64
N LEU A 14 -2.64 -10.37 -0.51
CA LEU A 14 -2.85 -11.01 0.78
C LEU A 14 -4.16 -10.55 1.41
N GLY A 15 -4.24 -9.27 1.74
CA GLY A 15 -5.45 -8.73 2.35
C GLY A 15 -6.69 -9.10 1.58
N ASP A 16 -7.55 -9.90 2.20
CA ASP A 16 -8.80 -10.34 1.57
C ASP A 16 -9.95 -9.41 1.95
N VAL A 17 -11.15 -9.75 1.49
CA VAL A 17 -12.33 -8.95 1.78
C VAL A 17 -12.99 -9.40 3.08
N ALA A 18 -12.47 -10.47 3.66
CA ALA A 18 -13.01 -11.00 4.92
C ALA A 18 -13.14 -9.90 5.96
N THR A 19 -12.08 -9.12 6.13
CA THR A 19 -12.09 -8.03 7.10
C THR A 19 -12.23 -6.68 6.42
N LEU A 20 -12.71 -6.70 5.17
CA LEU A 20 -12.90 -5.47 4.40
C LEU A 20 -14.34 -5.34 3.93
N PRO A 21 -15.21 -4.84 4.82
CA PRO A 21 -16.63 -4.65 4.52
C PRO A 21 -16.86 -3.52 3.51
N LEU A 22 -18.11 -3.36 3.08
CA LEU A 22 -18.45 -2.32 2.13
C LEU A 22 -17.98 -0.95 2.62
N ARG A 23 -18.26 -0.65 3.88
CA ARG A 23 -17.86 0.63 4.46
C ARG A 23 -16.36 0.83 4.36
N LYS A 24 -15.59 -0.18 4.79
CA LYS A 24 -14.14 -0.10 4.74
C LYS A 24 -13.65 0.02 3.30
N VAL A 25 -13.98 -0.97 2.49
CA VAL A 25 -13.58 -0.97 1.08
C VAL A 25 -13.95 0.34 0.40
N LEU A 26 -15.14 0.84 0.69
CA LEU A 26 -15.60 2.10 0.12
C LEU A 26 -14.67 3.25 0.47
N ALA A 27 -14.53 3.52 1.76
CA ALA A 27 -13.65 4.59 2.23
C ALA A 27 -12.23 4.37 1.76
N VAL A 28 -11.66 3.22 2.08
CA VAL A 28 -10.30 2.89 1.69
C VAL A 28 -10.09 3.10 0.19
N VAL A 29 -10.71 2.25 -0.61
CA VAL A 29 -10.60 2.34 -2.07
C VAL A 29 -10.90 3.75 -2.55
N GLY A 30 -11.82 4.43 -1.87
CA GLY A 30 -12.19 5.77 -2.25
C GLY A 30 -11.01 6.72 -2.21
N THR A 31 -10.58 7.09 -1.00
CA THR A 31 -9.46 8.00 -0.82
C THR A 31 -8.20 7.44 -1.47
N ALA A 32 -7.90 6.18 -1.17
CA ALA A 32 -6.72 5.51 -1.73
C ALA A 32 -6.63 5.73 -3.23
N ALA A 33 -7.64 5.28 -3.96
CA ALA A 33 -7.66 5.43 -5.41
C ALA A 33 -7.53 6.89 -5.82
N ALA A 34 -8.25 7.76 -5.12
CA ALA A 34 -8.23 9.19 -5.40
C ALA A 34 -6.79 9.72 -5.39
N SER A 35 -5.93 9.04 -4.63
CA SER A 35 -4.53 9.45 -4.52
C SER A 35 -3.65 8.58 -5.42
N SER A 36 -4.20 7.47 -5.88
CA SER A 36 -3.46 6.55 -6.74
C SER A 36 -3.02 7.24 -8.02
N GLU A 37 -1.70 7.37 -8.19
CA GLU A 37 -1.15 8.02 -9.37
C GLU A 37 -1.19 7.07 -10.57
N HIS A 38 -1.42 5.79 -10.31
CA HIS A 38 -1.48 4.79 -11.36
C HIS A 38 -2.43 5.22 -12.47
N PRO A 39 -2.29 4.60 -13.65
CA PRO A 39 -3.14 4.91 -14.81
C PRO A 39 -4.57 4.42 -14.63
N LEU A 40 -4.81 3.68 -13.55
CA LEU A 40 -6.13 3.15 -13.26
C LEU A 40 -6.82 3.98 -12.17
N GLY A 41 -6.12 5.00 -11.68
CA GLY A 41 -6.68 5.85 -10.65
C GLY A 41 -8.03 6.41 -11.03
N VAL A 42 -8.09 7.08 -12.18
CA VAL A 42 -9.33 7.68 -12.65
C VAL A 42 -10.46 6.65 -12.68
N ALA A 43 -10.13 5.43 -13.09
CA ALA A 43 -11.12 4.36 -13.16
C ALA A 43 -11.65 4.02 -11.76
N VAL A 44 -10.77 3.50 -10.92
CA VAL A 44 -11.15 3.12 -9.56
C VAL A 44 -11.85 4.27 -8.85
N THR A 45 -11.33 5.48 -9.05
CA THR A 45 -11.90 6.67 -8.42
C THR A 45 -13.36 6.85 -8.84
N LYS A 46 -13.61 6.89 -10.14
CA LYS A 46 -14.96 7.06 -10.67
C LYS A 46 -15.89 6.00 -10.10
N TYR A 47 -15.49 4.74 -10.23
CA TYR A 47 -16.31 3.63 -9.73
C TYR A 47 -16.68 3.84 -8.27
N CYS A 48 -15.67 3.92 -7.42
CA CYS A 48 -15.89 4.11 -5.99
C CYS A 48 -16.75 5.34 -5.73
N LYS A 49 -16.53 6.39 -6.53
CA LYS A 49 -17.30 7.63 -6.39
C LYS A 49 -18.78 7.38 -6.65
N GLU A 50 -19.07 6.52 -7.62
CA GLU A 50 -20.45 6.22 -7.97
C GLU A 50 -21.05 5.23 -6.96
N GLU A 51 -20.19 4.41 -6.35
CA GLU A 51 -20.63 3.42 -5.38
C GLU A 51 -20.88 4.08 -4.02
N LEU A 52 -20.09 5.09 -3.70
CA LEU A 52 -20.22 5.80 -2.43
C LEU A 52 -21.23 6.94 -2.55
N GLY A 53 -21.32 7.53 -3.75
CA GLY A 53 -22.23 8.63 -3.98
C GLY A 53 -21.70 9.95 -3.47
N THR A 54 -20.39 10.01 -3.27
CA THR A 54 -19.75 11.23 -2.79
C THR A 54 -18.45 11.52 -3.54
N GLU A 55 -18.15 12.79 -3.71
CA GLU A 55 -16.94 13.20 -4.42
C GLU A 55 -15.84 13.60 -3.44
N THR A 56 -16.01 13.21 -2.18
CA THR A 56 -15.04 13.53 -1.15
C THR A 56 -14.00 12.41 -1.01
N LEU A 57 -12.75 12.73 -1.32
CA LEU A 57 -11.67 11.76 -1.23
C LEU A 57 -10.31 12.44 -1.42
N GLY A 58 -9.32 11.99 -0.65
CA GLY A 58 -7.99 12.57 -0.75
C GLY A 58 -7.67 13.49 0.41
N TYR A 59 -8.12 13.11 1.61
CA TYR A 59 -7.88 13.91 2.80
C TYR A 59 -6.83 13.26 3.70
N CYS A 60 -6.38 14.00 4.71
CA CYS A 60 -5.38 13.48 5.64
C CYS A 60 -4.16 12.93 4.89
N THR A 61 -3.81 13.60 3.80
CA THR A 61 -2.67 13.17 2.99
C THR A 61 -1.36 13.28 3.78
N ASP A 62 -1.05 12.24 4.53
CA ASP A 62 0.17 12.21 5.33
C ASP A 62 1.27 11.41 4.64
N PHE A 63 2.48 11.94 4.66
CA PHE A 63 3.62 11.27 4.02
C PHE A 63 4.75 11.05 5.02
N GLN A 64 5.43 9.91 4.90
CA GLN A 64 6.54 9.59 5.79
C GLN A 64 7.62 8.82 5.05
N ALA A 65 8.73 9.50 4.77
CA ALA A 65 9.86 8.89 4.08
C ALA A 65 10.63 7.95 4.99
N VAL A 66 11.24 6.93 4.42
CA VAL A 66 12.02 5.96 5.18
C VAL A 66 13.15 5.37 4.35
N PRO A 67 14.28 6.07 4.31
CA PRO A 67 15.46 5.64 3.55
C PRO A 67 16.12 4.41 4.16
N GLY A 68 16.05 3.29 3.46
CA GLY A 68 16.64 2.06 3.95
C GLY A 68 15.62 0.96 4.16
N CYS A 69 14.35 1.28 3.93
CA CYS A 69 13.27 0.31 4.09
C CYS A 69 12.19 0.51 3.04
N GLY A 70 11.76 1.76 2.87
CA GLY A 70 10.74 2.07 1.90
C GLY A 70 10.06 3.40 2.17
N ILE A 71 8.75 3.46 1.95
CA ILE A 71 7.98 4.68 2.18
C ILE A 71 6.60 4.36 2.75
N GLY A 72 6.09 5.27 3.57
CA GLY A 72 4.78 5.08 4.17
C GLY A 72 3.96 6.35 4.20
N CYS A 73 2.69 6.25 3.82
CA CYS A 73 1.81 7.41 3.81
C CYS A 73 0.36 6.99 4.08
N LYS A 74 -0.42 7.90 4.65
CA LYS A 74 -1.82 7.62 4.97
C LYS A 74 -2.73 8.68 4.34
N VAL A 75 -3.86 8.23 3.81
CA VAL A 75 -4.82 9.14 3.19
C VAL A 75 -6.24 8.59 3.30
N SER A 76 -7.12 9.39 3.90
CA SER A 76 -8.52 8.99 4.08
C SER A 76 -9.40 10.21 4.32
N ASN A 77 -10.46 10.32 3.51
CA ASN A 77 -11.39 11.44 3.63
C ASN A 77 -12.61 11.05 4.47
N VAL A 78 -12.62 9.80 4.95
CA VAL A 78 -13.72 9.31 5.76
C VAL A 78 -14.02 10.26 6.91
N GLU A 79 -12.97 10.81 7.51
CA GLU A 79 -13.12 11.74 8.62
C GLU A 79 -13.67 13.08 8.14
N GLY A 80 -13.38 13.42 6.89
CA GLY A 80 -13.86 14.67 6.34
C GLY A 80 -15.29 14.60 5.86
N ILE A 81 -15.72 13.40 5.47
CA ILE A 81 -17.08 13.19 5.00
C ILE A 81 -18.00 12.79 6.14
N LEU A 82 -17.43 12.16 7.15
CA LEU A 82 -18.21 11.71 8.31
C LEU A 82 -18.11 12.72 9.44
N ALA A 83 -16.89 13.12 9.78
CA ALA A 83 -16.67 14.08 10.84
C ALA A 83 -17.08 13.52 12.19
N ALA A 84 -17.26 12.20 12.25
CA ALA A 84 -17.66 11.54 13.48
C ALA A 84 -16.75 10.35 13.78
N VAL A 85 -16.53 9.51 12.77
CA VAL A 85 -15.68 8.35 12.92
C VAL A 85 -14.47 8.41 11.98
N PRO A 86 -13.45 9.17 12.38
CA PRO A 86 -12.22 9.33 11.58
C PRO A 86 -11.40 8.05 11.54
N GLN A 87 -10.92 7.70 10.36
CA GLN A 87 -10.10 6.50 10.18
C GLN A 87 -8.97 6.76 9.20
N THR A 88 -7.77 6.97 9.73
CA THR A 88 -6.59 7.23 8.90
C THR A 88 -6.10 5.95 8.23
N PHE A 89 -6.29 5.87 6.92
CA PHE A 89 -5.86 4.70 6.17
C PHE A 89 -4.37 4.75 5.87
N SER A 90 -3.58 4.06 6.69
CA SER A 90 -2.13 4.04 6.51
C SER A 90 -1.72 3.01 5.46
N VAL A 91 -0.77 3.39 4.61
CA VAL A 91 -0.29 2.49 3.56
C VAL A 91 1.23 2.42 3.56
N LEU A 92 1.76 1.24 3.92
CA LEU A 92 3.20 1.04 3.96
C LEU A 92 3.67 0.27 2.73
N ILE A 93 4.76 0.74 2.13
CA ILE A 93 5.32 0.10 0.95
C ILE A 93 6.82 -0.11 1.10
N GLY A 94 7.22 -1.36 1.26
CA GLY A 94 8.64 -1.67 1.40
C GLY A 94 8.93 -3.16 1.24
N ASN A 95 10.20 -3.48 1.07
CA ASN A 95 10.61 -4.87 0.90
C ASN A 95 10.55 -5.63 2.23
N ARG A 96 11.12 -6.83 2.25
CA ARG A 96 11.13 -7.65 3.46
C ARG A 96 11.63 -6.84 4.66
N GLU A 97 12.62 -5.98 4.41
CA GLU A 97 13.20 -5.16 5.47
C GLU A 97 12.10 -4.43 6.24
N TRP A 98 11.39 -3.55 5.54
CA TRP A 98 10.32 -2.77 6.15
C TRP A 98 9.24 -3.69 6.72
N LEU A 99 8.83 -4.68 5.91
CA LEU A 99 7.80 -5.62 6.34
C LEU A 99 8.14 -6.21 7.70
N ARG A 100 9.41 -6.58 7.89
CA ARG A 100 9.85 -7.17 9.14
C ARG A 100 10.11 -6.09 10.18
N ARG A 101 10.44 -4.89 9.71
CA ARG A 101 10.73 -3.77 10.60
C ARG A 101 9.50 -3.41 11.43
N ASN A 102 8.33 -3.46 10.81
CA ASN A 102 7.08 -3.15 11.50
C ASN A 102 6.28 -4.42 11.77
N GLY A 103 6.62 -5.48 11.06
CA GLY A 103 5.92 -6.75 11.25
C GLY A 103 6.37 -7.48 12.49
N LEU A 104 7.67 -7.40 12.79
CA LEU A 104 8.22 -8.06 13.97
C LEU A 104 9.50 -7.37 14.43
N THR A 105 10.21 -8.01 15.37
CA THR A 105 11.46 -7.45 15.89
C THR A 105 12.62 -7.74 14.95
N ILE A 106 13.08 -8.98 14.94
CA ILE A 106 14.18 -9.38 14.09
C ILE A 106 14.09 -10.86 13.72
N SER A 107 14.42 -11.18 12.47
CA SER A 107 14.37 -12.55 12.00
C SER A 107 15.50 -12.83 11.02
N SER A 108 16.43 -13.68 11.42
CA SER A 108 17.58 -14.02 10.58
C SER A 108 17.11 -14.68 9.28
N ASP A 109 15.96 -15.34 9.34
CA ASP A 109 15.40 -16.01 8.17
C ASP A 109 14.84 -14.99 7.17
N VAL A 110 14.10 -14.03 7.70
CA VAL A 110 13.50 -13.00 6.85
C VAL A 110 14.57 -12.14 6.18
N SER A 111 15.57 -11.74 6.95
CA SER A 111 16.66 -10.92 6.44
C SER A 111 17.51 -11.71 5.45
N ASP A 112 17.83 -12.95 5.81
CA ASP A 112 18.65 -13.80 4.95
C ASP A 112 17.97 -14.02 3.60
N ALA A 113 16.66 -14.26 3.64
CA ALA A 113 15.90 -14.48 2.42
C ALA A 113 15.79 -13.21 1.59
N MET A 114 15.54 -12.09 2.27
CA MET A 114 15.41 -10.80 1.60
C MET A 114 16.66 -10.50 0.77
N THR A 115 17.82 -10.55 1.41
CA THR A 115 19.09 -10.29 0.73
C THR A 115 19.45 -11.41 -0.22
N ASP A 116 19.05 -12.63 0.13
CA ASP A 116 19.33 -13.79 -0.71
C ASP A 116 18.74 -13.61 -2.11
N HIS A 117 17.51 -13.13 -2.16
CA HIS A 117 16.83 -12.91 -3.44
C HIS A 117 17.24 -11.58 -4.06
N GLU A 118 17.49 -10.59 -3.21
CA GLU A 118 17.89 -9.26 -3.66
C GLU A 118 19.24 -9.33 -4.39
N MET A 119 20.03 -10.35 -4.07
CA MET A 119 21.34 -10.53 -4.68
C MET A 119 21.19 -10.86 -6.17
N LYS A 120 19.97 -11.20 -6.58
CA LYS A 120 19.72 -11.53 -7.98
C LYS A 120 19.26 -10.30 -8.76
N GLY A 121 19.11 -9.18 -8.05
CA GLY A 121 18.69 -7.94 -8.69
C GLY A 121 17.19 -7.73 -8.60
N GLN A 122 16.47 -8.77 -8.16
CA GLN A 122 15.02 -8.68 -8.02
C GLN A 122 14.63 -7.82 -6.82
N THR A 123 13.54 -7.08 -6.96
CA THR A 123 13.06 -6.22 -5.89
C THR A 123 11.62 -6.55 -5.53
N ALA A 124 11.43 -7.21 -4.39
CA ALA A 124 10.11 -7.56 -3.92
C ALA A 124 9.56 -6.54 -2.93
N ILE A 125 8.63 -5.72 -3.39
CA ILE A 125 8.03 -4.70 -2.54
C ILE A 125 6.66 -5.13 -2.03
N LEU A 126 6.49 -5.08 -0.71
CA LEU A 126 5.23 -5.47 -0.10
C LEU A 126 4.41 -4.25 0.30
N VAL A 127 3.09 -4.33 0.12
CA VAL A 127 2.20 -3.23 0.45
C VAL A 127 1.26 -3.61 1.59
N ALA A 128 1.27 -2.80 2.65
CA ALA A 128 0.42 -3.06 3.81
C ALA A 128 -0.53 -1.89 4.05
N ILE A 129 -1.80 -2.21 4.32
CA ILE A 129 -2.80 -1.19 4.57
C ILE A 129 -3.48 -1.39 5.92
N ASP A 130 -3.51 -0.34 6.73
CA ASP A 130 -4.11 -0.41 8.06
C ASP A 130 -3.58 -1.60 8.84
N GLY A 131 -2.26 -1.75 8.83
CA GLY A 131 -1.64 -2.84 9.55
C GLY A 131 -2.02 -4.20 8.99
N VAL A 132 -2.42 -4.22 7.73
CA VAL A 132 -2.83 -5.47 7.08
C VAL A 132 -2.19 -5.59 5.69
N LEU A 133 -1.26 -6.53 5.55
CA LEU A 133 -0.57 -6.75 4.28
C LEU A 133 -1.58 -6.92 3.15
N CYS A 134 -1.74 -5.88 2.34
CA CYS A 134 -2.67 -5.92 1.22
C CYS A 134 -2.16 -6.86 0.13
N GLY A 135 -0.87 -6.79 -0.15
CA GLY A 135 -0.28 -7.64 -1.17
C GLY A 135 1.20 -7.45 -1.31
N MET A 136 1.81 -8.15 -2.24
CA MET A 136 3.26 -8.06 -2.48
C MET A 136 3.58 -8.18 -3.96
N ILE A 137 4.45 -7.30 -4.44
CA ILE A 137 4.84 -7.31 -5.84
C ILE A 137 6.34 -7.58 -5.99
N ALA A 138 6.70 -8.25 -7.08
CA ALA A 138 8.10 -8.59 -7.34
C ALA A 138 8.51 -8.12 -8.73
N ILE A 139 9.51 -7.25 -8.78
CA ILE A 139 10.01 -6.72 -10.05
C ILE A 139 11.34 -7.37 -10.43
N ALA A 140 11.51 -7.68 -11.70
CA ALA A 140 12.74 -8.30 -12.19
C ALA A 140 13.34 -7.49 -13.34
N ASP A 141 14.51 -6.93 -13.12
CA ASP A 141 15.19 -6.14 -14.14
C ASP A 141 15.68 -7.02 -15.28
N ALA A 1 21.38 -2.72 -13.17
CA ALA A 1 22.15 -1.57 -13.64
C ALA A 1 21.29 -0.31 -13.66
N GLY A 2 20.25 -0.32 -14.49
CA GLY A 2 19.37 0.83 -14.60
C GLY A 2 18.04 0.59 -13.92
N HIS A 3 17.50 -0.62 -14.06
CA HIS A 3 16.22 -0.97 -13.46
C HIS A 3 15.12 -0.04 -13.96
N MET A 4 15.22 0.37 -15.22
CA MET A 4 14.23 1.26 -15.82
C MET A 4 13.18 0.47 -16.60
N VAL A 5 13.04 -0.81 -16.24
CA VAL A 5 12.06 -1.67 -16.92
C VAL A 5 11.26 -2.49 -15.91
N PRO A 6 10.29 -1.83 -15.27
CA PRO A 6 9.42 -2.48 -14.27
C PRO A 6 8.47 -3.50 -14.90
N ARG A 7 8.31 -4.63 -14.21
CA ARG A 7 7.43 -5.69 -14.70
C ARG A 7 6.99 -6.60 -13.56
N VAL A 8 5.71 -6.52 -13.22
CA VAL A 8 5.16 -7.34 -12.14
C VAL A 8 5.33 -8.83 -12.43
N MET A 9 5.86 -9.55 -11.46
CA MET A 9 6.08 -10.99 -11.61
C MET A 9 5.01 -11.78 -10.87
N ARG A 10 4.73 -11.39 -9.63
CA ARG A 10 3.74 -12.07 -8.82
C ARG A 10 3.11 -11.11 -7.81
N VAL A 11 1.91 -11.43 -7.36
CA VAL A 11 1.20 -10.60 -6.39
C VAL A 11 0.17 -11.40 -5.62
N LEU A 12 0.09 -11.16 -4.31
CA LEU A 12 -0.85 -11.86 -3.45
C LEU A 12 -1.31 -10.98 -2.30
N LEU A 13 -2.40 -11.37 -1.65
CA LEU A 13 -2.94 -10.62 -0.52
C LEU A 13 -2.70 -11.35 0.79
N LEU A 14 -2.27 -10.61 1.80
CA LEU A 14 -2.02 -11.18 3.12
C LEU A 14 -3.13 -10.84 4.09
N GLY A 15 -3.14 -9.59 4.55
CA GLY A 15 -4.16 -9.15 5.49
C GLY A 15 -5.55 -9.57 5.07
N ASP A 16 -6.18 -10.45 5.86
CA ASP A 16 -7.51 -10.93 5.55
C ASP A 16 -8.47 -9.76 5.30
N VAL A 17 -9.67 -10.07 4.83
CA VAL A 17 -10.67 -9.05 4.55
C VAL A 17 -11.89 -9.22 5.44
N ALA A 18 -11.82 -10.17 6.36
CA ALA A 18 -12.91 -10.44 7.28
C ALA A 18 -13.38 -9.15 7.96
N THR A 19 -12.43 -8.37 8.46
CA THR A 19 -12.75 -7.12 9.14
C THR A 19 -12.74 -5.96 8.15
N LEU A 20 -12.75 -6.27 6.87
CA LEU A 20 -12.74 -5.24 5.82
C LEU A 20 -13.93 -5.41 4.89
N PRO A 21 -15.11 -4.95 5.34
CA PRO A 21 -16.34 -5.04 4.55
C PRO A 21 -16.33 -4.11 3.34
N LEU A 22 -17.36 -4.21 2.52
CA LEU A 22 -17.46 -3.38 1.32
C LEU A 22 -17.26 -1.90 1.67
N ARG A 23 -17.94 -1.45 2.70
CA ARG A 23 -17.83 -0.05 3.14
C ARG A 23 -16.38 0.32 3.38
N LYS A 24 -15.68 -0.49 4.16
CA LYS A 24 -14.28 -0.25 4.48
C LYS A 24 -13.44 -0.24 3.21
N VAL A 25 -13.57 -1.29 2.41
CA VAL A 25 -12.82 -1.41 1.16
C VAL A 25 -13.04 -0.19 0.26
N LEU A 26 -14.30 0.19 0.10
CA LEU A 26 -14.65 1.34 -0.72
C LEU A 26 -13.93 2.60 -0.23
N ALA A 27 -14.16 2.95 1.03
CA ALA A 27 -13.53 4.12 1.62
C ALA A 27 -12.01 4.04 1.55
N VAL A 28 -11.45 3.00 2.17
CA VAL A 28 -10.01 2.80 2.17
C VAL A 28 -9.43 2.88 0.77
N VAL A 29 -9.77 1.89 -0.06
CA VAL A 29 -9.29 1.87 -1.44
C VAL A 29 -9.54 3.19 -2.15
N GLY A 30 -10.66 3.83 -1.81
CA GLY A 30 -11.00 5.11 -2.42
C GLY A 30 -9.94 6.17 -2.15
N THR A 31 -9.90 6.66 -0.92
CA THR A 31 -8.93 7.69 -0.54
C THR A 31 -7.50 7.21 -0.77
N ALA A 32 -7.20 6.01 -0.30
CA ALA A 32 -5.86 5.43 -0.46
C ALA A 32 -5.39 5.54 -1.91
N ALA A 33 -6.16 4.96 -2.82
CA ALA A 33 -5.82 5.00 -4.23
C ALA A 33 -5.87 6.42 -4.78
N ALA A 34 -6.79 7.22 -4.25
CA ALA A 34 -6.93 8.61 -4.69
C ALA A 34 -5.65 9.39 -4.44
N SER A 35 -4.85 8.94 -3.47
CA SER A 35 -3.60 9.60 -3.13
C SER A 35 -2.40 8.80 -3.65
N SER A 36 -2.64 7.99 -4.67
CA SER A 36 -1.59 7.17 -5.26
C SER A 36 -0.91 7.89 -6.41
N GLU A 37 0.40 8.12 -6.27
CA GLU A 37 1.16 8.81 -7.31
C GLU A 37 1.42 7.90 -8.50
N HIS A 38 1.12 6.61 -8.32
CA HIS A 38 1.32 5.62 -9.39
C HIS A 38 0.67 6.09 -10.69
N PRO A 39 1.09 5.50 -11.80
CA PRO A 39 0.57 5.83 -13.13
C PRO A 39 -0.88 5.36 -13.32
N LEU A 40 -1.38 4.62 -12.34
CA LEU A 40 -2.74 4.11 -12.40
C LEU A 40 -3.67 4.93 -11.50
N GLY A 41 -3.12 5.98 -10.91
CA GLY A 41 -3.91 6.84 -10.04
C GLY A 41 -5.21 7.28 -10.68
N VAL A 42 -5.12 7.81 -11.89
CA VAL A 42 -6.30 8.28 -12.62
C VAL A 42 -7.35 7.17 -12.73
N ALA A 43 -6.89 5.95 -12.98
CA ALA A 43 -7.78 4.81 -13.10
C ALA A 43 -8.51 4.53 -11.80
N VAL A 44 -7.74 4.22 -10.75
CA VAL A 44 -8.32 3.94 -9.45
C VAL A 44 -9.20 5.10 -8.96
N THR A 45 -8.75 6.32 -9.25
CA THR A 45 -9.50 7.51 -8.84
C THR A 45 -10.88 7.53 -9.47
N LYS A 46 -10.94 7.37 -10.79
CA LYS A 46 -12.20 7.36 -11.52
C LYS A 46 -13.10 6.21 -11.04
N TYR A 47 -12.49 5.06 -10.77
CA TYR A 47 -13.24 3.90 -10.32
C TYR A 47 -13.94 4.19 -8.99
N CYS A 48 -13.15 4.43 -7.95
CA CYS A 48 -13.70 4.72 -6.63
C CYS A 48 -14.62 5.93 -6.67
N LYS A 49 -14.32 6.86 -7.58
CA LYS A 49 -15.13 8.07 -7.73
C LYS A 49 -16.53 7.73 -8.26
N GLU A 50 -16.58 6.78 -9.19
CA GLU A 50 -17.85 6.37 -9.77
C GLU A 50 -18.60 5.43 -8.84
N GLU A 51 -17.86 4.73 -7.98
CA GLU A 51 -18.45 3.79 -7.04
C GLU A 51 -19.06 4.53 -5.85
N LEU A 52 -18.41 5.61 -5.44
CA LEU A 52 -18.88 6.41 -4.31
C LEU A 52 -19.88 7.46 -4.78
N GLY A 53 -19.67 7.98 -5.98
CA GLY A 53 -20.56 8.99 -6.51
C GLY A 53 -20.15 10.40 -6.10
N THR A 54 -18.93 10.53 -5.61
CA THR A 54 -18.42 11.83 -5.17
C THR A 54 -16.98 12.03 -5.62
N GLU A 55 -16.66 13.25 -6.06
CA GLU A 55 -15.32 13.57 -6.51
C GLU A 55 -14.43 13.99 -5.35
N THR A 56 -15.00 13.98 -4.15
CA THR A 56 -14.26 14.37 -2.95
C THR A 56 -13.57 13.17 -2.32
N LEU A 57 -12.29 13.03 -2.59
CA LEU A 57 -11.50 11.92 -2.05
C LEU A 57 -10.01 12.15 -2.24
N GLY A 58 -9.20 11.54 -1.38
CA GLY A 58 -7.76 11.70 -1.48
C GLY A 58 -7.21 12.65 -0.43
N TYR A 59 -7.76 12.59 0.77
CA TYR A 59 -7.32 13.46 1.86
C TYR A 59 -6.36 12.72 2.79
N CYS A 60 -5.22 13.36 3.06
CA CYS A 60 -4.21 12.77 3.93
C CYS A 60 -4.19 13.46 5.29
N THR A 61 -4.42 12.68 6.34
CA THR A 61 -4.43 13.22 7.70
C THR A 61 -3.10 12.98 8.40
N ASP A 62 -2.67 11.73 8.42
CA ASP A 62 -1.41 11.36 9.06
C ASP A 62 -0.30 11.19 8.02
N PHE A 63 0.93 11.49 8.42
CA PHE A 63 2.07 11.36 7.52
C PHE A 63 3.21 10.60 8.19
N GLN A 64 3.80 9.65 7.46
CA GLN A 64 4.91 8.86 8.00
C GLN A 64 5.99 8.68 6.95
N ALA A 65 7.21 9.11 7.28
CA ALA A 65 8.34 8.99 6.37
C ALA A 65 9.38 8.01 6.90
N VAL A 66 10.07 7.33 6.00
CA VAL A 66 11.09 6.37 6.37
C VAL A 66 11.93 5.95 5.17
N PRO A 67 13.00 6.73 4.90
CA PRO A 67 13.90 6.45 3.77
C PRO A 67 14.74 5.20 4.00
N GLY A 68 14.69 4.28 3.03
CA GLY A 68 15.46 3.05 3.15
C GLY A 68 14.58 1.84 3.40
N CYS A 69 13.30 2.10 3.69
CA CYS A 69 12.36 1.02 3.96
C CYS A 69 11.07 1.21 3.16
N GLY A 70 10.57 2.44 3.13
CA GLY A 70 9.35 2.74 2.40
C GLY A 70 8.69 4.01 2.88
N ILE A 71 7.37 4.07 2.78
CA ILE A 71 6.61 5.24 3.20
C ILE A 71 5.22 4.85 3.69
N GLY A 72 4.70 5.64 4.64
CA GLY A 72 3.38 5.36 5.17
C GLY A 72 2.62 6.62 5.53
N CYS A 73 1.31 6.51 5.66
CA CYS A 73 0.48 7.66 6.00
C CYS A 73 -1.00 7.25 6.10
N LYS A 74 -1.80 8.11 6.71
CA LYS A 74 -3.23 7.83 6.86
C LYS A 74 -4.06 8.80 6.02
N VAL A 75 -4.84 8.24 5.10
CA VAL A 75 -5.68 9.05 4.23
C VAL A 75 -7.10 8.50 4.18
N SER A 76 -8.08 9.40 4.29
CA SER A 76 -9.49 9.02 4.27
C SER A 76 -10.39 10.24 4.14
N ASN A 77 -11.30 10.20 3.17
CA ASN A 77 -12.22 11.30 2.95
C ASN A 77 -13.54 11.08 3.69
N VAL A 78 -13.65 9.93 4.35
CA VAL A 78 -14.84 9.59 5.10
C VAL A 78 -15.25 10.74 6.03
N GLU A 79 -14.25 11.42 6.57
CA GLU A 79 -14.51 12.54 7.48
C GLU A 79 -14.88 13.80 6.70
N GLY A 80 -14.25 13.97 5.54
CA GLY A 80 -14.52 15.13 4.71
C GLY A 80 -15.82 15.01 3.95
N ILE A 81 -16.39 13.81 3.94
CA ILE A 81 -17.64 13.56 3.23
C ILE A 81 -18.79 13.32 4.21
N LEU A 82 -18.48 12.64 5.31
CA LEU A 82 -19.49 12.35 6.32
C LEU A 82 -19.47 13.40 7.43
N ALA A 83 -18.27 13.86 7.79
CA ALA A 83 -18.12 14.87 8.82
C ALA A 83 -18.82 14.45 10.11
N ALA A 84 -18.77 13.16 10.41
CA ALA A 84 -19.40 12.63 11.61
C ALA A 84 -18.67 11.38 12.11
N VAL A 85 -18.27 10.52 11.18
CA VAL A 85 -17.57 9.30 11.53
C VAL A 85 -16.21 9.23 10.83
N PRO A 86 -15.24 9.99 11.34
CA PRO A 86 -13.88 10.03 10.79
C PRO A 86 -13.12 8.73 11.02
N GLN A 87 -12.46 8.24 9.98
CA GLN A 87 -11.69 7.01 10.08
C GLN A 87 -10.40 7.10 9.27
N THR A 88 -9.30 7.36 9.96
CA THR A 88 -8.00 7.48 9.32
C THR A 88 -7.49 6.13 8.85
N PHE A 89 -7.50 5.91 7.55
CA PHE A 89 -7.03 4.65 6.97
C PHE A 89 -5.52 4.66 6.80
N SER A 90 -4.82 3.90 7.63
CA SER A 90 -3.36 3.82 7.56
C SER A 90 -2.92 3.01 6.35
N VAL A 91 -1.89 3.50 5.66
CA VAL A 91 -1.36 2.83 4.49
C VAL A 91 0.15 3.02 4.38
N LEU A 92 0.86 1.92 4.19
CA LEU A 92 2.32 1.96 4.06
C LEU A 92 2.80 0.97 3.01
N ILE A 93 3.90 1.32 2.34
CA ILE A 93 4.46 0.46 1.30
C ILE A 93 5.98 0.41 1.41
N GLY A 94 6.53 -0.80 1.35
CA GLY A 94 7.97 -0.96 1.44
C GLY A 94 8.44 -2.33 0.97
N ASN A 95 9.72 -2.61 1.12
CA ASN A 95 10.29 -3.89 0.71
C ASN A 95 10.53 -4.79 1.91
N ARG A 96 11.28 -5.86 1.70
CA ARG A 96 11.58 -6.82 2.76
C ARG A 96 12.09 -6.09 4.00
N GLU A 97 12.78 -4.97 3.79
CA GLU A 97 13.33 -4.19 4.88
C GLU A 97 12.22 -3.69 5.81
N TRP A 98 11.27 -2.97 5.24
CA TRP A 98 10.15 -2.44 6.02
C TRP A 98 9.25 -3.56 6.52
N LEU A 99 8.88 -4.46 5.62
CA LEU A 99 8.02 -5.58 5.97
C LEU A 99 8.57 -6.33 7.17
N ARG A 100 9.88 -6.56 7.17
CA ARG A 100 10.53 -7.27 8.26
C ARG A 100 10.79 -6.35 9.44
N ARG A 101 10.93 -5.05 9.15
CA ARG A 101 11.18 -4.06 10.18
C ARG A 101 9.93 -3.84 11.03
N ASN A 102 8.77 -4.18 10.48
CA ASN A 102 7.51 -4.03 11.18
C ASN A 102 6.86 -5.37 11.45
N GLY A 103 7.31 -6.40 10.73
CA GLY A 103 6.76 -7.73 10.92
C GLY A 103 7.55 -8.54 11.92
N LEU A 104 8.84 -8.24 12.05
CA LEU A 104 9.71 -8.95 12.97
C LEU A 104 10.89 -8.09 13.39
N THR A 105 11.88 -8.71 14.03
CA THR A 105 13.07 -8.00 14.48
C THR A 105 14.15 -8.02 13.41
N ILE A 106 14.84 -9.15 13.29
CA ILE A 106 15.90 -9.30 12.30
C ILE A 106 16.13 -10.77 11.95
N SER A 107 16.41 -11.03 10.68
CA SER A 107 16.64 -12.39 10.22
C SER A 107 17.72 -12.42 9.13
N SER A 108 18.85 -13.03 9.46
CA SER A 108 19.96 -13.12 8.51
C SER A 108 19.57 -13.95 7.29
N ASP A 109 18.65 -14.88 7.49
CA ASP A 109 18.19 -15.74 6.41
C ASP A 109 17.25 -14.98 5.47
N VAL A 110 16.37 -14.17 6.05
CA VAL A 110 15.42 -13.39 5.26
C VAL A 110 16.13 -12.31 4.46
N SER A 111 17.06 -11.61 5.11
CA SER A 111 17.81 -10.54 4.46
C SER A 111 18.75 -11.11 3.39
N ASP A 112 19.49 -12.15 3.76
CA ASP A 112 20.43 -12.79 2.83
C ASP A 112 19.69 -13.36 1.63
N ALA A 113 18.54 -13.98 1.88
CA ALA A 113 17.74 -14.56 0.81
C ALA A 113 17.21 -13.49 -0.13
N MET A 114 16.69 -12.41 0.44
CA MET A 114 16.14 -11.31 -0.34
C MET A 114 17.21 -10.73 -1.28
N THR A 115 18.36 -10.38 -0.71
CA THR A 115 19.46 -9.82 -1.49
C THR A 115 20.07 -10.88 -2.41
N ASP A 116 19.96 -12.14 -2.02
CA ASP A 116 20.51 -13.23 -2.80
C ASP A 116 19.76 -13.38 -4.12
N HIS A 117 18.43 -13.26 -4.07
CA HIS A 117 17.60 -13.38 -5.26
C HIS A 117 17.50 -12.04 -5.99
N GLU A 118 17.67 -10.96 -5.25
CA GLU A 118 17.60 -9.62 -5.83
C GLU A 118 18.71 -9.43 -6.86
N MET A 119 19.71 -10.29 -6.83
CA MET A 119 20.83 -10.22 -7.76
C MET A 119 20.37 -10.49 -9.19
N LYS A 120 19.15 -11.01 -9.32
CA LYS A 120 18.59 -11.32 -10.63
C LYS A 120 17.85 -10.13 -11.20
N GLY A 121 17.75 -9.06 -10.41
CA GLY A 121 17.06 -7.86 -10.85
C GLY A 121 15.62 -7.82 -10.38
N GLN A 122 15.26 -8.74 -9.50
CA GLN A 122 13.90 -8.81 -8.98
C GLN A 122 13.74 -7.92 -7.74
N THR A 123 12.57 -7.32 -7.61
CA THR A 123 12.29 -6.44 -6.47
C THR A 123 11.09 -6.93 -5.67
N ALA A 124 11.17 -6.81 -4.35
CA ALA A 124 10.10 -7.25 -3.47
C ALA A 124 9.52 -6.07 -2.69
N ILE A 125 8.23 -5.80 -2.88
CA ILE A 125 7.57 -4.70 -2.19
C ILE A 125 6.13 -5.07 -1.85
N LEU A 126 5.74 -4.80 -0.60
CA LEU A 126 4.40 -5.10 -0.14
C LEU A 126 3.73 -3.86 0.44
N VAL A 127 2.42 -3.92 0.64
CA VAL A 127 1.66 -2.81 1.19
C VAL A 127 0.87 -3.23 2.43
N ALA A 128 0.96 -2.43 3.48
CA ALA A 128 0.25 -2.72 4.72
C ALA A 128 -0.78 -1.65 5.02
N ILE A 129 -1.91 -2.06 5.59
CA ILE A 129 -2.98 -1.13 5.93
C ILE A 129 -3.33 -1.21 7.42
N ASP A 130 -3.56 -0.06 8.02
CA ASP A 130 -3.91 0.00 9.43
C ASP A 130 -2.86 -0.70 10.29
N GLY A 131 -1.61 -0.66 9.82
CA GLY A 131 -0.53 -1.29 10.55
C GLY A 131 -0.54 -2.80 10.40
N VAL A 132 -1.11 -3.29 9.30
CA VAL A 132 -1.19 -4.72 9.05
C VAL A 132 -1.06 -5.01 7.56
N LEU A 133 -0.06 -5.81 7.21
CA LEU A 133 0.19 -6.17 5.81
C LEU A 133 -1.11 -6.57 5.12
N CYS A 134 -1.39 -5.95 3.98
CA CYS A 134 -2.60 -6.24 3.22
C CYS A 134 -2.28 -7.06 1.98
N GLY A 135 -1.12 -6.80 1.38
CA GLY A 135 -0.72 -7.53 0.19
C GLY A 135 0.77 -7.41 -0.09
N MET A 136 1.29 -8.29 -0.93
CA MET A 136 2.71 -8.28 -1.27
C MET A 136 2.89 -8.50 -2.77
N ILE A 137 3.72 -7.64 -3.38
CA ILE A 137 3.99 -7.74 -4.82
C ILE A 137 5.47 -7.99 -5.08
N ALA A 138 5.76 -8.81 -6.09
CA ALA A 138 7.12 -9.13 -6.44
C ALA A 138 7.37 -8.94 -7.94
N ILE A 139 8.19 -7.95 -8.28
CA ILE A 139 8.51 -7.66 -9.67
C ILE A 139 9.82 -8.32 -10.09
N ALA A 140 10.00 -8.50 -11.39
CA ALA A 140 11.21 -9.12 -11.92
C ALA A 140 11.75 -8.33 -13.10
N ASP A 141 12.84 -7.61 -12.88
CA ASP A 141 13.46 -6.80 -13.92
C ASP A 141 14.83 -7.36 -14.31
N ALA A 1 21.64 -3.28 -17.15
CA ALA A 1 21.31 -2.71 -18.44
C ALA A 1 20.65 -1.34 -18.28
N GLY A 2 20.03 -1.12 -17.13
CA GLY A 2 19.35 0.14 -16.87
C GLY A 2 18.31 0.03 -15.78
N HIS A 3 18.22 1.06 -14.95
CA HIS A 3 17.25 1.07 -13.85
C HIS A 3 15.93 1.67 -14.31
N MET A 4 15.82 1.94 -15.61
CA MET A 4 14.60 2.51 -16.17
C MET A 4 13.79 1.45 -16.92
N VAL A 5 13.99 0.19 -16.54
CA VAL A 5 13.28 -0.91 -17.16
C VAL A 5 12.89 -1.98 -16.14
N PRO A 6 11.95 -1.63 -15.25
CA PRO A 6 11.48 -2.53 -14.20
C PRO A 6 10.64 -3.68 -14.77
N ARG A 7 10.52 -4.75 -13.98
CA ARG A 7 9.76 -5.92 -14.40
C ARG A 7 9.32 -6.74 -13.20
N VAL A 8 8.02 -6.74 -12.94
CA VAL A 8 7.46 -7.49 -11.82
C VAL A 8 7.68 -8.99 -11.99
N MET A 9 8.30 -9.60 -10.99
CA MET A 9 8.58 -11.04 -11.02
C MET A 9 7.47 -11.82 -10.33
N ARG A 10 7.13 -11.39 -9.11
CA ARG A 10 6.08 -12.06 -8.34
C ARG A 10 5.23 -11.04 -7.58
N VAL A 11 4.00 -11.42 -7.26
CA VAL A 11 3.09 -10.54 -6.54
C VAL A 11 2.01 -11.35 -5.82
N LEU A 12 1.69 -10.93 -4.59
CA LEU A 12 0.67 -11.61 -3.81
C LEU A 12 0.06 -10.66 -2.78
N LEU A 13 -1.15 -11.00 -2.31
CA LEU A 13 -1.84 -10.18 -1.33
C LEU A 13 -2.05 -10.95 -0.03
N LEU A 14 -1.73 -10.31 1.09
CA LEU A 14 -1.88 -10.93 2.40
C LEU A 14 -3.19 -10.50 3.05
N GLY A 15 -3.26 -9.24 3.45
CA GLY A 15 -4.46 -8.72 4.09
C GLY A 15 -5.71 -9.05 3.30
N ASP A 16 -6.57 -9.87 3.90
CA ASP A 16 -7.82 -10.27 3.25
C ASP A 16 -8.82 -9.12 3.26
N VAL A 17 -10.03 -9.39 2.76
CA VAL A 17 -11.08 -8.39 2.72
C VAL A 17 -12.20 -8.72 3.70
N ALA A 18 -12.02 -9.79 4.47
CA ALA A 18 -13.02 -10.21 5.44
C ALA A 18 -13.42 -9.05 6.34
N THR A 19 -12.43 -8.34 6.87
CA THR A 19 -12.68 -7.21 7.75
C THR A 19 -12.78 -5.91 6.96
N LEU A 20 -12.91 -6.02 5.65
CA LEU A 20 -13.01 -4.86 4.78
C LEU A 20 -14.28 -4.91 3.95
N PRO A 21 -15.41 -4.52 4.56
CA PRO A 21 -16.71 -4.52 3.89
C PRO A 21 -16.81 -3.43 2.81
N LEU A 22 -17.95 -3.36 2.15
CA LEU A 22 -18.17 -2.37 1.11
C LEU A 22 -17.82 -0.97 1.59
N ARG A 23 -18.27 -0.64 2.80
CA ARG A 23 -17.99 0.67 3.39
C ARG A 23 -16.50 0.93 3.46
N LYS A 24 -15.76 -0.03 4.03
CA LYS A 24 -14.32 0.10 4.17
C LYS A 24 -13.65 0.17 2.80
N VAL A 25 -13.94 -0.79 1.95
CA VAL A 25 -13.37 -0.83 0.61
C VAL A 25 -13.62 0.48 -0.14
N LEU A 26 -14.84 0.99 -0.01
CA LEU A 26 -15.21 2.24 -0.67
C LEU A 26 -14.33 3.39 -0.19
N ALA A 27 -14.37 3.65 1.12
CA ALA A 27 -13.58 4.72 1.71
C ALA A 27 -12.10 4.53 1.43
N VAL A 28 -11.56 3.38 1.83
CA VAL A 28 -10.16 3.07 1.62
C VAL A 28 -9.75 3.30 0.16
N VAL A 29 -10.27 2.46 -0.73
CA VAL A 29 -9.98 2.57 -2.15
C VAL A 29 -10.21 3.99 -2.65
N GLY A 30 -11.22 4.65 -2.11
CA GLY A 30 -11.52 6.01 -2.51
C GLY A 30 -10.35 6.94 -2.32
N THR A 31 -10.02 7.24 -1.07
CA THR A 31 -8.91 8.13 -0.76
C THR A 31 -7.59 7.54 -1.23
N ALA A 32 -7.38 6.26 -0.94
CA ALA A 32 -6.15 5.59 -1.35
C ALA A 32 -5.86 5.79 -2.82
N ALA A 33 -6.74 5.27 -3.67
CA ALA A 33 -6.58 5.40 -5.11
C ALA A 33 -6.49 6.87 -5.52
N ALA A 34 -7.33 7.71 -4.94
CA ALA A 34 -7.34 9.13 -5.24
C ALA A 34 -6.01 9.77 -4.88
N SER A 35 -5.27 9.14 -3.98
CA SER A 35 -3.98 9.65 -3.55
C SER A 35 -2.88 9.26 -4.53
N SER A 36 -3.25 8.46 -5.53
CA SER A 36 -2.30 8.00 -6.53
C SER A 36 -2.55 8.69 -7.88
N GLU A 37 -1.47 9.01 -8.59
CA GLU A 37 -1.57 9.67 -9.88
C GLU A 37 -1.56 8.65 -11.01
N HIS A 38 -1.68 7.37 -10.65
CA HIS A 38 -1.69 6.30 -11.64
C HIS A 38 -2.71 6.59 -12.75
N PRO A 39 -2.51 5.96 -13.92
CA PRO A 39 -3.40 6.13 -15.07
C PRO A 39 -4.75 5.48 -14.85
N LEU A 40 -4.89 4.75 -13.75
CA LEU A 40 -6.14 4.07 -13.43
C LEU A 40 -7.00 4.94 -12.52
N GLY A 41 -6.48 6.10 -12.14
CA GLY A 41 -7.22 7.01 -11.28
C GLY A 41 -8.62 7.28 -11.79
N VAL A 42 -8.74 7.59 -13.09
CA VAL A 42 -10.02 7.87 -13.69
C VAL A 42 -11.00 6.73 -13.48
N ALA A 43 -10.49 5.49 -13.57
CA ALA A 43 -11.31 4.31 -13.37
C ALA A 43 -11.74 4.16 -11.92
N VAL A 44 -10.76 3.96 -11.03
CA VAL A 44 -11.04 3.81 -9.62
C VAL A 44 -11.90 4.95 -9.09
N THR A 45 -11.64 6.15 -9.58
CA THR A 45 -12.39 7.33 -9.16
C THR A 45 -13.84 7.26 -9.64
N LYS A 46 -14.02 7.01 -10.92
CA LYS A 46 -15.36 6.91 -11.51
C LYS A 46 -16.16 5.80 -10.85
N TYR A 47 -15.53 4.64 -10.69
CA TYR A 47 -16.19 3.50 -10.07
C TYR A 47 -16.63 3.83 -8.65
N CYS A 48 -15.66 4.20 -7.81
CA CYS A 48 -15.95 4.55 -6.42
C CYS A 48 -16.97 5.69 -6.34
N LYS A 49 -16.87 6.61 -7.29
CA LYS A 49 -17.79 7.76 -7.33
C LYS A 49 -19.21 7.30 -7.63
N GLU A 50 -19.34 6.29 -8.48
CA GLU A 50 -20.65 5.77 -8.86
C GLU A 50 -21.15 4.77 -7.81
N GLU A 51 -20.22 4.19 -7.06
CA GLU A 51 -20.58 3.21 -6.04
C GLU A 51 -20.92 3.91 -4.73
N LEU A 52 -20.28 5.04 -4.47
CA LEU A 52 -20.52 5.81 -3.25
C LEU A 52 -21.51 6.94 -3.51
N GLY A 53 -21.51 7.45 -4.74
CA GLY A 53 -22.40 8.54 -5.09
C GLY A 53 -21.83 9.90 -4.76
N THR A 54 -20.54 9.94 -4.48
CA THR A 54 -19.86 11.19 -4.15
C THR A 54 -18.40 11.16 -4.56
N GLU A 55 -17.86 12.34 -4.89
CA GLU A 55 -16.47 12.45 -5.31
C GLU A 55 -15.59 12.90 -4.16
N THR A 56 -16.12 12.83 -2.94
CA THR A 56 -15.38 13.24 -1.75
C THR A 56 -14.24 12.27 -1.46
N LEU A 57 -13.02 12.69 -1.80
CA LEU A 57 -11.84 11.85 -1.57
C LEU A 57 -10.57 12.70 -1.65
N GLY A 58 -9.56 12.30 -0.87
CA GLY A 58 -8.31 13.03 -0.86
C GLY A 58 -8.12 13.84 0.39
N TYR A 59 -8.53 13.29 1.52
CA TYR A 59 -8.41 13.99 2.81
C TYR A 59 -7.38 13.30 3.70
N CYS A 60 -6.92 14.03 4.71
CA CYS A 60 -5.93 13.49 5.64
C CYS A 60 -4.76 12.87 4.89
N THR A 61 -4.42 13.46 3.74
CA THR A 61 -3.32 12.97 2.92
C THR A 61 -1.97 13.41 3.49
N ASP A 62 -1.48 12.68 4.49
CA ASP A 62 -0.21 13.00 5.11
C ASP A 62 0.90 12.08 4.58
N PHE A 63 2.14 12.49 4.80
CA PHE A 63 3.29 11.70 4.34
C PHE A 63 4.19 11.33 5.52
N GLN A 64 4.96 10.26 5.34
CA GLN A 64 5.87 9.81 6.39
C GLN A 64 7.12 9.17 5.79
N ALA A 65 8.26 9.85 5.96
CA ALA A 65 9.53 9.36 5.44
C ALA A 65 10.17 8.37 6.40
N VAL A 66 10.91 7.41 5.85
CA VAL A 66 11.58 6.41 6.66
C VAL A 66 12.88 5.95 6.01
N PRO A 67 13.94 6.75 6.18
CA PRO A 67 15.26 6.46 5.62
C PRO A 67 15.94 5.27 6.30
N GLY A 68 16.16 4.21 5.53
CA GLY A 68 16.78 3.02 6.08
C GLY A 68 15.85 1.82 6.11
N CYS A 69 14.60 2.05 5.75
CA CYS A 69 13.60 0.99 5.73
C CYS A 69 12.67 1.13 4.53
N GLY A 70 12.06 2.30 4.38
CA GLY A 70 11.16 2.54 3.27
C GLY A 70 10.42 3.85 3.39
N ILE A 71 9.11 3.82 3.20
CA ILE A 71 8.29 5.02 3.29
C ILE A 71 6.85 4.68 3.67
N GLY A 72 6.07 5.70 3.98
CA GLY A 72 4.68 5.49 4.35
C GLY A 72 3.87 6.77 4.31
N CYS A 73 2.55 6.64 4.39
CA CYS A 73 1.66 7.80 4.36
C CYS A 73 0.25 7.41 4.82
N LYS A 74 -0.63 8.40 4.91
CA LYS A 74 -2.00 8.17 5.34
C LYS A 74 -2.98 8.98 4.48
N VAL A 75 -4.09 8.36 4.11
CA VAL A 75 -5.11 9.02 3.31
C VAL A 75 -6.49 8.45 3.58
N SER A 76 -7.44 9.32 3.91
CA SER A 76 -8.80 8.91 4.19
C SER A 76 -9.74 10.11 4.23
N ASN A 77 -10.83 10.03 3.45
CA ASN A 77 -11.81 11.10 3.40
C ASN A 77 -12.98 10.82 4.33
N VAL A 78 -12.94 9.67 4.98
CA VAL A 78 -14.01 9.27 5.90
C VAL A 78 -14.33 10.40 6.88
N GLU A 79 -13.31 11.17 7.25
CA GLU A 79 -13.48 12.27 8.18
C GLU A 79 -14.10 13.48 7.48
N GLY A 80 -13.71 13.69 6.23
CA GLY A 80 -14.23 14.81 5.46
C GLY A 80 -15.63 14.55 4.93
N ILE A 81 -16.05 13.29 4.95
CA ILE A 81 -17.36 12.91 4.47
C ILE A 81 -18.33 12.67 5.62
N LEU A 82 -17.80 12.17 6.73
CA LEU A 82 -18.61 11.89 7.91
C LEU A 82 -18.58 13.07 8.88
N ALA A 83 -17.38 13.59 9.14
CA ALA A 83 -17.22 14.72 10.04
C ALA A 83 -17.64 14.36 11.46
N ALA A 84 -17.47 13.09 11.81
CA ALA A 84 -17.84 12.62 13.14
C ALA A 84 -16.88 11.52 13.62
N VAL A 85 -16.64 10.54 12.75
CA VAL A 85 -15.74 9.44 13.07
C VAL A 85 -14.56 9.39 12.12
N PRO A 86 -13.58 10.27 12.35
CA PRO A 86 -12.37 10.35 11.52
C PRO A 86 -11.46 9.14 11.70
N GLN A 87 -10.97 8.60 10.59
CA GLN A 87 -10.08 7.44 10.64
C GLN A 87 -8.98 7.56 9.60
N THR A 88 -7.79 7.97 10.05
CA THR A 88 -6.65 8.13 9.16
C THR A 88 -6.08 6.78 8.74
N PHE A 89 -6.39 6.36 7.52
CA PHE A 89 -5.91 5.09 7.00
C PHE A 89 -4.40 5.13 6.75
N SER A 90 -3.66 4.37 7.54
CA SER A 90 -2.21 4.32 7.40
C SER A 90 -1.79 3.33 6.32
N VAL A 91 -0.79 3.70 5.53
CA VAL A 91 -0.30 2.85 4.46
C VAL A 91 1.21 2.98 4.30
N LEU A 92 1.94 2.00 4.83
CA LEU A 92 3.40 2.01 4.74
C LEU A 92 3.89 0.94 3.77
N ILE A 93 5.02 1.21 3.13
CA ILE A 93 5.60 0.26 2.18
C ILE A 93 7.11 0.18 2.35
N GLY A 94 7.63 -1.06 2.39
CA GLY A 94 9.05 -1.26 2.55
C GLY A 94 9.45 -2.71 2.39
N ASN A 95 10.75 -2.96 2.26
CA ASN A 95 11.25 -4.31 2.10
C ASN A 95 11.20 -5.08 3.41
N ARG A 96 11.75 -6.29 3.41
CA ARG A 96 11.75 -7.13 4.60
C ARG A 96 12.23 -6.34 5.82
N GLU A 97 13.15 -5.40 5.59
CA GLU A 97 13.69 -4.57 6.66
C GLU A 97 12.56 -3.90 7.44
N TRP A 98 11.78 -3.10 6.75
CA TRP A 98 10.67 -2.38 7.38
C TRP A 98 9.61 -3.36 7.87
N LEU A 99 9.20 -4.27 7.00
CA LEU A 99 8.20 -5.27 7.35
C LEU A 99 8.56 -6.00 8.64
N ARG A 100 9.86 -6.17 8.86
CA ARG A 100 10.35 -6.85 10.04
C ARG A 100 10.52 -5.87 11.20
N ARG A 101 10.91 -4.64 10.87
CA ARG A 101 11.12 -3.61 11.88
C ARG A 101 9.82 -3.33 12.64
N ASN A 102 8.69 -3.54 11.97
CA ASN A 102 7.39 -3.30 12.58
C ASN A 102 6.58 -4.60 12.63
N GLY A 103 7.03 -5.60 11.90
CA GLY A 103 6.32 -6.88 11.87
C GLY A 103 7.27 -8.05 11.80
N LEU A 104 8.35 -7.99 12.58
CA LEU A 104 9.34 -9.06 12.61
C LEU A 104 8.67 -10.42 12.66
N THR A 105 8.69 -11.14 11.54
CA THR A 105 8.08 -12.46 11.46
C THR A 105 8.88 -13.37 10.53
N ILE A 106 9.38 -12.81 9.43
CA ILE A 106 10.15 -13.58 8.47
C ILE A 106 11.25 -14.38 9.16
N SER A 107 11.44 -15.62 8.70
CA SER A 107 12.44 -16.49 9.28
C SER A 107 13.82 -16.22 8.68
N SER A 108 14.87 -16.61 9.40
CA SER A 108 16.23 -16.39 8.94
C SER A 108 16.45 -17.03 7.57
N ASP A 109 15.81 -18.17 7.35
CA ASP A 109 15.93 -18.88 6.08
C ASP A 109 15.28 -18.09 4.96
N VAL A 110 14.02 -17.73 5.14
CA VAL A 110 13.29 -16.98 4.13
C VAL A 110 13.96 -15.64 3.85
N SER A 111 14.38 -14.96 4.91
CA SER A 111 15.04 -13.67 4.78
C SER A 111 16.38 -13.81 4.04
N ASP A 112 17.12 -14.86 4.38
CA ASP A 112 18.41 -15.11 3.75
C ASP A 112 18.25 -15.31 2.25
N ALA A 113 17.27 -16.11 1.87
CA ALA A 113 17.01 -16.39 0.45
C ALA A 113 16.56 -15.12 -0.28
N MET A 114 15.66 -14.37 0.35
CA MET A 114 15.15 -13.14 -0.24
C MET A 114 16.29 -12.19 -0.57
N THR A 115 17.14 -11.93 0.40
CA THR A 115 18.28 -11.02 0.20
C THR A 115 19.36 -11.67 -0.66
N ASP A 116 19.39 -13.00 -0.64
CA ASP A 116 20.37 -13.75 -1.43
C ASP A 116 20.13 -13.55 -2.92
N HIS A 117 18.87 -13.57 -3.33
CA HIS A 117 18.50 -13.40 -4.72
C HIS A 117 18.41 -11.92 -5.08
N GLU A 118 18.04 -11.10 -4.10
CA GLU A 118 17.91 -9.67 -4.31
C GLU A 118 19.25 -9.05 -4.73
N MET A 119 20.32 -9.77 -4.46
CA MET A 119 21.66 -9.30 -4.81
C MET A 119 21.84 -9.24 -6.32
N LYS A 120 20.89 -9.83 -7.04
CA LYS A 120 20.94 -9.86 -8.50
C LYS A 120 20.20 -8.66 -9.10
N GLY A 121 19.69 -7.80 -8.23
CA GLY A 121 18.96 -6.63 -8.68
C GLY A 121 17.50 -6.65 -8.27
N GLN A 122 16.97 -7.85 -8.09
CA GLN A 122 15.56 -8.01 -7.70
C GLN A 122 15.27 -7.25 -6.42
N THR A 123 14.02 -6.81 -6.26
CA THR A 123 13.62 -6.07 -5.08
C THR A 123 12.27 -6.55 -4.56
N ALA A 124 12.26 -7.08 -3.35
CA ALA A 124 11.03 -7.58 -2.75
C ALA A 124 10.46 -6.59 -1.75
N ILE A 125 9.40 -5.89 -2.14
CA ILE A 125 8.77 -4.90 -1.27
C ILE A 125 7.43 -5.41 -0.75
N LEU A 126 6.99 -4.84 0.37
CA LEU A 126 5.72 -5.23 0.98
C LEU A 126 4.93 -4.01 1.40
N VAL A 127 3.61 -4.03 1.12
CA VAL A 127 2.74 -2.92 1.48
C VAL A 127 1.80 -3.31 2.62
N ALA A 128 1.77 -2.48 3.65
CA ALA A 128 0.92 -2.73 4.81
C ALA A 128 -0.03 -1.57 5.06
N ILE A 129 -1.25 -1.87 5.45
CA ILE A 129 -2.25 -0.84 5.74
C ILE A 129 -2.82 -1.00 7.13
N ASP A 130 -2.98 0.12 7.84
CA ASP A 130 -3.52 0.11 9.19
C ASP A 130 -2.76 -0.87 10.08
N GLY A 131 -1.45 -0.99 9.83
CA GLY A 131 -0.64 -1.89 10.61
C GLY A 131 -0.87 -3.35 10.25
N VAL A 132 -1.34 -3.60 9.04
CA VAL A 132 -1.63 -4.95 8.58
C VAL A 132 -1.19 -5.14 7.14
N LEU A 133 -0.21 -6.02 6.93
CA LEU A 133 0.30 -6.29 5.59
C LEU A 133 -0.84 -6.58 4.62
N CYS A 134 -0.95 -5.76 3.58
CA CYS A 134 -2.01 -5.93 2.58
C CYS A 134 -1.52 -6.80 1.43
N GLY A 135 -0.25 -6.66 1.07
CA GLY A 135 0.31 -7.44 -0.02
C GLY A 135 1.80 -7.26 -0.16
N MET A 136 2.42 -8.06 -1.03
CA MET A 136 3.86 -7.97 -1.26
C MET A 136 4.20 -8.28 -2.71
N ILE A 137 5.08 -7.47 -3.28
CA ILE A 137 5.50 -7.66 -4.67
C ILE A 137 7.02 -7.73 -4.79
N ALA A 138 7.50 -8.54 -5.73
CA ALA A 138 8.93 -8.70 -5.94
C ALA A 138 9.30 -8.42 -7.40
N ILE A 139 10.20 -7.46 -7.59
CA ILE A 139 10.64 -7.10 -8.94
C ILE A 139 11.91 -7.84 -9.32
N ALA A 140 12.08 -8.07 -10.62
CA ALA A 140 13.26 -8.77 -11.12
C ALA A 140 13.71 -8.20 -12.46
N ASP A 141 14.80 -7.45 -12.45
CA ASP A 141 15.33 -6.85 -13.67
C ASP A 141 16.06 -7.89 -14.52
N ALA A 1 25.06 -1.54 -19.62
CA ALA A 1 24.27 -1.48 -18.40
C ALA A 1 22.83 -1.91 -18.64
N GLY A 2 22.15 -2.31 -17.57
CA GLY A 2 20.76 -2.74 -17.70
C GLY A 2 19.97 -2.50 -16.43
N HIS A 3 20.21 -1.36 -15.80
CA HIS A 3 19.51 -1.00 -14.56
C HIS A 3 18.57 0.18 -14.80
N MET A 4 18.11 0.33 -16.04
CA MET A 4 17.21 1.41 -16.39
C MET A 4 15.99 0.89 -17.15
N VAL A 5 15.66 -0.37 -16.92
CA VAL A 5 14.51 -0.99 -17.58
C VAL A 5 13.68 -1.80 -16.59
N PRO A 6 12.86 -1.09 -15.78
CA PRO A 6 12.00 -1.72 -14.79
C PRO A 6 10.86 -2.50 -15.42
N ARG A 7 10.54 -3.66 -14.85
CA ARG A 7 9.48 -4.51 -15.35
C ARG A 7 8.96 -5.45 -14.27
N VAL A 8 7.74 -5.22 -13.82
CA VAL A 8 7.14 -6.05 -12.78
C VAL A 8 7.16 -7.53 -13.17
N MET A 9 7.72 -8.36 -12.31
CA MET A 9 7.80 -9.79 -12.57
C MET A 9 6.62 -10.53 -11.94
N ARG A 10 6.34 -10.21 -10.68
CA ARG A 10 5.24 -10.84 -9.96
C ARG A 10 4.72 -9.93 -8.85
N VAL A 11 3.51 -10.20 -8.38
CA VAL A 11 2.90 -9.41 -7.32
C VAL A 11 1.81 -10.20 -6.61
N LEU A 12 1.75 -10.05 -5.29
CA LEU A 12 0.75 -10.75 -4.48
C LEU A 12 0.07 -9.79 -3.51
N LEU A 13 -1.20 -10.06 -3.21
CA LEU A 13 -1.96 -9.22 -2.30
C LEU A 13 -2.39 -10.02 -1.06
N LEU A 14 -2.05 -9.49 0.11
CA LEU A 14 -2.40 -10.15 1.36
C LEU A 14 -3.62 -9.49 2.01
N GLY A 15 -3.43 -8.29 2.53
CA GLY A 15 -4.51 -7.56 3.16
C GLY A 15 -5.74 -7.48 2.28
N ASP A 16 -6.82 -8.13 2.70
CA ASP A 16 -8.06 -8.12 1.93
C ASP A 16 -9.10 -7.20 2.58
N VAL A 17 -10.16 -6.91 1.84
CA VAL A 17 -11.21 -6.03 2.34
C VAL A 17 -12.58 -6.72 2.25
N ALA A 18 -12.60 -7.92 1.70
CA ALA A 18 -13.83 -8.68 1.55
C ALA A 18 -14.54 -8.83 2.90
N THR A 19 -13.75 -8.90 3.97
CA THR A 19 -14.30 -9.05 5.31
C THR A 19 -15.03 -7.78 5.75
N LEU A 20 -14.68 -6.65 5.15
CA LEU A 20 -15.30 -5.38 5.47
C LEU A 20 -16.50 -5.11 4.57
N PRO A 21 -17.42 -4.27 5.05
CA PRO A 21 -18.63 -3.91 4.28
C PRO A 21 -18.32 -3.04 3.07
N LEU A 22 -19.32 -2.82 2.24
CA LEU A 22 -19.16 -2.02 1.03
C LEU A 22 -18.69 -0.61 1.38
N ARG A 23 -19.32 -0.02 2.40
CA ARG A 23 -18.97 1.33 2.85
C ARG A 23 -17.48 1.41 3.19
N LYS A 24 -17.01 0.44 3.97
CA LYS A 24 -15.60 0.40 4.37
C LYS A 24 -14.69 0.29 3.16
N VAL A 25 -14.87 -0.77 2.37
CA VAL A 25 -14.07 -0.98 1.18
C VAL A 25 -14.09 0.23 0.27
N LEU A 26 -15.27 0.83 0.12
CA LEU A 26 -15.43 2.01 -0.73
C LEU A 26 -14.53 3.14 -0.26
N ALA A 27 -14.75 3.60 0.96
CA ALA A 27 -13.96 4.68 1.54
C ALA A 27 -12.47 4.32 1.56
N VAL A 28 -12.15 3.19 2.19
CA VAL A 28 -10.77 2.72 2.28
C VAL A 28 -10.11 2.69 0.91
N VAL A 29 -10.55 1.77 0.06
CA VAL A 29 -10.00 1.64 -1.27
C VAL A 29 -10.01 2.97 -2.01
N GLY A 30 -11.00 3.80 -1.72
CA GLY A 30 -11.11 5.09 -2.35
C GLY A 30 -9.90 5.97 -2.08
N THR A 31 -9.77 6.44 -0.84
CA THR A 31 -8.66 7.30 -0.46
C THR A 31 -7.33 6.56 -0.60
N ALA A 32 -7.31 5.30 -0.18
CA ALA A 32 -6.11 4.48 -0.26
C ALA A 32 -5.57 4.44 -1.68
N ALA A 33 -6.34 3.85 -2.58
CA ALA A 33 -5.95 3.74 -3.98
C ALA A 33 -5.68 5.12 -4.59
N ALA A 34 -6.57 6.06 -4.31
CA ALA A 34 -6.44 7.42 -4.83
C ALA A 34 -5.09 8.02 -4.43
N SER A 35 -4.51 7.52 -3.34
CA SER A 35 -3.23 8.01 -2.86
C SER A 35 -2.12 6.99 -3.13
N SER A 36 -2.35 6.12 -4.10
CA SER A 36 -1.38 5.08 -4.44
C SER A 36 -1.27 4.93 -5.96
N GLU A 37 -0.17 4.34 -6.41
CA GLU A 37 0.06 4.12 -7.83
C GLU A 37 -0.37 2.72 -8.25
N HIS A 38 -1.35 2.17 -7.55
CA HIS A 38 -1.86 0.84 -7.85
C HIS A 38 -2.35 0.76 -9.29
N PRO A 39 -2.47 -0.48 -9.80
CA PRO A 39 -2.92 -0.71 -11.17
C PRO A 39 -4.40 -0.39 -11.36
N LEU A 40 -4.69 0.48 -12.33
CA LEU A 40 -6.07 0.87 -12.61
C LEU A 40 -6.65 1.68 -11.44
N GLY A 41 -5.78 2.13 -10.56
CA GLY A 41 -6.23 2.92 -9.42
C GLY A 41 -7.20 4.01 -9.81
N VAL A 42 -6.92 4.68 -10.92
CA VAL A 42 -7.78 5.76 -11.40
C VAL A 42 -9.20 5.27 -11.62
N ALA A 43 -9.35 4.26 -12.48
CA ALA A 43 -10.65 3.70 -12.79
C ALA A 43 -11.39 3.29 -11.52
N VAL A 44 -10.66 2.68 -10.59
CA VAL A 44 -11.24 2.24 -9.33
C VAL A 44 -11.79 3.41 -8.54
N THR A 45 -10.99 4.46 -8.40
CA THR A 45 -11.40 5.65 -7.66
C THR A 45 -12.69 6.23 -8.23
N LYS A 46 -12.71 6.43 -9.54
CA LYS A 46 -13.87 6.98 -10.21
C LYS A 46 -15.08 6.04 -10.07
N TYR A 47 -14.82 4.75 -10.05
CA TYR A 47 -15.87 3.75 -9.92
C TYR A 47 -16.56 3.88 -8.57
N CYS A 48 -15.83 3.58 -7.50
CA CYS A 48 -16.37 3.65 -6.16
C CYS A 48 -16.97 5.02 -5.89
N LYS A 49 -16.32 6.05 -6.42
CA LYS A 49 -16.79 7.43 -6.24
C LYS A 49 -18.15 7.63 -6.90
N GLU A 50 -18.32 7.05 -8.08
CA GLU A 50 -19.57 7.17 -8.82
C GLU A 50 -20.69 6.39 -8.12
N GLU A 51 -20.33 5.26 -7.50
CA GLU A 51 -21.31 4.44 -6.80
C GLU A 51 -21.72 5.09 -5.49
N LEU A 52 -20.78 5.77 -4.84
CA LEU A 52 -21.05 6.43 -3.57
C LEU A 52 -21.88 7.70 -3.79
N GLY A 53 -21.62 8.38 -4.90
CA GLY A 53 -22.35 9.61 -5.20
C GLY A 53 -21.69 10.84 -4.62
N THR A 54 -20.43 10.69 -4.19
CA THR A 54 -19.69 11.80 -3.61
C THR A 54 -18.30 11.91 -4.24
N GLU A 55 -17.95 13.12 -4.65
CA GLU A 55 -16.65 13.37 -5.27
C GLU A 55 -15.58 13.63 -4.21
N THR A 56 -15.97 13.50 -2.95
CA THR A 56 -15.05 13.73 -1.84
C THR A 56 -14.14 12.52 -1.64
N LEU A 57 -12.84 12.72 -1.88
CA LEU A 57 -11.86 11.65 -1.74
C LEU A 57 -10.44 12.21 -1.74
N GLY A 58 -9.60 11.67 -0.85
CA GLY A 58 -8.23 12.13 -0.77
C GLY A 58 -7.99 13.04 0.43
N TYR A 59 -8.63 12.72 1.54
CA TYR A 59 -8.48 13.52 2.76
C TYR A 59 -7.46 12.90 3.69
N CYS A 60 -7.20 13.57 4.81
CA CYS A 60 -6.24 13.08 5.79
C CYS A 60 -4.92 12.71 5.12
N THR A 61 -4.56 13.46 4.09
CA THR A 61 -3.32 13.21 3.36
C THR A 61 -2.10 13.46 4.24
N ASP A 62 -1.66 12.42 4.94
CA ASP A 62 -0.50 12.52 5.82
C ASP A 62 0.75 12.00 5.13
N PHE A 63 1.85 12.73 5.26
CA PHE A 63 3.11 12.34 4.65
C PHE A 63 4.16 12.03 5.72
N GLN A 64 4.82 10.89 5.58
CA GLN A 64 5.85 10.48 6.53
C GLN A 64 6.99 9.75 5.82
N ALA A 65 8.14 10.43 5.72
CA ALA A 65 9.30 9.84 5.06
C ALA A 65 10.09 8.95 6.03
N VAL A 66 10.82 8.00 5.48
CA VAL A 66 11.62 7.08 6.29
C VAL A 66 12.89 6.66 5.57
N PRO A 67 13.95 7.48 5.68
CA PRO A 67 15.23 7.22 5.04
C PRO A 67 15.96 6.03 5.67
N GLY A 68 15.93 4.89 4.99
CA GLY A 68 16.60 3.71 5.49
C GLY A 68 15.66 2.51 5.56
N CYS A 69 14.38 2.75 5.29
CA CYS A 69 13.39 1.68 5.33
C CYS A 69 12.40 1.81 4.17
N GLY A 70 11.91 3.02 3.96
CA GLY A 70 10.97 3.26 2.88
C GLY A 70 10.20 4.56 3.06
N ILE A 71 8.92 4.54 2.72
CA ILE A 71 8.06 5.72 2.85
C ILE A 71 6.67 5.34 3.33
N GLY A 72 5.97 6.32 3.90
CA GLY A 72 4.63 6.07 4.40
C GLY A 72 3.73 7.29 4.27
N CYS A 73 2.43 7.06 4.29
CA CYS A 73 1.46 8.15 4.18
C CYS A 73 0.06 7.68 4.52
N LYS A 74 -0.77 8.58 5.04
CA LYS A 74 -2.14 8.25 5.40
C LYS A 74 -3.14 9.00 4.52
N VAL A 75 -4.26 8.33 4.22
CA VAL A 75 -5.29 8.93 3.38
C VAL A 75 -6.64 8.27 3.63
N SER A 76 -7.63 9.09 4.00
CA SER A 76 -8.97 8.58 4.28
C SER A 76 -10.00 9.70 4.17
N ASN A 77 -11.03 9.48 3.35
CA ASN A 77 -12.08 10.46 3.15
C ASN A 77 -13.27 10.17 4.06
N VAL A 78 -13.17 9.10 4.83
CA VAL A 78 -14.25 8.71 5.74
C VAL A 78 -14.65 9.88 6.63
N GLU A 79 -13.71 10.77 6.91
CA GLU A 79 -13.97 11.93 7.75
C GLU A 79 -14.77 12.98 6.99
N GLY A 80 -14.54 13.05 5.68
CA GLY A 80 -15.24 14.02 4.86
C GLY A 80 -16.67 13.59 4.56
N ILE A 81 -16.92 12.29 4.60
CA ILE A 81 -18.25 11.76 4.34
C ILE A 81 -19.01 11.48 5.64
N LEU A 82 -18.27 11.06 6.66
CA LEU A 82 -18.87 10.77 7.95
C LEU A 82 -18.77 11.98 8.89
N ALA A 83 -17.59 12.56 8.96
CA ALA A 83 -17.36 13.73 9.81
C ALA A 83 -17.85 13.48 11.22
N ALA A 84 -17.33 12.41 11.84
CA ALA A 84 -17.71 12.06 13.21
C ALA A 84 -16.61 11.27 13.89
N VAL A 85 -16.30 10.10 13.34
CA VAL A 85 -15.26 9.24 13.90
C VAL A 85 -14.50 8.50 12.81
N PRO A 86 -13.73 9.25 12.01
CA PRO A 86 -12.93 8.68 10.91
C PRO A 86 -11.78 7.84 11.41
N GLN A 87 -11.05 7.21 10.48
CA GLN A 87 -9.92 6.37 10.82
C GLN A 87 -8.79 6.56 9.83
N THR A 88 -7.85 7.44 10.16
CA THR A 88 -6.71 7.73 9.29
C THR A 88 -5.98 6.44 8.92
N PHE A 89 -6.21 5.97 7.70
CA PHE A 89 -5.58 4.74 7.22
C PHE A 89 -4.14 5.01 6.79
N SER A 90 -3.20 4.40 7.49
CA SER A 90 -1.78 4.57 7.18
C SER A 90 -1.31 3.52 6.18
N VAL A 91 -0.50 3.95 5.22
CA VAL A 91 0.02 3.04 4.20
C VAL A 91 1.52 3.23 4.02
N LEU A 92 2.29 2.22 4.41
CA LEU A 92 3.74 2.26 4.30
C LEU A 92 4.24 1.34 3.17
N ILE A 93 5.39 1.66 2.62
CA ILE A 93 5.98 0.88 1.54
C ILE A 93 7.48 0.76 1.69
N GLY A 94 7.97 -0.48 1.75
CA GLY A 94 9.40 -0.70 1.90
C GLY A 94 9.78 -2.16 1.67
N ASN A 95 11.08 -2.43 1.68
CA ASN A 95 11.57 -3.80 1.47
C ASN A 95 11.45 -4.61 2.76
N ARG A 96 12.12 -5.77 2.77
CA ARG A 96 12.08 -6.64 3.94
C ARG A 96 12.42 -5.87 5.22
N GLU A 97 13.23 -4.83 5.07
CA GLU A 97 13.62 -4.00 6.21
C GLU A 97 12.39 -3.46 6.94
N TRP A 98 11.71 -2.50 6.30
CA TRP A 98 10.52 -1.90 6.88
C TRP A 98 9.44 -2.95 7.12
N LEU A 99 9.21 -3.80 6.12
CA LEU A 99 8.20 -4.85 6.22
C LEU A 99 8.39 -5.66 7.49
N ARG A 100 9.64 -5.97 7.83
CA ARG A 100 9.95 -6.74 9.02
C ARG A 100 9.95 -5.84 10.25
N ARG A 101 10.46 -4.62 10.11
CA ARG A 101 10.52 -3.68 11.20
C ARG A 101 9.15 -3.51 11.87
N ASN A 102 8.10 -3.58 11.06
CA ASN A 102 6.74 -3.44 11.57
C ASN A 102 5.97 -4.75 11.43
N GLY A 103 6.53 -5.68 10.65
CA GLY A 103 5.89 -6.96 10.45
C GLY A 103 6.08 -7.90 11.62
N LEU A 104 7.29 -7.93 12.16
CA LEU A 104 7.61 -8.79 13.30
C LEU A 104 9.01 -8.50 13.84
N THR A 105 9.50 -9.39 14.68
CA THR A 105 10.83 -9.22 15.26
C THR A 105 11.92 -9.52 14.25
N ILE A 106 12.15 -10.80 13.97
CA ILE A 106 13.16 -11.22 13.02
C ILE A 106 12.84 -12.58 12.43
N SER A 107 13.19 -12.77 11.16
CA SER A 107 12.93 -14.03 10.48
C SER A 107 14.06 -14.36 9.50
N SER A 108 14.79 -15.44 9.79
CA SER A 108 15.90 -15.85 8.95
C SER A 108 15.41 -16.25 7.56
N ASP A 109 14.16 -16.69 7.50
CA ASP A 109 13.56 -17.11 6.23
C ASP A 109 13.24 -15.90 5.36
N VAL A 110 12.70 -14.86 5.97
CA VAL A 110 12.34 -13.64 5.24
C VAL A 110 13.59 -12.92 4.76
N SER A 111 14.59 -12.81 5.63
CA SER A 111 15.83 -12.13 5.29
C SER A 111 16.61 -12.92 4.24
N ASP A 112 16.71 -14.23 4.45
CA ASP A 112 17.43 -15.09 3.51
C ASP A 112 16.76 -15.08 2.14
N ALA A 113 15.44 -15.11 2.12
CA ALA A 113 14.67 -15.10 0.88
C ALA A 113 14.86 -13.77 0.14
N MET A 114 14.77 -12.68 0.88
CA MET A 114 14.93 -11.35 0.29
C MET A 114 16.29 -11.21 -0.38
N THR A 115 17.35 -11.54 0.35
CA THR A 115 18.70 -11.45 -0.18
C THR A 115 18.95 -12.52 -1.24
N ASP A 116 18.27 -13.66 -1.10
CA ASP A 116 18.42 -14.76 -2.04
C ASP A 116 17.96 -14.34 -3.44
N HIS A 117 16.82 -13.66 -3.49
CA HIS A 117 16.27 -13.20 -4.76
C HIS A 117 16.94 -11.91 -5.20
N GLU A 118 17.36 -11.10 -4.24
CA GLU A 118 18.02 -9.83 -4.54
C GLU A 118 19.30 -10.05 -5.33
N MET A 119 19.83 -11.27 -5.24
CA MET A 119 21.06 -11.61 -5.95
C MET A 119 20.88 -11.48 -7.46
N LYS A 120 19.64 -11.45 -7.90
CA LYS A 120 19.32 -11.33 -9.32
C LYS A 120 19.12 -9.87 -9.71
N GLY A 121 19.09 -8.99 -8.71
CA GLY A 121 18.91 -7.57 -8.98
C GLY A 121 17.44 -7.17 -9.00
N GLN A 122 16.58 -8.06 -8.51
CA GLN A 122 15.15 -7.80 -8.48
C GLN A 122 14.80 -6.75 -7.44
N THR A 123 13.81 -5.92 -7.74
CA THR A 123 13.39 -4.87 -6.83
C THR A 123 11.95 -5.08 -6.39
N ALA A 124 11.76 -5.68 -5.21
CA ALA A 124 10.44 -5.93 -4.67
C ALA A 124 10.08 -4.93 -3.59
N ILE A 125 8.85 -4.45 -3.61
CA ILE A 125 8.39 -3.48 -2.62
C ILE A 125 7.14 -3.99 -1.89
N LEU A 126 7.24 -4.10 -0.57
CA LEU A 126 6.12 -4.57 0.24
C LEU A 126 5.28 -3.39 0.74
N VAL A 127 3.97 -3.46 0.48
CA VAL A 127 3.06 -2.41 0.91
C VAL A 127 2.15 -2.88 2.03
N ALA A 128 2.15 -2.15 3.14
CA ALA A 128 1.31 -2.50 4.28
C ALA A 128 0.38 -1.36 4.65
N ILE A 129 -0.84 -1.71 5.07
CA ILE A 129 -1.83 -0.71 5.46
C ILE A 129 -2.34 -0.96 6.87
N ASP A 130 -2.49 0.11 7.65
CA ASP A 130 -2.98 0.00 9.01
C ASP A 130 -2.17 -1.02 9.80
N GLY A 131 -0.89 -1.13 9.47
CA GLY A 131 -0.02 -2.08 10.16
C GLY A 131 -0.26 -3.50 9.72
N VAL A 132 -0.77 -3.68 8.50
CA VAL A 132 -1.04 -5.00 7.97
C VAL A 132 -0.70 -5.07 6.48
N LEU A 133 0.23 -5.95 6.13
CA LEU A 133 0.64 -6.12 4.74
C LEU A 133 -0.57 -6.25 3.82
N CYS A 134 -0.68 -5.35 2.86
CA CYS A 134 -1.80 -5.36 1.92
C CYS A 134 -1.39 -6.05 0.61
N GLY A 135 -0.14 -5.86 0.21
CA GLY A 135 0.34 -6.46 -1.02
C GLY A 135 1.83 -6.24 -1.22
N MET A 136 2.51 -7.27 -1.74
CA MET A 136 3.94 -7.19 -1.98
C MET A 136 4.25 -7.33 -3.47
N ILE A 137 4.88 -6.31 -4.04
CA ILE A 137 5.24 -6.33 -5.45
C ILE A 137 6.68 -6.79 -5.65
N ALA A 138 6.94 -7.42 -6.79
CA ALA A 138 8.28 -7.91 -7.10
C ALA A 138 8.67 -7.56 -8.54
N ILE A 139 9.63 -6.64 -8.68
CA ILE A 139 10.08 -6.22 -10.00
C ILE A 139 11.37 -6.93 -10.39
N ALA A 140 11.54 -7.19 -11.68
CA ALA A 140 12.73 -7.86 -12.19
C ALA A 140 13.22 -7.22 -13.47
N ASP A 141 14.51 -6.90 -13.51
CA ASP A 141 15.11 -6.27 -14.68
C ASP A 141 15.05 -7.21 -15.88
N ALA A 1 18.74 -7.28 -19.02
CA ALA A 1 19.70 -6.46 -18.28
C ALA A 1 19.22 -5.02 -18.17
N GLY A 2 19.13 -4.52 -16.94
CA GLY A 2 18.68 -3.16 -16.72
C GLY A 2 18.36 -2.88 -15.26
N HIS A 3 18.42 -1.61 -14.88
CA HIS A 3 18.14 -1.21 -13.51
C HIS A 3 16.88 -0.35 -13.44
N MET A 4 16.66 0.45 -14.47
CA MET A 4 15.50 1.33 -14.52
C MET A 4 14.38 0.70 -15.34
N VAL A 5 14.38 -0.63 -15.41
CA VAL A 5 13.37 -1.36 -16.16
C VAL A 5 12.84 -2.56 -15.37
N PRO A 6 11.96 -2.27 -14.39
CA PRO A 6 11.37 -3.32 -13.54
C PRO A 6 10.39 -4.20 -14.31
N ARG A 7 10.06 -5.34 -13.72
CA ARG A 7 9.14 -6.29 -14.35
C ARG A 7 8.53 -7.23 -13.31
N VAL A 8 7.23 -7.06 -13.07
CA VAL A 8 6.52 -7.89 -12.10
C VAL A 8 6.64 -9.37 -12.46
N MET A 9 6.96 -10.20 -11.47
CA MET A 9 7.10 -11.62 -11.68
C MET A 9 5.91 -12.38 -11.08
N ARG A 10 5.58 -12.07 -9.83
CA ARG A 10 4.47 -12.71 -9.15
C ARG A 10 3.80 -11.75 -8.17
N VAL A 11 2.48 -11.90 -8.02
CA VAL A 11 1.73 -11.04 -7.11
C VAL A 11 0.61 -11.81 -6.43
N LEU A 12 0.51 -11.68 -5.12
CA LEU A 12 -0.52 -12.37 -4.35
C LEU A 12 -1.03 -11.49 -3.21
N LEU A 13 -2.24 -11.79 -2.74
CA LEU A 13 -2.85 -11.02 -1.65
C LEU A 13 -3.07 -11.91 -0.42
N LEU A 14 -2.63 -11.43 0.74
CA LEU A 14 -2.79 -12.16 1.98
C LEU A 14 -3.90 -11.56 2.84
N GLY A 15 -3.67 -10.35 3.33
CA GLY A 15 -4.67 -9.69 4.15
C GLY A 15 -6.06 -9.77 3.56
N ASP A 16 -6.95 -10.48 4.25
CA ASP A 16 -8.32 -10.64 3.78
C ASP A 16 -9.00 -9.29 3.63
N VAL A 17 -10.28 -9.31 3.27
CA VAL A 17 -11.05 -8.09 3.09
C VAL A 17 -12.34 -8.13 3.90
N ALA A 18 -12.55 -9.22 4.62
CA ALA A 18 -13.75 -9.38 5.44
C ALA A 18 -13.92 -8.21 6.39
N THR A 19 -12.80 -7.61 6.79
CA THR A 19 -12.82 -6.47 7.71
C THR A 19 -13.14 -5.17 6.97
N LEU A 20 -12.83 -5.15 5.68
CA LEU A 20 -13.09 -3.97 4.85
C LEU A 20 -14.21 -4.22 3.86
N PRO A 21 -15.46 -4.08 4.33
CA PRO A 21 -16.64 -4.29 3.50
C PRO A 21 -16.81 -3.21 2.43
N LEU A 22 -17.95 -3.21 1.75
CA LEU A 22 -18.24 -2.22 0.72
C LEU A 22 -17.98 -0.81 1.23
N ARG A 23 -18.42 -0.54 2.45
CA ARG A 23 -18.24 0.77 3.05
C ARG A 23 -16.76 1.11 3.18
N LYS A 24 -15.99 0.20 3.77
CA LYS A 24 -14.56 0.40 3.95
C LYS A 24 -13.85 0.53 2.61
N VAL A 25 -13.99 -0.48 1.76
CA VAL A 25 -13.36 -0.47 0.45
C VAL A 25 -13.68 0.82 -0.30
N LEU A 26 -14.95 1.20 -0.28
CA LEU A 26 -15.39 2.42 -0.97
C LEU A 26 -14.63 3.63 -0.46
N ALA A 27 -14.63 3.82 0.86
CA ALA A 27 -13.94 4.95 1.48
C ALA A 27 -12.44 4.89 1.20
N VAL A 28 -11.82 3.79 1.60
CA VAL A 28 -10.39 3.61 1.38
C VAL A 28 -10.01 3.86 -0.08
N VAL A 29 -10.51 3.00 -0.96
CA VAL A 29 -10.22 3.13 -2.39
C VAL A 29 -10.49 4.55 -2.87
N GLY A 30 -11.56 5.16 -2.36
CA GLY A 30 -11.90 6.50 -2.75
C GLY A 30 -10.80 7.50 -2.47
N THR A 31 -10.48 7.67 -1.19
CA THR A 31 -9.43 8.60 -0.78
C THR A 31 -8.11 8.28 -1.46
N ALA A 32 -7.67 7.02 -1.35
CA ALA A 32 -6.43 6.59 -1.96
C ALA A 32 -6.39 6.95 -3.45
N ALA A 33 -7.53 6.81 -4.11
CA ALA A 33 -7.63 7.11 -5.53
C ALA A 33 -7.61 8.62 -5.77
N ALA A 34 -8.15 9.38 -4.80
CA ALA A 34 -8.19 10.83 -4.91
C ALA A 34 -6.81 11.41 -5.16
N SER A 35 -5.78 10.72 -4.64
CA SER A 35 -4.40 11.18 -4.80
C SER A 35 -3.69 10.35 -5.87
N SER A 36 -4.47 9.76 -6.77
CA SER A 36 -3.91 8.94 -7.85
C SER A 36 -2.83 9.69 -8.60
N GLU A 37 -1.62 9.13 -8.61
CA GLU A 37 -0.49 9.76 -9.30
C GLU A 37 -0.35 9.22 -10.72
N HIS A 38 -1.43 8.63 -11.23
CA HIS A 38 -1.43 8.07 -12.58
C HIS A 38 -2.42 8.81 -13.48
N PRO A 39 -2.22 8.68 -14.80
CA PRO A 39 -3.09 9.34 -15.79
C PRO A 39 -4.48 8.73 -15.84
N LEU A 40 -4.67 7.64 -15.10
CA LEU A 40 -5.96 6.96 -15.06
C LEU A 40 -6.76 7.40 -13.84
N GLY A 41 -6.15 8.23 -13.00
CA GLY A 41 -6.82 8.71 -11.80
C GLY A 41 -8.18 9.31 -12.10
N VAL A 42 -8.32 9.87 -13.29
CA VAL A 42 -9.58 10.49 -13.71
C VAL A 42 -10.71 9.46 -13.74
N ALA A 43 -10.49 8.38 -14.48
CA ALA A 43 -11.48 7.32 -14.60
C ALA A 43 -11.72 6.64 -13.26
N VAL A 44 -10.63 6.32 -12.56
CA VAL A 44 -10.71 5.66 -11.26
C VAL A 44 -11.49 6.52 -10.27
N THR A 45 -11.08 7.77 -10.13
CA THR A 45 -11.73 8.69 -9.21
C THR A 45 -13.21 8.86 -9.55
N LYS A 46 -13.49 9.05 -10.83
CA LYS A 46 -14.87 9.23 -11.29
C LYS A 46 -15.73 8.04 -10.86
N TYR A 47 -15.26 6.83 -11.15
CA TYR A 47 -15.99 5.62 -10.80
C TYR A 47 -16.25 5.55 -9.30
N CYS A 48 -15.18 5.59 -8.52
CA CYS A 48 -15.28 5.54 -7.07
C CYS A 48 -16.21 6.63 -6.54
N LYS A 49 -16.13 7.81 -7.16
CA LYS A 49 -16.97 8.94 -6.76
C LYS A 49 -18.44 8.66 -7.06
N GLU A 50 -18.69 7.96 -8.16
CA GLU A 50 -20.06 7.63 -8.55
C GLU A 50 -20.62 6.51 -7.68
N GLU A 51 -19.73 5.64 -7.20
CA GLU A 51 -20.15 4.52 -6.36
C GLU A 51 -20.38 4.99 -4.92
N LEU A 52 -19.60 5.98 -4.50
CA LEU A 52 -19.72 6.51 -3.14
C LEU A 52 -20.80 7.59 -3.07
N GLY A 53 -21.01 8.28 -4.18
CA GLY A 53 -22.02 9.32 -4.24
C GLY A 53 -21.57 10.59 -3.54
N THR A 54 -20.26 10.74 -3.38
CA THR A 54 -19.70 11.92 -2.72
C THR A 54 -18.44 12.40 -3.41
N GLU A 55 -18.30 13.71 -3.57
CA GLU A 55 -17.14 14.29 -4.22
C GLU A 55 -16.10 14.71 -3.19
N THR A 56 -16.24 14.21 -1.96
CA THR A 56 -15.31 14.53 -0.90
C THR A 56 -14.32 13.39 -0.66
N LEU A 57 -13.09 13.58 -1.09
CA LEU A 57 -12.05 12.56 -0.93
C LEU A 57 -10.67 13.19 -0.91
N GLY A 58 -9.75 12.55 -0.21
CA GLY A 58 -8.38 13.05 -0.13
C GLY A 58 -8.09 13.69 1.21
N TYR A 59 -8.62 13.11 2.27
CA TYR A 59 -8.41 13.63 3.63
C TYR A 59 -7.41 12.76 4.39
N CYS A 60 -7.00 13.23 5.56
CA CYS A 60 -6.06 12.50 6.39
C CYS A 60 -4.81 12.13 5.59
N THR A 61 -4.45 12.98 4.64
CA THR A 61 -3.28 12.75 3.80
C THR A 61 -1.99 12.83 4.61
N ASP A 62 -1.60 11.71 5.22
CA ASP A 62 -0.39 11.65 6.02
C ASP A 62 0.77 11.06 5.22
N PHE A 63 1.97 11.58 5.47
CA PHE A 63 3.16 11.10 4.77
C PHE A 63 4.12 10.43 5.74
N GLN A 64 4.64 9.26 5.34
CA GLN A 64 5.57 8.51 6.16
C GLN A 64 6.75 8.00 5.34
N ALA A 65 7.94 8.51 5.64
CA ALA A 65 9.14 8.11 4.93
C ALA A 65 9.96 7.11 5.75
N VAL A 66 10.75 6.30 5.06
CA VAL A 66 11.59 5.30 5.72
C VAL A 66 12.55 4.63 4.74
N PRO A 67 13.71 5.25 4.54
CA PRO A 67 14.73 4.73 3.63
C PRO A 67 15.39 3.45 4.14
N GLY A 68 15.50 2.46 3.27
CA GLY A 68 16.10 1.20 3.66
C GLY A 68 15.07 0.13 3.95
N CYS A 69 13.80 0.52 3.95
CA CYS A 69 12.71 -0.41 4.22
C CYS A 69 11.58 -0.24 3.22
N GLY A 70 11.16 1.01 3.02
CA GLY A 70 10.09 1.29 2.09
C GLY A 70 9.48 2.66 2.30
N ILE A 71 8.15 2.74 2.15
CA ILE A 71 7.45 4.00 2.33
C ILE A 71 6.02 3.77 2.83
N GLY A 72 5.50 4.73 3.57
CA GLY A 72 4.15 4.62 4.09
C GLY A 72 3.40 5.94 4.09
N CYS A 73 2.08 5.87 4.20
CA CYS A 73 1.25 7.07 4.20
C CYS A 73 -0.18 6.74 4.62
N LYS A 74 -0.97 7.78 4.86
CA LYS A 74 -2.36 7.60 5.28
C LYS A 74 -3.29 8.47 4.43
N VAL A 75 -4.44 7.93 4.06
CA VAL A 75 -5.41 8.65 3.26
C VAL A 75 -6.82 8.08 3.44
N SER A 76 -7.71 8.88 4.02
CA SER A 76 -9.08 8.45 4.26
C SER A 76 -10.00 9.65 4.49
N ASN A 77 -11.08 9.71 3.72
CA ASN A 77 -12.03 10.80 3.84
C ASN A 77 -13.20 10.41 4.73
N VAL A 78 -13.16 9.19 5.26
CA VAL A 78 -14.21 8.69 6.13
C VAL A 78 -14.60 9.73 7.18
N GLU A 79 -13.60 10.23 7.91
CA GLU A 79 -13.84 11.23 8.94
C GLU A 79 -14.62 12.41 8.39
N GLY A 80 -14.21 12.88 7.20
CA GLY A 80 -14.89 14.01 6.59
C GLY A 80 -16.33 13.71 6.25
N ILE A 81 -16.60 12.45 5.87
CA ILE A 81 -17.95 12.04 5.52
C ILE A 81 -18.80 11.82 6.77
N LEU A 82 -18.53 10.74 7.48
CA LEU A 82 -19.26 10.42 8.69
C LEU A 82 -19.27 11.59 9.66
N ALA A 83 -18.11 12.23 9.82
CA ALA A 83 -17.99 13.37 10.72
C ALA A 83 -18.31 12.98 12.15
N ALA A 84 -18.28 11.68 12.43
CA ALA A 84 -18.56 11.18 13.77
C ALA A 84 -17.57 10.11 14.19
N VAL A 85 -17.16 9.29 13.22
CA VAL A 85 -16.21 8.22 13.49
C VAL A 85 -15.05 8.26 12.50
N PRO A 86 -14.04 9.07 12.81
CA PRO A 86 -12.85 9.22 11.96
C PRO A 86 -11.97 7.98 11.97
N GLN A 87 -11.53 7.56 10.77
CA GLN A 87 -10.69 6.38 10.65
C GLN A 87 -9.58 6.61 9.63
N THR A 88 -8.38 6.89 10.12
CA THR A 88 -7.24 7.13 9.24
C THR A 88 -6.64 5.82 8.74
N PHE A 89 -6.78 5.56 7.45
CA PHE A 89 -6.25 4.35 6.85
C PHE A 89 -4.77 4.51 6.49
N SER A 90 -3.92 3.74 7.15
CA SER A 90 -2.48 3.80 6.90
C SER A 90 -2.03 2.64 6.02
N VAL A 91 -1.15 2.93 5.08
CA VAL A 91 -0.64 1.90 4.16
C VAL A 91 0.89 1.93 4.12
N LEU A 92 1.50 0.79 4.42
CA LEU A 92 2.96 0.68 4.41
C LEU A 92 3.42 -0.37 3.42
N ILE A 93 4.29 0.03 2.48
CA ILE A 93 4.80 -0.88 1.48
C ILE A 93 6.32 -0.93 1.51
N GLY A 94 6.86 -2.14 1.64
CA GLY A 94 8.31 -2.31 1.68
C GLY A 94 8.74 -3.72 1.36
N ASN A 95 10.04 -3.96 1.40
CA ASN A 95 10.59 -5.28 1.10
C ASN A 95 10.84 -6.06 2.40
N ARG A 96 11.58 -7.16 2.28
CA ARG A 96 11.88 -7.99 3.44
C ARG A 96 12.36 -7.13 4.62
N GLU A 97 13.19 -6.14 4.32
CA GLU A 97 13.71 -5.25 5.36
C GLU A 97 12.57 -4.59 6.13
N TRP A 98 11.56 -4.12 5.41
CA TRP A 98 10.41 -3.48 6.03
C TRP A 98 9.60 -4.46 6.86
N LEU A 99 9.35 -5.64 6.28
CA LEU A 99 8.59 -6.68 6.95
C LEU A 99 9.18 -6.99 8.32
N ARG A 100 10.50 -7.13 8.37
CA ARG A 100 11.20 -7.43 9.61
C ARG A 100 11.38 -6.16 10.45
N ARG A 101 11.44 -5.02 9.77
CA ARG A 101 11.62 -3.73 10.45
C ARG A 101 10.38 -3.38 11.27
N ASN A 102 9.23 -3.88 10.84
CA ASN A 102 7.97 -3.61 11.54
C ASN A 102 7.44 -4.87 12.20
N GLY A 103 7.93 -6.02 11.76
CA GLY A 103 7.50 -7.28 12.31
C GLY A 103 8.28 -7.68 13.56
N LEU A 104 9.56 -7.32 13.59
CA LEU A 104 10.42 -7.64 14.72
C LEU A 104 11.56 -6.63 14.84
N THR A 105 12.50 -6.90 15.74
CA THR A 105 13.63 -6.02 15.95
C THR A 105 14.65 -6.15 14.82
N ILE A 106 15.43 -7.23 14.85
CA ILE A 106 16.43 -7.47 13.83
C ILE A 106 16.75 -8.96 13.72
N SER A 107 16.99 -9.41 12.48
CA SER A 107 17.30 -10.82 12.24
C SER A 107 18.39 -10.95 11.17
N SER A 108 19.56 -11.42 11.58
CA SER A 108 20.68 -11.59 10.66
C SER A 108 20.33 -12.60 9.57
N ASP A 109 19.42 -13.51 9.88
CA ASP A 109 19.00 -14.53 8.93
C ASP A 109 18.11 -13.93 7.85
N VAL A 110 17.15 -13.11 8.27
CA VAL A 110 16.23 -12.47 7.33
C VAL A 110 16.97 -11.49 6.42
N SER A 111 17.84 -10.69 7.02
CA SER A 111 18.61 -9.70 6.26
C SER A 111 19.58 -10.38 5.31
N ASP A 112 20.27 -11.40 5.81
CA ASP A 112 21.24 -12.14 4.99
C ASP A 112 20.55 -12.77 3.78
N ALA A 113 19.41 -13.40 4.02
CA ALA A 113 18.66 -14.04 2.95
C ALA A 113 18.09 -13.01 1.97
N MET A 114 17.55 -11.93 2.52
CA MET A 114 16.97 -10.86 1.70
C MET A 114 17.97 -10.37 0.67
N THR A 115 19.14 -9.96 1.14
CA THR A 115 20.19 -9.45 0.27
C THR A 115 20.79 -10.58 -0.58
N ASP A 116 20.79 -11.79 -0.02
CA ASP A 116 21.34 -12.94 -0.71
C ASP A 116 20.64 -13.15 -2.06
N HIS A 117 19.31 -13.11 -2.03
CA HIS A 117 18.52 -13.29 -3.25
C HIS A 117 18.45 -12.00 -4.04
N GLU A 118 18.40 -10.87 -3.34
CA GLU A 118 18.33 -9.57 -3.99
C GLU A 118 19.57 -9.31 -4.83
N MET A 119 20.64 -10.05 -4.55
CA MET A 119 21.89 -9.89 -5.29
C MET A 119 21.73 -10.33 -6.74
N LYS A 120 20.62 -11.02 -7.03
CA LYS A 120 20.34 -11.49 -8.38
C LYS A 120 19.50 -10.48 -9.14
N GLY A 121 19.06 -9.43 -8.45
CA GLY A 121 18.26 -8.40 -9.08
C GLY A 121 16.81 -8.46 -8.65
N GLN A 122 16.39 -9.61 -8.12
CA GLN A 122 15.02 -9.80 -7.68
C GLN A 122 14.67 -8.81 -6.56
N THR A 123 13.42 -8.38 -6.53
CA THR A 123 12.96 -7.44 -5.51
C THR A 123 11.59 -7.83 -4.97
N ALA A 124 11.56 -8.31 -3.74
CA ALA A 124 10.31 -8.72 -3.11
C ALA A 124 9.75 -7.62 -2.22
N ILE A 125 8.69 -6.97 -2.69
CA ILE A 125 8.07 -5.89 -1.93
C ILE A 125 6.58 -6.17 -1.70
N LEU A 126 6.16 -6.04 -0.44
CA LEU A 126 4.77 -6.29 -0.08
C LEU A 126 4.12 -5.01 0.46
N VAL A 127 2.78 -4.99 0.47
CA VAL A 127 2.04 -3.84 0.97
C VAL A 127 1.10 -4.24 2.10
N ALA A 128 1.05 -3.40 3.12
CA ALA A 128 0.18 -3.66 4.27
C ALA A 128 -0.80 -2.51 4.50
N ILE A 129 -1.98 -2.84 4.99
CA ILE A 129 -3.00 -1.84 5.25
C ILE A 129 -3.51 -1.93 6.69
N ASP A 130 -3.47 -0.81 7.40
CA ASP A 130 -3.92 -0.76 8.78
C ASP A 130 -3.08 -1.69 9.66
N GLY A 131 -1.80 -1.79 9.34
CA GLY A 131 -0.92 -2.65 10.11
C GLY A 131 -1.13 -4.12 9.82
N VAL A 132 -1.66 -4.42 8.64
CA VAL A 132 -1.91 -5.80 8.24
C VAL A 132 -1.58 -6.02 6.77
N LEU A 133 -0.58 -6.86 6.51
CA LEU A 133 -0.17 -7.16 5.14
C LEU A 133 -1.36 -7.49 4.26
N CYS A 134 -1.51 -6.76 3.17
CA CYS A 134 -2.62 -6.98 2.25
C CYS A 134 -2.20 -7.87 1.10
N GLY A 135 -0.96 -7.71 0.65
CA GLY A 135 -0.44 -8.52 -0.45
C GLY A 135 1.06 -8.39 -0.61
N MET A 136 1.65 -9.29 -1.38
CA MET A 136 3.09 -9.28 -1.62
C MET A 136 3.40 -9.43 -3.10
N ILE A 137 4.32 -8.61 -3.60
CA ILE A 137 4.71 -8.65 -5.00
C ILE A 137 6.19 -8.97 -5.15
N ALA A 138 6.52 -9.72 -6.21
CA ALA A 138 7.91 -10.09 -6.46
C ALA A 138 8.30 -9.77 -7.90
N ILE A 139 9.22 -8.83 -8.06
CA ILE A 139 9.69 -8.44 -9.39
C ILE A 139 11.04 -9.06 -9.71
N ALA A 140 11.30 -9.27 -11.00
CA ALA A 140 12.56 -9.85 -11.43
C ALA A 140 13.28 -8.93 -12.41
N ASP A 141 14.37 -8.32 -11.95
CA ASP A 141 15.15 -7.41 -12.78
C ASP A 141 16.25 -8.17 -13.52
N ALA A 1 21.83 6.99 -19.34
CA ALA A 1 22.10 5.57 -19.49
C ALA A 1 20.99 4.89 -20.30
N GLY A 2 21.31 3.75 -20.88
CA GLY A 2 20.33 3.02 -21.67
C GLY A 2 20.06 1.63 -21.14
N HIS A 3 20.28 1.44 -19.84
CA HIS A 3 20.08 0.15 -19.21
C HIS A 3 18.75 0.12 -18.46
N MET A 4 17.66 -0.02 -19.20
CA MET A 4 16.33 -0.06 -18.59
C MET A 4 15.51 -1.22 -19.15
N VAL A 5 15.73 -2.41 -18.61
CA VAL A 5 15.01 -3.60 -19.06
C VAL A 5 14.34 -4.31 -17.89
N PRO A 6 13.24 -3.73 -17.39
CA PRO A 6 12.48 -4.29 -16.28
C PRO A 6 11.75 -5.58 -16.65
N ARG A 7 11.51 -6.43 -15.66
CA ARG A 7 10.83 -7.69 -15.89
C ARG A 7 10.19 -8.21 -14.59
N VAL A 8 8.87 -8.19 -14.54
CA VAL A 8 8.14 -8.66 -13.37
C VAL A 8 8.46 -10.12 -13.07
N MET A 9 8.72 -10.42 -11.80
CA MET A 9 9.04 -11.78 -11.39
C MET A 9 7.80 -12.50 -10.87
N ARG A 10 7.07 -11.84 -9.97
CA ARG A 10 5.86 -12.41 -9.40
C ARG A 10 5.09 -11.38 -8.59
N VAL A 11 3.81 -11.65 -8.33
CA VAL A 11 2.97 -10.74 -7.56
C VAL A 11 1.79 -11.47 -6.95
N LEU A 12 1.43 -11.09 -5.73
CA LEU A 12 0.32 -11.72 -5.03
C LEU A 12 -0.28 -10.75 -4.00
N LEU A 13 -1.54 -10.99 -3.65
CA LEU A 13 -2.23 -10.15 -2.68
C LEU A 13 -2.59 -10.94 -1.42
N LEU A 14 -2.27 -10.38 -0.27
CA LEU A 14 -2.56 -11.04 1.01
C LEU A 14 -3.83 -10.47 1.63
N GLY A 15 -3.71 -9.27 2.20
CA GLY A 15 -4.86 -8.64 2.83
C GLY A 15 -5.77 -7.97 1.82
N ASP A 16 -6.99 -8.48 1.69
CA ASP A 16 -7.96 -7.91 0.74
C ASP A 16 -8.98 -7.07 1.48
N VAL A 17 -9.94 -6.53 0.73
CA VAL A 17 -10.99 -5.69 1.32
C VAL A 17 -12.37 -6.25 1.01
N ALA A 18 -12.42 -7.30 0.20
CA ALA A 18 -13.67 -7.94 -0.16
C ALA A 18 -14.44 -8.38 1.08
N THR A 19 -13.71 -8.85 2.09
CA THR A 19 -14.32 -9.31 3.33
C THR A 19 -15.03 -8.16 4.05
N LEU A 20 -14.60 -6.93 3.77
CA LEU A 20 -15.18 -5.76 4.39
C LEU A 20 -16.43 -5.31 3.63
N PRO A 21 -17.28 -4.51 4.30
CA PRO A 21 -18.52 -4.00 3.71
C PRO A 21 -18.25 -2.96 2.62
N LEU A 22 -19.30 -2.61 1.87
CA LEU A 22 -19.18 -1.64 0.80
C LEU A 22 -18.76 -0.28 1.34
N ARG A 23 -19.31 0.09 2.49
CA ARG A 23 -18.99 1.36 3.12
C ARG A 23 -17.50 1.48 3.38
N LYS A 24 -16.93 0.46 4.01
CA LYS A 24 -15.50 0.45 4.32
C LYS A 24 -14.67 0.47 3.04
N VAL A 25 -14.99 -0.42 2.11
CA VAL A 25 -14.27 -0.50 0.85
C VAL A 25 -14.30 0.84 0.11
N LEU A 26 -15.49 1.42 0.01
CA LEU A 26 -15.65 2.71 -0.68
C LEU A 26 -14.77 3.78 -0.03
N ALA A 27 -14.90 3.92 1.29
CA ALA A 27 -14.11 4.90 2.02
C ALA A 27 -12.62 4.64 1.86
N VAL A 28 -12.18 3.45 2.25
CA VAL A 28 -10.78 3.07 2.16
C VAL A 28 -10.24 3.33 0.75
N VAL A 29 -10.69 2.51 -0.20
CA VAL A 29 -10.25 2.65 -1.59
C VAL A 29 -10.42 4.08 -2.08
N GLY A 30 -11.41 4.78 -1.53
CA GLY A 30 -11.66 6.15 -1.93
C GLY A 30 -10.48 7.06 -1.63
N THR A 31 -10.28 7.37 -0.36
CA THR A 31 -9.18 8.23 0.05
C THR A 31 -7.83 7.62 -0.30
N ALA A 32 -7.72 6.30 -0.11
CA ALA A 32 -6.47 5.60 -0.42
C ALA A 32 -6.05 5.84 -1.86
N ALA A 33 -6.91 5.45 -2.80
CA ALA A 33 -6.62 5.62 -4.22
C ALA A 33 -6.47 7.10 -4.57
N ALA A 34 -7.26 7.94 -3.91
CA ALA A 34 -7.21 9.38 -4.16
C ALA A 34 -5.82 9.94 -3.91
N SER A 35 -5.04 9.24 -3.08
CA SER A 35 -3.69 9.67 -2.76
C SER A 35 -2.67 8.95 -3.64
N SER A 36 -3.16 8.35 -4.72
CA SER A 36 -2.28 7.63 -5.64
C SER A 36 -2.32 8.26 -7.03
N GLU A 37 -1.17 8.28 -7.70
CA GLU A 37 -1.07 8.86 -9.03
C GLU A 37 -1.04 7.77 -10.10
N HIS A 38 -1.40 6.55 -9.70
CA HIS A 38 -1.42 5.43 -10.62
C HIS A 38 -2.23 5.77 -11.88
N PRO A 39 -1.95 5.03 -12.96
CA PRO A 39 -2.64 5.23 -14.24
C PRO A 39 -4.11 4.81 -14.19
N LEU A 40 -4.50 4.19 -13.08
CA LEU A 40 -5.87 3.73 -12.91
C LEU A 40 -6.65 4.68 -11.99
N GLY A 41 -6.01 5.77 -11.60
CA GLY A 41 -6.65 6.75 -10.74
C GLY A 41 -8.02 7.15 -11.24
N VAL A 42 -8.09 7.55 -12.51
CA VAL A 42 -9.35 7.96 -13.11
C VAL A 42 -10.42 6.90 -12.94
N ALA A 43 -10.02 5.63 -13.06
CA ALA A 43 -10.94 4.52 -12.91
C ALA A 43 -11.44 4.40 -11.48
N VAL A 44 -10.53 4.12 -10.56
CA VAL A 44 -10.88 3.98 -9.15
C VAL A 44 -11.66 5.19 -8.66
N THR A 45 -11.23 6.38 -9.10
CA THR A 45 -11.89 7.62 -8.70
C THR A 45 -13.34 7.65 -9.18
N LYS A 46 -13.52 7.56 -10.49
CA LYS A 46 -14.85 7.58 -11.07
C LYS A 46 -15.72 6.46 -10.51
N TYR A 47 -15.09 5.33 -10.21
CA TYR A 47 -15.81 4.17 -9.66
C TYR A 47 -16.39 4.50 -8.30
N CYS A 48 -15.53 4.81 -7.34
CA CYS A 48 -15.96 5.15 -5.99
C CYS A 48 -16.82 6.40 -5.98
N LYS A 49 -16.55 7.29 -6.94
CA LYS A 49 -17.29 8.53 -7.06
C LYS A 49 -18.73 8.28 -7.52
N GLU A 50 -18.89 7.31 -8.41
CA GLU A 50 -20.21 6.96 -8.93
C GLU A 50 -20.93 6.00 -7.99
N GLU A 51 -20.15 5.26 -7.19
CA GLU A 51 -20.71 4.30 -6.26
C GLU A 51 -21.18 4.99 -4.98
N LEU A 52 -20.46 6.03 -4.58
CA LEU A 52 -20.81 6.78 -3.39
C LEU A 52 -21.59 8.05 -3.72
N GLY A 53 -21.28 8.63 -4.89
CA GLY A 53 -21.96 9.83 -5.31
C GLY A 53 -21.42 11.07 -4.65
N THR A 54 -20.21 10.97 -4.11
CA THR A 54 -19.56 12.10 -3.43
C THR A 54 -18.09 12.18 -3.78
N GLU A 55 -17.52 13.37 -3.67
CA GLU A 55 -16.11 13.59 -3.98
C GLU A 55 -15.29 13.70 -2.69
N THR A 56 -15.90 13.30 -1.58
CA THR A 56 -15.23 13.35 -0.29
C THR A 56 -14.03 12.41 -0.24
N LEU A 57 -12.83 12.97 -0.37
CA LEU A 57 -11.62 12.17 -0.34
C LEU A 57 -10.38 13.07 -0.26
N GLY A 58 -9.21 12.46 -0.06
CA GLY A 58 -7.98 13.21 0.03
C GLY A 58 -7.85 13.95 1.35
N TYR A 59 -8.29 13.31 2.43
CA TYR A 59 -8.22 13.92 3.75
C TYR A 59 -7.29 13.12 4.66
N CYS A 60 -6.66 13.82 5.61
CA CYS A 60 -5.75 13.18 6.55
C CYS A 60 -4.55 12.58 5.82
N THR A 61 -4.16 13.21 4.72
CA THR A 61 -3.03 12.74 3.92
C THR A 61 -1.72 12.98 4.65
N ASP A 62 -1.37 12.09 5.57
CA ASP A 62 -0.13 12.21 6.33
C ASP A 62 0.96 11.33 5.74
N PHE A 63 1.96 11.97 5.12
CA PHE A 63 3.07 11.23 4.52
C PHE A 63 4.11 10.85 5.56
N GLN A 64 4.81 9.74 5.31
CA GLN A 64 5.83 9.26 6.23
C GLN A 64 7.01 8.66 5.47
N ALA A 65 8.12 9.38 5.44
CA ALA A 65 9.32 8.90 4.74
C ALA A 65 10.16 8.01 5.66
N VAL A 66 10.80 7.01 5.06
CA VAL A 66 11.64 6.10 5.82
C VAL A 66 12.74 5.50 4.93
N PRO A 67 13.87 6.22 4.83
CA PRO A 67 15.02 5.78 4.03
C PRO A 67 15.72 4.57 4.63
N GLY A 68 15.91 3.54 3.81
CA GLY A 68 16.57 2.33 4.28
C GLY A 68 15.61 1.19 4.51
N CYS A 69 14.32 1.46 4.30
CA CYS A 69 13.29 0.44 4.49
C CYS A 69 12.21 0.56 3.42
N GLY A 70 11.76 1.78 3.16
CA GLY A 70 10.73 2.00 2.17
C GLY A 70 10.05 3.34 2.32
N ILE A 71 8.72 3.33 2.40
CA ILE A 71 7.95 4.55 2.56
C ILE A 71 6.61 4.28 3.24
N GLY A 72 5.93 5.34 3.65
CA GLY A 72 4.65 5.20 4.31
C GLY A 72 3.78 6.44 4.18
N CYS A 73 2.49 6.29 4.45
CA CYS A 73 1.56 7.41 4.35
C CYS A 73 0.15 6.97 4.72
N LYS A 74 -0.63 7.88 5.29
CA LYS A 74 -2.00 7.59 5.69
C LYS A 74 -2.97 8.61 5.10
N VAL A 75 -4.14 8.13 4.71
CA VAL A 75 -5.16 9.00 4.12
C VAL A 75 -6.55 8.40 4.27
N SER A 76 -7.49 9.20 4.78
CA SER A 76 -8.86 8.74 4.98
C SER A 76 -9.79 9.92 5.23
N ASN A 77 -10.88 9.98 4.47
CA ASN A 77 -11.85 11.06 4.61
C ASN A 77 -12.98 10.65 5.56
N VAL A 78 -12.95 9.40 5.99
CA VAL A 78 -13.97 8.88 6.89
C VAL A 78 -14.21 9.83 8.06
N GLU A 79 -13.13 10.33 8.64
CA GLU A 79 -13.23 11.27 9.76
C GLU A 79 -13.98 12.53 9.36
N GLY A 80 -13.65 13.06 8.18
CA GLY A 80 -14.30 14.26 7.70
C GLY A 80 -15.80 14.07 7.50
N ILE A 81 -16.19 12.90 7.03
CA ILE A 81 -17.59 12.60 6.80
C ILE A 81 -18.31 12.29 8.11
N LEU A 82 -18.03 11.12 8.67
CA LEU A 82 -18.64 10.70 9.92
C LEU A 82 -18.52 11.79 10.98
N ALA A 83 -17.35 12.41 11.05
CA ALA A 83 -17.10 13.48 12.01
C ALA A 83 -17.37 13.01 13.43
N ALA A 84 -17.28 11.70 13.63
CA ALA A 84 -17.50 11.11 14.96
C ALA A 84 -16.55 9.96 15.21
N VAL A 85 -16.30 9.16 14.19
CA VAL A 85 -15.39 8.02 14.31
C VAL A 85 -14.27 8.10 13.29
N PRO A 86 -13.28 8.97 13.57
CA PRO A 86 -12.13 9.16 12.70
C PRO A 86 -11.19 7.96 12.69
N GLN A 87 -10.78 7.55 11.50
CA GLN A 87 -9.88 6.41 11.35
C GLN A 87 -8.85 6.66 10.24
N THR A 88 -7.64 6.99 10.65
CA THR A 88 -6.56 7.26 9.69
C THR A 88 -6.07 5.97 9.05
N PHE A 89 -6.44 5.74 7.81
CA PHE A 89 -6.02 4.54 7.07
C PHE A 89 -4.53 4.58 6.77
N SER A 90 -3.78 3.69 7.42
CA SER A 90 -2.34 3.62 7.22
C SER A 90 -2.00 2.83 5.96
N VAL A 91 -1.01 3.30 5.21
CA VAL A 91 -0.60 2.64 3.98
C VAL A 91 0.89 2.88 3.72
N LEU A 92 1.67 1.80 3.76
CA LEU A 92 3.10 1.90 3.51
C LEU A 92 3.59 0.72 2.66
N ILE A 93 4.80 0.85 2.13
CA ILE A 93 5.37 -0.21 1.30
C ILE A 93 6.88 -0.29 1.50
N GLY A 94 7.39 -1.52 1.59
CA GLY A 94 8.81 -1.72 1.78
C GLY A 94 9.22 -3.17 1.58
N ASN A 95 10.51 -3.39 1.38
CA ASN A 95 11.04 -4.75 1.17
C ASN A 95 10.93 -5.57 2.45
N ARG A 96 11.58 -6.74 2.46
CA ARG A 96 11.56 -7.62 3.62
C ARG A 96 11.94 -6.85 4.88
N GLU A 97 12.91 -5.95 4.75
CA GLU A 97 13.37 -5.16 5.89
C GLU A 97 12.19 -4.49 6.60
N TRP A 98 11.49 -3.64 5.87
CA TRP A 98 10.34 -2.93 6.43
C TRP A 98 9.27 -3.90 6.89
N LEU A 99 8.94 -4.87 6.04
CA LEU A 99 7.93 -5.86 6.37
C LEU A 99 8.22 -6.51 7.72
N ARG A 100 9.48 -6.84 7.95
CA ARG A 100 9.88 -7.45 9.22
C ARG A 100 10.02 -6.41 10.31
N ARG A 101 10.32 -5.17 9.91
CA ARG A 101 10.48 -4.08 10.86
C ARG A 101 9.17 -3.80 11.60
N ASN A 102 8.06 -3.90 10.88
CA ASN A 102 6.75 -3.65 11.47
C ASN A 102 5.99 -4.96 11.66
N GLY A 103 6.47 -6.02 11.02
CA GLY A 103 5.83 -7.32 11.14
C GLY A 103 6.25 -8.06 12.39
N LEU A 104 7.52 -7.92 12.75
CA LEU A 104 8.06 -8.59 13.94
C LEU A 104 9.30 -7.86 14.45
N THR A 105 10.00 -8.49 15.39
CA THR A 105 11.21 -7.92 15.97
C THR A 105 12.42 -8.16 15.08
N ILE A 106 12.92 -9.40 15.10
CA ILE A 106 14.08 -9.76 14.30
C ILE A 106 13.99 -11.22 13.85
N SER A 107 14.39 -11.48 12.61
CA SER A 107 14.36 -12.84 12.07
C SER A 107 15.55 -13.07 11.14
N SER A 108 16.45 -13.95 11.57
CA SER A 108 17.64 -14.26 10.77
C SER A 108 17.25 -14.84 9.41
N ASP A 109 16.09 -15.48 9.37
CA ASP A 109 15.60 -16.07 8.12
C ASP A 109 15.14 -15.00 7.15
N VAL A 110 14.36 -14.05 7.66
CA VAL A 110 13.85 -12.96 6.83
C VAL A 110 14.98 -12.09 6.29
N SER A 111 15.93 -11.76 7.17
CA SER A 111 17.06 -10.93 6.78
C SER A 111 17.97 -11.68 5.79
N ASP A 112 18.23 -12.95 6.09
CA ASP A 112 19.08 -13.77 5.23
C ASP A 112 18.50 -13.87 3.83
N ALA A 113 17.19 -14.12 3.76
CA ALA A 113 16.51 -14.24 2.47
C ALA A 113 16.43 -12.88 1.77
N MET A 114 16.14 -11.84 2.53
CA MET A 114 16.02 -10.50 1.98
C MET A 114 17.28 -10.11 1.22
N THR A 115 18.42 -10.23 1.88
CA THR A 115 19.70 -9.90 1.27
C THR A 115 20.12 -10.94 0.24
N ASP A 116 19.76 -12.20 0.50
CA ASP A 116 20.09 -13.30 -0.40
C ASP A 116 19.54 -13.03 -1.79
N HIS A 117 18.31 -12.53 -1.86
CA HIS A 117 17.67 -12.24 -3.14
C HIS A 117 18.07 -10.85 -3.63
N GLU A 118 18.22 -9.92 -2.70
CA GLU A 118 18.59 -8.54 -3.03
C GLU A 118 19.97 -8.51 -3.69
N MET A 119 20.79 -9.51 -3.40
CA MET A 119 22.13 -9.59 -3.96
C MET A 119 22.08 -9.81 -5.46
N LYS A 120 20.91 -10.18 -5.96
CA LYS A 120 20.72 -10.41 -7.39
C LYS A 120 20.15 -9.18 -8.08
N GLY A 121 19.92 -8.13 -7.30
CA GLY A 121 19.38 -6.90 -7.86
C GLY A 121 17.86 -6.89 -7.88
N GLN A 122 17.26 -8.02 -7.55
CA GLN A 122 15.80 -8.13 -7.53
C GLN A 122 15.19 -7.06 -6.64
N THR A 123 14.01 -6.59 -7.03
CA THR A 123 13.32 -5.55 -6.27
C THR A 123 11.98 -6.07 -5.74
N ALA A 124 12.00 -6.55 -4.49
CA ALA A 124 10.80 -7.07 -3.85
C ALA A 124 10.20 -6.05 -2.89
N ILE A 125 9.01 -5.55 -3.24
CA ILE A 125 8.34 -4.56 -2.40
C ILE A 125 6.96 -5.07 -1.96
N LEU A 126 6.69 -4.95 -0.66
CA LEU A 126 5.41 -5.40 -0.11
C LEU A 126 4.61 -4.22 0.43
N VAL A 127 3.34 -4.16 0.05
CA VAL A 127 2.46 -3.07 0.50
C VAL A 127 1.58 -3.53 1.65
N ALA A 128 1.52 -2.72 2.71
CA ALA A 128 0.72 -3.05 3.87
C ALA A 128 -0.24 -1.91 4.20
N ILE A 129 -1.41 -2.26 4.71
CA ILE A 129 -2.42 -1.27 5.07
C ILE A 129 -2.91 -1.47 6.50
N ASP A 130 -2.94 -0.37 7.27
CA ASP A 130 -3.39 -0.43 8.65
C ASP A 130 -2.61 -1.48 9.43
N GLY A 131 -1.34 -1.66 9.08
CA GLY A 131 -0.51 -2.64 9.76
C GLY A 131 -0.81 -4.06 9.32
N VAL A 132 -1.36 -4.20 8.12
CA VAL A 132 -1.71 -5.52 7.59
C VAL A 132 -1.30 -5.64 6.11
N LEU A 133 -0.35 -6.53 5.85
CA LEU A 133 0.12 -6.74 4.48
C LEU A 133 -1.05 -6.94 3.53
N CYS A 134 -1.16 -6.04 2.55
CA CYS A 134 -2.24 -6.11 1.56
C CYS A 134 -1.78 -6.89 0.33
N GLY A 135 -0.52 -6.72 -0.05
CA GLY A 135 0.00 -7.41 -1.21
C GLY A 135 1.52 -7.33 -1.29
N MET A 136 2.11 -8.19 -2.11
CA MET A 136 3.55 -8.23 -2.27
C MET A 136 3.94 -8.54 -3.72
N ILE A 137 4.82 -7.73 -4.28
CA ILE A 137 5.27 -7.92 -5.65
C ILE A 137 6.79 -7.94 -5.74
N ALA A 138 7.32 -8.76 -6.66
CA ALA A 138 8.75 -8.88 -6.84
C ALA A 138 9.13 -8.76 -8.31
N ILE A 139 9.98 -7.79 -8.62
CA ILE A 139 10.42 -7.58 -10.00
C ILE A 139 11.88 -7.97 -10.18
N ALA A 140 12.16 -8.73 -11.23
CA ALA A 140 13.52 -9.16 -11.51
C ALA A 140 14.09 -8.44 -12.73
N ASP A 141 15.14 -7.65 -12.50
CA ASP A 141 15.77 -6.91 -13.58
C ASP A 141 16.95 -7.69 -14.17
N ALA A 1 24.39 -0.15 -12.52
CA ALA A 1 24.60 1.29 -12.64
C ALA A 1 23.32 2.00 -13.07
N GLY A 2 22.73 1.52 -14.16
CA GLY A 2 21.49 2.12 -14.65
C GLY A 2 20.87 1.31 -15.78
N HIS A 3 19.88 0.51 -15.45
CA HIS A 3 19.20 -0.31 -16.44
C HIS A 3 17.97 0.41 -17.01
N MET A 4 17.18 0.99 -16.12
CA MET A 4 15.98 1.71 -16.53
C MET A 4 15.05 0.82 -17.35
N VAL A 5 15.02 -0.47 -17.00
CA VAL A 5 14.17 -1.43 -17.70
C VAL A 5 13.23 -2.13 -16.73
N PRO A 6 12.23 -1.38 -16.23
CA PRO A 6 11.24 -1.90 -15.29
C PRO A 6 10.28 -2.89 -15.95
N ARG A 7 10.02 -3.99 -15.26
CA ARG A 7 9.11 -5.02 -15.79
C ARG A 7 8.57 -5.88 -14.66
N VAL A 8 7.28 -5.75 -14.39
CA VAL A 8 6.63 -6.52 -13.34
C VAL A 8 6.79 -8.02 -13.57
N MET A 9 7.22 -8.74 -12.54
CA MET A 9 7.41 -10.17 -12.63
C MET A 9 6.22 -10.92 -12.05
N ARG A 10 5.80 -10.52 -10.86
CA ARG A 10 4.67 -11.15 -10.18
C ARG A 10 3.97 -10.17 -9.26
N VAL A 11 2.68 -10.39 -9.05
CA VAL A 11 1.88 -9.52 -8.18
C VAL A 11 0.65 -10.25 -7.65
N LEU A 12 0.33 -9.98 -6.39
CA LEU A 12 -0.83 -10.62 -5.75
C LEU A 12 -1.40 -9.73 -4.65
N LEU A 13 -2.67 -9.96 -4.31
CA LEU A 13 -3.32 -9.18 -3.27
C LEU A 13 -3.74 -10.07 -2.11
N LEU A 14 -3.35 -9.67 -0.90
CA LEU A 14 -3.68 -10.43 0.31
C LEU A 14 -4.89 -9.84 1.01
N GLY A 15 -4.68 -8.72 1.70
CA GLY A 15 -5.76 -8.07 2.41
C GLY A 15 -6.87 -7.61 1.49
N ASP A 16 -8.04 -8.21 1.63
CA ASP A 16 -9.19 -7.87 0.79
C ASP A 16 -10.15 -6.98 1.56
N VAL A 17 -11.18 -6.49 0.86
CA VAL A 17 -12.19 -5.63 1.46
C VAL A 17 -13.59 -6.21 1.30
N ALA A 18 -13.68 -7.31 0.57
CA ALA A 18 -14.96 -7.97 0.33
C ALA A 18 -15.67 -8.28 1.64
N THR A 19 -14.88 -8.46 2.71
CA THR A 19 -15.43 -8.76 4.03
C THR A 19 -16.03 -7.52 4.67
N LEU A 20 -15.52 -6.35 4.30
CA LEU A 20 -16.02 -5.09 4.85
C LEU A 20 -17.26 -4.63 4.11
N PRO A 21 -18.05 -3.76 4.77
CA PRO A 21 -19.28 -3.21 4.19
C PRO A 21 -19.01 -2.27 3.02
N LEU A 22 -20.07 -1.90 2.32
CA LEU A 22 -19.96 -0.99 1.18
C LEU A 22 -19.36 0.35 1.61
N ARG A 23 -19.90 0.92 2.68
CA ARG A 23 -19.42 2.20 3.19
C ARG A 23 -17.92 2.14 3.47
N LYS A 24 -17.49 1.12 4.20
CA LYS A 24 -16.09 0.95 4.54
C LYS A 24 -15.24 0.81 3.28
N VAL A 25 -15.56 -0.19 2.46
CA VAL A 25 -14.84 -0.43 1.23
C VAL A 25 -14.74 0.83 0.39
N LEU A 26 -15.84 1.57 0.31
CA LEU A 26 -15.88 2.81 -0.46
C LEU A 26 -14.85 3.81 0.06
N ALA A 27 -15.04 4.25 1.30
CA ALA A 27 -14.12 5.21 1.91
C ALA A 27 -12.68 4.69 1.86
N VAL A 28 -12.47 3.50 2.42
CA VAL A 28 -11.14 2.90 2.45
C VAL A 28 -10.51 2.89 1.05
N VAL A 29 -11.05 2.06 0.17
CA VAL A 29 -10.55 1.95 -1.20
C VAL A 29 -10.41 3.33 -1.83
N GLY A 30 -11.30 4.25 -1.44
CA GLY A 30 -11.27 5.59 -1.99
C GLY A 30 -9.98 6.31 -1.67
N THR A 31 -9.84 6.75 -0.42
CA THR A 31 -8.64 7.47 0.00
C THR A 31 -7.39 6.62 -0.20
N ALA A 32 -7.50 5.34 0.14
CA ALA A 32 -6.37 4.42 -0.01
C ALA A 32 -5.84 4.43 -1.44
N ALA A 33 -6.69 4.10 -2.40
CA ALA A 33 -6.30 4.08 -3.80
C ALA A 33 -5.91 5.46 -4.28
N ALA A 34 -6.52 6.49 -3.69
CA ALA A 34 -6.22 7.87 -4.06
C ALA A 34 -4.74 8.19 -3.87
N SER A 35 -4.08 7.44 -2.99
CA SER A 35 -2.66 7.64 -2.73
C SER A 35 -1.82 6.58 -3.43
N SER A 36 -2.40 5.98 -4.46
CA SER A 36 -1.70 4.95 -5.23
C SER A 36 -1.34 5.44 -6.62
N GLU A 37 -0.06 5.34 -6.97
CA GLU A 37 0.41 5.78 -8.27
C GLU A 37 0.45 4.63 -9.26
N HIS A 38 -0.32 3.58 -8.97
CA HIS A 38 -0.38 2.41 -9.84
C HIS A 38 -1.15 2.72 -11.12
N PRO A 39 -0.95 1.89 -12.15
CA PRO A 39 -1.62 2.06 -13.44
C PRO A 39 -3.11 1.75 -13.37
N LEU A 40 -3.55 1.27 -12.22
CA LEU A 40 -4.97 0.95 -12.02
C LEU A 40 -5.66 2.01 -11.17
N GLY A 41 -4.90 3.03 -10.78
CA GLY A 41 -5.44 4.10 -9.97
C GLY A 41 -6.69 4.70 -10.58
N VAL A 42 -6.59 5.13 -11.82
CA VAL A 42 -7.72 5.72 -12.52
C VAL A 42 -8.95 4.82 -12.46
N ALA A 43 -8.74 3.53 -12.61
CA ALA A 43 -9.82 2.56 -12.56
C ALA A 43 -10.50 2.56 -11.20
N VAL A 44 -9.72 2.29 -10.15
CA VAL A 44 -10.25 2.27 -8.80
C VAL A 44 -10.91 3.60 -8.43
N THR A 45 -10.26 4.70 -8.81
CA THR A 45 -10.79 6.02 -8.53
C THR A 45 -12.18 6.20 -9.11
N LYS A 46 -12.31 5.96 -10.41
CA LYS A 46 -13.59 6.08 -11.10
C LYS A 46 -14.63 5.15 -10.48
N TYR A 47 -14.19 3.95 -10.10
CA TYR A 47 -15.08 2.97 -9.49
C TYR A 47 -15.71 3.50 -8.21
N CYS A 48 -14.86 3.70 -7.20
CA CYS A 48 -15.34 4.21 -5.91
C CYS A 48 -16.04 5.55 -6.08
N LYS A 49 -15.62 6.31 -7.08
CA LYS A 49 -16.21 7.62 -7.36
C LYS A 49 -17.65 7.47 -7.85
N GLU A 50 -17.89 6.45 -8.66
CA GLU A 50 -19.21 6.20 -9.20
C GLU A 50 -20.08 5.46 -8.18
N GLU A 51 -19.44 4.74 -7.28
CA GLU A 51 -20.15 3.99 -6.25
C GLU A 51 -20.59 4.89 -5.11
N LEU A 52 -19.77 5.90 -4.82
CA LEU A 52 -20.08 6.84 -3.74
C LEU A 52 -20.81 8.06 -4.29
N GLY A 53 -20.50 8.43 -5.54
CA GLY A 53 -21.14 9.58 -6.15
C GLY A 53 -20.58 10.89 -5.65
N THR A 54 -19.38 10.84 -5.07
CA THR A 54 -18.73 12.03 -4.54
C THR A 54 -17.21 11.97 -4.73
N GLU A 55 -16.61 13.13 -4.94
CA GLU A 55 -15.16 13.21 -5.14
C GLU A 55 -14.45 13.56 -3.83
N THR A 56 -15.18 13.48 -2.73
CA THR A 56 -14.63 13.80 -1.42
C THR A 56 -13.62 12.73 -0.97
N LEU A 57 -12.36 12.94 -1.35
CA LEU A 57 -11.30 12.00 -0.98
C LEU A 57 -9.95 12.70 -0.93
N GLY A 58 -9.01 12.11 -0.20
CA GLY A 58 -7.68 12.68 -0.09
C GLY A 58 -7.51 13.47 1.19
N TYR A 59 -8.06 12.96 2.28
CA TYR A 59 -7.97 13.64 3.58
C TYR A 59 -7.05 12.87 4.52
N CYS A 60 -6.51 13.57 5.52
CA CYS A 60 -5.61 12.96 6.49
C CYS A 60 -4.39 12.35 5.79
N THR A 61 -3.97 12.98 4.71
CA THR A 61 -2.82 12.50 3.95
C THR A 61 -1.52 12.77 4.70
N ASP A 62 -1.18 11.87 5.63
CA ASP A 62 0.04 12.01 6.41
C ASP A 62 1.16 11.12 5.84
N PHE A 63 2.16 11.76 5.26
CA PHE A 63 3.29 11.04 4.67
C PHE A 63 4.25 10.57 5.76
N GLN A 64 5.05 9.55 5.44
CA GLN A 64 6.02 9.01 6.39
C GLN A 64 7.28 8.56 5.67
N ALA A 65 8.43 8.95 6.21
CA ALA A 65 9.71 8.58 5.62
C ALA A 65 10.42 7.52 6.46
N VAL A 66 11.01 6.54 5.79
CA VAL A 66 11.71 5.46 6.48
C VAL A 66 12.78 4.85 5.58
N PRO A 67 13.97 5.47 5.60
CA PRO A 67 15.11 5.00 4.79
C PRO A 67 15.67 3.68 5.30
N GLY A 68 15.93 2.76 4.38
CA GLY A 68 16.47 1.46 4.75
C GLY A 68 15.41 0.39 4.83
N CYS A 69 14.16 0.77 4.58
CA CYS A 69 13.05 -0.16 4.63
C CYS A 69 12.04 0.14 3.53
N GLY A 70 11.70 1.41 3.38
CA GLY A 70 10.74 1.81 2.36
C GLY A 70 10.12 3.16 2.66
N ILE A 71 8.81 3.26 2.47
CA ILE A 71 8.08 4.50 2.72
C ILE A 71 6.68 4.23 3.26
N GLY A 72 6.19 5.12 4.10
CA GLY A 72 4.86 4.97 4.67
C GLY A 72 4.00 6.20 4.49
N CYS A 73 2.71 6.06 4.76
CA CYS A 73 1.78 7.16 4.63
C CYS A 73 0.35 6.72 4.97
N LYS A 74 -0.46 7.67 5.43
CA LYS A 74 -1.84 7.38 5.79
C LYS A 74 -2.79 8.39 5.14
N VAL A 75 -3.97 7.90 4.74
CA VAL A 75 -4.96 8.76 4.11
C VAL A 75 -6.36 8.15 4.23
N SER A 76 -7.31 8.96 4.69
CA SER A 76 -8.69 8.50 4.86
C SER A 76 -9.66 9.68 4.86
N ASN A 77 -10.66 9.61 4.00
CA ASN A 77 -11.66 10.67 3.91
C ASN A 77 -12.89 10.34 4.73
N VAL A 78 -12.91 9.13 5.30
CA VAL A 78 -14.02 8.69 6.12
C VAL A 78 -14.42 9.76 7.14
N GLU A 79 -13.41 10.41 7.71
CA GLU A 79 -13.66 11.45 8.71
C GLU A 79 -14.59 12.52 8.16
N GLY A 80 -14.29 13.00 6.95
CA GLY A 80 -15.11 14.02 6.33
C GLY A 80 -16.48 13.50 5.92
N ILE A 81 -16.53 12.22 5.56
CA ILE A 81 -17.79 11.60 5.14
C ILE A 81 -18.75 11.47 6.32
N LEU A 82 -18.44 10.54 7.21
CA LEU A 82 -19.28 10.30 8.38
C LEU A 82 -19.35 11.55 9.25
N ALA A 83 -18.22 12.21 9.43
CA ALA A 83 -18.15 13.42 10.24
C ALA A 83 -18.51 13.13 11.69
N ALA A 84 -17.98 12.05 12.23
CA ALA A 84 -18.25 11.66 13.61
C ALA A 84 -17.13 10.78 14.16
N VAL A 85 -16.66 9.84 13.34
CA VAL A 85 -15.60 8.94 13.75
C VAL A 85 -14.40 9.02 12.78
N PRO A 86 -13.62 10.09 12.91
CA PRO A 86 -12.43 10.31 12.06
C PRO A 86 -11.31 9.32 12.37
N GLN A 87 -10.72 8.77 11.32
CA GLN A 87 -9.64 7.81 11.48
C GLN A 87 -8.57 8.01 10.41
N THR A 88 -7.35 7.59 10.71
CA THR A 88 -6.24 7.72 9.77
C THR A 88 -5.77 6.37 9.26
N PHE A 89 -6.26 5.97 8.09
CA PHE A 89 -5.89 4.69 7.49
C PHE A 89 -4.39 4.62 7.22
N SER A 90 -3.71 3.71 7.89
CA SER A 90 -2.27 3.55 7.72
C SER A 90 -1.95 2.76 6.46
N VAL A 91 -0.93 3.19 5.74
CA VAL A 91 -0.52 2.54 4.51
C VAL A 91 1.00 2.53 4.35
N LEU A 92 1.61 1.36 4.55
CA LEU A 92 3.05 1.23 4.44
C LEU A 92 3.44 0.52 3.14
N ILE A 93 4.62 0.83 2.64
CA ILE A 93 5.11 0.22 1.40
C ILE A 93 6.59 -0.11 1.50
N GLY A 94 6.90 -1.40 1.62
CA GLY A 94 8.28 -1.82 1.71
C GLY A 94 8.45 -3.31 1.51
N ASN A 95 9.70 -3.76 1.42
CA ASN A 95 9.99 -5.17 1.23
C ASN A 95 10.19 -5.88 2.57
N ARG A 96 10.76 -7.08 2.52
CA ARG A 96 11.01 -7.85 3.73
C ARG A 96 11.66 -6.99 4.80
N GLU A 97 12.55 -6.10 4.38
CA GLU A 97 13.24 -5.22 5.31
C GLU A 97 12.25 -4.47 6.20
N TRP A 98 11.23 -3.90 5.57
CA TRP A 98 10.22 -3.15 6.30
C TRP A 98 9.35 -4.09 7.14
N LEU A 99 8.89 -5.18 6.53
CA LEU A 99 8.07 -6.15 7.23
C LEU A 99 8.73 -6.62 8.51
N ARG A 100 10.04 -6.86 8.44
CA ARG A 100 10.80 -7.31 9.60
C ARG A 100 11.16 -6.14 10.50
N ARG A 101 11.43 -4.99 9.89
CA ARG A 101 11.80 -3.79 10.64
C ARG A 101 10.74 -3.47 11.69
N ASN A 102 9.47 -3.65 11.32
CA ASN A 102 8.37 -3.37 12.23
C ASN A 102 7.72 -4.67 12.71
N GLY A 103 8.04 -5.77 12.04
CA GLY A 103 7.49 -7.06 12.41
C GLY A 103 8.19 -7.67 13.60
N LEU A 104 9.51 -7.52 13.65
CA LEU A 104 10.30 -8.06 14.75
C LEU A 104 11.64 -7.34 14.87
N THR A 105 12.48 -7.81 15.79
CA THR A 105 13.79 -7.19 16.00
C THR A 105 14.75 -7.56 14.88
N ILE A 106 15.22 -8.80 14.89
CA ILE A 106 16.15 -9.27 13.87
C ILE A 106 15.82 -10.70 13.44
N SER A 107 15.97 -10.96 12.15
CA SER A 107 15.67 -12.28 11.60
C SER A 107 16.66 -12.65 10.49
N SER A 108 17.49 -13.64 10.74
CA SER A 108 18.49 -14.08 9.78
C SER A 108 17.82 -14.53 8.49
N ASP A 109 16.59 -15.02 8.60
CA ASP A 109 15.83 -15.49 7.45
C ASP A 109 15.37 -14.32 6.59
N VAL A 110 14.83 -13.29 7.24
CA VAL A 110 14.35 -12.11 6.54
C VAL A 110 15.48 -11.40 5.80
N SER A 111 16.61 -11.23 6.48
CA SER A 111 17.76 -10.57 5.90
C SER A 111 18.34 -11.40 4.76
N ASP A 112 18.48 -12.70 5.00
CA ASP A 112 19.02 -13.61 3.99
C ASP A 112 18.19 -13.58 2.72
N ALA A 113 16.87 -13.51 2.88
CA ALA A 113 15.96 -13.47 1.75
C ALA A 113 16.06 -12.14 1.01
N MET A 114 16.10 -11.05 1.78
CA MET A 114 16.19 -9.71 1.20
C MET A 114 17.38 -9.61 0.26
N THR A 115 18.55 -10.01 0.74
CA THR A 115 19.77 -9.96 -0.06
C THR A 115 19.80 -11.08 -1.10
N ASP A 116 19.12 -12.18 -0.78
CA ASP A 116 19.06 -13.32 -1.69
C ASP A 116 18.40 -12.93 -3.01
N HIS A 117 17.38 -12.09 -2.93
CA HIS A 117 16.67 -11.65 -4.12
C HIS A 117 17.26 -10.34 -4.65
N GLU A 118 17.75 -9.51 -3.73
CA GLU A 118 18.34 -8.23 -4.10
C GLU A 118 19.58 -8.43 -4.97
N MET A 119 20.24 -9.56 -4.79
CA MET A 119 21.44 -9.88 -5.55
C MET A 119 21.12 -10.08 -7.02
N LYS A 120 19.83 -10.22 -7.33
CA LYS A 120 19.39 -10.41 -8.70
C LYS A 120 18.95 -9.09 -9.32
N GLY A 121 18.93 -8.04 -8.50
CA GLY A 121 18.54 -6.73 -9.00
C GLY A 121 17.03 -6.55 -9.01
N GLN A 122 16.31 -7.54 -8.51
CA GLN A 122 14.85 -7.47 -8.48
C GLN A 122 14.37 -6.46 -7.45
N THR A 123 13.05 -6.28 -7.37
CA THR A 123 12.46 -5.33 -6.43
C THR A 123 11.08 -5.80 -5.98
N ALA A 124 11.05 -6.46 -4.83
CA ALA A 124 9.80 -6.96 -4.28
C ALA A 124 9.28 -6.05 -3.16
N ILE A 125 8.25 -5.26 -3.48
CA ILE A 125 7.67 -4.35 -2.50
C ILE A 125 6.29 -4.81 -2.07
N LEU A 126 6.06 -4.82 -0.76
CA LEU A 126 4.77 -5.24 -0.21
C LEU A 126 4.01 -4.06 0.37
N VAL A 127 2.71 -4.01 0.13
CA VAL A 127 1.87 -2.94 0.65
C VAL A 127 0.96 -3.44 1.76
N ALA A 128 1.02 -2.76 2.90
CA ALA A 128 0.20 -3.12 4.05
C ALA A 128 -0.69 -1.96 4.48
N ILE A 129 -1.93 -2.27 4.83
CA ILE A 129 -2.88 -1.25 5.25
C ILE A 129 -3.37 -1.53 6.67
N ASP A 130 -3.34 -0.50 7.52
CA ASP A 130 -3.78 -0.63 8.90
C ASP A 130 -3.10 -1.82 9.58
N GLY A 131 -1.82 -1.99 9.30
CA GLY A 131 -1.08 -3.09 9.90
C GLY A 131 -1.50 -4.43 9.34
N VAL A 132 -2.05 -4.43 8.14
CA VAL A 132 -2.50 -5.67 7.50
C VAL A 132 -2.11 -5.69 6.03
N LEU A 133 -1.22 -6.62 5.67
CA LEU A 133 -0.76 -6.75 4.29
C LEU A 133 -1.95 -6.78 3.33
N CYS A 134 -2.00 -5.78 2.45
CA CYS A 134 -3.07 -5.68 1.48
C CYS A 134 -2.69 -6.35 0.17
N GLY A 135 -1.41 -6.21 -0.21
CA GLY A 135 -0.92 -6.80 -1.44
C GLY A 135 0.59 -6.80 -1.53
N MET A 136 1.11 -7.49 -2.54
CA MET A 136 2.56 -7.57 -2.73
C MET A 136 2.91 -7.55 -4.21
N ILE A 137 3.89 -6.73 -4.57
CA ILE A 137 4.33 -6.62 -5.96
C ILE A 137 5.81 -6.95 -6.10
N ALA A 138 6.16 -7.60 -7.21
CA ALA A 138 7.55 -7.97 -7.47
C ALA A 138 7.93 -7.67 -8.91
N ILE A 139 8.98 -6.85 -9.08
CA ILE A 139 9.45 -6.49 -10.40
C ILE A 139 10.85 -7.04 -10.67
N ALA A 140 11.09 -7.50 -11.88
CA ALA A 140 12.39 -8.05 -12.26
C ALA A 140 13.04 -7.21 -13.36
N ASP A 141 14.17 -6.60 -13.04
CA ASP A 141 14.89 -5.77 -14.00
C ASP A 141 15.76 -6.63 -14.92
N ALA A 1 21.76 -0.30 -14.05
CA ALA A 1 20.80 -0.90 -13.12
C ALA A 1 19.43 -0.27 -13.29
N GLY A 2 19.13 0.20 -14.50
CA GLY A 2 17.85 0.81 -14.77
C GLY A 2 17.29 0.42 -16.12
N HIS A 3 17.33 -0.86 -16.42
CA HIS A 3 16.82 -1.36 -17.71
C HIS A 3 15.34 -1.03 -17.86
N MET A 4 14.91 -0.84 -19.12
CA MET A 4 13.52 -0.53 -19.40
C MET A 4 12.74 -1.78 -19.77
N VAL A 5 13.22 -2.93 -19.30
CA VAL A 5 12.56 -4.20 -19.58
C VAL A 5 12.70 -5.16 -18.40
N PRO A 6 12.01 -4.86 -17.30
CA PRO A 6 12.04 -5.68 -16.09
C PRO A 6 11.32 -7.01 -16.28
N ARG A 7 11.20 -7.77 -15.20
CA ARG A 7 10.55 -9.08 -15.25
C ARG A 7 10.06 -9.48 -13.86
N VAL A 8 8.74 -9.51 -13.68
CA VAL A 8 8.14 -9.89 -12.41
C VAL A 8 8.32 -11.38 -12.14
N MET A 9 8.88 -11.70 -10.98
CA MET A 9 9.09 -13.10 -10.61
C MET A 9 7.83 -13.70 -10.00
N ARG A 10 7.24 -12.99 -9.04
CA ARG A 10 6.03 -13.46 -8.38
C ARG A 10 5.20 -12.28 -7.88
N VAL A 11 3.89 -12.50 -7.77
CA VAL A 11 2.98 -11.45 -7.31
C VAL A 11 1.70 -12.05 -6.76
N LEU A 12 1.30 -11.60 -5.58
CA LEU A 12 0.07 -12.09 -4.94
C LEU A 12 -0.46 -11.08 -3.94
N LEU A 13 -1.72 -11.26 -3.54
CA LEU A 13 -2.35 -10.36 -2.58
C LEU A 13 -2.70 -11.10 -1.29
N LEU A 14 -2.49 -10.43 -0.16
CA LEU A 14 -2.78 -11.02 1.15
C LEU A 14 -4.09 -10.48 1.70
N GLY A 15 -4.06 -9.25 2.19
CA GLY A 15 -5.25 -8.63 2.74
C GLY A 15 -6.05 -7.85 1.70
N ASP A 16 -7.25 -8.34 1.41
CA ASP A 16 -8.11 -7.69 0.42
C ASP A 16 -9.25 -6.94 1.11
N VAL A 17 -10.13 -6.36 0.31
CA VAL A 17 -11.27 -5.62 0.84
C VAL A 17 -12.59 -6.22 0.34
N ALA A 18 -12.49 -7.21 -0.54
CA ALA A 18 -13.68 -7.86 -1.08
C ALA A 18 -14.57 -8.39 0.04
N THR A 19 -13.97 -8.69 1.18
CA THR A 19 -14.72 -9.21 2.32
C THR A 19 -15.32 -8.07 3.15
N LEU A 20 -14.72 -6.89 3.04
CA LEU A 20 -15.20 -5.72 3.78
C LEU A 20 -16.52 -5.23 3.21
N PRO A 21 -17.27 -4.46 4.02
CA PRO A 21 -18.56 -3.91 3.62
C PRO A 21 -18.44 -2.84 2.55
N LEU A 22 -19.58 -2.43 1.99
CA LEU A 22 -19.59 -1.40 0.95
C LEU A 22 -19.12 -0.05 1.50
N ARG A 23 -19.59 0.27 2.70
CA ARG A 23 -19.22 1.54 3.33
C ARG A 23 -17.71 1.64 3.52
N LYS A 24 -17.13 0.59 4.10
CA LYS A 24 -15.69 0.55 4.33
C LYS A 24 -14.92 0.61 3.02
N VAL A 25 -15.20 -0.35 2.14
CA VAL A 25 -14.54 -0.41 0.84
C VAL A 25 -14.66 0.91 0.10
N LEU A 26 -15.85 1.51 0.15
CA LEU A 26 -16.10 2.77 -0.52
C LEU A 26 -15.16 3.86 0.01
N ALA A 27 -15.26 4.14 1.30
CA ALA A 27 -14.41 5.17 1.92
C ALA A 27 -12.93 4.84 1.73
N VAL A 28 -12.53 3.64 2.14
CA VAL A 28 -11.14 3.22 2.02
C VAL A 28 -10.64 3.39 0.59
N VAL A 29 -11.16 2.57 -0.32
CA VAL A 29 -10.77 2.63 -1.72
C VAL A 29 -10.87 4.06 -2.26
N GLY A 30 -11.85 4.81 -1.74
CA GLY A 30 -12.04 6.18 -2.17
C GLY A 30 -10.83 7.05 -1.90
N THR A 31 -10.63 7.38 -0.63
CA THR A 31 -9.50 8.22 -0.23
C THR A 31 -8.17 7.58 -0.63
N ALA A 32 -8.06 6.28 -0.39
CA ALA A 32 -6.84 5.55 -0.73
C ALA A 32 -6.44 5.79 -2.18
N ALA A 33 -7.37 5.51 -3.10
CA ALA A 33 -7.11 5.70 -4.52
C ALA A 33 -6.96 7.18 -4.86
N ALA A 34 -7.63 8.03 -4.10
CA ALA A 34 -7.58 9.47 -4.32
C ALA A 34 -6.16 9.99 -4.13
N SER A 35 -5.37 9.28 -3.33
CA SER A 35 -3.99 9.68 -3.06
C SER A 35 -3.04 9.04 -4.06
N SER A 36 -3.60 8.44 -5.11
CA SER A 36 -2.79 7.78 -6.13
C SER A 36 -2.64 8.68 -7.35
N GLU A 37 -1.39 8.91 -7.75
CA GLU A 37 -1.10 9.76 -8.90
C GLU A 37 -1.10 8.94 -10.19
N HIS A 38 -1.49 7.67 -10.08
CA HIS A 38 -1.55 6.78 -11.23
C HIS A 38 -2.40 7.38 -12.34
N PRO A 39 -2.21 6.87 -13.57
CA PRO A 39 -2.95 7.35 -14.75
C PRO A 39 -4.42 6.94 -14.70
N LEU A 40 -4.78 6.14 -13.71
CA LEU A 40 -6.16 5.68 -13.56
C LEU A 40 -6.83 6.37 -12.38
N GLY A 41 -6.11 7.31 -11.75
CA GLY A 41 -6.66 8.02 -10.62
C GLY A 41 -8.02 8.65 -10.92
N VAL A 42 -8.07 9.44 -11.98
CA VAL A 42 -9.32 10.10 -12.37
C VAL A 42 -10.46 9.09 -12.49
N ALA A 43 -10.16 7.93 -13.06
CA ALA A 43 -11.16 6.88 -13.23
C ALA A 43 -11.68 6.41 -11.88
N VAL A 44 -10.78 5.93 -11.03
CA VAL A 44 -11.15 5.44 -9.71
C VAL A 44 -11.88 6.52 -8.91
N THR A 45 -11.39 7.75 -9.02
CA THR A 45 -11.99 8.89 -8.31
C THR A 45 -13.46 9.05 -8.68
N LYS A 46 -13.71 9.15 -9.99
CA LYS A 46 -15.08 9.31 -10.48
C LYS A 46 -15.95 8.13 -10.08
N TYR A 47 -15.37 6.93 -10.12
CA TYR A 47 -16.09 5.71 -9.75
C TYR A 47 -16.58 5.78 -8.31
N CYS A 48 -15.63 5.78 -7.37
CA CYS A 48 -15.96 5.83 -5.96
C CYS A 48 -16.82 7.05 -5.64
N LYS A 49 -16.59 8.13 -6.39
CA LYS A 49 -17.35 9.36 -6.20
C LYS A 49 -18.81 9.19 -6.58
N GLU A 50 -19.05 8.42 -7.64
CA GLU A 50 -20.41 8.16 -8.11
C GLU A 50 -21.08 7.07 -7.28
N GLU A 51 -20.26 6.20 -6.68
CA GLU A 51 -20.77 5.11 -5.86
C GLU A 51 -21.15 5.61 -4.47
N LEU A 52 -20.38 6.58 -3.96
CA LEU A 52 -20.63 7.14 -2.64
C LEU A 52 -21.57 8.34 -2.73
N GLY A 53 -21.48 9.07 -3.84
CA GLY A 53 -22.32 10.24 -4.02
C GLY A 53 -21.75 11.48 -3.38
N THR A 54 -20.47 11.43 -3.04
CA THR A 54 -19.80 12.56 -2.40
C THR A 54 -18.45 12.84 -3.07
N GLU A 55 -18.14 14.12 -3.25
CA GLU A 55 -16.88 14.52 -3.86
C GLU A 55 -15.83 14.84 -2.80
N THR A 56 -16.10 14.42 -1.57
CA THR A 56 -15.19 14.66 -0.45
C THR A 56 -14.20 13.51 -0.30
N LEU A 57 -12.93 13.79 -0.59
CA LEU A 57 -11.89 12.77 -0.49
C LEU A 57 -10.52 13.42 -0.31
N GLY A 58 -9.51 12.59 -0.08
CA GLY A 58 -8.16 13.10 0.11
C GLY A 58 -7.98 13.80 1.45
N TYR A 59 -8.59 13.24 2.49
CA TYR A 59 -8.49 13.80 3.83
C TYR A 59 -7.51 13.03 4.68
N CYS A 60 -6.93 13.70 5.67
CA CYS A 60 -5.96 13.07 6.56
C CYS A 60 -4.78 12.50 5.77
N THR A 61 -4.41 13.18 4.69
CA THR A 61 -3.31 12.73 3.85
C THR A 61 -1.98 12.91 4.55
N ASP A 62 -1.62 11.95 5.40
CA ASP A 62 -0.36 12.01 6.14
C ASP A 62 0.69 11.13 5.47
N PHE A 63 1.70 11.78 4.89
CA PHE A 63 2.78 11.05 4.22
C PHE A 63 3.97 10.86 5.15
N GLN A 64 4.71 9.79 4.92
CA GLN A 64 5.89 9.49 5.75
C GLN A 64 7.00 8.87 4.90
N ALA A 65 8.10 9.59 4.76
CA ALA A 65 9.24 9.12 3.99
C ALA A 65 10.20 8.30 4.85
N VAL A 66 10.81 7.30 4.25
CA VAL A 66 11.75 6.44 4.98
C VAL A 66 12.83 5.90 4.04
N PRO A 67 13.88 6.70 3.82
CA PRO A 67 15.00 6.32 2.96
C PRO A 67 15.84 5.20 3.55
N GLY A 68 15.78 4.02 2.93
CA GLY A 68 16.55 2.89 3.41
C GLY A 68 15.66 1.71 3.76
N CYS A 69 14.35 1.91 3.71
CA CYS A 69 13.40 0.85 4.02
C CYS A 69 12.21 0.90 3.08
N GLY A 70 11.63 2.08 2.93
CA GLY A 70 10.47 2.24 2.06
C GLY A 70 9.74 3.55 2.31
N ILE A 71 8.42 3.51 2.17
CA ILE A 71 7.59 4.70 2.39
C ILE A 71 6.17 4.32 2.79
N GLY A 72 5.51 5.22 3.50
CA GLY A 72 4.15 4.96 3.93
C GLY A 72 3.34 6.23 4.08
N CYS A 73 2.05 6.15 3.77
CA CYS A 73 1.17 7.31 3.87
C CYS A 73 -0.26 6.87 4.22
N LYS A 74 -0.99 7.76 4.88
CA LYS A 74 -2.36 7.48 5.28
C LYS A 74 -3.32 8.55 4.77
N VAL A 75 -4.50 8.13 4.32
CA VAL A 75 -5.50 9.06 3.82
C VAL A 75 -6.90 8.46 3.90
N SER A 76 -7.80 9.17 4.56
CA SER A 76 -9.18 8.71 4.71
C SER A 76 -10.12 9.88 4.96
N ASN A 77 -11.15 9.99 4.13
CA ASN A 77 -12.13 11.07 4.26
C ASN A 77 -13.37 10.60 5.02
N VAL A 78 -13.37 9.32 5.39
CA VAL A 78 -14.50 8.74 6.12
C VAL A 78 -14.93 9.65 7.27
N GLU A 79 -13.96 10.16 8.02
CA GLU A 79 -14.25 11.05 9.14
C GLU A 79 -14.98 12.30 8.66
N GLY A 80 -14.50 12.89 7.58
CA GLY A 80 -15.11 14.09 7.05
C GLY A 80 -16.54 13.85 6.59
N ILE A 81 -16.81 12.66 6.09
CA ILE A 81 -18.14 12.31 5.61
C ILE A 81 -19.03 11.86 6.77
N LEU A 82 -18.77 10.66 7.28
CA LEU A 82 -19.54 10.11 8.39
C LEU A 82 -19.61 11.12 9.55
N ALA A 83 -18.51 11.81 9.78
CA ALA A 83 -18.45 12.80 10.85
C ALA A 83 -18.89 12.20 12.19
N ALA A 84 -18.37 11.01 12.49
CA ALA A 84 -18.72 10.33 13.72
C ALA A 84 -17.83 9.10 13.95
N VAL A 85 -17.48 8.44 12.85
CA VAL A 85 -16.64 7.24 12.91
C VAL A 85 -15.38 7.42 12.07
N PRO A 86 -14.41 8.18 12.60
CA PRO A 86 -13.14 8.43 11.91
C PRO A 86 -12.26 7.19 11.83
N GLN A 87 -11.69 6.95 10.65
CA GLN A 87 -10.83 5.80 10.45
C GLN A 87 -9.64 6.15 9.57
N THR A 88 -8.48 6.32 10.19
CA THR A 88 -7.26 6.68 9.47
C THR A 88 -6.64 5.45 8.83
N PHE A 89 -6.72 5.36 7.50
CA PHE A 89 -6.16 4.23 6.76
C PHE A 89 -4.73 4.54 6.31
N SER A 90 -3.78 3.81 6.89
CA SER A 90 -2.37 4.00 6.55
C SER A 90 -1.86 2.85 5.70
N VAL A 91 -1.06 3.17 4.69
CA VAL A 91 -0.49 2.15 3.80
C VAL A 91 1.03 2.29 3.72
N LEU A 92 1.74 1.30 4.24
CA LEU A 92 3.20 1.30 4.22
C LEU A 92 3.72 0.29 3.21
N ILE A 93 4.57 0.75 2.30
CA ILE A 93 5.15 -0.11 1.28
C ILE A 93 6.66 -0.26 1.48
N GLY A 94 7.13 -1.51 1.52
CA GLY A 94 8.54 -1.76 1.70
C GLY A 94 8.88 -3.24 1.59
N ASN A 95 10.16 -3.56 1.76
CA ASN A 95 10.61 -4.95 1.68
C ASN A 95 10.82 -5.54 3.07
N ARG A 96 11.47 -6.69 3.12
CA ARG A 96 11.74 -7.37 4.39
C ARG A 96 12.33 -6.39 5.40
N GLU A 97 13.18 -5.48 4.92
CA GLU A 97 13.81 -4.50 5.79
C GLU A 97 12.77 -3.74 6.62
N TRP A 98 11.86 -3.05 5.92
CA TRP A 98 10.81 -2.30 6.59
C TRP A 98 9.88 -3.21 7.36
N LEU A 99 9.41 -4.26 6.70
CA LEU A 99 8.51 -5.23 7.32
C LEU A 99 9.08 -5.73 8.64
N ARG A 100 10.40 -5.83 8.71
CA ARG A 100 11.08 -6.30 9.91
C ARG A 100 11.36 -5.15 10.87
N ARG A 101 11.64 -3.98 10.31
CA ARG A 101 11.91 -2.79 11.11
C ARG A 101 10.71 -2.41 11.96
N ASN A 102 9.52 -2.77 11.48
CA ASN A 102 8.28 -2.47 12.19
C ASN A 102 7.54 -3.74 12.57
N GLY A 103 7.93 -4.85 11.95
CA GLY A 103 7.30 -6.12 12.24
C GLY A 103 8.28 -7.27 12.26
N LEU A 104 9.45 -7.06 12.85
CA LEU A 104 10.48 -8.07 12.93
C LEU A 104 9.88 -9.42 13.31
N THR A 105 9.79 -10.33 12.34
CA THR A 105 9.24 -11.65 12.58
C THR A 105 10.04 -12.72 11.84
N ILE A 106 10.43 -12.42 10.61
CA ILE A 106 11.21 -13.35 9.80
C ILE A 106 12.56 -13.65 10.45
N SER A 107 12.91 -14.93 10.52
CA SER A 107 14.17 -15.35 11.11
C SER A 107 15.35 -14.64 10.44
N SER A 108 16.34 -14.26 11.25
CA SER A 108 17.52 -13.57 10.73
C SER A 108 18.16 -14.37 9.59
N ASP A 109 17.93 -15.68 9.60
CA ASP A 109 18.49 -16.55 8.56
C ASP A 109 17.85 -16.27 7.21
N VAL A 110 16.52 -16.38 7.15
CA VAL A 110 15.78 -16.13 5.92
C VAL A 110 16.00 -14.72 5.42
N SER A 111 15.95 -13.75 6.34
CA SER A 111 16.14 -12.36 5.99
C SER A 111 17.54 -12.11 5.45
N ASP A 112 18.53 -12.72 6.09
CA ASP A 112 19.92 -12.58 5.67
C ASP A 112 20.11 -13.08 4.24
N ALA A 113 19.65 -14.29 3.99
CA ALA A 113 19.76 -14.89 2.66
C ALA A 113 19.07 -14.04 1.61
N MET A 114 17.86 -13.59 1.92
CA MET A 114 17.10 -12.76 1.00
C MET A 114 17.89 -11.52 0.59
N THR A 115 18.46 -10.84 1.57
CA THR A 115 19.25 -9.64 1.31
C THR A 115 20.58 -9.98 0.67
N ASP A 116 21.10 -11.17 0.98
CA ASP A 116 22.38 -11.62 0.44
C ASP A 116 22.25 -11.92 -1.05
N HIS A 117 21.05 -12.32 -1.47
CA HIS A 117 20.80 -12.65 -2.86
C HIS A 117 20.22 -11.45 -3.61
N GLU A 118 19.55 -10.57 -2.87
CA GLU A 118 18.95 -9.38 -3.46
C GLU A 118 20.02 -8.47 -4.07
N MET A 119 21.27 -8.71 -3.68
CA MET A 119 22.39 -7.92 -4.19
C MET A 119 22.60 -8.17 -5.68
N LYS A 120 21.92 -9.18 -6.20
CA LYS A 120 22.04 -9.53 -7.61
C LYS A 120 21.12 -8.66 -8.47
N GLY A 121 20.29 -7.84 -7.81
CA GLY A 121 19.38 -6.97 -8.53
C GLY A 121 17.93 -7.24 -8.18
N GLN A 122 17.67 -8.39 -7.60
CA GLN A 122 16.31 -8.78 -7.23
C GLN A 122 15.64 -7.67 -6.42
N THR A 123 14.33 -7.55 -6.57
CA THR A 123 13.57 -6.54 -5.85
C THR A 123 12.28 -7.12 -5.27
N ALA A 124 12.35 -7.52 -4.00
CA ALA A 124 11.19 -8.10 -3.33
C ALA A 124 10.60 -7.12 -2.33
N ILE A 125 9.39 -6.64 -2.62
CA ILE A 125 8.71 -5.69 -1.76
C ILE A 125 7.23 -6.03 -1.61
N LEU A 126 6.61 -5.54 -0.54
CA LEU A 126 5.19 -5.79 -0.30
C LEU A 126 4.49 -4.54 0.23
N VAL A 127 3.17 -4.54 0.18
CA VAL A 127 2.39 -3.40 0.65
C VAL A 127 1.48 -3.81 1.81
N ALA A 128 1.49 -3.01 2.87
CA ALA A 128 0.67 -3.29 4.04
C ALA A 128 -0.27 -2.12 4.33
N ILE A 129 -1.47 -2.44 4.81
CA ILE A 129 -2.47 -1.41 5.13
C ILE A 129 -3.06 -1.64 6.51
N ASP A 130 -3.18 -0.56 7.28
CA ASP A 130 -3.73 -0.63 8.63
C ASP A 130 -3.02 -1.70 9.45
N GLY A 131 -1.73 -1.87 9.19
CA GLY A 131 -0.94 -2.87 9.92
C GLY A 131 -1.26 -4.28 9.48
N VAL A 132 -1.73 -4.42 8.24
CA VAL A 132 -2.07 -5.74 7.69
C VAL A 132 -1.60 -5.87 6.26
N LEU A 133 -0.70 -6.81 6.01
CA LEU A 133 -0.16 -7.04 4.68
C LEU A 133 -1.30 -7.15 3.66
N CYS A 134 -1.33 -6.23 2.71
CA CYS A 134 -2.35 -6.23 1.67
C CYS A 134 -1.91 -7.06 0.47
N GLY A 135 -0.62 -7.04 0.18
CA GLY A 135 -0.10 -7.79 -0.95
C GLY A 135 1.42 -7.80 -0.98
N MET A 136 1.98 -8.71 -1.77
CA MET A 136 3.44 -8.83 -1.89
C MET A 136 3.84 -9.10 -3.34
N ILE A 137 4.90 -8.43 -3.78
CA ILE A 137 5.39 -8.60 -5.14
C ILE A 137 6.91 -8.79 -5.17
N ALA A 138 7.38 -9.60 -6.09
CA ALA A 138 8.82 -9.87 -6.22
C ALA A 138 9.26 -9.77 -7.67
N ILE A 139 10.23 -8.92 -7.94
CA ILE A 139 10.75 -8.75 -9.30
C ILE A 139 12.22 -9.17 -9.38
N ALA A 140 12.62 -9.62 -10.57
CA ALA A 140 13.99 -10.05 -10.79
C ALA A 140 14.78 -9.01 -11.57
N ASP A 141 14.50 -7.74 -11.29
CA ASP A 141 15.19 -6.65 -11.96
C ASP A 141 15.62 -5.58 -10.96
N ALA A 1 24.31 -4.27 -15.35
CA ALA A 1 22.86 -4.16 -15.30
C ALA A 1 22.41 -2.86 -14.63
N GLY A 2 21.64 -2.06 -15.35
CA GLY A 2 21.18 -0.79 -14.82
C GLY A 2 19.75 -0.88 -14.31
N HIS A 3 19.29 -2.09 -14.04
CA HIS A 3 17.93 -2.30 -13.54
C HIS A 3 16.90 -1.68 -14.49
N MET A 4 17.19 -1.72 -15.79
CA MET A 4 16.30 -1.16 -16.79
C MET A 4 15.50 -2.26 -17.48
N VAL A 5 15.34 -3.39 -16.80
CA VAL A 5 14.59 -4.52 -17.33
C VAL A 5 13.67 -5.12 -16.29
N PRO A 6 12.53 -4.44 -16.06
CA PRO A 6 11.53 -4.88 -15.08
C PRO A 6 10.80 -6.15 -15.52
N ARG A 7 10.65 -7.09 -14.61
CA ARG A 7 9.96 -8.35 -14.91
C ARG A 7 9.45 -9.01 -13.64
N VAL A 8 8.13 -9.04 -13.49
CA VAL A 8 7.52 -9.65 -12.31
C VAL A 8 7.88 -11.12 -12.19
N MET A 9 8.34 -11.52 -11.00
CA MET A 9 8.73 -12.90 -10.76
C MET A 9 7.60 -13.67 -10.07
N ARG A 10 7.05 -13.09 -9.01
CA ARG A 10 5.97 -13.72 -8.27
C ARG A 10 5.08 -12.67 -7.60
N VAL A 11 3.81 -13.00 -7.43
CA VAL A 11 2.86 -12.09 -6.81
C VAL A 11 1.84 -12.85 -5.96
N LEU A 12 1.62 -12.38 -4.74
CA LEU A 12 0.67 -13.01 -3.84
C LEU A 12 0.02 -11.98 -2.92
N LEU A 13 -1.17 -12.30 -2.43
CA LEU A 13 -1.90 -11.40 -1.54
C LEU A 13 -2.12 -12.04 -0.17
N LEU A 14 -1.85 -11.28 0.88
CA LEU A 14 -2.00 -11.77 2.25
C LEU A 14 -3.30 -11.24 2.86
N GLY A 15 -3.28 -9.95 3.20
CA GLY A 15 -4.46 -9.33 3.80
C GLY A 15 -5.73 -9.65 3.04
N ASP A 16 -6.63 -10.38 3.67
CA ASP A 16 -7.89 -10.75 3.05
C ASP A 16 -8.76 -9.52 2.81
N VAL A 17 -9.97 -9.74 2.31
CA VAL A 17 -10.91 -8.65 2.04
C VAL A 17 -12.15 -8.77 2.92
N ALA A 18 -12.24 -9.86 3.67
CA ALA A 18 -13.38 -10.08 4.55
C ALA A 18 -13.48 -9.00 5.62
N THR A 19 -12.35 -8.37 5.91
CA THR A 19 -12.31 -7.31 6.91
C THR A 19 -12.63 -5.95 6.30
N LEU A 20 -12.70 -5.91 4.98
CA LEU A 20 -13.00 -4.66 4.27
C LEU A 20 -14.16 -4.86 3.29
N PRO A 21 -15.39 -4.74 3.80
CA PRO A 21 -16.60 -4.90 2.99
C PRO A 21 -16.79 -3.75 2.01
N LEU A 22 -17.96 -3.71 1.38
CA LEU A 22 -18.27 -2.67 0.40
C LEU A 22 -17.99 -1.28 0.99
N ARG A 23 -18.38 -1.09 2.24
CA ARG A 23 -18.17 0.19 2.91
C ARG A 23 -16.68 0.51 3.02
N LYS A 24 -15.91 -0.45 3.54
CA LYS A 24 -14.47 -0.26 3.69
C LYS A 24 -13.81 -0.02 2.34
N VAL A 25 -14.06 -0.91 1.39
CA VAL A 25 -13.48 -0.78 0.06
C VAL A 25 -13.77 0.59 -0.54
N LEU A 26 -15.02 1.03 -0.41
CA LEU A 26 -15.42 2.32 -0.94
C LEU A 26 -14.60 3.45 -0.32
N ALA A 27 -14.61 3.53 1.00
CA ALA A 27 -13.86 4.56 1.71
C ALA A 27 -12.37 4.46 1.38
N VAL A 28 -11.78 3.31 1.67
CA VAL A 28 -10.36 3.09 1.42
C VAL A 28 -10.00 3.45 -0.02
N VAL A 29 -10.50 2.64 -0.96
CA VAL A 29 -10.23 2.88 -2.38
C VAL A 29 -10.51 4.32 -2.77
N GLY A 30 -11.53 4.91 -2.13
CA GLY A 30 -11.88 6.29 -2.42
C GLY A 30 -10.75 7.25 -2.12
N THR A 31 -10.50 7.50 -0.84
CA THR A 31 -9.45 8.41 -0.42
C THR A 31 -8.10 7.96 -0.97
N ALA A 32 -7.80 6.67 -0.84
CA ALA A 32 -6.54 6.12 -1.31
C ALA A 32 -6.28 6.52 -2.76
N ALA A 33 -7.25 6.25 -3.63
CA ALA A 33 -7.13 6.58 -5.04
C ALA A 33 -7.21 8.09 -5.26
N ALA A 34 -7.94 8.77 -4.38
CA ALA A 34 -8.10 10.22 -4.47
C ALA A 34 -6.75 10.93 -4.36
N SER A 35 -5.79 10.27 -3.71
CA SER A 35 -4.47 10.84 -3.52
C SER A 35 -3.48 10.27 -4.54
N SER A 36 -4.02 9.70 -5.62
CA SER A 36 -3.19 9.12 -6.66
C SER A 36 -3.09 10.05 -7.86
N GLU A 37 -1.87 10.31 -8.31
CA GLU A 37 -1.63 11.18 -9.45
C GLU A 37 -1.59 10.39 -10.75
N HIS A 38 -2.03 9.13 -10.68
CA HIS A 38 -2.04 8.26 -11.85
C HIS A 38 -3.00 8.79 -12.91
N PRO A 39 -2.83 8.33 -14.16
CA PRO A 39 -3.67 8.75 -15.29
C PRO A 39 -5.09 8.20 -15.18
N LEU A 40 -5.31 7.33 -14.20
CA LEU A 40 -6.63 6.73 -13.99
C LEU A 40 -7.32 7.35 -12.78
N GLY A 41 -6.67 8.34 -12.17
CA GLY A 41 -7.24 9.01 -11.01
C GLY A 41 -8.66 9.49 -11.26
N VAL A 42 -8.85 10.21 -12.36
CA VAL A 42 -10.17 10.74 -12.70
C VAL A 42 -11.20 9.62 -12.80
N ALA A 43 -10.77 8.48 -13.34
CA ALA A 43 -11.66 7.33 -13.49
C ALA A 43 -12.10 6.80 -12.13
N VAL A 44 -11.13 6.35 -11.34
CA VAL A 44 -11.43 5.81 -10.01
C VAL A 44 -12.17 6.83 -9.16
N THR A 45 -11.74 8.09 -9.24
CA THR A 45 -12.36 9.16 -8.46
C THR A 45 -13.85 9.27 -8.79
N LYS A 46 -14.17 9.38 -10.07
CA LYS A 46 -15.55 9.49 -10.51
C LYS A 46 -16.35 8.25 -10.11
N TYR A 47 -15.71 7.09 -10.20
CA TYR A 47 -16.37 5.84 -9.86
C TYR A 47 -16.81 5.85 -8.39
N CYS A 48 -15.84 5.87 -7.49
CA CYS A 48 -16.14 5.88 -6.05
C CYS A 48 -17.03 7.06 -5.69
N LYS A 49 -16.87 8.16 -6.43
CA LYS A 49 -17.66 9.36 -6.18
C LYS A 49 -19.14 9.12 -6.50
N GLU A 50 -19.40 8.37 -7.57
CA GLU A 50 -20.76 8.06 -7.97
C GLU A 50 -21.34 6.92 -7.13
N GLU A 51 -20.45 6.08 -6.61
CA GLU A 51 -20.87 4.94 -5.79
C GLU A 51 -21.21 5.39 -4.37
N LEU A 52 -20.48 6.39 -3.88
CA LEU A 52 -20.71 6.92 -2.54
C LEU A 52 -21.72 8.06 -2.56
N GLY A 53 -21.71 8.82 -3.65
CA GLY A 53 -22.63 9.94 -3.78
C GLY A 53 -22.10 11.20 -3.15
N THR A 54 -20.79 11.22 -2.87
CA THR A 54 -20.16 12.38 -2.26
C THR A 54 -18.87 12.74 -2.98
N GLU A 55 -18.64 14.04 -3.16
CA GLU A 55 -17.45 14.52 -3.83
C GLU A 55 -16.36 14.89 -2.82
N THR A 56 -16.53 14.43 -1.59
CA THR A 56 -15.58 14.70 -0.53
C THR A 56 -14.63 13.53 -0.32
N LEU A 57 -13.39 13.69 -0.77
CA LEU A 57 -12.37 12.65 -0.63
C LEU A 57 -10.96 13.23 -0.66
N GLY A 58 -10.05 12.58 0.06
CA GLY A 58 -8.69 13.06 0.11
C GLY A 58 -8.35 13.75 1.42
N TYR A 59 -8.84 13.17 2.52
CA TYR A 59 -8.60 13.74 3.85
C TYR A 59 -7.57 12.91 4.62
N CYS A 60 -7.09 13.45 5.72
CA CYS A 60 -6.11 12.76 6.55
C CYS A 60 -4.93 12.29 5.71
N THR A 61 -4.60 13.05 4.67
CA THR A 61 -3.50 12.71 3.78
C THR A 61 -2.15 12.92 4.47
N ASP A 62 -1.77 11.98 5.33
CA ASP A 62 -0.51 12.06 6.05
C ASP A 62 0.56 11.20 5.38
N PHE A 63 1.54 11.85 4.76
CA PHE A 63 2.61 11.15 4.08
C PHE A 63 3.75 10.83 5.05
N GLN A 64 4.48 9.75 4.77
CA GLN A 64 5.58 9.34 5.61
C GLN A 64 6.75 8.82 4.77
N ALA A 65 7.90 9.49 4.88
CA ALA A 65 9.08 9.10 4.13
C ALA A 65 10.04 8.28 5.00
N VAL A 66 10.88 7.48 4.36
CA VAL A 66 11.84 6.66 5.07
C VAL A 66 12.84 6.02 4.11
N PRO A 67 13.92 6.74 3.80
CA PRO A 67 14.97 6.27 2.89
C PRO A 67 15.78 5.13 3.50
N GLY A 68 15.88 4.03 2.76
CA GLY A 68 16.64 2.88 3.24
C GLY A 68 15.76 1.72 3.61
N CYS A 69 14.45 1.95 3.61
CA CYS A 69 13.49 0.90 3.95
C CYS A 69 12.29 0.92 3.00
N GLY A 70 11.82 2.12 2.69
CA GLY A 70 10.68 2.26 1.80
C GLY A 70 9.93 3.57 2.00
N ILE A 71 8.61 3.51 1.99
CA ILE A 71 7.79 4.69 2.17
C ILE A 71 6.38 4.32 2.65
N GLY A 72 5.60 5.33 3.00
CA GLY A 72 4.25 5.09 3.48
C GLY A 72 3.41 6.36 3.52
N CYS A 73 2.11 6.20 3.70
CA CYS A 73 1.20 7.33 3.76
C CYS A 73 -0.22 6.88 4.10
N LYS A 74 -0.98 7.78 4.73
CA LYS A 74 -2.35 7.47 5.11
C LYS A 74 -3.32 8.48 4.51
N VAL A 75 -4.46 8.00 4.04
CA VAL A 75 -5.48 8.86 3.45
C VAL A 75 -6.87 8.27 3.61
N SER A 76 -7.73 8.99 4.31
CA SER A 76 -9.10 8.53 4.55
C SER A 76 -10.04 9.72 4.76
N ASN A 77 -11.13 9.73 3.99
CA ASN A 77 -12.11 10.82 4.10
C ASN A 77 -13.28 10.40 5.00
N VAL A 78 -13.24 9.17 5.48
CA VAL A 78 -14.29 8.66 6.36
C VAL A 78 -14.56 9.62 7.51
N GLU A 79 -13.51 10.28 7.98
CA GLU A 79 -13.62 11.23 9.08
C GLU A 79 -14.28 12.53 8.61
N GLY A 80 -14.02 12.89 7.36
CA GLY A 80 -14.59 14.11 6.81
C GLY A 80 -16.05 13.95 6.42
N ILE A 81 -16.46 12.71 6.20
CA ILE A 81 -17.84 12.42 5.82
C ILE A 81 -18.70 12.11 7.03
N LEU A 82 -18.10 11.45 8.02
CA LEU A 82 -18.82 11.10 9.24
C LEU A 82 -18.69 12.21 10.29
N ALA A 83 -17.47 12.72 10.45
CA ALA A 83 -17.22 13.79 11.42
C ALA A 83 -17.46 13.30 12.84
N ALA A 84 -17.50 12.00 13.03
CA ALA A 84 -17.72 11.41 14.34
C ALA A 84 -16.73 10.29 14.62
N VAL A 85 -16.64 9.33 13.71
CA VAL A 85 -15.73 8.21 13.87
C VAL A 85 -14.62 8.25 12.81
N PRO A 86 -13.57 9.04 13.09
CA PRO A 86 -12.43 9.18 12.18
C PRO A 86 -11.59 7.91 12.10
N GLN A 87 -11.27 7.50 10.87
CA GLN A 87 -10.47 6.30 10.65
C GLN A 87 -9.53 6.49 9.47
N THR A 88 -8.25 6.73 9.76
CA THR A 88 -7.25 6.92 8.72
C THR A 88 -6.68 5.59 8.26
N PHE A 89 -6.46 5.46 6.96
CA PHE A 89 -5.91 4.24 6.39
C PHE A 89 -4.46 4.44 5.94
N SER A 90 -3.53 3.95 6.76
CA SER A 90 -2.11 4.10 6.45
C SER A 90 -1.61 2.90 5.64
N VAL A 91 -0.78 3.17 4.64
CA VAL A 91 -0.23 2.12 3.79
C VAL A 91 1.29 2.17 3.77
N LEU A 92 1.93 1.06 4.14
CA LEU A 92 3.38 0.99 4.16
C LEU A 92 3.89 0.09 3.03
N ILE A 93 4.65 0.68 2.11
CA ILE A 93 5.21 -0.06 0.98
C ILE A 93 6.73 -0.16 1.08
N GLY A 94 7.23 -1.38 1.11
CA GLY A 94 8.67 -1.58 1.20
C GLY A 94 9.04 -3.05 1.24
N ASN A 95 10.32 -3.34 1.04
CA ASN A 95 10.81 -4.72 1.05
C ASN A 95 10.75 -5.31 2.46
N ARG A 96 11.34 -6.48 2.63
CA ARG A 96 11.36 -7.14 3.94
C ARG A 96 11.86 -6.20 5.01
N GLU A 97 12.74 -5.27 4.64
CA GLU A 97 13.28 -4.31 5.59
C GLU A 97 12.17 -3.55 6.30
N TRP A 98 11.44 -2.74 5.56
CA TRP A 98 10.35 -1.96 6.12
C TRP A 98 9.27 -2.88 6.71
N LEU A 99 8.87 -3.88 5.95
CA LEU A 99 7.86 -4.83 6.39
C LEU A 99 8.21 -5.39 7.76
N ARG A 100 9.49 -5.56 8.03
CA ARG A 100 9.97 -6.08 9.31
C ARG A 100 10.14 -4.96 10.33
N ARG A 101 10.54 -3.79 9.85
CA ARG A 101 10.74 -2.64 10.72
C ARG A 101 9.44 -2.24 11.40
N ASN A 102 8.32 -2.52 10.74
CA ASN A 102 7.01 -2.18 11.28
C ASN A 102 6.18 -3.45 11.51
N GLY A 103 6.61 -4.55 10.91
CA GLY A 103 5.90 -5.81 11.07
C GLY A 103 6.83 -6.99 11.17
N LEU A 104 7.90 -6.84 11.94
CA LEU A 104 8.88 -7.91 12.12
C LEU A 104 8.18 -9.25 12.34
N THR A 105 8.20 -10.09 11.31
CA THR A 105 7.57 -11.41 11.38
C THR A 105 8.48 -12.49 10.82
N ILE A 106 9.15 -12.18 9.71
CA ILE A 106 10.06 -13.12 9.08
C ILE A 106 11.40 -13.16 9.79
N SER A 107 11.89 -14.36 10.06
CA SER A 107 13.16 -14.54 10.74
C SER A 107 14.26 -13.74 10.06
N SER A 108 15.15 -13.16 10.86
CA SER A 108 16.25 -12.36 10.33
C SER A 108 17.08 -13.16 9.33
N ASP A 109 17.02 -14.49 9.45
CA ASP A 109 17.75 -15.37 8.56
C ASP A 109 17.18 -15.32 7.15
N VAL A 110 15.89 -15.63 7.03
CA VAL A 110 15.21 -15.61 5.74
C VAL A 110 15.26 -14.24 5.11
N SER A 111 15.00 -13.21 5.91
CA SER A 111 15.01 -11.83 5.43
C SER A 111 16.40 -11.43 4.95
N ASP A 112 17.41 -11.82 5.71
CA ASP A 112 18.80 -11.50 5.37
C ASP A 112 19.17 -12.11 4.02
N ALA A 113 18.89 -13.39 3.86
CA ALA A 113 19.19 -14.09 2.62
C ALA A 113 18.47 -13.46 1.43
N MET A 114 17.19 -13.16 1.62
CA MET A 114 16.39 -12.55 0.57
C MET A 114 17.04 -11.25 0.08
N THR A 115 17.41 -10.39 1.01
CA THR A 115 18.04 -9.11 0.67
C THR A 115 19.46 -9.32 0.16
N ASP A 116 20.12 -10.36 0.66
CA ASP A 116 21.48 -10.66 0.25
C ASP A 116 21.52 -11.09 -1.22
N HIS A 117 20.46 -11.77 -1.66
CA HIS A 117 20.37 -12.23 -3.04
C HIS A 117 19.78 -11.14 -3.94
N GLU A 118 18.92 -10.32 -3.37
CA GLU A 118 18.28 -9.24 -4.13
C GLU A 118 19.32 -8.25 -4.64
N MET A 119 20.51 -8.29 -4.05
CA MET A 119 21.60 -7.40 -4.44
C MET A 119 22.08 -7.73 -5.86
N LYS A 120 21.63 -8.86 -6.38
CA LYS A 120 22.01 -9.29 -7.73
C LYS A 120 21.09 -8.68 -8.77
N GLY A 121 20.13 -7.88 -8.33
CA GLY A 121 19.20 -7.24 -9.24
C GLY A 121 17.75 -7.50 -8.87
N GLN A 122 17.53 -8.53 -8.06
CA GLN A 122 16.18 -8.88 -7.63
C GLN A 122 15.60 -7.81 -6.70
N THR A 123 14.30 -7.58 -6.80
CA THR A 123 13.63 -6.59 -5.97
C THR A 123 12.31 -7.13 -5.43
N ALA A 124 12.25 -7.31 -4.11
CA ALA A 124 11.04 -7.81 -3.46
C ALA A 124 10.40 -6.74 -2.60
N ILE A 125 9.20 -6.32 -3.00
CA ILE A 125 8.47 -5.29 -2.27
C ILE A 125 7.15 -5.84 -1.73
N LEU A 126 6.70 -5.29 -0.61
CA LEU A 126 5.45 -5.72 0.01
C LEU A 126 4.58 -4.52 0.38
N VAL A 127 3.27 -4.68 0.25
CA VAL A 127 2.34 -3.61 0.58
C VAL A 127 1.50 -3.97 1.80
N ALA A 128 1.50 -3.08 2.78
CA ALA A 128 0.74 -3.30 4.02
C ALA A 128 -0.25 -2.16 4.26
N ILE A 129 -1.40 -2.48 4.84
CA ILE A 129 -2.41 -1.48 5.13
C ILE A 129 -2.89 -1.59 6.57
N ASP A 130 -3.02 -0.44 7.23
CA ASP A 130 -3.47 -0.41 8.62
C ASP A 130 -2.63 -1.32 9.50
N GLY A 131 -1.34 -1.44 9.14
CA GLY A 131 -0.44 -2.29 9.91
C GLY A 131 -0.65 -3.77 9.63
N VAL A 132 -1.20 -4.07 8.46
CA VAL A 132 -1.45 -5.45 8.07
C VAL A 132 -1.10 -5.69 6.61
N LEU A 133 -0.10 -6.54 6.38
CA LEU A 133 0.35 -6.86 5.03
C LEU A 133 -0.83 -7.27 4.15
N CYS A 134 -1.08 -6.50 3.10
CA CYS A 134 -2.18 -6.79 2.18
C CYS A 134 -1.71 -7.68 1.03
N GLY A 135 -0.49 -7.43 0.57
CA GLY A 135 0.06 -8.21 -0.53
C GLY A 135 1.57 -8.06 -0.65
N MET A 136 2.18 -8.94 -1.44
CA MET A 136 3.63 -8.90 -1.64
C MET A 136 3.99 -9.34 -3.06
N ILE A 137 4.94 -8.63 -3.66
CA ILE A 137 5.38 -8.96 -5.02
C ILE A 137 6.90 -8.95 -5.12
N ALA A 138 7.44 -9.85 -5.94
CA ALA A 138 8.88 -9.94 -6.12
C ALA A 138 9.24 -9.96 -7.60
N ILE A 139 10.12 -9.05 -8.00
CA ILE A 139 10.55 -8.96 -9.40
C ILE A 139 11.98 -9.44 -9.57
N ALA A 140 12.31 -9.93 -10.76
CA ALA A 140 13.65 -10.42 -11.05
C ALA A 140 14.14 -9.91 -12.41
N ASP A 141 15.02 -8.93 -12.38
CA ASP A 141 15.56 -8.36 -13.61
C ASP A 141 16.22 -9.44 -14.46
N ALA A 1 16.20 -6.98 -18.51
CA ALA A 1 17.14 -6.10 -17.83
C ALA A 1 17.47 -4.89 -18.70
N GLY A 2 17.55 -3.72 -18.07
CA GLY A 2 17.87 -2.50 -18.80
C GLY A 2 17.54 -1.25 -18.01
N HIS A 3 17.96 -0.10 -18.54
CA HIS A 3 17.71 1.17 -17.87
C HIS A 3 16.27 1.63 -18.10
N MET A 4 15.59 1.97 -17.02
CA MET A 4 14.21 2.43 -17.09
C MET A 4 13.34 1.41 -17.82
N VAL A 5 13.52 0.14 -17.49
CA VAL A 5 12.76 -0.94 -18.12
C VAL A 5 12.02 -1.77 -17.06
N PRO A 6 11.01 -1.15 -16.42
CA PRO A 6 10.21 -1.81 -15.39
C PRO A 6 9.32 -2.90 -15.96
N ARG A 7 9.13 -3.97 -15.21
CA ARG A 7 8.29 -5.08 -15.63
C ARG A 7 7.82 -5.91 -14.45
N VAL A 8 6.52 -5.83 -14.17
CA VAL A 8 5.94 -6.58 -13.05
C VAL A 8 6.26 -8.06 -13.15
N MET A 9 6.62 -8.66 -12.01
CA MET A 9 6.95 -10.07 -11.97
C MET A 9 5.76 -10.89 -11.50
N ARG A 10 5.14 -10.48 -10.40
CA ARG A 10 3.99 -11.18 -9.85
C ARG A 10 3.29 -10.33 -8.79
N VAL A 11 2.05 -10.68 -8.49
CA VAL A 11 1.27 -9.96 -7.48
C VAL A 11 0.29 -10.89 -6.77
N LEU A 12 0.16 -10.71 -5.46
CA LEU A 12 -0.75 -11.53 -4.66
C LEU A 12 -1.34 -10.71 -3.52
N LEU A 13 -2.46 -11.19 -2.98
CA LEU A 13 -3.13 -10.51 -1.88
C LEU A 13 -3.17 -11.39 -0.63
N LEU A 14 -2.84 -10.82 0.51
CA LEU A 14 -2.84 -11.55 1.77
C LEU A 14 -4.05 -11.18 2.61
N GLY A 15 -3.99 -10.02 3.26
CA GLY A 15 -5.10 -9.57 4.09
C GLY A 15 -6.31 -9.16 3.28
N ASP A 16 -7.39 -9.92 3.41
CA ASP A 16 -8.62 -9.62 2.68
C ASP A 16 -9.42 -8.54 3.38
N VAL A 17 -10.52 -8.12 2.76
CA VAL A 17 -11.37 -7.08 3.32
C VAL A 17 -12.82 -7.55 3.42
N ALA A 18 -13.07 -8.77 2.95
CA ALA A 18 -14.42 -9.34 2.99
C ALA A 18 -15.00 -9.26 4.39
N THR A 19 -14.19 -9.59 5.40
CA THR A 19 -14.62 -9.56 6.78
C THR A 19 -15.12 -8.17 7.17
N LEU A 20 -14.65 -7.15 6.46
CA LEU A 20 -15.05 -5.77 6.73
C LEU A 20 -16.26 -5.39 5.90
N PRO A 21 -17.01 -4.38 6.36
CA PRO A 21 -18.20 -3.89 5.67
C PRO A 21 -17.87 -3.17 4.37
N LEU A 22 -18.89 -2.93 3.56
CA LEU A 22 -18.71 -2.25 2.28
C LEU A 22 -18.16 -0.84 2.48
N ARG A 23 -18.62 -0.18 3.52
CA ARG A 23 -18.18 1.18 3.83
C ARG A 23 -16.68 1.20 4.10
N LYS A 24 -16.22 0.29 4.95
CA LYS A 24 -14.80 0.21 5.31
C LYS A 24 -13.97 -0.17 4.09
N VAL A 25 -14.42 -1.17 3.36
CA VAL A 25 -13.71 -1.64 2.17
C VAL A 25 -13.58 -0.52 1.15
N LEU A 26 -14.71 -0.03 0.66
CA LEU A 26 -14.72 1.05 -0.33
C LEU A 26 -13.88 2.23 0.14
N ALA A 27 -14.07 2.62 1.40
CA ALA A 27 -13.33 3.73 1.99
C ALA A 27 -11.83 3.46 1.97
N VAL A 28 -11.42 2.43 2.69
CA VAL A 28 -10.01 2.05 2.76
C VAL A 28 -9.40 1.90 1.37
N VAL A 29 -9.83 0.86 0.66
CA VAL A 29 -9.33 0.60 -0.69
C VAL A 29 -9.42 1.86 -1.55
N GLY A 30 -10.45 2.66 -1.33
CA GLY A 30 -10.63 3.88 -2.10
C GLY A 30 -9.47 4.84 -1.92
N THR A 31 -9.42 5.49 -0.76
CA THR A 31 -8.36 6.45 -0.47
C THR A 31 -6.98 5.79 -0.59
N ALA A 32 -6.83 4.64 0.04
CA ALA A 32 -5.56 3.91 0.00
C ALA A 32 -5.03 3.80 -1.42
N ALA A 33 -5.85 3.24 -2.31
CA ALA A 33 -5.46 3.08 -3.70
C ALA A 33 -5.11 4.41 -4.33
N ALA A 34 -6.01 5.38 -4.22
CA ALA A 34 -5.78 6.71 -4.77
C ALA A 34 -4.49 7.32 -4.24
N SER A 35 -4.06 6.84 -3.08
CA SER A 35 -2.83 7.34 -2.46
C SER A 35 -1.61 7.00 -3.30
N SER A 36 -1.74 5.97 -4.12
CA SER A 36 -0.65 5.54 -4.99
C SER A 36 -0.22 6.66 -5.93
N GLU A 37 0.78 6.38 -6.76
CA GLU A 37 1.28 7.37 -7.71
C GLU A 37 1.28 6.81 -9.13
N HIS A 38 0.90 5.54 -9.26
CA HIS A 38 0.84 4.89 -10.56
C HIS A 38 0.07 5.74 -11.58
N PRO A 39 0.32 5.51 -12.87
CA PRO A 39 -0.34 6.23 -13.95
C PRO A 39 -1.82 5.86 -14.07
N LEU A 40 -2.24 4.87 -13.29
CA LEU A 40 -3.63 4.43 -13.31
C LEU A 40 -4.44 5.09 -12.19
N GLY A 41 -3.79 6.01 -11.47
CA GLY A 41 -4.46 6.70 -10.38
C GLY A 41 -5.82 7.23 -10.78
N VAL A 42 -5.86 7.96 -11.89
CA VAL A 42 -7.11 8.53 -12.38
C VAL A 42 -8.20 7.46 -12.52
N ALA A 43 -7.81 6.30 -13.04
CA ALA A 43 -8.74 5.20 -13.21
C ALA A 43 -9.26 4.70 -11.86
N VAL A 44 -8.36 4.18 -11.05
CA VAL A 44 -8.72 3.67 -9.73
C VAL A 44 -9.50 4.71 -8.94
N THR A 45 -9.11 5.97 -9.07
CA THR A 45 -9.77 7.05 -8.36
C THR A 45 -11.24 7.15 -8.76
N LYS A 46 -11.49 7.27 -10.06
CA LYS A 46 -12.85 7.38 -10.58
C LYS A 46 -13.69 6.17 -10.16
N TYR A 47 -13.06 4.99 -10.21
CA TYR A 47 -13.75 3.76 -9.83
C TYR A 47 -14.20 3.80 -8.37
N CYS A 48 -13.23 3.81 -7.46
CA CYS A 48 -13.53 3.86 -6.04
C CYS A 48 -14.42 5.04 -5.70
N LYS A 49 -14.28 6.12 -6.46
CA LYS A 49 -15.08 7.33 -6.25
C LYS A 49 -16.55 7.06 -6.53
N GLU A 50 -16.81 6.34 -7.62
CA GLU A 50 -18.18 6.02 -8.00
C GLU A 50 -18.79 4.99 -7.05
N GLU A 51 -17.95 4.10 -6.53
CA GLU A 51 -18.41 3.07 -5.60
C GLU A 51 -18.67 3.67 -4.22
N LEU A 52 -17.86 4.65 -3.83
CA LEU A 52 -17.99 5.30 -2.54
C LEU A 52 -19.21 6.22 -2.51
N GLY A 53 -19.44 6.90 -3.63
CA GLY A 53 -20.57 7.81 -3.72
C GLY A 53 -20.17 9.26 -3.54
N THR A 54 -18.86 9.51 -3.49
CA THR A 54 -18.35 10.85 -3.32
C THR A 54 -17.75 11.38 -4.61
N GLU A 55 -17.10 12.54 -4.52
CA GLU A 55 -16.48 13.17 -5.70
C GLU A 55 -15.01 13.48 -5.44
N THR A 56 -14.47 12.89 -4.37
CA THR A 56 -13.07 13.11 -4.02
C THR A 56 -12.52 11.93 -3.23
N LEU A 57 -11.23 11.66 -3.39
CA LEU A 57 -10.57 10.56 -2.70
C LEU A 57 -9.06 10.61 -2.89
N GLY A 58 -8.32 10.14 -1.88
CA GLY A 58 -6.88 10.14 -1.96
C GLY A 58 -6.26 11.20 -1.08
N TYR A 59 -6.82 11.40 0.11
CA TYR A 59 -6.31 12.39 1.04
C TYR A 59 -5.42 11.75 2.09
N CYS A 60 -4.23 12.32 2.27
CA CYS A 60 -3.27 11.80 3.24
C CYS A 60 -3.29 12.64 4.52
N THR A 61 -3.58 11.99 5.65
CA THR A 61 -3.64 12.67 6.94
C THR A 61 -2.35 12.45 7.73
N ASP A 62 -1.96 11.19 7.86
CA ASP A 62 -0.75 10.84 8.60
C ASP A 62 0.41 10.57 7.64
N PHE A 63 1.61 10.99 8.03
CA PHE A 63 2.80 10.79 7.21
C PHE A 63 3.90 10.12 8.01
N GLN A 64 4.58 9.15 7.38
CA GLN A 64 5.65 8.42 8.04
C GLN A 64 6.73 8.03 7.03
N ALA A 65 7.98 8.32 7.36
CA ALA A 65 9.10 7.98 6.49
C ALA A 65 10.00 6.93 7.13
N VAL A 66 10.67 6.15 6.29
CA VAL A 66 11.56 5.11 6.76
C VAL A 66 12.43 4.56 5.63
N PRO A 67 13.59 5.21 5.40
CA PRO A 67 14.52 4.81 4.34
C PRO A 67 15.22 3.50 4.66
N GLY A 68 15.16 2.55 3.72
CA GLY A 68 15.79 1.27 3.91
C GLY A 68 14.78 0.16 4.15
N CYS A 69 13.52 0.54 4.34
CA CYS A 69 12.46 -0.44 4.57
C CYS A 69 11.24 -0.14 3.69
N GLY A 70 10.87 1.14 3.62
CA GLY A 70 9.74 1.53 2.81
C GLY A 70 9.16 2.87 3.25
N ILE A 71 7.84 2.99 3.16
CA ILE A 71 7.15 4.22 3.55
C ILE A 71 5.81 3.93 4.19
N GLY A 72 5.39 4.81 5.10
CA GLY A 72 4.11 4.63 5.77
C GLY A 72 3.33 5.92 5.88
N CYS A 73 2.02 5.80 5.95
CA CYS A 73 1.14 6.98 6.05
C CYS A 73 -0.32 6.56 6.09
N LYS A 74 -1.17 7.44 6.61
CA LYS A 74 -2.60 7.17 6.70
C LYS A 74 -3.39 8.08 5.76
N VAL A 75 -4.23 7.49 4.93
CA VAL A 75 -5.04 8.24 3.98
C VAL A 75 -6.50 7.81 4.04
N SER A 76 -7.40 8.79 4.01
CA SER A 76 -8.83 8.50 4.06
C SER A 76 -9.64 9.74 3.70
N ASN A 77 -10.57 9.58 2.75
CA ASN A 77 -11.40 10.70 2.32
C ASN A 77 -12.74 10.69 3.07
N VAL A 78 -12.89 9.75 3.99
CA VAL A 78 -14.11 9.64 4.78
C VAL A 78 -14.56 11.00 5.29
N GLU A 79 -13.86 11.50 6.32
CA GLU A 79 -14.19 12.80 6.89
C GLU A 79 -14.03 13.91 5.87
N GLY A 80 -13.27 13.63 4.82
CA GLY A 80 -13.05 14.62 3.77
C GLY A 80 -14.33 15.08 3.13
N ILE A 81 -15.18 14.13 2.75
CA ILE A 81 -16.46 14.44 2.12
C ILE A 81 -17.62 14.24 3.09
N LEU A 82 -17.39 13.43 4.11
CA LEU A 82 -18.42 13.14 5.11
C LEU A 82 -18.38 14.17 6.24
N ALA A 83 -17.18 14.51 6.68
CA ALA A 83 -17.00 15.48 7.75
C ALA A 83 -17.85 15.12 8.96
N ALA A 84 -17.65 13.92 9.48
CA ALA A 84 -18.40 13.45 10.64
C ALA A 84 -17.64 12.34 11.36
N VAL A 85 -17.48 11.20 10.69
CA VAL A 85 -16.78 10.07 11.27
C VAL A 85 -15.43 9.84 10.59
N PRO A 86 -14.41 10.59 11.02
CA PRO A 86 -13.06 10.48 10.47
C PRO A 86 -12.38 9.17 10.83
N GLN A 87 -11.76 8.53 9.84
CA GLN A 87 -11.08 7.27 10.06
C GLN A 87 -9.79 7.19 9.24
N THR A 88 -8.66 7.47 9.90
CA THR A 88 -7.37 7.45 9.24
C THR A 88 -6.94 6.02 8.93
N PHE A 89 -7.05 5.61 7.67
CA PHE A 89 -6.67 4.27 7.25
C PHE A 89 -5.15 4.16 7.11
N SER A 90 -4.55 3.34 7.96
CA SER A 90 -3.11 3.13 7.93
C SER A 90 -2.68 2.44 6.64
N VAL A 91 -1.58 2.93 6.06
CA VAL A 91 -1.06 2.35 4.83
C VAL A 91 0.46 2.29 4.85
N LEU A 92 0.99 1.07 4.98
CA LEU A 92 2.44 0.88 5.02
C LEU A 92 2.88 -0.04 3.88
N ILE A 93 3.85 0.43 3.09
CA ILE A 93 4.37 -0.35 1.98
C ILE A 93 5.89 -0.45 2.05
N GLY A 94 6.38 -1.70 2.15
CA GLY A 94 7.82 -1.91 2.23
C GLY A 94 8.20 -3.34 1.88
N ASN A 95 9.45 -3.53 1.50
CA ASN A 95 9.95 -4.85 1.14
C ASN A 95 10.12 -5.73 2.38
N ARG A 96 10.76 -6.89 2.19
CA ARG A 96 10.97 -7.82 3.30
C ARG A 96 11.54 -7.09 4.51
N GLU A 97 12.51 -6.21 4.27
CA GLU A 97 13.13 -5.45 5.35
C GLU A 97 12.08 -4.78 6.22
N TRP A 98 11.07 -4.19 5.57
CA TRP A 98 10.00 -3.51 6.29
C TRP A 98 9.12 -4.51 7.04
N LEU A 99 8.79 -5.62 6.37
CA LEU A 99 7.96 -6.66 6.97
C LEU A 99 8.54 -7.12 8.31
N ARG A 100 9.85 -7.36 8.34
CA ARG A 100 10.52 -7.80 9.55
C ARG A 100 10.80 -6.61 10.48
N ARG A 101 11.03 -5.45 9.89
CA ARG A 101 11.30 -4.25 10.66
C ARG A 101 10.07 -3.82 11.47
N ASN A 102 8.90 -4.24 11.00
CA ASN A 102 7.65 -3.90 11.67
C ASN A 102 7.01 -5.13 12.30
N GLY A 103 7.42 -6.30 11.83
CA GLY A 103 6.88 -7.55 12.36
C GLY A 103 7.73 -8.10 13.50
N LEU A 104 9.00 -7.73 13.53
CA LEU A 104 9.90 -8.20 14.57
C LEU A 104 11.07 -7.22 14.76
N THR A 105 12.01 -7.59 15.62
CA THR A 105 13.18 -6.75 15.87
C THR A 105 14.17 -6.81 14.72
N ILE A 106 14.89 -7.92 14.62
CA ILE A 106 15.88 -8.10 13.57
C ILE A 106 16.02 -9.57 13.20
N SER A 107 16.22 -9.84 11.91
CA SER A 107 16.37 -11.20 11.43
C SER A 107 17.41 -11.28 10.32
N SER A 108 18.53 -11.93 10.61
CA SER A 108 19.62 -12.06 9.64
C SER A 108 19.14 -12.82 8.39
N ASP A 109 18.12 -13.66 8.57
CA ASP A 109 17.57 -14.44 7.47
C ASP A 109 16.77 -13.55 6.53
N VAL A 110 15.91 -12.71 7.09
CA VAL A 110 15.09 -11.81 6.29
C VAL A 110 15.95 -10.79 5.55
N SER A 111 16.92 -10.23 6.26
CA SER A 111 17.81 -9.24 5.66
C SER A 111 18.69 -9.87 4.59
N ASP A 112 19.24 -11.04 4.90
CA ASP A 112 20.10 -11.76 3.96
C ASP A 112 19.36 -12.09 2.68
N ALA A 113 18.11 -12.53 2.82
CA ALA A 113 17.29 -12.89 1.67
C ALA A 113 16.91 -11.65 0.87
N MET A 114 16.50 -10.60 1.57
CA MET A 114 16.10 -9.35 0.93
C MET A 114 17.20 -8.84 0.00
N THR A 115 18.41 -8.71 0.54
CA THR A 115 19.54 -8.24 -0.24
C THR A 115 20.00 -9.29 -1.23
N ASP A 116 19.78 -10.56 -0.90
CA ASP A 116 20.17 -11.66 -1.76
C ASP A 116 19.51 -11.55 -3.13
N HIS A 117 18.22 -11.22 -3.12
CA HIS A 117 17.45 -11.07 -4.36
C HIS A 117 17.58 -9.66 -4.92
N GLU A 118 17.75 -8.69 -4.02
CA GLU A 118 17.88 -7.30 -4.43
C GLU A 118 19.13 -7.09 -5.29
N MET A 119 20.14 -7.92 -5.05
CA MET A 119 21.38 -7.83 -5.79
C MET A 119 21.17 -8.20 -7.25
N LYS A 120 20.03 -8.79 -7.55
CA LYS A 120 19.69 -9.20 -8.91
C LYS A 120 18.90 -8.11 -9.63
N GLY A 121 18.57 -7.05 -8.90
CA GLY A 121 17.82 -5.96 -9.48
C GLY A 121 16.33 -6.05 -9.18
N GLN A 122 15.91 -7.20 -8.67
CA GLN A 122 14.50 -7.42 -8.34
C GLN A 122 14.07 -6.52 -7.18
N THR A 123 12.82 -6.06 -7.24
CA THR A 123 12.29 -5.19 -6.19
C THR A 123 10.89 -5.62 -5.78
N ALA A 124 10.78 -6.22 -4.59
CA ALA A 124 9.49 -6.68 -4.09
C ALA A 124 9.06 -5.85 -2.88
N ILE A 125 7.84 -5.35 -2.93
CA ILE A 125 7.30 -4.53 -1.83
C ILE A 125 5.94 -5.05 -1.39
N LEU A 126 5.76 -5.17 -0.07
CA LEU A 126 4.49 -5.64 0.49
C LEU A 126 3.64 -4.48 0.98
N VAL A 127 2.36 -4.50 0.63
CA VAL A 127 1.43 -3.46 1.05
C VAL A 127 0.56 -3.92 2.21
N ALA A 128 0.50 -3.09 3.24
CA ALA A 128 -0.29 -3.41 4.43
C ALA A 128 -1.26 -2.28 4.76
N ILE A 129 -2.42 -2.64 5.31
CA ILE A 129 -3.44 -1.65 5.67
C ILE A 129 -3.87 -1.82 7.13
N ASP A 130 -3.86 -0.73 7.88
CA ASP A 130 -4.25 -0.76 9.28
C ASP A 130 -3.35 -1.69 10.09
N GLY A 131 -2.08 -1.77 9.68
CA GLY A 131 -1.14 -2.63 10.37
C GLY A 131 -1.33 -4.09 10.03
N VAL A 132 -1.91 -4.36 8.87
CA VAL A 132 -2.14 -5.73 8.43
C VAL A 132 -1.89 -5.88 6.94
N LEU A 133 -0.90 -6.70 6.59
CA LEU A 133 -0.55 -6.93 5.20
C LEU A 133 -1.79 -7.26 4.37
N CYS A 134 -1.99 -6.53 3.28
CA CYS A 134 -3.14 -6.75 2.41
C CYS A 134 -2.72 -7.46 1.13
N GLY A 135 -1.47 -7.27 0.74
CA GLY A 135 -0.97 -7.90 -0.47
C GLY A 135 0.53 -7.68 -0.67
N MET A 136 1.12 -8.41 -1.60
CA MET A 136 2.54 -8.29 -1.89
C MET A 136 2.80 -8.30 -3.39
N ILE A 137 3.63 -7.36 -3.85
CA ILE A 137 3.96 -7.27 -5.27
C ILE A 137 5.46 -7.41 -5.48
N ALA A 138 5.83 -8.04 -6.60
CA ALA A 138 7.23 -8.24 -6.93
C ALA A 138 7.51 -7.87 -8.38
N ILE A 139 8.48 -6.98 -8.58
CA ILE A 139 8.84 -6.54 -9.93
C ILE A 139 10.25 -7.00 -10.29
N ALA A 140 10.47 -7.24 -11.58
CA ALA A 140 11.77 -7.68 -12.06
C ALA A 140 12.33 -6.72 -13.11
N ASP A 141 13.47 -6.11 -12.80
CA ASP A 141 14.10 -5.17 -13.72
C ASP A 141 15.12 -5.87 -14.61
#